data_4HNT
#
_entry.id   4HNT
#
_cell.length_a   96.230
_cell.length_b   256.283
_cell.length_c   126.685
_cell.angle_alpha   90.00
_cell.angle_beta   109.86
_cell.angle_gamma   90.00
#
_symmetry.space_group_name_H-M   'P 1 21 1'
#
loop_
_entity.id
_entity.type
_entity.pdbx_description
1 polymer 'Pyruvate carboxylase'
2 non-polymer "ADENOSINE-5'-DIPHOSPHATE"
3 non-polymer 'MANGANESE (II) ION'
4 non-polymer 5-(HEXAHYDRO-2-OXO-1H-THIENO[3,4-D]IMIDAZOL-6-YL)PENTANAL
5 non-polymer "ADENOSINE-5'-TRIPHOSPHATE"
#
_entity_poly.entity_id   1
_entity_poly.type   'polypeptide(L)'
_entity_poly.pdbx_seq_one_letter_code
;MGSSHHHHHHSSGLVPRGSHMASMKQIKKLLVANRGEIAIRIFRAAAELDISTVAIYSNEDKSSLHRYKADESYLVGSDL
GPAESYLNIERIIDVAKQANVDAIHPGYGFLSENEQFARRCAEEGIKFIGPHLEHLDMFGDKVKARTTAIKADLPVIPGT
DGPIKSYELAKEFAEEAGFPLMIKATSGGGGKGMRIVREESELEDAFHRAKSEAEKSFGNSEVYIERYIDNPKHIEVQVI
GDEHGNIVHLFERDCSVQRRHQKVVEVAPSVGLSPTLRQRICDAAIQLMENIKYVNAGTVEFLVSGDEFFFIEVNPRVQV
EHTITEMVTGIDIVKTQILVAAGADLFGEEINMPQQKDITTLGYAIQCRITTEDPLNDFMPDTGTIIAYRSSGGAGVRLD
AGDGFQGAEISPYYDSLLVKLSTHAISFKQAEEKMVRSLREMRIRGVKTNIPFLINVMKNKKFTSGDYTTKFIEETPELF
DIQPSLDRGTKTLEYIGNVTINGFPNVEKRPKPDYELASIPTVSSSKIASFSGTKQLLDEVGPKGVAEWVKKQDDVLLTD
TTFRDAHQSLLATRVRTKDMINIASKTADVFKDGFSLEMWGGATFDVAYNFLKENPWERLERLRKAIPNVLFQMLLRASN
AVGYKNYPDNVIHKFVQESAKAGIDVFRIFDSLNWVDQMKVANEAVQEAGKISEGTICYTGDILNPERSNIYTLEYYVKL
AKELEREGFHILAIKDMAGLLKPKAAYELIGELKSAVDLPIHLHTHDTSGNGLLTYKQAIDAGVDIIDTAVASMSGLTSQ
PSANSLYYALNGFPRHLRTDIEGMESLSHYWSTVRTYYSDFESDIKSPNTEIYQHEMPGGQYSNLSQQAKSLGLGERFDE
VKDMYRRVNFLFGDIVKVTPSSKVVGDMALYMVQNDLDEQSVITDGYKLDFPESVVSFFKGEIGQPVNGFNKDLQAVILK
GQEALTARPGEYLEPVDFEKVRELLEEEQQGPVTEQDIISYVLYPKVYEQYIQTRNQYGNLSLLDTPTFFFGMRNGETVE
IEIDKGKRLIIKLETISEPDENGNRTIYYAMNGQARRIYIKDENVHTNANVKPKADKSNPSHIGAQMPGSVTEVKVSVGE
TVKANQPLLITEAMKMETTIQAPFDGVIKQVTVNNGDTIATGDLLIEIEKATD
;
_entity_poly.pdbx_strand_id   A,B,C,D
#
loop_
_chem_comp.id
_chem_comp.type
_chem_comp.name
_chem_comp.formula
ADP non-polymer ADENOSINE-5'-DIPHOSPHATE 'C10 H15 N5 O10 P2'
ATP non-polymer ADENOSINE-5'-TRIPHOSPHATE 'C10 H16 N5 O13 P3'
BTI non-polymer 5-(HEXAHYDRO-2-OXO-1H-THIENO[3,4-D]IMIDAZOL-6-YL)PENTANAL 'C10 H16 N2 O2 S'
MN non-polymer 'MANGANESE (II) ION' 'Mn 2'
#
# COMPACT_ATOMS: atom_id res chain seq x y z
N GLN A 26 42.15 -6.42 -49.97
CA GLN A 26 43.06 -7.09 -48.99
C GLN A 26 43.02 -6.51 -47.57
N ILE A 27 42.12 -5.54 -47.29
CA ILE A 27 41.71 -5.20 -45.90
C ILE A 27 40.20 -5.41 -45.64
N LYS A 28 39.87 -6.54 -45.04
CA LYS A 28 38.48 -6.93 -44.94
C LYS A 28 37.99 -6.64 -43.54
N LYS A 29 38.92 -6.57 -42.60
CA LYS A 29 38.59 -6.46 -41.17
C LYS A 29 39.66 -5.71 -40.42
N LEU A 30 39.23 -4.86 -39.50
CA LEU A 30 40.01 -3.71 -39.08
C LEU A 30 39.71 -3.44 -37.61
N LEU A 31 40.78 -3.28 -36.85
CA LEU A 31 40.70 -2.99 -35.43
C LEU A 31 41.19 -1.56 -35.21
N VAL A 32 40.52 -0.82 -34.30
CA VAL A 32 41.02 0.45 -33.81
C VAL A 32 41.59 0.30 -32.41
N ALA A 33 42.91 0.31 -32.30
CA ALA A 33 43.56 0.24 -31.00
C ALA A 33 43.43 1.61 -30.34
N ASN A 34 42.22 1.89 -29.87
CA ASN A 34 41.91 3.23 -29.39
C ASN A 34 40.45 3.36 -28.99
N ARG A 35 39.98 4.61 -28.85
CA ARG A 35 38.72 4.94 -28.16
C ARG A 35 38.17 6.33 -28.57
N GLY A 36 36.98 6.62 -28.08
CA GLY A 36 36.46 7.96 -28.18
C GLY A 36 36.09 8.33 -29.60
N GLU A 37 36.27 9.59 -29.93
CA GLU A 37 35.71 10.14 -31.12
C GLU A 37 36.46 9.56 -32.30
N ILE A 38 37.77 9.46 -32.19
CA ILE A 38 38.60 8.96 -33.25
C ILE A 38 38.27 7.50 -33.57
N ALA A 39 38.02 6.67 -32.57
CA ALA A 39 37.54 5.34 -32.87
C ALA A 39 36.27 5.39 -33.72
N ILE A 40 35.30 6.19 -33.28
CA ILE A 40 34.11 6.39 -34.06
C ILE A 40 34.42 6.93 -35.49
N ARG A 41 35.30 7.92 -35.60
CA ARG A 41 35.63 8.46 -36.89
C ARG A 41 36.20 7.37 -37.80
N ILE A 42 37.20 6.62 -37.30
CA ILE A 42 37.69 5.45 -38.02
C ILE A 42 36.60 4.42 -38.32
N PHE A 43 35.81 4.02 -37.34
CA PHE A 43 34.76 3.04 -37.62
C PHE A 43 33.85 3.40 -38.82
N ARG A 44 33.71 4.70 -39.08
CA ARG A 44 32.81 5.18 -40.13
C ARG A 44 33.49 5.18 -41.47
N ALA A 45 34.76 5.60 -41.50
CA ALA A 45 35.53 5.51 -42.72
C ALA A 45 35.52 4.09 -43.18
N ALA A 46 35.89 3.19 -42.28
CA ALA A 46 35.90 1.75 -42.56
C ALA A 46 34.54 1.22 -43.05
N ALA A 47 33.48 1.56 -42.36
CA ALA A 47 32.14 1.23 -42.84
C ALA A 47 31.89 1.64 -44.33
N GLU A 48 32.33 2.82 -44.70
CA GLU A 48 32.12 3.31 -46.03
C GLU A 48 32.97 2.59 -47.06
N LEU A 49 34.04 1.95 -46.66
CA LEU A 49 34.79 1.09 -47.60
C LEU A 49 34.32 -0.37 -47.54
N ASP A 50 33.17 -0.59 -46.91
CA ASP A 50 32.65 -1.93 -46.69
C ASP A 50 33.75 -2.79 -46.07
N ILE A 51 34.48 -2.20 -45.14
CA ILE A 51 35.42 -2.94 -44.33
C ILE A 51 34.80 -3.20 -42.95
N SER A 52 34.88 -4.42 -42.46
CA SER A 52 34.30 -4.76 -41.17
C SER A 52 35.19 -4.35 -39.93
N THR A 53 34.55 -3.91 -38.85
CA THR A 53 35.25 -3.18 -37.78
C THR A 53 35.24 -3.86 -36.41
N VAL A 54 36.38 -3.79 -35.73
CA VAL A 54 36.47 -4.16 -34.32
C VAL A 54 36.96 -3.06 -33.35
N ALA A 55 36.22 -2.87 -32.26
CA ALA A 55 36.65 -2.05 -31.12
C ALA A 55 37.28 -2.89 -30.02
N ILE A 56 38.17 -2.29 -29.24
CA ILE A 56 38.53 -2.82 -27.93
C ILE A 56 38.07 -1.82 -26.93
N TYR A 57 37.73 -2.29 -25.75
CA TYR A 57 37.49 -1.38 -24.67
C TYR A 57 38.20 -1.91 -23.46
N SER A 58 38.60 -1.00 -22.58
CA SER A 58 39.03 -1.34 -21.24
C SER A 58 37.81 -1.67 -20.43
N ASN A 59 38.03 -2.03 -19.18
CA ASN A 59 36.98 -2.26 -18.21
C ASN A 59 36.19 -1.05 -17.83
N GLU A 60 36.82 0.12 -17.87
CA GLU A 60 36.13 1.37 -17.51
C GLU A 60 35.37 1.92 -18.69
N ASP A 61 35.80 1.54 -19.89
CA ASP A 61 35.12 1.88 -21.12
C ASP A 61 33.97 0.91 -21.43
N LYS A 62 33.59 0.08 -20.47
CA LYS A 62 32.49 -0.89 -20.63
C LYS A 62 31.26 -0.35 -21.38
N SER A 63 31.00 0.94 -21.26
CA SER A 63 29.82 1.51 -21.91
C SER A 63 30.10 2.84 -22.59
N SER A 64 31.22 2.93 -23.28
CA SER A 64 31.51 4.09 -24.05
C SER A 64 30.99 3.89 -25.45
N LEU A 65 30.60 4.99 -26.08
CA LEU A 65 29.86 4.96 -27.33
C LEU A 65 30.64 4.19 -28.39
N HIS A 66 31.96 4.27 -28.32
CA HIS A 66 32.80 3.76 -29.38
C HIS A 66 32.73 2.26 -29.40
N ARG A 67 32.33 1.67 -28.27
CA ARG A 67 32.23 0.24 -28.13
C ARG A 67 31.04 -0.27 -28.90
N TYR A 68 30.05 0.60 -29.08
CA TYR A 68 28.79 0.18 -29.67
C TYR A 68 28.71 0.58 -31.13
N LYS A 69 29.78 1.15 -31.67
CA LYS A 69 29.76 1.59 -33.09
C LYS A 69 30.52 0.67 -34.05
N ALA A 70 31.28 -0.30 -33.52
CA ALA A 70 31.95 -1.26 -34.38
C ALA A 70 31.05 -2.48 -34.62
N ASP A 71 31.35 -3.28 -35.65
CA ASP A 71 30.57 -4.48 -35.88
C ASP A 71 30.76 -5.44 -34.72
N GLU A 72 31.93 -5.32 -34.09
CA GLU A 72 32.48 -6.32 -33.17
C GLU A 72 33.31 -5.57 -32.11
N SER A 73 33.22 -5.98 -30.85
CA SER A 73 34.07 -5.36 -29.84
C SER A 73 34.54 -6.32 -28.75
N TYR A 74 35.75 -6.08 -28.23
CA TYR A 74 36.34 -6.95 -27.22
C TYR A 74 36.99 -6.21 -26.05
N LEU A 75 36.78 -6.74 -24.85
CA LEU A 75 37.54 -6.36 -23.67
C LEU A 75 38.98 -6.80 -23.79
N VAL A 76 39.89 -5.87 -23.54
CA VAL A 76 41.33 -6.11 -23.75
C VAL A 76 41.88 -7.07 -22.71
N GLY A 77 41.28 -7.10 -21.53
CA GLY A 77 41.64 -8.03 -20.47
C GLY A 77 41.03 -7.58 -19.15
N SER A 78 40.68 -8.56 -18.31
CA SER A 78 39.94 -8.30 -17.07
C SER A 78 40.87 -8.17 -15.87
N ASP A 79 41.97 -7.45 -16.06
CA ASP A 79 43.07 -7.45 -15.08
C ASP A 79 44.02 -6.28 -15.30
N LEU A 80 43.58 -5.32 -16.10
CA LEU A 80 44.47 -4.30 -16.66
C LEU A 80 44.02 -2.92 -16.21
N GLY A 81 44.97 -2.04 -15.86
CA GLY A 81 44.68 -0.59 -15.69
C GLY A 81 43.95 0.06 -16.87
N PRO A 82 43.41 1.27 -16.67
CA PRO A 82 42.60 1.88 -17.73
C PRO A 82 43.48 2.51 -18.80
N ALA A 83 44.40 3.36 -18.38
CA ALA A 83 45.46 3.83 -19.25
C ALA A 83 46.53 2.76 -19.22
N GLU A 84 46.17 1.59 -19.74
CA GLU A 84 47.03 0.39 -19.74
C GLU A 84 46.41 -0.61 -20.67
N SER A 85 45.09 -0.70 -20.63
CA SER A 85 44.35 -1.53 -21.53
C SER A 85 44.66 -1.16 -22.98
N TYR A 86 44.89 0.12 -23.23
CA TYR A 86 45.07 0.65 -24.58
C TYR A 86 46.54 0.84 -24.93
N LEU A 87 47.43 0.42 -24.03
CA LEU A 87 48.85 0.64 -24.25
C LEU A 87 49.58 -0.69 -24.31
N ASN A 88 48.84 -1.78 -24.05
CA ASN A 88 49.43 -3.11 -23.86
C ASN A 88 49.59 -3.83 -25.18
N ILE A 89 50.75 -3.63 -25.80
CA ILE A 89 51.01 -4.08 -27.15
C ILE A 89 50.61 -5.55 -27.37
N GLU A 90 51.05 -6.43 -26.47
CA GLU A 90 50.83 -7.86 -26.63
C GLU A 90 49.35 -8.29 -26.64
N ARG A 91 48.57 -7.79 -25.69
CA ARG A 91 47.17 -8.18 -25.55
C ARG A 91 46.28 -7.66 -26.68
N ILE A 92 46.61 -6.49 -27.21
CA ILE A 92 45.86 -5.92 -28.32
C ILE A 92 46.07 -6.78 -29.56
N ILE A 93 47.31 -7.23 -29.75
CA ILE A 93 47.64 -8.08 -30.89
C ILE A 93 46.94 -9.42 -30.75
N ASP A 94 46.88 -9.94 -29.54
CA ASP A 94 46.19 -11.18 -29.30
C ASP A 94 44.75 -11.10 -29.77
N VAL A 95 44.03 -10.10 -29.28
CA VAL A 95 42.65 -9.92 -29.64
C VAL A 95 42.51 -9.82 -31.15
N ALA A 96 43.26 -8.89 -31.74
CA ALA A 96 43.44 -8.80 -33.20
C ALA A 96 43.51 -10.15 -33.95
N LYS A 97 44.48 -10.98 -33.57
CA LYS A 97 44.71 -12.27 -34.21
C LYS A 97 43.50 -13.18 -34.05
N GLN A 98 42.97 -13.26 -32.83
CA GLN A 98 41.90 -14.18 -32.47
C GLN A 98 40.57 -13.66 -33.04
N ALA A 99 40.67 -12.74 -33.97
CA ALA A 99 39.50 -12.09 -34.55
C ALA A 99 39.62 -11.99 -36.04
N ASN A 100 40.82 -12.23 -36.58
CA ASN A 100 41.03 -12.24 -38.04
C ASN A 100 41.21 -10.85 -38.64
N VAL A 101 41.93 -10.00 -37.95
CA VAL A 101 42.04 -8.64 -38.36
C VAL A 101 43.19 -8.50 -39.34
N ASP A 102 42.91 -7.86 -40.47
CA ASP A 102 43.85 -7.69 -41.57
C ASP A 102 44.74 -6.50 -41.25
N ALA A 103 44.20 -5.56 -40.48
CA ALA A 103 44.79 -4.23 -40.36
C ALA A 103 44.43 -3.55 -39.02
N ILE A 104 45.41 -2.93 -38.37
CA ILE A 104 45.10 -2.12 -37.21
C ILE A 104 45.25 -0.63 -37.53
N HIS A 105 44.31 0.16 -37.02
CA HIS A 105 44.46 1.62 -37.02
C HIS A 105 44.62 2.15 -35.57
N PRO A 106 45.76 2.78 -35.27
CA PRO A 106 45.94 3.12 -33.88
C PRO A 106 45.21 4.40 -33.53
N GLY A 107 44.66 5.09 -34.53
CA GLY A 107 44.11 6.42 -34.35
C GLY A 107 45.16 7.46 -34.01
N TYR A 108 44.95 8.19 -32.93
CA TYR A 108 45.98 9.09 -32.41
C TYR A 108 45.95 8.98 -30.89
N GLY A 109 47.08 9.20 -30.22
CA GLY A 109 47.04 9.35 -28.77
C GLY A 109 47.76 8.34 -27.89
N PHE A 110 47.85 7.07 -28.31
CA PHE A 110 48.30 5.98 -27.41
C PHE A 110 49.51 5.25 -28.01
N LEU A 111 49.22 4.30 -28.90
CA LEU A 111 50.24 3.55 -29.61
C LEU A 111 50.46 4.06 -31.04
N SER A 112 49.89 5.22 -31.36
CA SER A 112 49.86 5.69 -32.72
C SER A 112 51.24 6.08 -33.24
N GLU A 113 52.16 6.42 -32.33
CA GLU A 113 53.52 6.87 -32.70
C GLU A 113 54.59 5.87 -32.23
N ASN A 114 54.16 4.63 -31.98
CA ASN A 114 54.94 3.65 -31.26
C ASN A 114 55.61 2.65 -32.22
N GLU A 115 56.93 2.73 -32.26
CA GLU A 115 57.79 1.81 -33.03
C GLU A 115 57.41 0.35 -32.80
N GLN A 116 57.35 -0.02 -31.52
CA GLN A 116 57.26 -1.42 -31.09
C GLN A 116 55.97 -2.07 -31.63
N PHE A 117 54.87 -1.35 -31.50
CA PHE A 117 53.56 -1.85 -31.85
C PHE A 117 53.48 -2.01 -33.35
N ALA A 118 53.85 -0.96 -34.07
CA ALA A 118 53.75 -1.03 -35.53
C ALA A 118 54.63 -2.16 -36.08
N ARG A 119 55.76 -2.39 -35.44
CA ARG A 119 56.64 -3.51 -35.82
C ARG A 119 56.03 -4.86 -35.48
N ARG A 120 55.64 -5.06 -34.22
CA ARG A 120 55.01 -6.31 -33.84
C ARG A 120 53.83 -6.60 -34.77
N CYS A 121 53.07 -5.57 -35.13
CA CYS A 121 51.98 -5.75 -36.09
C CYS A 121 52.43 -6.50 -37.35
N ALA A 122 53.53 -6.04 -37.95
CA ALA A 122 54.00 -6.56 -39.24
C ALA A 122 54.45 -8.01 -39.07
N GLU A 123 55.04 -8.29 -37.91
CA GLU A 123 55.46 -9.64 -37.52
C GLU A 123 54.26 -10.59 -37.45
N GLU A 124 53.09 -10.05 -37.11
CA GLU A 124 51.91 -10.90 -37.01
C GLU A 124 51.08 -10.90 -38.29
N GLY A 125 51.65 -10.35 -39.36
CA GLY A 125 50.95 -10.20 -40.63
C GLY A 125 49.83 -9.17 -40.61
N ILE A 126 49.88 -8.24 -39.65
CA ILE A 126 48.85 -7.19 -39.56
C ILE A 126 49.36 -5.85 -40.07
N LYS A 127 48.68 -5.28 -41.05
CA LYS A 127 49.07 -3.97 -41.56
C LYS A 127 48.81 -2.85 -40.54
N PHE A 128 49.88 -2.16 -40.15
CA PHE A 128 49.73 -0.91 -39.39
C PHE A 128 49.31 0.21 -40.32
N ILE A 129 48.16 0.81 -40.04
CA ILE A 129 47.69 1.94 -40.82
C ILE A 129 48.39 3.22 -40.38
N GLY A 130 49.38 3.66 -41.17
CA GLY A 130 50.40 4.57 -40.70
C GLY A 130 51.67 4.58 -41.53
N PRO A 131 52.65 5.38 -41.08
CA PRO A 131 53.86 5.40 -41.84
C PRO A 131 54.70 4.18 -41.56
N HIS A 132 55.95 4.17 -42.02
CA HIS A 132 56.84 3.05 -41.88
C HIS A 132 57.56 3.12 -40.54
N LEU A 133 58.07 1.97 -40.10
CA LEU A 133 58.90 1.84 -38.92
C LEU A 133 59.87 3.00 -38.87
N GLU A 134 60.60 3.22 -39.95
CA GLU A 134 61.65 4.25 -39.98
C GLU A 134 61.09 5.63 -39.66
N HIS A 135 59.88 5.89 -40.17
CA HIS A 135 59.21 7.16 -39.94
C HIS A 135 58.88 7.39 -38.46
N LEU A 136 58.32 6.40 -37.78
CA LEU A 136 58.07 6.49 -36.33
C LEU A 136 59.38 6.61 -35.55
N ASP A 137 60.47 6.15 -36.15
CA ASP A 137 61.74 6.23 -35.46
C ASP A 137 62.35 7.61 -35.61
N MET A 138 62.53 7.99 -36.88
CA MET A 138 62.88 9.34 -37.29
C MET A 138 62.22 10.41 -36.45
N PHE A 139 60.93 10.23 -36.19
CA PHE A 139 60.06 11.29 -35.70
C PHE A 139 59.60 11.09 -34.23
N GLY A 140 60.12 10.07 -33.56
CA GLY A 140 59.53 9.63 -32.29
C GLY A 140 60.24 10.25 -31.12
N ASP A 141 60.71 11.48 -31.32
CA ASP A 141 61.99 11.90 -30.77
C ASP A 141 62.22 13.35 -31.15
N LYS A 142 62.36 14.21 -30.16
CA LYS A 142 62.57 15.63 -30.42
C LYS A 142 63.88 15.84 -31.20
N VAL A 143 64.96 15.19 -30.73
CA VAL A 143 66.28 15.26 -31.36
C VAL A 143 66.25 14.71 -32.78
N LYS A 144 65.87 13.44 -32.91
CA LYS A 144 65.87 12.77 -34.19
C LYS A 144 65.09 13.55 -35.24
N ALA A 145 63.93 14.06 -34.85
CA ALA A 145 63.09 14.87 -35.74
C ALA A 145 63.74 16.18 -36.14
N ARG A 146 64.44 16.81 -35.19
CA ARG A 146 65.21 17.99 -35.50
C ARG A 146 66.24 17.68 -36.60
N THR A 147 67.06 16.66 -36.39
CA THR A 147 68.11 16.34 -37.35
C THR A 147 67.56 16.11 -38.76
N THR A 148 66.49 15.33 -38.87
CA THR A 148 65.81 15.14 -40.15
C THR A 148 65.49 16.47 -40.81
N ALA A 149 64.81 17.33 -40.06
CA ALA A 149 64.53 18.68 -40.51
C ALA A 149 65.75 19.42 -41.11
N ILE A 150 66.88 19.45 -40.40
CA ILE A 150 68.06 20.14 -40.92
C ILE A 150 68.67 19.43 -42.11
N LYS A 151 68.60 18.10 -42.10
CA LYS A 151 69.08 17.30 -43.22
C LYS A 151 68.24 17.62 -44.45
N ALA A 152 66.95 17.87 -44.24
CA ALA A 152 66.04 18.23 -45.31
C ALA A 152 66.11 19.70 -45.67
N ASP A 153 67.02 20.43 -45.00
CA ASP A 153 67.18 21.87 -45.19
C ASP A 153 65.95 22.71 -44.79
N LEU A 154 65.29 22.37 -43.69
CA LEU A 154 64.28 23.27 -43.11
C LEU A 154 64.90 24.16 -42.03
N PRO A 155 64.33 25.37 -41.85
CA PRO A 155 64.58 26.24 -40.69
C PRO A 155 64.10 25.60 -39.39
N VAL A 156 64.81 25.83 -38.30
CA VAL A 156 64.57 25.09 -37.06
C VAL A 156 65.00 25.90 -35.84
N ILE A 157 64.17 25.94 -34.82
CA ILE A 157 64.48 26.73 -33.64
C ILE A 157 65.83 26.39 -33.05
N PRO A 158 66.73 27.38 -33.03
CA PRO A 158 68.10 27.26 -32.50
C PRO A 158 68.07 26.65 -31.11
N GLY A 159 68.78 25.55 -30.93
CA GLY A 159 68.73 24.83 -29.66
C GLY A 159 69.90 23.87 -29.61
N THR A 160 70.17 23.35 -28.40
CA THR A 160 71.15 22.29 -28.17
C THR A 160 71.11 21.16 -29.21
N ASP A 161 72.15 21.08 -30.05
CA ASP A 161 72.25 20.02 -31.06
C ASP A 161 71.98 18.63 -30.49
N GLY A 162 72.29 18.42 -29.20
CA GLY A 162 71.98 17.16 -28.53
C GLY A 162 71.00 17.29 -27.36
N PRO A 163 70.68 16.15 -26.72
CA PRO A 163 70.10 16.13 -25.36
C PRO A 163 71.17 16.22 -24.25
N ILE A 164 71.15 17.31 -23.49
CA ILE A 164 72.30 17.70 -22.65
C ILE A 164 72.15 17.35 -21.16
N LYS A 165 73.26 16.94 -20.54
CA LYS A 165 73.25 16.23 -19.24
C LYS A 165 73.71 16.97 -17.94
N SER A 166 75.01 17.22 -17.80
CA SER A 166 75.57 17.75 -16.52
C SER A 166 75.00 19.13 -16.07
N TYR A 167 75.36 19.54 -14.83
CA TYR A 167 74.74 20.70 -14.12
C TYR A 167 74.90 22.02 -14.89
N GLU A 168 74.23 23.07 -14.40
CA GLU A 168 74.42 24.43 -14.96
C GLU A 168 74.51 24.29 -16.48
N LEU A 169 73.78 23.29 -16.98
CA LEU A 169 73.90 22.80 -18.36
C LEU A 169 73.39 23.86 -19.32
N ALA A 170 72.51 24.71 -18.79
CA ALA A 170 71.88 25.79 -19.53
C ALA A 170 72.83 26.96 -19.77
N LYS A 171 73.40 27.51 -18.69
CA LYS A 171 74.37 28.62 -18.74
C LYS A 171 75.39 28.45 -19.88
N GLU A 172 76.08 27.32 -19.85
CA GLU A 172 76.94 26.90 -20.93
C GLU A 172 76.19 26.86 -22.30
N PHE A 173 74.89 27.09 -22.30
CA PHE A 173 74.14 27.35 -23.55
C PHE A 173 73.42 28.70 -23.60
N ALA A 174 72.80 29.06 -22.49
CA ALA A 174 72.16 30.37 -22.34
C ALA A 174 73.01 31.47 -22.97
N GLU A 175 74.29 31.47 -22.61
CA GLU A 175 75.20 32.58 -22.88
C GLU A 175 75.86 32.52 -24.24
N GLU A 176 75.21 31.83 -25.19
CA GLU A 176 75.73 31.64 -26.54
C GLU A 176 74.64 31.15 -27.50
N ALA A 177 73.59 31.96 -27.65
CA ALA A 177 72.45 31.63 -28.52
C ALA A 177 71.25 32.57 -28.32
N GLY A 178 71.25 33.33 -27.22
CA GLY A 178 70.29 34.43 -27.06
C GLY A 178 69.46 34.44 -25.78
N PHE A 179 68.52 35.39 -25.70
CA PHE A 179 68.02 35.91 -24.41
C PHE A 179 66.94 35.04 -23.79
N PRO A 180 65.69 35.11 -24.33
CA PRO A 180 64.58 34.34 -23.77
C PRO A 180 64.68 32.88 -24.21
N LEU A 181 64.65 31.98 -23.24
CA LEU A 181 64.93 30.58 -23.52
C LEU A 181 63.84 29.65 -22.97
N MET A 182 63.74 28.45 -23.57
CA MET A 182 62.67 27.50 -23.30
C MET A 182 63.20 26.06 -23.18
N ILE A 183 62.72 25.35 -22.17
CA ILE A 183 63.12 23.96 -21.87
C ILE A 183 62.04 22.94 -22.31
N LYS A 184 62.48 21.75 -22.73
CA LYS A 184 61.67 20.86 -23.59
C LYS A 184 62.20 19.42 -23.58
N ALA A 185 61.28 18.46 -23.46
CA ALA A 185 61.64 17.04 -23.22
C ALA A 185 61.54 16.15 -24.46
N THR A 186 61.81 14.86 -24.25
CA THR A 186 61.69 13.84 -25.30
C THR A 186 60.27 13.25 -25.29
N SER A 187 59.39 13.81 -26.12
CA SER A 187 57.93 13.89 -25.81
C SER A 187 57.04 13.00 -26.69
N ARG A 195 57.10 25.48 -19.90
CA ARG A 195 57.78 26.09 -18.77
C ARG A 195 58.99 26.90 -19.22
N ILE A 196 58.83 28.22 -19.23
CA ILE A 196 59.75 29.18 -19.87
C ILE A 196 60.90 29.58 -18.94
N VAL A 197 61.89 30.27 -19.51
CA VAL A 197 62.97 30.96 -18.77
C VAL A 197 63.30 32.31 -19.46
N ARG A 198 63.23 33.40 -18.70
CA ARG A 198 63.76 34.70 -19.16
C ARG A 198 64.98 35.10 -18.33
N GLU A 199 65.81 34.11 -18.00
CA GLU A 199 67.21 34.32 -17.53
C GLU A 199 67.40 34.55 -16.01
N GLU A 200 68.65 34.68 -15.58
CA GLU A 200 69.01 35.06 -14.21
C GLU A 200 68.67 33.96 -13.19
N SER A 201 69.50 32.91 -13.18
CA SER A 201 69.42 31.78 -12.22
C SER A 201 68.02 31.14 -12.05
N GLU A 202 66.97 31.88 -12.42
CA GLU A 202 65.64 31.31 -12.71
C GLU A 202 65.78 30.22 -13.78
N LEU A 203 66.80 30.39 -14.64
CA LEU A 203 67.32 29.33 -15.51
C LEU A 203 67.39 27.95 -14.80
N GLU A 204 68.61 27.44 -14.60
CA GLU A 204 68.83 26.13 -13.96
C GLU A 204 67.68 25.73 -13.04
N ASP A 205 66.80 26.69 -12.77
CA ASP A 205 65.69 26.52 -11.82
C ASP A 205 64.46 25.80 -12.39
N ALA A 206 64.41 25.67 -13.71
CA ALA A 206 63.49 24.70 -14.35
C ALA A 206 63.96 23.25 -14.23
N PHE A 207 65.22 23.01 -14.58
CA PHE A 207 65.85 21.71 -14.41
C PHE A 207 65.38 21.02 -13.12
N HIS A 208 64.73 21.77 -12.24
CA HIS A 208 64.42 21.29 -10.88
C HIS A 208 63.24 20.28 -10.77
N ARG A 209 62.08 20.64 -11.34
CA ARG A 209 60.93 19.70 -11.44
C ARG A 209 60.62 19.23 -12.88
N ALA A 210 61.49 19.57 -13.83
CA ALA A 210 61.48 18.90 -15.14
C ALA A 210 62.36 17.66 -15.09
N LYS A 211 62.90 17.39 -13.90
CA LYS A 211 63.33 16.05 -13.46
C LYS A 211 62.17 15.04 -13.34
N SER A 212 60.95 15.54 -13.10
CA SER A 212 59.75 14.70 -12.83
C SER A 212 58.57 14.82 -13.82
N GLU A 213 58.36 16.00 -14.39
CA GLU A 213 57.28 16.22 -15.36
C GLU A 213 57.60 15.62 -16.74
N ALA A 214 58.85 15.19 -16.92
CA ALA A 214 59.26 14.37 -18.06
C ALA A 214 59.70 12.97 -17.61
N GLU A 215 59.69 12.73 -16.30
CA GLU A 215 59.71 11.36 -15.80
C GLU A 215 58.29 10.80 -15.62
N LYS A 216 57.38 11.65 -15.14
CA LYS A 216 56.00 11.28 -14.81
C LYS A 216 55.21 10.63 -15.97
N SER A 217 55.14 11.32 -17.11
CA SER A 217 54.46 10.78 -18.31
C SER A 217 55.37 9.84 -19.10
N PHE A 218 56.48 10.40 -19.58
CA PHE A 218 57.29 9.76 -20.60
C PHE A 218 58.34 8.83 -19.98
N GLY A 219 58.46 7.63 -20.55
CA GLY A 219 59.50 6.66 -20.17
C GLY A 219 60.85 7.08 -20.71
N ASN A 220 61.40 8.15 -20.12
CA ASN A 220 62.44 8.96 -20.72
C ASN A 220 62.39 10.34 -20.07
N SER A 221 63.37 10.64 -19.20
CA SER A 221 63.51 11.98 -18.61
C SER A 221 64.52 12.82 -19.39
N GLU A 222 64.74 12.43 -20.65
CA GLU A 222 65.64 13.14 -21.54
C GLU A 222 65.06 14.47 -22.03
N VAL A 223 65.97 15.40 -22.33
CA VAL A 223 65.69 16.85 -22.37
C VAL A 223 66.64 17.61 -23.31
N TYR A 224 66.05 18.36 -24.24
CA TYR A 224 66.80 19.30 -25.04
C TYR A 224 66.25 20.67 -24.69
N ILE A 225 66.79 21.73 -25.31
CA ILE A 225 66.46 23.12 -24.95
C ILE A 225 66.54 24.06 -26.15
N GLU A 226 65.71 25.10 -26.14
CA GLU A 226 65.47 25.97 -27.32
C GLU A 226 65.40 27.45 -26.97
N ARG A 227 65.77 28.31 -27.90
CA ARG A 227 65.40 29.71 -27.77
C ARG A 227 63.86 29.77 -27.75
N TYR A 228 63.28 30.28 -26.67
CA TYR A 228 61.86 30.64 -26.66
C TYR A 228 61.48 31.68 -27.76
N ILE A 229 60.84 31.24 -28.83
CA ILE A 229 60.34 32.20 -29.80
C ILE A 229 59.02 32.84 -29.34
N ASP A 230 59.06 34.13 -29.04
CA ASP A 230 57.95 34.82 -28.38
C ASP A 230 56.88 35.31 -29.36
N ASN A 231 55.61 35.05 -29.05
CA ASN A 231 54.50 35.65 -29.78
C ASN A 231 54.26 35.04 -31.16
N PRO A 232 54.44 33.71 -31.27
CA PRO A 232 54.36 33.02 -32.55
C PRO A 232 52.93 32.65 -32.96
N LYS A 233 52.76 32.36 -34.24
CA LYS A 233 51.62 31.60 -34.66
C LYS A 233 51.99 30.12 -34.78
N HIS A 234 51.07 29.23 -34.39
CA HIS A 234 51.32 27.80 -34.48
C HIS A 234 50.65 27.17 -35.73
N ILE A 235 51.31 27.23 -36.88
CA ILE A 235 50.76 26.71 -38.12
C ILE A 235 51.20 25.27 -38.32
N GLU A 236 50.30 24.42 -38.78
CA GLU A 236 50.71 23.09 -39.25
C GLU A 236 50.19 22.74 -40.63
N VAL A 237 50.92 21.86 -41.33
CA VAL A 237 50.60 21.47 -42.70
C VAL A 237 50.24 19.99 -42.82
N GLN A 238 49.02 19.75 -43.32
CA GLN A 238 48.52 18.41 -43.54
C GLN A 238 49.25 17.81 -44.71
N VAL A 239 49.87 16.67 -44.47
CA VAL A 239 50.53 15.95 -45.52
C VAL A 239 49.89 14.57 -45.63
N ILE A 240 49.79 14.03 -46.85
CA ILE A 240 49.35 12.65 -47.01
C ILE A 240 50.20 12.05 -48.10
N GLY A 241 50.68 10.83 -47.88
CA GLY A 241 51.56 10.20 -48.85
C GLY A 241 51.09 8.82 -49.18
N ASP A 242 51.32 8.39 -50.40
CA ASP A 242 50.95 7.05 -50.75
C ASP A 242 52.21 6.19 -50.81
N GLU A 243 52.07 4.90 -51.08
CA GLU A 243 53.22 4.00 -51.11
C GLU A 243 53.93 3.92 -52.46
N HIS A 244 53.55 4.81 -53.36
CA HIS A 244 54.12 4.86 -54.68
C HIS A 244 54.93 6.15 -54.87
N GLY A 245 55.20 6.87 -53.80
CA GLY A 245 55.95 8.11 -53.91
C GLY A 245 55.13 9.34 -54.26
N ASN A 246 53.80 9.23 -54.25
CA ASN A 246 52.97 10.39 -54.47
C ASN A 246 52.62 11.06 -53.14
N ILE A 247 53.02 12.34 -53.02
CA ILE A 247 52.72 13.15 -51.83
C ILE A 247 51.95 14.39 -52.23
N VAL A 248 51.04 14.84 -51.38
CA VAL A 248 50.45 16.16 -51.50
C VAL A 248 50.26 16.76 -50.12
N HIS A 249 50.13 18.09 -50.05
CA HIS A 249 49.72 18.68 -48.80
C HIS A 249 48.27 19.15 -48.86
N LEU A 250 47.55 19.04 -47.76
CA LEU A 250 46.20 19.57 -47.73
C LEU A 250 46.14 20.94 -47.08
N PHE A 251 47.16 21.76 -47.32
CA PHE A 251 47.26 23.12 -46.77
C PHE A 251 47.45 23.08 -45.28
N GLU A 252 47.28 24.25 -44.65
CA GLU A 252 47.73 24.46 -43.29
C GLU A 252 46.55 24.65 -42.33
N ARG A 253 46.79 24.46 -41.03
CA ARG A 253 45.81 24.82 -40.02
C ARG A 253 46.46 25.77 -39.02
N ASP A 254 45.71 26.77 -38.58
CA ASP A 254 46.15 27.69 -37.55
C ASP A 254 45.69 27.16 -36.20
N CYS A 255 46.65 26.83 -35.34
CA CYS A 255 46.38 26.28 -34.02
C CYS A 255 46.82 27.24 -32.92
N SER A 256 46.65 28.54 -33.16
CA SER A 256 47.26 29.51 -32.27
C SER A 256 46.51 29.62 -30.95
N VAL A 257 45.19 29.65 -30.98
CA VAL A 257 44.42 29.74 -29.74
C VAL A 257 44.70 28.53 -28.86
N GLN A 258 45.56 28.72 -27.87
CA GLN A 258 45.83 27.65 -26.90
C GLN A 258 45.94 28.16 -25.47
N ARG A 259 45.74 27.26 -24.50
CA ARG A 259 45.59 27.65 -23.10
C ARG A 259 46.92 27.59 -22.35
N ARG A 260 47.56 26.43 -22.35
CA ARG A 260 48.87 26.32 -21.74
C ARG A 260 49.77 25.42 -22.57
N HIS A 261 49.64 24.12 -22.34
CA HIS A 261 50.27 23.11 -23.19
C HIS A 261 49.48 22.96 -24.53
N GLN A 262 48.25 23.47 -24.57
CA GLN A 262 47.25 22.79 -25.36
C GLN A 262 46.40 23.61 -26.32
N LYS A 263 46.39 23.15 -27.57
CA LYS A 263 45.45 23.62 -28.61
C LYS A 263 44.01 23.74 -28.09
N VAL A 264 43.42 24.92 -28.20
CA VAL A 264 42.02 25.04 -27.91
C VAL A 264 41.09 25.12 -29.12
N VAL A 265 41.40 26.02 -30.06
CA VAL A 265 40.55 26.21 -31.23
C VAL A 265 41.41 26.24 -32.48
N GLU A 266 41.02 25.49 -33.50
CA GLU A 266 41.81 25.42 -34.70
C GLU A 266 41.04 25.95 -35.88
N VAL A 267 41.77 26.61 -36.78
CA VAL A 267 41.17 27.30 -37.91
C VAL A 267 41.87 26.91 -39.19
N ALA A 268 41.10 26.56 -40.22
CA ALA A 268 41.70 26.19 -41.51
C ALA A 268 41.07 26.93 -42.67
N PRO A 269 41.91 27.43 -43.58
CA PRO A 269 43.31 27.68 -43.31
C PRO A 269 43.50 28.87 -42.35
N SER A 270 44.71 29.39 -42.24
CA SER A 270 44.97 30.52 -41.37
C SER A 270 44.36 31.81 -41.93
N VAL A 271 43.84 32.67 -41.05
CA VAL A 271 43.43 34.00 -41.47
C VAL A 271 44.41 34.98 -40.89
N GLY A 272 45.68 34.75 -41.11
CA GLY A 272 46.70 35.53 -40.41
C GLY A 272 48.05 35.46 -41.06
N LEU A 273 48.12 34.73 -42.18
CA LEU A 273 49.33 34.74 -42.99
C LEU A 273 48.99 35.07 -44.45
N SER A 274 49.89 35.84 -45.08
CA SER A 274 49.82 36.10 -46.50
C SER A 274 50.17 34.82 -47.29
N PRO A 275 49.81 34.77 -48.59
CA PRO A 275 50.03 33.54 -49.36
C PRO A 275 51.49 33.33 -49.75
N THR A 276 52.36 34.32 -49.54
CA THR A 276 53.78 34.02 -49.71
C THR A 276 54.39 33.34 -48.49
N LEU A 277 53.95 33.71 -47.30
CA LEU A 277 54.31 32.97 -46.08
C LEU A 277 53.68 31.58 -46.03
N ARG A 278 52.41 31.46 -46.41
CA ARG A 278 51.79 30.14 -46.48
C ARG A 278 52.52 29.24 -47.46
N GLN A 279 52.78 29.73 -48.67
CA GLN A 279 53.47 28.95 -49.65
C GLN A 279 54.75 28.41 -49.03
N ARG A 280 55.57 29.29 -48.48
CA ARG A 280 56.89 28.90 -48.03
C ARG A 280 56.76 27.83 -46.95
N ILE A 281 55.71 27.93 -46.15
CA ILE A 281 55.40 26.91 -45.15
C ILE A 281 55.04 25.56 -45.79
N CYS A 282 53.99 25.53 -46.63
CA CYS A 282 53.68 24.33 -47.41
C CYS A 282 54.89 23.69 -48.13
N ASP A 283 55.59 24.46 -48.95
CA ASP A 283 56.80 23.97 -49.53
C ASP A 283 57.73 23.26 -48.53
N ALA A 284 57.93 23.85 -47.35
CA ALA A 284 58.86 23.26 -46.39
C ALA A 284 58.34 21.93 -45.87
N ALA A 285 57.02 21.81 -45.71
CA ALA A 285 56.47 20.55 -45.23
C ALA A 285 56.62 19.45 -46.26
N ILE A 286 56.50 19.82 -47.53
CA ILE A 286 56.60 18.86 -48.60
C ILE A 286 58.08 18.55 -48.77
N GLN A 287 58.90 19.57 -48.68
CA GLN A 287 60.31 19.34 -48.82
C GLN A 287 60.76 18.24 -47.88
N LEU A 288 60.14 18.15 -46.71
CA LEU A 288 60.64 17.25 -45.68
C LEU A 288 60.09 15.82 -45.84
N MET A 289 58.77 15.74 -46.06
CA MET A 289 58.08 14.48 -46.33
C MET A 289 58.55 13.91 -47.65
N GLU A 290 58.76 14.79 -48.61
CA GLU A 290 59.33 14.39 -49.90
C GLU A 290 60.72 13.81 -49.70
N ASN A 291 61.48 14.36 -48.76
CA ASN A 291 62.89 14.03 -48.58
C ASN A 291 63.08 12.70 -47.86
N ILE A 292 62.15 12.34 -46.99
CA ILE A 292 62.21 11.03 -46.30
C ILE A 292 61.08 10.07 -46.71
N LYS A 293 60.68 10.18 -47.98
CA LYS A 293 59.88 9.15 -48.61
C LYS A 293 58.70 8.78 -47.69
N TYR A 294 58.04 9.82 -47.16
CA TYR A 294 57.02 9.63 -46.12
C TYR A 294 55.73 9.07 -46.68
N VAL A 295 55.04 8.27 -45.87
CA VAL A 295 53.88 7.53 -46.33
C VAL A 295 52.75 7.72 -45.35
N ASN A 296 51.53 7.69 -45.89
CA ASN A 296 50.29 7.91 -45.15
C ASN A 296 49.99 9.36 -44.76
N ALA A 297 49.24 9.59 -43.68
CA ALA A 297 49.00 10.95 -43.18
C ALA A 297 50.03 11.29 -42.12
N GLY A 298 50.60 12.49 -42.21
CA GLY A 298 51.36 13.11 -41.12
C GLY A 298 51.25 14.63 -41.11
N THR A 299 51.62 15.28 -40.01
CA THR A 299 51.53 16.72 -39.95
C THR A 299 52.89 17.30 -39.65
N VAL A 300 53.20 18.40 -40.32
CA VAL A 300 54.40 19.12 -40.02
C VAL A 300 54.03 20.40 -39.30
N GLU A 301 54.51 20.55 -38.06
CA GLU A 301 54.21 21.72 -37.23
C GLU A 301 55.29 22.79 -37.35
N PHE A 302 54.87 24.05 -37.45
CA PHE A 302 55.83 25.17 -37.49
C PHE A 302 55.40 26.26 -36.52
N LEU A 303 56.36 26.91 -35.91
CA LEU A 303 56.13 28.24 -35.30
C LEU A 303 56.39 29.34 -36.32
N VAL A 304 55.47 30.30 -36.40
CA VAL A 304 55.64 31.43 -37.32
C VAL A 304 55.87 32.76 -36.59
N SER A 305 56.97 33.54 -36.88
CA SER A 305 57.15 34.98 -36.37
C SER A 305 57.38 36.11 -37.53
N GLY A 306 56.39 36.96 -37.97
CA GLY A 306 56.67 37.94 -39.03
C GLY A 306 56.75 37.21 -40.40
N ASP A 307 57.88 37.36 -41.06
CA ASP A 307 58.20 36.71 -42.35
C ASP A 307 58.89 35.34 -42.24
N GLU A 308 59.07 34.85 -41.03
CA GLU A 308 59.88 33.65 -40.80
C GLU A 308 59.12 32.54 -40.07
N PHE A 309 59.41 31.30 -40.42
CA PHE A 309 58.78 30.17 -39.78
C PHE A 309 59.82 29.20 -39.33
N PHE A 310 59.47 28.38 -38.34
CA PHE A 310 60.42 27.48 -37.71
C PHE A 310 59.83 26.11 -37.42
N PHE A 311 60.54 25.07 -37.81
CA PHE A 311 59.98 23.73 -37.71
C PHE A 311 60.01 23.30 -36.23
N ILE A 312 58.87 22.77 -35.77
CA ILE A 312 58.78 22.25 -34.40
C ILE A 312 58.80 20.72 -34.34
N GLU A 313 57.82 20.06 -34.95
CA GLU A 313 57.76 18.61 -34.92
C GLU A 313 56.93 18.04 -36.08
N VAL A 314 57.01 16.73 -36.23
CA VAL A 314 56.07 16.01 -37.06
C VAL A 314 55.28 15.07 -36.17
N ASN A 315 53.98 14.94 -36.45
CA ASN A 315 53.14 13.87 -35.91
C ASN A 315 52.81 12.84 -36.98
N PRO A 316 53.44 11.66 -36.90
CA PRO A 316 53.24 10.58 -37.92
C PRO A 316 51.90 9.88 -37.80
N ARG A 317 50.82 10.64 -38.00
CA ARG A 317 49.47 10.17 -37.70
C ARG A 317 48.42 11.27 -37.88
N VAL A 318 47.14 10.87 -37.86
CA VAL A 318 46.06 11.87 -37.79
C VAL A 318 46.10 12.63 -36.50
N GLN A 319 45.36 13.74 -36.51
CA GLN A 319 45.25 14.65 -35.41
C GLN A 319 43.77 15.03 -35.18
N VAL A 320 43.44 15.40 -33.96
CA VAL A 320 42.03 15.65 -33.61
C VAL A 320 41.45 16.62 -34.61
N GLU A 321 42.23 17.65 -34.91
CA GLU A 321 41.74 18.70 -35.74
C GLU A 321 42.04 18.42 -37.23
N HIS A 322 41.92 17.16 -37.64
CA HIS A 322 41.97 16.84 -39.05
C HIS A 322 40.66 17.24 -39.74
N THR A 323 39.59 17.38 -38.97
CA THR A 323 38.26 17.47 -39.53
C THR A 323 38.15 18.73 -40.38
N ILE A 324 38.78 19.76 -39.88
CA ILE A 324 38.69 21.11 -40.37
C ILE A 324 39.37 21.17 -41.76
N THR A 325 40.42 20.37 -41.94
CA THR A 325 41.06 20.21 -43.24
C THR A 325 40.16 19.48 -44.25
N GLU A 326 39.61 18.34 -43.85
CA GLU A 326 38.66 17.63 -44.70
C GLU A 326 37.60 18.58 -45.17
N MET A 327 37.13 19.44 -44.29
CA MET A 327 36.14 20.42 -44.65
C MET A 327 36.57 21.39 -45.75
N VAL A 328 37.73 22.00 -45.63
CA VAL A 328 38.03 23.00 -46.64
C VAL A 328 38.50 22.40 -47.98
N THR A 329 38.99 21.18 -47.96
CA THR A 329 39.57 20.63 -49.15
C THR A 329 38.66 19.58 -49.81
N GLY A 330 37.69 19.09 -49.05
CA GLY A 330 36.81 17.98 -49.48
C GLY A 330 37.42 16.58 -49.52
N ILE A 331 38.51 16.38 -48.81
CA ILE A 331 39.17 15.11 -48.79
C ILE A 331 38.91 14.37 -47.47
N ASP A 332 38.42 13.13 -47.59
CA ASP A 332 38.34 12.24 -46.44
C ASP A 332 39.76 11.73 -46.11
N ILE A 333 40.40 12.34 -45.11
CA ILE A 333 41.76 11.97 -44.73
C ILE A 333 41.83 10.55 -44.18
N VAL A 334 40.91 10.20 -43.28
CA VAL A 334 40.92 8.87 -42.66
C VAL A 334 40.61 7.79 -43.67
N LYS A 335 39.52 7.92 -44.42
CA LYS A 335 39.27 6.96 -45.50
C LYS A 335 40.53 6.75 -46.35
N THR A 336 41.21 7.84 -46.68
CA THR A 336 42.41 7.82 -47.51
C THR A 336 43.58 7.06 -46.85
N GLN A 337 43.66 7.15 -45.51
CA GLN A 337 44.67 6.45 -44.73
C GLN A 337 44.55 4.93 -44.82
N ILE A 338 43.33 4.43 -44.63
CA ILE A 338 43.03 3.04 -44.85
C ILE A 338 43.34 2.65 -46.28
N LEU A 339 42.87 3.44 -47.24
CA LEU A 339 43.18 3.15 -48.64
C LEU A 339 44.69 3.15 -48.95
N VAL A 340 45.42 4.14 -48.43
CA VAL A 340 46.84 4.22 -48.77
C VAL A 340 47.48 2.97 -48.18
N ALA A 341 46.96 2.53 -47.05
CA ALA A 341 47.51 1.38 -46.34
C ALA A 341 47.25 0.05 -47.07
N ALA A 342 46.18 0.02 -47.87
CA ALA A 342 45.81 -1.17 -48.65
C ALA A 342 46.51 -1.25 -50.01
N GLY A 343 47.46 -0.33 -50.27
CA GLY A 343 48.10 -0.24 -51.58
C GLY A 343 47.46 0.72 -52.60
N ALA A 344 46.41 1.43 -52.19
CA ALA A 344 45.78 2.39 -53.11
C ALA A 344 46.71 3.52 -53.57
N ASP A 345 46.72 3.83 -54.87
CA ASP A 345 47.43 5.00 -55.42
C ASP A 345 46.66 6.29 -55.17
N LEU A 346 47.33 7.42 -54.91
CA LEU A 346 46.57 8.64 -54.59
C LEU A 346 45.62 9.04 -55.73
N PHE A 347 46.14 9.04 -56.95
CA PHE A 347 45.37 9.52 -58.08
C PHE A 347 44.69 8.37 -58.78
N GLY A 348 44.64 7.24 -58.10
CA GLY A 348 43.98 6.06 -58.63
C GLY A 348 42.50 6.28 -58.42
N GLU A 349 41.70 5.27 -58.71
CA GLU A 349 40.29 5.51 -58.92
C GLU A 349 39.44 5.36 -57.68
N GLU A 350 40.04 5.47 -56.49
CA GLU A 350 39.38 5.27 -55.22
C GLU A 350 39.73 6.30 -54.18
N ILE A 351 40.99 6.72 -54.11
CA ILE A 351 41.30 7.95 -53.41
C ILE A 351 40.86 9.20 -54.20
N ASN A 352 41.09 9.23 -55.52
CA ASN A 352 40.83 10.43 -56.33
C ASN A 352 41.43 11.74 -55.83
N MET A 353 42.53 11.69 -55.08
CA MET A 353 43.25 12.92 -54.77
C MET A 353 43.42 13.71 -56.05
N PRO A 354 43.06 15.00 -56.03
CA PRO A 354 43.45 15.85 -57.15
C PRO A 354 44.94 16.08 -57.11
N GLN A 355 45.51 16.44 -58.26
CA GLN A 355 46.84 17.01 -58.34
C GLN A 355 46.94 18.28 -57.49
N GLN A 356 48.14 18.55 -56.98
CA GLN A 356 48.34 19.67 -56.07
C GLN A 356 47.71 21.00 -56.51
N LYS A 357 48.00 21.44 -57.73
CA LYS A 357 47.41 22.67 -58.27
C LYS A 357 45.87 22.73 -58.16
N ASP A 358 45.22 21.57 -58.03
CA ASP A 358 43.77 21.47 -58.11
C ASP A 358 43.16 21.22 -56.73
N ILE A 359 44.01 20.96 -55.74
CA ILE A 359 43.53 20.92 -54.38
C ILE A 359 43.43 22.34 -53.89
N THR A 360 42.22 22.79 -53.56
CA THR A 360 42.12 24.10 -52.93
C THR A 360 41.55 24.05 -51.55
N THR A 361 41.37 25.23 -50.97
CA THR A 361 40.48 25.39 -49.85
C THR A 361 39.28 26.16 -50.35
N LEU A 362 38.11 25.80 -49.85
CA LEU A 362 36.90 26.57 -50.13
C LEU A 362 36.30 27.05 -48.80
N GLY A 363 36.42 28.37 -48.56
CA GLY A 363 36.05 28.97 -47.28
C GLY A 363 36.96 28.59 -46.12
N TYR A 364 36.45 28.77 -44.90
CA TYR A 364 37.21 28.61 -43.68
C TYR A 364 36.46 27.67 -42.80
N ALA A 365 37.17 26.88 -42.01
CA ALA A 365 36.49 26.07 -41.01
C ALA A 365 37.14 26.12 -39.62
N ILE A 366 36.29 26.04 -38.60
CA ILE A 366 36.72 26.18 -37.22
C ILE A 366 36.42 24.90 -36.43
N GLN A 367 37.39 24.41 -35.67
CA GLN A 367 37.14 23.38 -34.67
C GLN A 367 37.27 23.87 -33.24
N CYS A 368 36.36 23.44 -32.39
CA CYS A 368 36.66 23.36 -30.98
C CYS A 368 36.03 22.11 -30.39
N ARG A 369 36.72 21.48 -29.45
CA ARG A 369 36.12 20.40 -28.71
C ARG A 369 35.36 20.85 -27.47
N ILE A 370 34.19 20.26 -27.28
CA ILE A 370 33.35 20.49 -26.13
C ILE A 370 33.75 19.40 -25.19
N THR A 371 34.11 19.77 -23.96
CA THR A 371 34.61 18.80 -23.00
C THR A 371 34.05 19.13 -21.66
N THR A 372 34.36 18.34 -20.65
CA THR A 372 33.84 18.63 -19.31
C THR A 372 34.89 19.31 -18.46
N GLU A 373 35.74 20.13 -19.10
CA GLU A 373 36.56 21.12 -18.38
C GLU A 373 35.70 22.31 -17.93
N ASP A 374 35.62 22.56 -16.63
CA ASP A 374 34.96 23.79 -16.20
C ASP A 374 35.93 24.96 -16.04
N PRO A 375 35.66 26.06 -16.79
CA PRO A 375 36.43 27.30 -16.72
C PRO A 375 36.45 27.91 -15.32
N LEU A 376 35.32 27.87 -14.62
CA LEU A 376 35.23 28.52 -13.31
C LEU A 376 36.10 27.72 -12.34
N ASN A 377 35.89 26.41 -12.34
CA ASN A 377 36.66 25.48 -11.53
C ASN A 377 38.06 25.26 -12.12
N ASP A 378 38.61 26.28 -12.73
CA ASP A 378 39.97 26.23 -13.26
C ASP A 378 40.21 24.96 -14.09
N PHE A 379 39.13 24.42 -14.64
CA PHE A 379 39.19 23.44 -15.73
C PHE A 379 39.29 21.97 -15.27
N MET A 380 38.92 21.71 -14.00
CA MET A 380 38.91 20.33 -13.49
C MET A 380 37.95 19.48 -14.31
N PRO A 381 38.47 18.44 -14.98
CA PRO A 381 37.61 17.66 -15.87
C PRO A 381 36.45 17.04 -15.08
N ASP A 382 35.25 17.60 -15.26
CA ASP A 382 34.08 17.13 -14.56
C ASP A 382 33.74 15.69 -14.91
N THR A 383 33.15 15.00 -13.95
CA THR A 383 32.89 13.57 -14.02
C THR A 383 31.40 13.42 -13.69
N GLY A 384 30.79 12.32 -14.08
CA GLY A 384 29.39 12.11 -13.71
C GLY A 384 28.51 11.48 -14.79
N THR A 385 27.25 11.92 -14.85
CA THR A 385 26.24 11.36 -15.78
C THR A 385 25.55 12.45 -16.54
N ILE A 386 25.44 12.27 -17.86
CA ILE A 386 24.74 13.23 -18.70
C ILE A 386 23.23 12.93 -18.75
N ILE A 387 22.44 13.88 -18.29
CA ILE A 387 20.99 13.69 -18.11
C ILE A 387 20.16 14.58 -19.05
N ALA A 388 20.66 14.78 -20.27
CA ALA A 388 20.12 15.74 -21.24
C ALA A 388 21.20 16.08 -22.27
N TYR A 389 20.88 15.93 -23.56
CA TYR A 389 21.91 16.02 -24.61
C TYR A 389 21.32 16.34 -25.98
N ARG A 390 21.41 17.59 -26.39
CA ARG A 390 20.96 17.98 -27.71
C ARG A 390 22.13 18.67 -28.36
N SER A 391 22.51 18.23 -29.55
CA SER A 391 23.64 18.85 -30.21
C SER A 391 23.18 19.89 -31.22
N SER A 392 23.58 19.75 -32.48
CA SER A 392 23.23 20.72 -33.49
C SER A 392 23.20 20.08 -34.87
N GLY A 393 23.47 20.87 -35.90
CA GLY A 393 23.22 20.44 -37.27
C GLY A 393 23.01 21.61 -38.20
N GLY A 394 22.77 21.31 -39.49
CA GLY A 394 22.38 22.32 -40.45
C GLY A 394 23.54 22.84 -41.26
N ALA A 395 23.30 23.95 -41.97
CA ALA A 395 24.30 24.52 -42.88
C ALA A 395 25.71 24.62 -42.30
N GLY A 396 26.60 23.79 -42.82
CA GLY A 396 28.03 23.88 -42.48
C GLY A 396 28.39 23.39 -41.09
N VAL A 397 27.62 22.47 -40.54
CA VAL A 397 27.97 21.97 -39.23
C VAL A 397 28.38 20.52 -39.39
N ARG A 398 29.49 20.15 -38.78
CA ARG A 398 29.93 18.79 -38.74
C ARG A 398 30.11 18.45 -37.26
N LEU A 399 29.50 17.35 -36.84
CA LEU A 399 29.60 16.86 -35.48
C LEU A 399 30.36 15.57 -35.53
N ASP A 400 31.33 15.40 -34.63
CA ASP A 400 31.96 14.08 -34.49
C ASP A 400 31.76 13.48 -33.09
N ALA A 401 30.84 12.52 -32.99
CA ALA A 401 30.42 12.05 -31.68
C ALA A 401 31.67 11.62 -30.93
N GLY A 402 31.75 11.93 -29.64
CA GLY A 402 32.78 11.41 -28.79
C GLY A 402 32.15 10.58 -27.68
N ASP A 403 32.05 11.14 -26.48
CA ASP A 403 31.52 10.38 -25.36
C ASP A 403 30.11 10.87 -24.93
N GLY A 404 29.62 11.96 -25.52
CA GLY A 404 28.32 12.55 -25.15
C GLY A 404 27.09 11.90 -25.79
N PHE A 405 26.12 11.55 -24.96
CA PHE A 405 24.79 11.11 -25.40
C PHE A 405 23.93 10.93 -24.16
N GLN A 406 22.61 11.06 -24.28
CA GLN A 406 21.73 10.96 -23.10
C GLN A 406 22.25 9.93 -22.08
N GLY A 407 22.37 8.68 -22.50
CA GLY A 407 22.87 7.61 -21.61
C GLY A 407 23.98 7.95 -20.62
N ALA A 408 25.19 8.19 -21.12
CA ALA A 408 26.42 7.66 -20.50
C ALA A 408 27.02 8.38 -19.31
N GLU A 409 27.93 7.69 -18.64
CA GLU A 409 28.74 8.25 -17.58
C GLU A 409 30.08 8.68 -18.12
N ILE A 410 30.62 9.77 -17.57
CA ILE A 410 31.95 10.23 -17.95
C ILE A 410 32.96 9.90 -16.84
N SER A 411 33.97 9.11 -17.22
CA SER A 411 35.01 8.67 -16.30
C SER A 411 36.00 9.81 -16.04
N PRO A 412 36.81 9.68 -14.98
CA PRO A 412 37.99 10.53 -14.83
C PRO A 412 39.21 9.90 -15.49
N TYR A 413 39.05 8.64 -15.90
CA TYR A 413 40.18 7.82 -16.30
C TYR A 413 40.65 8.20 -17.70
N TYR A 414 39.79 8.83 -18.48
CA TYR A 414 40.17 9.23 -19.82
C TYR A 414 40.02 10.72 -20.04
N ASP A 415 40.57 11.17 -21.16
CA ASP A 415 40.44 12.54 -21.60
C ASP A 415 39.00 12.80 -21.99
N SER A 416 38.33 13.67 -21.23
CA SER A 416 36.93 14.00 -21.48
C SER A 416 36.79 14.80 -22.76
N LEU A 417 36.07 14.24 -23.73
CA LEU A 417 35.72 14.95 -24.95
C LEU A 417 34.30 14.56 -25.29
N LEU A 418 33.34 15.46 -25.12
CA LEU A 418 31.95 15.14 -25.46
C LEU A 418 31.68 15.04 -26.96
N VAL A 419 32.03 16.09 -27.71
CA VAL A 419 31.81 16.14 -29.15
C VAL A 419 32.82 17.05 -29.72
N LYS A 420 33.36 16.71 -30.88
CA LYS A 420 34.03 17.69 -31.76
C LYS A 420 32.93 18.38 -32.54
N LEU A 421 32.97 19.71 -32.51
CA LEU A 421 32.04 20.55 -33.24
C LEU A 421 32.84 21.40 -34.23
N SER A 422 32.42 21.45 -35.48
CA SER A 422 33.17 22.26 -36.44
C SER A 422 32.29 22.81 -37.51
N THR A 423 32.52 24.07 -37.84
CA THR A 423 31.62 24.85 -38.65
C THR A 423 32.47 25.32 -39.82
N HIS A 424 31.82 25.72 -40.91
CA HIS A 424 32.48 25.92 -42.19
C HIS A 424 31.66 26.90 -43.04
N ALA A 425 32.19 28.10 -43.34
CA ALA A 425 31.51 29.04 -44.25
C ALA A 425 32.41 29.60 -45.36
N ILE A 426 31.88 30.47 -46.21
CA ILE A 426 32.72 31.07 -47.26
C ILE A 426 33.72 32.10 -46.75
N SER A 427 33.50 32.58 -45.52
CA SER A 427 34.31 33.66 -44.98
C SER A 427 34.59 33.38 -43.53
N PHE A 428 35.69 33.92 -43.03
CA PHE A 428 36.04 33.57 -41.66
C PHE A 428 34.97 33.98 -40.68
N LYS A 429 34.41 35.17 -40.84
CA LYS A 429 33.45 35.62 -39.85
C LYS A 429 32.17 34.79 -39.93
N GLN A 430 31.64 34.58 -41.13
CA GLN A 430 30.44 33.76 -41.30
C GLN A 430 30.53 32.39 -40.59
N ALA A 431 31.72 31.79 -40.63
CA ALA A 431 32.02 30.55 -39.94
C ALA A 431 32.05 30.64 -38.41
N GLU A 432 32.63 31.71 -37.86
CA GLU A 432 32.55 31.92 -36.42
C GLU A 432 31.11 32.12 -36.00
N GLU A 433 30.33 32.89 -36.76
CA GLU A 433 28.95 33.09 -36.35
C GLU A 433 28.09 31.81 -36.50
N LYS A 434 28.55 30.88 -37.31
CA LYS A 434 27.94 29.59 -37.33
C LYS A 434 28.36 28.83 -36.07
N MET A 435 29.59 29.03 -35.65
CA MET A 435 30.14 28.40 -34.48
C MET A 435 29.48 28.89 -33.20
N VAL A 436 29.11 30.16 -33.10
CA VAL A 436 28.41 30.52 -31.85
C VAL A 436 26.92 30.21 -31.82
N ARG A 437 26.26 30.11 -32.97
CA ARG A 437 24.92 29.50 -32.98
C ARG A 437 24.98 28.06 -32.47
N SER A 438 25.82 27.25 -33.09
CA SER A 438 25.72 25.84 -32.80
C SER A 438 26.12 25.59 -31.37
N LEU A 439 27.11 26.33 -30.87
CA LEU A 439 27.47 26.26 -29.45
C LEU A 439 26.28 26.60 -28.55
N ARG A 440 25.64 27.73 -28.81
CA ARG A 440 24.49 28.14 -28.03
C ARG A 440 23.33 27.17 -28.13
N GLU A 441 23.12 26.57 -29.29
CA GLU A 441 22.10 25.52 -29.51
C GLU A 441 22.39 24.17 -28.80
N MET A 442 23.67 23.88 -28.52
CA MET A 442 24.05 22.75 -27.68
C MET A 442 23.37 22.73 -26.30
N ARG A 443 23.41 21.58 -25.66
CA ARG A 443 22.71 21.37 -24.42
C ARG A 443 23.25 20.09 -23.78
N ILE A 444 23.81 20.24 -22.59
CA ILE A 444 24.47 19.12 -21.92
C ILE A 444 24.31 19.35 -20.44
N ARG A 445 23.73 18.39 -19.74
CA ARG A 445 23.36 18.64 -18.36
C ARG A 445 23.86 17.49 -17.53
N GLY A 446 24.09 17.77 -16.25
CA GLY A 446 24.51 16.74 -15.30
C GLY A 446 26.01 16.59 -15.37
N VAL A 447 26.63 17.39 -16.21
CA VAL A 447 28.05 17.60 -16.17
C VAL A 447 28.31 19.01 -16.64
N LYS A 448 29.37 19.62 -16.13
CA LYS A 448 29.80 20.94 -16.61
C LYS A 448 30.53 20.80 -17.95
N THR A 449 30.49 21.84 -18.78
CA THR A 449 31.23 21.82 -20.03
C THR A 449 32.07 23.08 -20.24
N ASN A 450 32.76 23.13 -21.38
CA ASN A 450 33.58 24.29 -21.67
C ASN A 450 32.86 25.30 -22.56
N ILE A 451 31.56 25.08 -22.82
CA ILE A 451 30.84 25.92 -23.77
C ILE A 451 30.81 27.44 -23.42
N PRO A 452 30.50 27.80 -22.19
CA PRO A 452 30.48 29.24 -21.99
C PRO A 452 31.79 29.89 -22.46
N PHE A 453 32.87 29.13 -22.38
CA PHE A 453 34.20 29.63 -22.62
C PHE A 453 34.47 29.64 -24.12
N LEU A 454 34.19 28.54 -24.79
CA LEU A 454 34.32 28.49 -26.24
C LEU A 454 33.60 29.68 -26.86
N ILE A 455 32.35 29.91 -26.45
CA ILE A 455 31.59 31.01 -26.98
C ILE A 455 32.36 32.30 -26.79
N ASN A 456 32.80 32.57 -25.57
CA ASN A 456 33.57 33.79 -25.27
C ASN A 456 34.76 33.97 -26.18
N VAL A 457 35.44 32.88 -26.54
CA VAL A 457 36.51 32.96 -27.54
C VAL A 457 36.02 33.35 -28.95
N MET A 458 35.04 32.64 -29.50
CA MET A 458 34.55 32.95 -30.84
C MET A 458 33.94 34.33 -30.92
N LYS A 459 33.36 34.82 -29.81
CA LYS A 459 32.80 36.15 -29.79
C LYS A 459 33.87 37.25 -29.85
N ASN A 460 35.13 36.90 -29.60
CA ASN A 460 36.13 37.91 -29.26
C ASN A 460 36.75 38.66 -30.44
N LYS A 461 36.78 39.99 -30.32
CA LYS A 461 37.50 40.88 -31.23
C LYS A 461 38.79 40.28 -31.80
N LYS A 462 39.73 39.90 -30.93
CA LYS A 462 41.04 39.45 -31.39
C LYS A 462 40.88 38.27 -32.29
N PHE A 463 40.07 37.29 -31.87
CA PHE A 463 39.80 36.10 -32.66
C PHE A 463 39.18 36.45 -33.99
N THR A 464 38.03 37.13 -33.92
CA THR A 464 37.37 37.65 -35.10
C THR A 464 38.38 38.32 -36.03
N SER A 465 39.37 38.99 -35.45
CA SER A 465 40.34 39.80 -36.22
C SER A 465 41.10 38.93 -37.20
N GLY A 466 41.47 37.73 -36.77
CA GLY A 466 42.23 36.79 -37.61
C GLY A 466 43.72 36.66 -37.24
N ASP A 467 44.36 37.81 -37.00
CA ASP A 467 45.66 37.84 -36.35
C ASP A 467 45.48 37.67 -34.86
N TYR A 468 45.77 36.46 -34.37
CA TYR A 468 46.00 36.21 -32.95
C TYR A 468 47.23 35.30 -32.81
N THR A 469 47.84 35.29 -31.62
CA THR A 469 49.07 34.51 -31.38
C THR A 469 48.89 33.50 -30.24
N THR A 470 49.90 32.67 -30.01
CA THR A 470 49.81 31.65 -28.96
C THR A 470 49.35 32.21 -27.61
N LYS A 471 49.62 33.49 -27.37
CA LYS A 471 49.36 34.07 -26.06
C LYS A 471 48.04 34.82 -26.05
N PHE A 472 47.21 34.56 -27.05
CA PHE A 472 45.89 35.20 -27.14
C PHE A 472 44.99 34.96 -25.92
N ILE A 473 45.25 33.92 -25.16
CA ILE A 473 44.45 33.68 -23.98
C ILE A 473 44.96 34.44 -22.75
N GLU A 474 46.19 34.17 -22.33
CA GLU A 474 46.71 34.87 -21.14
C GLU A 474 46.41 36.37 -21.15
N GLU A 475 46.50 36.98 -22.34
CA GLU A 475 46.33 38.42 -22.50
C GLU A 475 44.89 38.88 -22.47
N THR A 476 43.95 37.93 -22.44
CA THR A 476 42.53 38.28 -22.49
C THR A 476 41.74 37.80 -21.27
N PRO A 477 41.67 38.64 -20.22
CA PRO A 477 40.96 38.27 -18.99
C PRO A 477 39.45 38.06 -19.18
N GLU A 478 38.87 38.72 -20.18
CA GLU A 478 37.43 38.70 -20.49
C GLU A 478 36.92 37.36 -21.01
N LEU A 479 37.81 36.52 -21.47
CA LEU A 479 37.45 35.19 -21.85
C LEU A 479 37.02 34.41 -20.63
N PHE A 480 37.24 34.98 -19.46
CA PHE A 480 36.98 34.24 -18.24
C PHE A 480 35.83 34.83 -17.44
N ASP A 481 35.24 35.91 -17.95
CA ASP A 481 34.02 36.51 -17.37
C ASP A 481 32.82 35.68 -17.81
N ILE A 482 32.62 34.55 -17.12
CA ILE A 482 31.43 33.72 -17.24
C ILE A 482 30.44 33.99 -16.10
N GLN A 483 29.49 34.89 -16.37
CA GLN A 483 28.16 34.80 -15.81
C GLN A 483 27.52 33.48 -16.28
N PRO A 484 26.92 32.70 -15.34
CA PRO A 484 26.12 31.54 -15.75
C PRO A 484 24.69 31.95 -16.14
N SER A 485 24.00 31.11 -16.94
CA SER A 485 22.60 31.39 -17.30
C SER A 485 21.66 31.28 -16.08
N LEU A 486 20.45 31.84 -16.16
CA LEU A 486 19.43 31.56 -15.14
C LEU A 486 18.34 30.60 -15.66
N ASP A 487 18.73 29.42 -16.16
CA ASP A 487 17.86 28.64 -17.07
C ASP A 487 16.46 28.42 -16.52
N ARG A 488 15.51 29.16 -17.11
CA ARG A 488 14.14 29.17 -16.60
C ARG A 488 13.61 27.75 -16.65
N GLY A 489 13.77 27.09 -17.79
CA GLY A 489 13.34 25.71 -17.90
C GLY A 489 13.62 24.91 -16.64
N THR A 490 14.85 24.94 -16.16
CA THR A 490 15.27 23.96 -15.18
C THR A 490 14.66 24.37 -13.85
N LYS A 491 15.05 25.56 -13.39
CA LYS A 491 14.38 26.21 -12.30
C LYS A 491 12.90 25.81 -12.17
N THR A 492 12.19 25.70 -13.29
CA THR A 492 10.73 25.50 -13.26
C THR A 492 10.38 24.01 -13.07
N LEU A 493 11.19 23.15 -13.64
CA LEU A 493 11.01 21.75 -13.44
C LEU A 493 11.35 21.40 -11.99
N GLU A 494 12.21 22.20 -11.37
CA GLU A 494 12.68 21.91 -10.01
C GLU A 494 11.66 22.38 -8.98
N TYR A 495 10.76 23.25 -9.39
CA TYR A 495 9.71 23.67 -8.50
C TYR A 495 8.55 22.70 -8.63
N ILE A 496 8.05 22.54 -9.86
CA ILE A 496 6.98 21.59 -10.09
C ILE A 496 7.26 20.29 -9.36
N GLY A 497 8.51 19.83 -9.43
CA GLY A 497 8.86 18.48 -8.99
C GLY A 497 8.91 18.39 -7.49
N ASN A 498 9.29 19.50 -6.87
CA ASN A 498 9.35 19.58 -5.43
C ASN A 498 7.93 19.52 -4.89
N VAL A 499 7.12 20.49 -5.25
CA VAL A 499 5.73 20.52 -4.86
C VAL A 499 5.02 19.19 -5.16
N THR A 500 5.33 18.58 -6.29
CA THR A 500 4.65 17.36 -6.71
C THR A 500 4.96 16.17 -5.81
N ILE A 501 6.07 16.26 -5.09
CA ILE A 501 6.63 15.12 -4.40
C ILE A 501 6.59 15.36 -2.91
N ASN A 502 6.66 16.63 -2.51
CA ASN A 502 6.66 16.99 -1.11
C ASN A 502 5.62 18.07 -0.77
N GLY A 503 4.52 18.12 -1.52
CA GLY A 503 3.44 19.05 -1.26
C GLY A 503 3.84 20.52 -1.27
N PHE A 504 2.98 21.37 -0.71
CA PHE A 504 3.20 22.80 -0.66
C PHE A 504 2.70 23.27 0.72
N PRO A 505 3.31 24.20 1.39
CA PRO A 505 2.87 24.65 2.80
C PRO A 505 1.26 25.02 3.19
N ASN A 506 0.31 24.33 4.02
CA ASN A 506 -1.14 24.82 4.25
C ASN A 506 -2.19 24.40 3.17
N VAL A 507 -1.74 23.46 2.43
CA VAL A 507 -2.43 22.95 1.24
C VAL A 507 -2.62 21.44 1.31
N GLU A 508 -3.74 21.04 1.88
CA GLU A 508 -4.03 19.62 2.17
C GLU A 508 -3.26 18.67 1.25
N LYS A 509 -2.22 18.04 1.80
CA LYS A 509 -1.42 17.06 1.06
C LYS A 509 -2.31 16.01 0.38
N ARG A 510 -2.42 16.08 -0.96
CA ARG A 510 -3.41 15.31 -1.70
C ARG A 510 -3.13 15.39 -3.21
N PRO A 511 -3.79 14.52 -4.01
CA PRO A 511 -3.74 14.68 -5.47
C PRO A 511 -4.45 15.93 -6.04
N LYS A 512 -3.72 16.66 -6.87
CA LYS A 512 -4.21 17.81 -7.66
C LYS A 512 -5.58 17.59 -8.27
N PRO A 513 -6.60 18.27 -7.72
CA PRO A 513 -7.97 18.03 -8.15
C PRO A 513 -8.18 18.41 -9.62
N ASP A 514 -9.07 17.67 -10.28
CA ASP A 514 -9.68 18.13 -11.54
C ASP A 514 -10.65 19.32 -11.31
N TYR A 515 -10.29 20.49 -11.84
CA TYR A 515 -11.18 21.63 -11.70
C TYR A 515 -12.06 21.80 -12.93
N GLU A 516 -13.21 22.44 -12.74
CA GLU A 516 -14.09 22.81 -13.85
C GLU A 516 -13.40 23.85 -14.71
N LEU A 517 -13.69 23.83 -16.00
CA LEU A 517 -13.06 24.72 -16.98
C LEU A 517 -13.36 26.22 -16.75
N ALA A 518 -14.62 26.63 -16.91
CA ALA A 518 -15.00 28.06 -17.09
C ALA A 518 -14.07 28.91 -18.00
N SER A 519 -14.35 28.89 -19.30
CA SER A 519 -13.47 29.50 -20.30
C SER A 519 -13.42 31.00 -20.04
N ILE A 520 -12.21 31.54 -20.07
CA ILE A 520 -11.92 32.87 -19.57
C ILE A 520 -12.23 33.83 -20.71
N PRO A 521 -13.21 34.72 -20.48
CA PRO A 521 -13.65 35.78 -21.41
C PRO A 521 -12.62 36.92 -21.52
N THR A 522 -12.17 37.26 -22.72
CA THR A 522 -11.15 38.27 -22.87
C THR A 522 -11.72 39.40 -23.70
N VAL A 523 -11.15 40.59 -23.56
CA VAL A 523 -11.46 41.64 -24.51
C VAL A 523 -10.17 42.03 -25.22
N SER A 524 -10.31 42.39 -26.49
CA SER A 524 -9.14 42.69 -27.30
C SER A 524 -8.56 44.00 -26.84
N SER A 525 -7.26 44.15 -26.98
CA SER A 525 -6.62 45.30 -26.44
C SER A 525 -6.54 46.50 -27.41
N SER A 526 -7.15 46.40 -28.59
CA SER A 526 -7.45 47.62 -29.38
C SER A 526 -8.69 48.30 -28.84
N LYS A 527 -9.77 47.55 -28.75
CA LYS A 527 -10.93 47.93 -27.95
C LYS A 527 -10.55 48.67 -26.68
N ILE A 528 -9.74 48.05 -25.82
CA ILE A 528 -9.37 48.72 -24.57
C ILE A 528 -8.70 50.11 -24.72
N ALA A 529 -7.76 50.22 -25.63
CA ALA A 529 -7.02 51.45 -25.83
C ALA A 529 -7.89 52.59 -26.29
N SER A 530 -9.13 52.28 -26.67
CA SER A 530 -10.09 53.33 -27.05
C SER A 530 -10.96 53.81 -25.89
N PHE A 531 -11.05 53.01 -24.84
CA PHE A 531 -11.90 53.38 -23.72
C PHE A 531 -11.35 54.63 -23.02
N SER A 532 -12.25 55.38 -22.41
CA SER A 532 -11.86 56.58 -21.69
C SER A 532 -12.68 56.73 -20.41
N GLY A 533 -12.22 56.08 -19.34
CA GLY A 533 -12.80 56.22 -18.03
C GLY A 533 -12.03 57.19 -17.15
N THR A 534 -12.05 56.95 -15.85
CA THR A 534 -11.59 57.93 -14.87
C THR A 534 -10.07 58.15 -14.83
N LYS A 535 -9.28 57.26 -15.44
CA LYS A 535 -7.84 57.54 -15.58
C LYS A 535 -7.54 58.63 -16.56
N GLN A 536 -8.13 58.55 -17.76
CA GLN A 536 -7.96 59.60 -18.75
C GLN A 536 -8.39 60.93 -18.14
N LEU A 537 -9.42 60.85 -17.28
CA LEU A 537 -10.00 62.05 -16.68
C LEU A 537 -9.10 62.66 -15.60
N LEU A 538 -8.34 61.85 -14.89
CA LEU A 538 -7.28 62.38 -14.07
C LEU A 538 -6.13 63.06 -14.85
N ASP A 539 -5.71 62.48 -15.98
CA ASP A 539 -4.73 63.16 -16.86
C ASP A 539 -5.29 64.46 -17.44
N GLU A 540 -6.59 64.49 -17.74
CA GLU A 540 -7.24 65.69 -18.23
C GLU A 540 -7.27 66.77 -17.20
N VAL A 541 -7.99 66.52 -16.12
CA VAL A 541 -8.45 67.61 -15.25
C VAL A 541 -7.79 67.56 -13.86
N GLY A 542 -7.00 66.53 -13.59
CA GLY A 542 -6.31 66.44 -12.31
C GLY A 542 -7.20 66.04 -11.14
N PRO A 543 -6.58 65.81 -9.97
CA PRO A 543 -7.28 65.35 -8.77
C PRO A 543 -8.45 66.24 -8.40
N LYS A 544 -8.21 67.52 -8.19
CA LYS A 544 -9.28 68.39 -7.79
C LYS A 544 -10.43 68.33 -8.79
N GLY A 545 -10.11 68.16 -10.07
CA GLY A 545 -11.12 68.02 -11.11
C GLY A 545 -11.86 66.68 -11.11
N VAL A 546 -11.13 65.58 -11.01
CA VAL A 546 -11.77 64.28 -10.88
C VAL A 546 -12.84 64.37 -9.80
N ALA A 547 -12.62 65.21 -8.79
CA ALA A 547 -13.53 65.23 -7.67
C ALA A 547 -14.76 66.05 -8.00
N GLU A 548 -14.58 67.12 -8.76
CA GLU A 548 -15.71 67.97 -9.12
C GLU A 548 -16.69 67.15 -9.94
N TRP A 549 -16.11 66.25 -10.72
CA TRP A 549 -16.84 65.42 -11.68
C TRP A 549 -17.69 64.35 -10.99
N VAL A 550 -17.09 63.65 -10.02
CA VAL A 550 -17.86 62.77 -9.17
C VAL A 550 -19.06 63.52 -8.64
N LYS A 551 -18.82 64.67 -8.03
CA LYS A 551 -19.88 65.47 -7.43
C LYS A 551 -21.07 65.64 -8.40
N LYS A 552 -20.80 66.14 -9.60
CA LYS A 552 -21.81 66.25 -10.66
C LYS A 552 -22.59 64.96 -10.90
N GLN A 553 -21.95 63.81 -10.77
CA GLN A 553 -22.56 62.57 -11.19
C GLN A 553 -23.80 62.21 -10.38
N ASP A 554 -24.73 61.57 -11.06
CA ASP A 554 -26.05 61.28 -10.52
C ASP A 554 -26.14 59.84 -10.03
N ASP A 555 -25.86 58.91 -10.94
CA ASP A 555 -25.64 57.52 -10.61
C ASP A 555 -24.68 57.34 -9.46
N VAL A 556 -24.87 56.27 -8.71
CA VAL A 556 -23.87 55.81 -7.76
C VAL A 556 -22.69 55.22 -8.53
N LEU A 557 -21.51 55.74 -8.23
CA LEU A 557 -20.31 55.25 -8.85
C LEU A 557 -19.81 54.08 -8.01
N LEU A 558 -19.06 53.16 -8.58
CA LEU A 558 -18.47 52.13 -7.74
C LEU A 558 -16.99 51.83 -7.87
N THR A 559 -16.41 51.45 -6.73
CA THR A 559 -15.07 50.89 -6.68
C THR A 559 -15.16 49.36 -6.60
N ASP A 560 -14.42 48.65 -7.43
CA ASP A 560 -14.35 47.22 -7.23
C ASP A 560 -13.22 46.79 -6.30
N THR A 561 -13.53 45.84 -5.42
CA THR A 561 -12.54 45.40 -4.44
C THR A 561 -12.12 43.92 -4.60
N THR A 562 -12.59 43.31 -5.69
CA THR A 562 -12.30 41.90 -6.02
C THR A 562 -10.77 41.61 -6.04
N PHE A 563 -9.97 42.54 -6.57
CA PHE A 563 -8.50 42.34 -6.58
C PHE A 563 -7.80 42.65 -5.25
N ARG A 564 -8.54 43.04 -4.22
CA ARG A 564 -7.87 43.34 -2.97
C ARG A 564 -8.67 43.03 -1.72
N ASP A 565 -9.70 43.81 -1.43
CA ASP A 565 -10.40 43.57 -0.18
C ASP A 565 -11.14 42.24 -0.12
N ALA A 566 -11.76 41.82 -1.22
CA ALA A 566 -12.65 40.67 -1.19
C ALA A 566 -11.85 39.42 -0.86
N HIS A 567 -10.73 39.24 -1.53
CA HIS A 567 -9.93 38.09 -1.20
C HIS A 567 -9.05 38.28 0.03
N GLN A 568 -8.75 39.52 0.40
CA GLN A 568 -8.15 39.73 1.71
C GLN A 568 -9.05 39.16 2.82
N SER A 569 -10.35 39.16 2.60
CA SER A 569 -11.32 38.72 3.57
C SER A 569 -11.70 37.26 3.38
N LEU A 570 -11.92 36.82 2.14
CA LEU A 570 -12.42 35.50 1.94
C LEU A 570 -11.37 34.41 1.84
N LEU A 571 -10.15 34.75 1.45
CA LEU A 571 -9.15 33.76 1.10
C LEU A 571 -7.73 34.11 1.57
N ALA A 572 -7.61 34.58 2.80
CA ALA A 572 -6.33 35.01 3.41
C ALA A 572 -5.42 35.84 2.52
N THR A 573 -5.99 36.57 1.56
CA THR A 573 -5.20 37.36 0.59
C THR A 573 -4.31 36.56 -0.35
N ARG A 574 -4.71 35.36 -0.72
CA ARG A 574 -3.82 34.48 -1.46
C ARG A 574 -4.06 34.53 -2.95
N VAL A 575 -5.12 35.19 -3.38
CA VAL A 575 -5.37 35.17 -4.83
C VAL A 575 -4.13 35.66 -5.57
N ARG A 576 -3.65 34.87 -6.51
CA ARG A 576 -2.34 35.13 -7.12
C ARG A 576 -2.48 36.08 -8.32
N THR A 577 -1.38 36.76 -8.69
CA THR A 577 -1.36 37.65 -9.88
C THR A 577 -1.91 36.97 -11.14
N LYS A 578 -1.60 35.71 -11.30
CA LYS A 578 -1.94 35.00 -12.51
C LYS A 578 -3.46 35.02 -12.78
N ASP A 579 -4.27 34.85 -11.73
CA ASP A 579 -5.70 34.73 -11.89
C ASP A 579 -6.31 36.11 -12.09
N MET A 580 -5.59 37.13 -11.61
CA MET A 580 -5.98 38.50 -11.83
C MET A 580 -5.65 38.92 -13.24
N ILE A 581 -4.43 38.67 -13.65
CA ILE A 581 -4.02 39.05 -14.96
C ILE A 581 -4.92 38.43 -16.02
N ASN A 582 -5.35 37.18 -15.81
CA ASN A 582 -6.21 36.52 -16.78
C ASN A 582 -7.58 37.17 -17.06
N ILE A 583 -8.28 37.78 -16.10
CA ILE A 583 -9.47 38.58 -16.42
C ILE A 583 -9.24 40.09 -16.41
N ALA A 584 -7.99 40.53 -16.46
CA ALA A 584 -7.74 41.95 -16.41
C ALA A 584 -8.44 42.61 -17.57
N SER A 585 -8.42 41.96 -18.74
CA SER A 585 -8.92 42.53 -19.96
C SER A 585 -10.44 42.49 -19.98
N LYS A 586 -11.07 41.50 -19.39
CA LYS A 586 -12.51 41.59 -19.24
C LYS A 586 -12.94 42.56 -18.12
N THR A 587 -12.21 42.58 -17.00
CA THR A 587 -12.46 43.57 -15.97
C THR A 587 -12.46 45.00 -16.55
N ALA A 588 -11.50 45.28 -17.43
CA ALA A 588 -11.37 46.63 -18.02
C ALA A 588 -12.62 47.09 -18.75
N ASP A 589 -13.31 46.16 -19.41
CA ASP A 589 -14.60 46.40 -20.05
C ASP A 589 -15.71 46.65 -19.03
N VAL A 590 -15.91 45.69 -18.13
CA VAL A 590 -17.07 45.72 -17.22
C VAL A 590 -17.13 47.02 -16.43
N PHE A 591 -15.95 47.50 -16.03
CA PHE A 591 -15.83 48.64 -15.16
C PHE A 591 -15.37 49.88 -15.86
N LYS A 592 -15.35 49.84 -17.19
CA LYS A 592 -15.10 51.05 -17.96
C LYS A 592 -15.63 52.35 -17.31
N ASP A 593 -16.91 52.39 -16.94
CA ASP A 593 -17.53 53.53 -16.20
C ASP A 593 -17.39 53.45 -14.68
N GLY A 594 -16.51 52.57 -14.18
CA GLY A 594 -16.34 52.46 -12.75
C GLY A 594 -15.38 53.48 -12.22
N PHE A 595 -15.50 53.81 -10.93
CA PHE A 595 -14.67 54.87 -10.40
C PHE A 595 -13.21 54.46 -10.28
N SER A 596 -12.95 53.39 -9.53
CA SER A 596 -11.62 52.81 -9.43
C SER A 596 -11.74 51.35 -9.16
N LEU A 597 -10.65 50.62 -9.37
CA LEU A 597 -10.44 49.31 -8.78
C LEU A 597 -9.41 49.42 -7.69
N GLU A 598 -9.79 49.05 -6.48
CA GLU A 598 -8.83 48.88 -5.41
C GLU A 598 -8.09 47.57 -5.66
N MET A 599 -6.84 47.63 -6.05
CA MET A 599 -6.15 46.38 -6.32
C MET A 599 -4.76 46.29 -5.68
N TRP A 600 -4.54 46.99 -4.56
CA TRP A 600 -3.22 47.01 -3.98
C TRP A 600 -3.28 47.60 -2.59
N GLY A 601 -2.28 47.34 -1.78
CA GLY A 601 -2.37 47.82 -0.41
C GLY A 601 -2.98 46.77 0.49
N GLY A 602 -3.54 47.19 1.62
CA GLY A 602 -3.89 46.25 2.69
C GLY A 602 -2.74 45.29 2.91
N ALA A 603 -3.06 44.02 3.09
CA ALA A 603 -2.06 42.96 3.26
C ALA A 603 -1.38 42.46 1.95
N THR A 604 -1.79 42.93 0.77
CA THR A 604 -1.32 42.31 -0.47
C THR A 604 0.18 42.43 -0.62
N PHE A 605 0.72 43.60 -0.35
CA PHE A 605 2.17 43.83 -0.50
C PHE A 605 2.96 42.76 0.17
N ASP A 606 2.66 42.46 1.43
CA ASP A 606 3.56 41.62 2.20
C ASP A 606 3.30 40.13 1.96
N VAL A 607 2.02 39.77 1.83
CA VAL A 607 1.59 38.40 1.53
C VAL A 607 2.06 37.94 0.14
N ALA A 608 1.98 38.81 -0.85
CA ALA A 608 2.67 38.61 -2.11
C ALA A 608 4.12 38.13 -1.97
N TYR A 609 4.97 38.99 -1.43
CA TYR A 609 6.38 38.66 -1.30
C TYR A 609 6.54 37.42 -0.51
N ASN A 610 5.84 37.34 0.61
CA ASN A 610 6.07 36.30 1.60
C ASN A 610 5.48 34.96 1.21
N PHE A 611 4.16 34.86 1.10
CA PHE A 611 3.53 33.58 0.88
C PHE A 611 3.48 33.17 -0.57
N LEU A 612 3.10 34.07 -1.47
CA LEU A 612 2.97 33.69 -2.89
C LEU A 612 4.29 33.83 -3.65
N LYS A 613 5.33 34.28 -2.95
CA LYS A 613 6.64 34.39 -3.54
C LYS A 613 6.58 35.13 -4.88
N GLU A 614 5.91 36.27 -4.91
CA GLU A 614 5.74 37.05 -6.13
C GLU A 614 5.76 38.54 -5.84
N ASN A 615 6.16 39.33 -6.83
CA ASN A 615 6.40 40.75 -6.67
C ASN A 615 5.16 41.63 -6.78
N PRO A 616 4.69 42.16 -5.66
CA PRO A 616 3.51 43.01 -5.80
C PRO A 616 3.66 44.10 -6.85
N TRP A 617 4.89 44.43 -7.22
CA TRP A 617 5.12 45.54 -8.12
C TRP A 617 4.81 45.11 -9.55
N GLU A 618 5.01 43.82 -9.82
CA GLU A 618 4.69 43.26 -11.12
C GLU A 618 3.19 43.02 -11.30
N ARG A 619 2.52 42.70 -10.21
CA ARG A 619 1.06 42.68 -10.18
C ARG A 619 0.49 44.00 -10.69
N LEU A 620 0.99 45.07 -10.07
CA LEU A 620 0.53 46.41 -10.32
C LEU A 620 0.83 46.85 -11.74
N GLU A 621 2.07 46.65 -12.18
CA GLU A 621 2.45 47.07 -13.52
C GLU A 621 1.70 46.35 -14.64
N ARG A 622 1.43 45.05 -14.46
CA ARG A 622 0.78 44.25 -15.45
C ARG A 622 -0.71 44.52 -15.53
N LEU A 623 -1.38 44.45 -14.41
CA LEU A 623 -2.74 44.97 -14.37
C LEU A 623 -2.80 46.39 -14.98
N ARG A 624 -1.72 47.16 -14.86
CA ARG A 624 -1.70 48.53 -15.32
C ARG A 624 -1.75 48.67 -16.86
N LYS A 625 -0.95 47.90 -17.59
CA LYS A 625 -1.02 47.91 -19.07
C LYS A 625 -2.35 47.33 -19.54
N ALA A 626 -2.97 46.52 -18.69
CA ALA A 626 -4.08 45.71 -19.09
C ALA A 626 -5.38 46.45 -18.84
N ILE A 627 -5.36 47.29 -17.82
CA ILE A 627 -6.52 48.09 -17.48
C ILE A 627 -6.13 49.57 -17.42
N PRO A 628 -6.03 50.24 -18.57
CA PRO A 628 -5.53 51.61 -18.65
C PRO A 628 -6.56 52.73 -18.57
N ASN A 629 -7.80 52.40 -18.22
CA ASN A 629 -8.89 53.36 -18.34
C ASN A 629 -9.53 53.66 -17.01
N VAL A 630 -9.33 52.78 -16.02
CA VAL A 630 -9.89 52.98 -14.68
C VAL A 630 -8.87 53.47 -13.65
N LEU A 631 -9.34 54.17 -12.63
CA LEU A 631 -8.42 54.60 -11.60
C LEU A 631 -8.01 53.38 -10.82
N PHE A 632 -6.71 53.21 -10.65
CA PHE A 632 -6.18 52.21 -9.73
C PHE A 632 -6.14 52.79 -8.33
N GLN A 633 -6.53 51.99 -7.36
CA GLN A 633 -6.71 52.47 -5.99
C GLN A 633 -6.08 51.56 -4.94
N MET A 634 -5.50 52.16 -3.92
CA MET A 634 -4.83 51.35 -2.93
C MET A 634 -5.11 51.86 -1.55
N LEU A 635 -4.95 51.00 -0.55
CA LEU A 635 -5.20 51.40 0.81
C LEU A 635 -3.89 51.64 1.52
N LEU A 636 -3.61 52.90 1.80
CA LEU A 636 -2.36 53.28 2.42
C LEU A 636 -2.59 53.57 3.90
N ARG A 637 -2.09 52.72 4.78
CA ARG A 637 -2.07 53.09 6.19
C ARG A 637 -1.20 54.32 6.41
N ALA A 638 -1.70 55.26 7.23
CA ALA A 638 -1.04 56.56 7.45
C ALA A 638 0.41 56.48 7.92
N SER A 639 0.72 55.58 8.86
CA SER A 639 2.00 55.60 9.55
C SER A 639 3.09 54.78 8.84
N ASN A 640 2.72 53.68 8.22
CA ASN A 640 3.70 52.78 7.64
C ASN A 640 3.36 52.27 6.25
N ALA A 641 2.46 52.99 5.58
CA ALA A 641 1.94 52.66 4.25
C ALA A 641 1.43 51.21 4.20
N VAL A 642 2.35 50.27 4.12
CA VAL A 642 2.02 48.93 3.80
C VAL A 642 2.96 48.06 4.61
N GLY A 643 3.79 48.73 5.41
CA GLY A 643 4.80 48.08 6.25
C GLY A 643 4.24 47.39 7.47
N TYR A 644 5.10 46.91 8.35
CA TYR A 644 4.65 46.13 9.50
C TYR A 644 5.09 46.79 10.77
N LYS A 645 5.88 47.86 10.67
CA LYS A 645 6.35 48.58 11.86
C LYS A 645 6.28 50.10 11.69
N ASN A 646 7.19 50.83 12.32
CA ASN A 646 7.33 52.27 12.06
C ASN A 646 8.48 52.63 11.11
N TYR A 647 8.33 53.71 10.37
CA TYR A 647 9.40 54.12 9.45
C TYR A 647 9.59 55.64 9.42
N PRO A 648 10.79 56.09 9.11
CA PRO A 648 10.93 57.51 8.94
C PRO A 648 10.07 57.99 7.78
N ASP A 649 9.80 59.29 7.74
CA ASP A 649 8.89 59.87 6.76
C ASP A 649 9.29 59.58 5.33
N ASN A 650 10.58 59.69 5.05
CA ASN A 650 11.07 59.63 3.68
C ASN A 650 10.89 58.21 3.11
N VAL A 651 10.51 57.28 3.97
CA VAL A 651 10.11 55.98 3.48
C VAL A 651 8.73 56.08 2.88
N ILE A 652 7.79 56.66 3.59
CA ILE A 652 6.45 56.88 3.08
C ILE A 652 6.50 57.63 1.75
N HIS A 653 7.26 58.73 1.71
CA HIS A 653 7.39 59.49 0.48
C HIS A 653 7.91 58.64 -0.68
N LYS A 654 9.02 57.96 -0.45
CA LYS A 654 9.62 57.12 -1.48
C LYS A 654 8.63 56.06 -1.94
N PHE A 655 7.75 55.63 -1.05
CA PHE A 655 6.78 54.60 -1.39
C PHE A 655 5.60 55.13 -2.20
N VAL A 656 5.11 56.31 -1.82
CA VAL A 656 4.04 56.95 -2.56
C VAL A 656 4.50 57.34 -3.98
N GLN A 657 5.70 57.92 -4.09
CA GLN A 657 6.21 58.30 -5.40
C GLN A 657 6.27 57.09 -6.31
N GLU A 658 7.05 56.09 -5.93
CA GLU A 658 7.16 54.84 -6.69
C GLU A 658 5.79 54.24 -7.02
N SER A 659 4.95 54.13 -6.00
CA SER A 659 3.55 53.72 -6.16
C SER A 659 2.75 54.49 -7.23
N ALA A 660 2.79 55.82 -7.13
CA ALA A 660 2.19 56.68 -8.16
C ALA A 660 2.71 56.34 -9.55
N LYS A 661 4.01 56.45 -9.69
CA LYS A 661 4.68 56.24 -10.96
C LYS A 661 4.17 54.96 -11.59
N ALA A 662 3.96 53.95 -10.76
CA ALA A 662 3.78 52.60 -11.25
C ALA A 662 2.32 52.31 -11.56
N GLY A 663 1.44 53.25 -11.22
CA GLY A 663 0.09 53.27 -11.73
C GLY A 663 -1.02 53.53 -10.74
N ILE A 664 -0.70 53.64 -9.45
CA ILE A 664 -1.71 53.87 -8.40
C ILE A 664 -2.20 55.28 -8.54
N ASP A 665 -3.51 55.48 -8.60
CA ASP A 665 -4.03 56.83 -8.82
C ASP A 665 -4.75 57.37 -7.58
N VAL A 666 -5.38 56.48 -6.83
CA VAL A 666 -6.14 56.89 -5.66
C VAL A 666 -5.56 56.28 -4.37
N PHE A 667 -5.07 57.15 -3.48
CA PHE A 667 -4.67 56.65 -2.17
C PHE A 667 -5.69 56.83 -1.06
N ARG A 668 -6.28 55.73 -0.63
CA ARG A 668 -7.08 55.79 0.56
C ARG A 668 -6.21 55.70 1.83
N ILE A 669 -6.18 56.79 2.57
CA ILE A 669 -5.33 56.95 3.71
C ILE A 669 -6.16 56.84 4.98
N PHE A 670 -5.80 55.92 5.86
CA PHE A 670 -6.48 55.80 7.14
C PHE A 670 -5.49 55.64 8.28
N ASP A 671 -5.91 56.03 9.48
CA ASP A 671 -5.17 55.75 10.71
C ASP A 671 -5.96 54.86 11.61
N SER A 672 -5.27 53.95 12.29
CA SER A 672 -5.96 52.94 13.07
C SER A 672 -6.57 53.50 14.34
N LEU A 673 -6.20 54.72 14.71
CA LEU A 673 -6.92 55.42 15.77
C LEU A 673 -7.65 56.67 15.34
N ASN A 674 -7.78 56.87 14.02
CA ASN A 674 -8.35 58.09 13.42
C ASN A 674 -7.58 59.38 13.82
N TRP A 675 -6.29 59.24 14.11
CA TRP A 675 -5.39 60.35 14.43
C TRP A 675 -4.96 61.13 13.20
N VAL A 676 -5.59 62.27 12.99
CA VAL A 676 -5.29 63.13 11.85
C VAL A 676 -3.83 63.54 11.71
N ASP A 677 -3.14 63.77 12.82
CA ASP A 677 -1.77 64.28 12.71
C ASP A 677 -0.88 63.21 12.06
N GLN A 678 -1.22 61.94 12.25
CA GLN A 678 -0.46 60.88 11.64
C GLN A 678 -0.69 60.70 10.12
N MET A 679 -1.74 61.30 9.56
CA MET A 679 -2.06 61.13 8.12
C MET A 679 -1.39 62.21 7.25
N LYS A 680 -1.00 63.33 7.87
CA LYS A 680 -0.52 64.48 7.12
C LYS A 680 0.68 64.09 6.28
N VAL A 681 1.58 63.27 6.83
CA VAL A 681 2.76 62.84 6.06
C VAL A 681 2.49 62.05 4.77
N ALA A 682 1.59 61.08 4.80
CA ALA A 682 1.20 60.42 3.57
C ALA A 682 0.42 61.35 2.65
N ASN A 683 -0.37 62.25 3.21
CA ASN A 683 -1.13 63.14 2.37
C ASN A 683 -0.24 64.08 1.57
N GLU A 684 0.78 64.62 2.23
CA GLU A 684 1.69 65.54 1.55
C GLU A 684 2.37 64.78 0.42
N ALA A 685 2.71 63.52 0.65
CA ALA A 685 3.39 62.71 -0.37
C ALA A 685 2.49 62.53 -1.61
N VAL A 686 1.20 62.27 -1.37
CA VAL A 686 0.22 62.12 -2.42
C VAL A 686 -0.04 63.42 -3.15
N GLN A 687 -0.23 64.52 -2.43
CA GLN A 687 -0.39 65.83 -3.08
C GLN A 687 0.79 66.08 -4.02
N GLU A 688 2.00 65.77 -3.59
CA GLU A 688 3.21 66.11 -4.37
C GLU A 688 3.29 65.31 -5.66
N ALA A 689 2.54 64.20 -5.71
CA ALA A 689 2.59 63.25 -6.80
C ALA A 689 1.44 63.44 -7.80
N GLY A 690 0.63 64.48 -7.58
CA GLY A 690 -0.43 64.86 -8.51
C GLY A 690 -1.52 63.81 -8.61
N LYS A 691 -1.70 63.05 -7.55
CA LYS A 691 -2.64 61.97 -7.52
C LYS A 691 -3.71 62.27 -6.47
N ILE A 692 -4.76 61.45 -6.43
CA ILE A 692 -5.92 61.68 -5.59
C ILE A 692 -5.75 61.13 -4.19
N SER A 693 -6.05 61.95 -3.19
CA SER A 693 -5.80 61.61 -1.79
C SER A 693 -7.10 61.39 -1.07
N GLU A 694 -7.34 60.19 -0.60
CA GLU A 694 -8.62 59.90 0.03
C GLU A 694 -8.54 59.84 1.57
N GLY A 695 -9.34 60.66 2.21
CA GLY A 695 -9.17 60.87 3.62
C GLY A 695 -10.13 60.01 4.38
N THR A 696 -9.63 59.01 5.07
CA THR A 696 -10.48 58.02 5.71
C THR A 696 -10.83 58.26 7.17
N ILE A 697 -12.12 58.19 7.45
CA ILE A 697 -12.63 58.04 8.78
C ILE A 697 -12.99 56.57 8.98
N CYS A 698 -12.51 55.98 10.06
CA CYS A 698 -12.99 54.65 10.43
C CYS A 698 -14.22 54.74 11.34
N TYR A 699 -15.22 53.91 11.05
CA TYR A 699 -16.42 53.95 11.84
C TYR A 699 -16.30 52.95 12.99
N THR A 700 -16.50 53.41 14.22
CA THR A 700 -16.89 52.51 15.32
C THR A 700 -18.07 53.08 16.06
N GLY A 701 -18.34 52.46 17.20
CA GLY A 701 -19.53 52.80 17.94
C GLY A 701 -20.75 52.57 17.09
N ASP A 702 -21.68 53.53 17.11
CA ASP A 702 -23.10 53.32 16.76
C ASP A 702 -23.89 54.59 17.03
N ILE A 703 -23.88 55.49 16.05
CA ILE A 703 -24.53 56.80 16.25
C ILE A 703 -26.05 56.78 16.43
N LEU A 704 -26.72 55.66 16.18
CA LEU A 704 -28.15 55.60 16.53
C LEU A 704 -28.38 55.51 18.03
N ASN A 705 -27.36 55.08 18.75
CA ASN A 705 -27.54 54.71 20.14
C ASN A 705 -26.67 55.52 21.08
N PRO A 706 -27.26 56.52 21.75
CA PRO A 706 -26.57 57.43 22.68
C PRO A 706 -25.87 56.73 23.87
N GLU A 707 -26.30 55.52 24.20
CA GLU A 707 -25.73 54.74 25.32
C GLU A 707 -24.35 54.22 24.97
N ARG A 708 -24.09 54.12 23.67
CA ARG A 708 -22.92 53.41 23.16
C ARG A 708 -21.66 54.24 23.39
N SER A 709 -21.73 55.55 23.15
CA SER A 709 -20.57 56.39 23.37
C SER A 709 -20.97 57.84 23.45
N ASN A 710 -20.48 58.54 24.48
CA ASN A 710 -20.38 60.00 24.44
C ASN A 710 -19.34 60.57 23.45
N ILE A 711 -18.53 59.70 22.87
CA ILE A 711 -17.42 60.14 22.07
C ILE A 711 -17.71 59.97 20.57
N TYR A 712 -17.99 58.75 20.13
CA TYR A 712 -18.22 58.50 18.70
C TYR A 712 -19.65 58.86 18.26
N THR A 713 -19.90 60.16 18.26
CA THR A 713 -21.19 60.72 17.93
C THR A 713 -21.13 61.26 16.53
N LEU A 714 -22.31 61.54 15.99
CA LEU A 714 -22.44 62.19 14.69
C LEU A 714 -21.54 63.43 14.68
N GLU A 715 -21.42 64.10 15.83
CA GLU A 715 -20.68 65.32 15.92
C GLU A 715 -19.16 65.06 15.86
N TYR A 716 -18.74 63.89 16.27
CA TYR A 716 -17.32 63.54 16.28
C TYR A 716 -16.85 63.32 14.84
N TYR A 717 -17.75 62.79 14.02
CA TYR A 717 -17.45 62.43 12.65
C TYR A 717 -17.53 63.66 11.79
N VAL A 718 -18.56 64.49 12.02
CA VAL A 718 -18.68 65.76 11.31
C VAL A 718 -17.44 66.61 11.54
N LYS A 719 -17.03 66.71 12.80
CA LYS A 719 -15.85 67.46 13.21
C LYS A 719 -14.63 66.93 12.54
N LEU A 720 -14.58 65.62 12.44
CA LEU A 720 -13.41 64.92 11.98
C LEU A 720 -13.34 64.98 10.49
N ALA A 721 -14.49 65.11 9.84
CA ALA A 721 -14.57 65.24 8.39
C ALA A 721 -14.10 66.60 7.93
N LYS A 722 -14.51 67.67 8.63
CA LYS A 722 -14.12 69.04 8.27
C LYS A 722 -12.63 69.23 8.42
N GLU A 723 -12.06 68.54 9.41
CA GLU A 723 -10.64 68.64 9.68
C GLU A 723 -9.89 68.03 8.51
N LEU A 724 -10.48 67.01 7.91
CA LEU A 724 -9.88 66.34 6.75
C LEU A 724 -10.01 67.16 5.45
N GLU A 725 -11.17 67.77 5.27
CA GLU A 725 -11.36 68.80 4.26
C GLU A 725 -10.31 69.93 4.33
N ARG A 726 -9.97 70.40 5.53
CA ARG A 726 -8.88 71.39 5.71
C ARG A 726 -7.47 70.92 5.34
N GLU A 727 -7.13 69.66 5.59
CA GLU A 727 -5.81 69.18 5.20
C GLU A 727 -5.71 68.90 3.69
N GLY A 728 -6.85 68.99 3.00
CA GLY A 728 -6.88 69.00 1.54
C GLY A 728 -6.91 67.63 0.87
N PHE A 729 -7.65 66.69 1.47
CA PHE A 729 -8.09 65.49 0.77
C PHE A 729 -9.13 65.87 -0.28
N HIS A 730 -9.13 65.16 -1.40
CA HIS A 730 -10.12 65.38 -2.46
C HIS A 730 -11.40 64.58 -2.26
N ILE A 731 -11.30 63.33 -1.78
CA ILE A 731 -12.49 62.54 -1.39
C ILE A 731 -12.53 62.28 0.13
N LEU A 732 -13.73 62.15 0.68
CA LEU A 732 -13.94 61.64 2.04
C LEU A 732 -14.35 60.17 2.02
N ALA A 733 -13.58 59.35 2.73
CA ALA A 733 -13.84 57.92 2.84
C ALA A 733 -14.34 57.53 4.26
N ILE A 734 -15.41 56.73 4.32
CA ILE A 734 -15.85 56.09 5.56
C ILE A 734 -15.54 54.60 5.50
N LYS A 735 -14.55 54.16 6.27
CA LYS A 735 -14.21 52.74 6.30
C LYS A 735 -15.03 52.14 7.44
N ASP A 736 -16.02 51.35 7.08
CA ASP A 736 -16.72 50.56 8.07
C ASP A 736 -16.06 49.18 8.12
N MET A 737 -14.87 49.15 8.69
CA MET A 737 -14.05 47.94 8.66
C MET A 737 -14.68 46.71 9.30
N ALA A 738 -15.60 46.88 10.26
CA ALA A 738 -16.31 45.72 10.88
C ALA A 738 -17.73 45.61 10.42
N GLY A 739 -18.15 46.42 9.46
CA GLY A 739 -19.59 46.47 9.16
C GLY A 739 -20.46 46.85 10.33
N LEU A 740 -20.09 47.87 11.09
CA LEU A 740 -20.87 48.27 12.27
C LEU A 740 -21.93 49.29 11.91
N LEU A 741 -21.81 49.85 10.71
CA LEU A 741 -22.72 50.87 10.27
C LEU A 741 -24.06 50.26 9.94
N LYS A 742 -24.98 50.29 10.90
CA LYS A 742 -26.38 49.95 10.67
C LYS A 742 -27.01 50.82 9.57
N PRO A 743 -27.97 50.26 8.80
CA PRO A 743 -28.66 51.03 7.74
C PRO A 743 -29.11 52.48 8.11
N LYS A 744 -29.96 52.65 9.11
CA LYS A 744 -30.42 54.01 9.45
C LYS A 744 -29.27 54.94 9.78
N ALA A 745 -28.31 54.44 10.55
CA ALA A 745 -27.07 55.16 10.79
C ALA A 745 -26.34 55.66 9.53
N ALA A 746 -26.25 54.85 8.49
CA ALA A 746 -25.57 55.29 7.26
C ALA A 746 -26.38 56.40 6.62
N TYR A 747 -27.68 56.28 6.69
CA TYR A 747 -28.51 57.28 6.10
C TYR A 747 -28.26 58.59 6.80
N GLU A 748 -28.21 58.56 8.13
CA GLU A 748 -28.02 59.79 8.88
C GLU A 748 -26.63 60.37 8.81
N LEU A 749 -25.61 59.52 8.74
CA LEU A 749 -24.22 59.96 8.76
C LEU A 749 -23.82 60.59 7.42
N ILE A 750 -24.17 59.91 6.32
CA ILE A 750 -23.95 60.46 4.99
C ILE A 750 -24.73 61.75 4.79
N GLY A 751 -25.90 61.84 5.43
CA GLY A 751 -26.69 63.07 5.38
C GLY A 751 -25.85 64.22 5.89
N GLU A 752 -25.48 64.13 7.17
CA GLU A 752 -24.76 65.20 7.82
C GLU A 752 -23.53 65.59 7.03
N LEU A 753 -22.63 64.64 6.79
CA LEU A 753 -21.41 64.98 6.05
C LEU A 753 -21.62 65.57 4.67
N LYS A 754 -22.72 65.24 3.98
CA LYS A 754 -22.95 65.86 2.68
C LYS A 754 -23.28 67.36 2.77
N SER A 755 -23.77 67.78 3.93
CA SER A 755 -24.03 69.19 4.19
C SER A 755 -22.95 69.82 5.08
N ALA A 756 -22.15 68.99 5.72
CA ALA A 756 -20.96 69.47 6.42
C ALA A 756 -19.81 69.76 5.46
N VAL A 757 -19.45 68.77 4.63
CA VAL A 757 -18.31 69.01 3.72
C VAL A 757 -18.61 68.79 2.21
N ASP A 758 -17.95 69.66 1.29
CA ASP A 758 -18.00 69.73 -0.20
C ASP A 758 -17.18 68.64 -0.87
N LEU A 759 -16.79 67.68 -0.07
CA LEU A 759 -16.06 66.53 -0.55
C LEU A 759 -17.02 65.42 -1.07
N PRO A 760 -16.70 64.82 -2.23
CA PRO A 760 -17.39 63.58 -2.56
C PRO A 760 -17.21 62.51 -1.46
N ILE A 761 -18.25 61.74 -1.20
CA ILE A 761 -18.18 60.75 -0.14
C ILE A 761 -18.15 59.35 -0.68
N HIS A 762 -17.15 58.60 -0.25
CA HIS A 762 -16.87 57.26 -0.76
C HIS A 762 -17.06 56.25 0.38
N LEU A 763 -17.98 55.29 0.23
CA LEU A 763 -18.35 54.40 1.37
C LEU A 763 -17.90 52.93 1.30
N HIS A 764 -17.19 52.48 2.31
CA HIS A 764 -16.64 51.13 2.27
C HIS A 764 -17.19 50.41 3.48
N THR A 765 -17.88 49.31 3.24
CA THR A 765 -18.36 48.52 4.36
C THR A 765 -18.12 47.04 4.07
N HIS A 766 -18.35 46.19 5.07
CA HIS A 766 -18.19 44.76 4.92
C HIS A 766 -19.48 44.15 5.34
N ASP A 767 -19.86 43.00 4.73
CA ASP A 767 -21.21 42.46 4.83
C ASP A 767 -21.37 41.45 5.95
N THR A 768 -20.60 41.60 7.02
CA THR A 768 -20.53 40.54 8.00
C THR A 768 -21.74 40.39 8.90
N SER A 769 -22.52 41.44 9.04
CA SER A 769 -23.74 41.35 9.83
C SER A 769 -24.88 40.81 9.02
N GLY A 770 -24.70 40.78 7.69
CA GLY A 770 -25.76 40.50 6.75
C GLY A 770 -26.48 41.72 6.21
N ASN A 771 -26.07 42.90 6.67
CA ASN A 771 -26.81 44.12 6.36
C ASN A 771 -26.09 45.03 5.36
N GLY A 772 -24.90 44.65 4.98
CA GLY A 772 -24.14 45.44 4.05
C GLY A 772 -24.99 46.12 3.00
N LEU A 773 -25.77 45.33 2.24
CA LEU A 773 -26.52 45.86 1.13
C LEU A 773 -27.50 46.92 1.62
N LEU A 774 -28.35 46.57 2.58
CA LEU A 774 -29.16 47.57 3.25
C LEU A 774 -28.40 48.89 3.58
N THR A 775 -27.21 48.81 4.20
CA THR A 775 -26.40 50.01 4.40
C THR A 775 -26.15 50.83 3.14
N TYR A 776 -25.58 50.23 2.08
CA TYR A 776 -25.46 50.90 0.80
C TYR A 776 -26.75 51.47 0.26
N LYS A 777 -27.86 50.74 0.41
CA LYS A 777 -29.13 51.27 -0.01
C LYS A 777 -29.32 52.61 0.67
N GLN A 778 -29.15 52.62 1.99
CA GLN A 778 -29.45 53.79 2.79
C GLN A 778 -28.53 54.97 2.51
N ALA A 779 -27.24 54.68 2.33
CA ALA A 779 -26.23 55.70 2.05
C ALA A 779 -26.50 56.39 0.70
N ILE A 780 -27.07 55.63 -0.24
CA ILE A 780 -27.34 56.07 -1.59
C ILE A 780 -28.47 57.12 -1.62
N ASP A 781 -29.44 56.95 -0.72
CA ASP A 781 -30.55 57.92 -0.58
C ASP A 781 -30.03 59.17 0.08
N ALA A 782 -28.88 59.04 0.71
CA ALA A 782 -28.37 60.10 1.57
C ALA A 782 -27.45 60.97 0.76
N GLY A 783 -27.07 60.48 -0.43
CA GLY A 783 -26.36 61.28 -1.43
C GLY A 783 -24.98 60.77 -1.79
N VAL A 784 -24.65 59.54 -1.42
CA VAL A 784 -23.28 59.13 -1.45
C VAL A 784 -22.78 58.88 -2.88
N ASP A 785 -21.49 59.13 -3.11
CA ASP A 785 -20.98 59.30 -4.46
C ASP A 785 -20.40 58.01 -5.01
N ILE A 786 -19.68 57.29 -4.17
CA ILE A 786 -19.03 56.05 -4.56
C ILE A 786 -19.22 55.04 -3.45
N ILE A 787 -19.46 53.78 -3.79
CA ILE A 787 -19.47 52.69 -2.82
C ILE A 787 -18.48 51.58 -3.20
N ASP A 788 -17.97 50.87 -2.20
CA ASP A 788 -17.13 49.70 -2.46
C ASP A 788 -17.97 48.44 -2.63
N THR A 789 -17.83 47.72 -3.75
CA THR A 789 -18.44 46.40 -3.88
C THR A 789 -17.46 45.32 -4.33
N ALA A 790 -17.98 44.10 -4.44
CA ALA A 790 -17.27 42.97 -5.06
C ALA A 790 -18.26 42.23 -5.93
N VAL A 791 -17.73 41.45 -6.87
CA VAL A 791 -18.56 40.57 -7.69
C VAL A 791 -19.28 39.54 -6.79
N ALA A 792 -20.44 39.04 -7.22
CA ALA A 792 -21.23 38.12 -6.38
C ALA A 792 -20.39 36.99 -5.81
N SER A 793 -19.60 36.31 -6.64
CA SER A 793 -18.96 35.10 -6.17
C SER A 793 -17.77 35.40 -5.31
N MET A 794 -17.44 36.68 -5.20
CA MET A 794 -16.36 37.11 -4.36
C MET A 794 -16.85 37.97 -3.22
N SER A 795 -18.15 37.91 -2.94
CA SER A 795 -18.75 38.84 -1.99
C SER A 795 -19.42 38.14 -0.83
N GLY A 796 -20.01 38.95 0.05
CA GLY A 796 -20.80 38.38 1.12
C GLY A 796 -19.99 38.18 2.38
N LEU A 797 -20.70 37.92 3.47
CA LEU A 797 -20.07 37.67 4.75
C LEU A 797 -18.99 38.69 4.96
N THR A 798 -17.76 38.26 5.19
CA THR A 798 -16.74 39.23 5.58
C THR A 798 -16.18 40.07 4.43
N SER A 799 -16.65 39.82 3.21
CA SER A 799 -16.24 40.58 2.04
C SER A 799 -17.17 41.77 1.79
N GLN A 800 -17.01 42.45 0.66
CA GLN A 800 -17.94 43.51 0.31
C GLN A 800 -19.36 43.02 -0.07
N PRO A 801 -20.34 43.92 0.02
CA PRO A 801 -21.61 43.54 -0.54
C PRO A 801 -21.52 43.42 -2.04
N SER A 802 -22.39 42.60 -2.59
CA SER A 802 -22.39 42.24 -3.96
C SER A 802 -22.83 43.38 -4.91
N ALA A 803 -21.94 43.79 -5.79
CA ALA A 803 -22.32 44.72 -6.85
C ALA A 803 -23.53 44.23 -7.68
N ASN A 804 -23.53 42.95 -8.07
CA ASN A 804 -24.60 42.42 -8.90
C ASN A 804 -25.94 42.58 -8.19
N SER A 805 -25.91 42.40 -6.88
CA SER A 805 -27.10 42.35 -6.09
C SER A 805 -27.64 43.75 -5.94
N LEU A 806 -26.71 44.66 -5.67
CA LEU A 806 -27.07 46.04 -5.47
C LEU A 806 -27.65 46.59 -6.74
N TYR A 807 -27.12 46.13 -7.86
CA TYR A 807 -27.62 46.59 -9.15
C TYR A 807 -29.13 46.37 -9.26
N TYR A 808 -29.59 45.14 -9.03
CA TYR A 808 -31.02 44.85 -9.18
C TYR A 808 -31.84 45.32 -7.96
N ALA A 809 -31.20 45.40 -6.81
CA ALA A 809 -31.84 45.95 -5.65
C ALA A 809 -32.42 47.36 -5.83
N LEU A 810 -31.80 48.18 -6.67
CA LEU A 810 -32.15 49.59 -6.74
C LEU A 810 -33.14 49.86 -7.87
N ASN A 811 -33.65 48.82 -8.53
CA ASN A 811 -34.68 49.01 -9.57
C ASN A 811 -35.94 49.67 -9.03
N GLY A 812 -36.38 50.78 -9.62
CA GLY A 812 -37.53 51.53 -9.09
C GLY A 812 -37.23 52.65 -8.08
N PHE A 813 -36.05 52.61 -7.45
CA PHE A 813 -35.54 53.74 -6.67
C PHE A 813 -34.82 54.79 -7.55
N PRO A 814 -34.68 56.02 -7.04
CA PRO A 814 -34.29 57.16 -7.87
C PRO A 814 -32.89 57.05 -8.50
N ARG A 815 -31.86 56.75 -7.71
CA ARG A 815 -30.51 56.57 -8.24
C ARG A 815 -30.23 55.15 -8.71
N HIS A 816 -29.22 54.96 -9.54
CA HIS A 816 -28.75 53.62 -9.82
C HIS A 816 -27.24 53.42 -9.92
N LEU A 817 -26.82 52.17 -9.78
CA LEU A 817 -25.43 51.83 -9.86
C LEU A 817 -25.01 51.98 -11.32
N ARG A 818 -23.87 52.62 -11.57
CA ARG A 818 -23.38 52.73 -12.94
C ARG A 818 -22.40 51.61 -13.22
N THR A 819 -22.92 50.53 -13.75
CA THR A 819 -22.08 49.38 -14.06
C THR A 819 -22.76 48.56 -15.14
N ASP A 820 -22.04 47.56 -15.66
CA ASP A 820 -22.62 46.61 -16.62
C ASP A 820 -22.86 45.25 -15.94
N ILE A 821 -24.13 44.87 -15.74
CA ILE A 821 -24.43 43.68 -14.94
C ILE A 821 -24.14 42.43 -15.71
N GLU A 822 -24.44 42.47 -16.98
CA GLU A 822 -24.28 41.28 -17.77
C GLU A 822 -22.78 40.96 -17.76
N GLY A 823 -21.96 42.00 -17.77
CA GLY A 823 -20.53 41.86 -17.63
C GLY A 823 -20.12 41.38 -16.27
N MET A 824 -20.81 41.89 -15.25
CA MET A 824 -20.62 41.43 -13.90
C MET A 824 -20.95 39.95 -13.67
N GLU A 825 -21.98 39.44 -14.34
CA GLU A 825 -22.36 38.04 -14.14
C GLU A 825 -21.24 37.24 -14.71
N SER A 826 -20.63 37.78 -15.75
CA SER A 826 -19.52 37.13 -16.39
C SER A 826 -18.30 37.14 -15.43
N LEU A 827 -17.88 38.32 -14.97
CA LEU A 827 -16.93 38.37 -13.88
C LEU A 827 -17.24 37.42 -12.73
N SER A 828 -18.47 37.42 -12.28
CA SER A 828 -18.85 36.56 -11.21
C SER A 828 -18.50 35.12 -11.53
N HIS A 829 -18.97 34.62 -12.69
CA HIS A 829 -18.74 33.22 -13.07
C HIS A 829 -17.26 32.91 -13.13
N TYR A 830 -16.45 33.83 -13.62
CA TYR A 830 -15.04 33.50 -13.72
C TYR A 830 -14.40 33.29 -12.33
N TRP A 831 -14.76 34.15 -11.39
CA TRP A 831 -14.11 34.13 -10.09
C TRP A 831 -14.63 32.97 -9.29
N SER A 832 -15.86 32.61 -9.55
CA SER A 832 -16.49 31.50 -8.87
C SER A 832 -15.70 30.22 -9.01
N THR A 833 -15.22 29.99 -10.22
CA THR A 833 -14.31 28.91 -10.55
C THR A 833 -12.92 29.10 -9.91
N VAL A 834 -12.40 30.32 -9.97
CA VAL A 834 -11.06 30.56 -9.52
C VAL A 834 -11.04 30.37 -8.01
N ARG A 835 -12.11 30.77 -7.36
CA ARG A 835 -12.19 30.66 -5.93
C ARG A 835 -11.86 29.23 -5.55
N THR A 836 -12.11 28.32 -6.48
CA THR A 836 -12.00 26.91 -6.20
C THR A 836 -10.56 26.46 -5.96
N TYR A 837 -9.63 27.10 -6.65
CA TYR A 837 -8.21 26.82 -6.54
C TYR A 837 -7.71 27.14 -5.13
N TYR A 838 -8.50 27.95 -4.42
CA TYR A 838 -8.05 28.59 -3.17
C TYR A 838 -8.74 28.03 -1.95
N SER A 839 -9.42 26.91 -2.13
CA SER A 839 -10.29 26.38 -1.10
C SER A 839 -9.56 26.07 0.21
N ASP A 840 -8.27 25.78 0.13
CA ASP A 840 -7.52 25.40 1.32
C ASP A 840 -7.41 26.65 2.23
N PHE A 841 -7.76 27.79 1.68
CA PHE A 841 -7.67 29.08 2.42
C PHE A 841 -9.03 29.70 2.70
N GLU A 842 -10.16 28.98 2.61
CA GLU A 842 -11.57 29.58 2.68
C GLU A 842 -12.10 30.06 4.05
N SER A 843 -12.70 31.20 4.26
CA SER A 843 -13.00 31.45 5.68
C SER A 843 -13.75 30.29 6.35
N ASP A 844 -13.59 30.19 7.65
CA ASP A 844 -14.44 29.29 8.44
C ASP A 844 -15.91 29.80 8.60
N ILE A 845 -16.08 31.11 8.54
CA ILE A 845 -17.40 31.74 8.58
C ILE A 845 -18.21 31.30 7.41
N LYS A 846 -19.50 31.11 7.62
CA LYS A 846 -20.34 30.68 6.54
C LYS A 846 -21.73 31.29 6.73
N SER A 847 -21.83 32.11 7.79
CA SER A 847 -23.09 32.71 8.19
C SER A 847 -22.89 34.19 8.46
N PRO A 848 -23.96 34.98 8.38
CA PRO A 848 -23.79 36.32 8.93
C PRO A 848 -23.81 36.30 10.47
N ASN A 849 -23.30 37.32 11.13
CA ASN A 849 -23.09 37.26 12.57
C ASN A 849 -23.26 38.65 13.15
N THR A 850 -24.24 38.76 14.03
CA THR A 850 -24.64 40.05 14.54
C THR A 850 -24.09 40.30 15.93
N GLU A 851 -23.30 39.37 16.45
CA GLU A 851 -22.52 39.65 17.67
C GLU A 851 -21.39 40.65 17.44
N ILE A 852 -20.91 40.73 16.20
CA ILE A 852 -20.25 41.90 15.64
C ILE A 852 -20.63 43.21 16.32
N TYR A 853 -21.91 43.45 16.59
CA TYR A 853 -22.34 44.72 17.24
C TYR A 853 -21.92 44.81 18.71
N GLN A 854 -21.78 43.69 19.39
CA GLN A 854 -21.31 43.74 20.76
C GLN A 854 -19.77 43.75 20.93
N HIS A 855 -19.02 43.06 20.07
CA HIS A 855 -17.59 42.91 20.35
C HIS A 855 -16.75 43.73 19.37
N GLU A 856 -17.29 43.97 18.19
CA GLU A 856 -16.75 44.92 17.24
C GLU A 856 -15.45 44.52 16.56
N MET A 857 -15.10 43.25 16.64
CA MET A 857 -13.89 42.75 15.93
C MET A 857 -14.00 43.06 14.42
N PRO A 858 -12.93 43.60 13.82
CA PRO A 858 -13.01 43.94 12.40
C PRO A 858 -12.80 42.73 11.58
N GLY A 859 -13.05 42.86 10.28
CA GLY A 859 -12.78 41.80 9.28
C GLY A 859 -12.88 40.37 9.79
N GLY A 860 -11.82 39.61 9.50
CA GLY A 860 -11.80 38.18 9.70
C GLY A 860 -11.43 37.86 11.11
N GLN A 861 -10.56 38.71 11.66
CA GLN A 861 -10.24 38.70 13.10
C GLN A 861 -10.98 37.75 14.05
N TYR A 862 -12.31 37.68 14.04
CA TYR A 862 -12.97 36.87 15.09
C TYR A 862 -12.98 35.37 14.82
N SER A 863 -12.20 34.96 13.83
CA SER A 863 -12.01 33.55 13.58
C SER A 863 -10.53 33.23 13.70
N ASN A 864 -9.67 34.15 13.26
CA ASN A 864 -8.29 34.14 13.76
C ASN A 864 -8.25 34.15 15.30
N LEU A 865 -8.85 35.15 15.89
CA LEU A 865 -8.92 35.24 17.32
C LEU A 865 -9.57 34.00 17.93
N SER A 866 -10.03 33.07 17.10
CA SER A 866 -10.72 31.88 17.60
C SER A 866 -9.90 30.61 17.38
N GLN A 867 -9.20 30.60 16.26
CA GLN A 867 -8.04 29.76 16.08
C GLN A 867 -7.20 29.86 17.36
N GLN A 868 -6.67 31.07 17.56
CA GLN A 868 -5.78 31.42 18.66
C GLN A 868 -6.29 30.99 20.02
N ALA A 869 -7.57 31.26 20.30
CA ALA A 869 -8.22 30.85 21.55
C ALA A 869 -8.27 29.33 21.78
N LYS A 870 -8.26 28.59 20.66
CA LYS A 870 -8.19 27.13 20.67
C LYS A 870 -6.74 26.67 20.80
N SER A 871 -5.86 27.15 19.90
CA SER A 871 -4.42 26.86 19.96
C SER A 871 -3.80 27.22 21.31
N LEU A 872 -4.66 27.47 22.29
CA LEU A 872 -4.21 27.69 23.64
C LEU A 872 -4.93 26.74 24.56
N GLY A 873 -6.23 26.94 24.73
CA GLY A 873 -6.99 26.16 25.69
C GLY A 873 -8.27 26.83 26.12
N LEU A 874 -8.79 27.72 25.29
CA LEU A 874 -9.91 28.58 25.68
C LEU A 874 -11.10 28.51 24.71
N GLY A 875 -11.02 27.55 23.78
CA GLY A 875 -12.08 27.23 22.83
C GLY A 875 -13.45 27.06 23.46
N GLU A 876 -13.50 26.49 24.66
CA GLU A 876 -14.77 26.27 25.31
C GLU A 876 -15.29 27.57 25.89
N ARG A 877 -14.39 28.38 26.43
CA ARG A 877 -14.77 29.67 26.98
C ARG A 877 -14.58 30.82 25.97
N PHE A 878 -14.56 30.51 24.68
CA PHE A 878 -14.56 31.55 23.68
C PHE A 878 -15.65 32.59 23.97
N ASP A 879 -16.80 32.17 24.48
CA ASP A 879 -17.77 33.17 24.92
C ASP A 879 -17.13 34.20 25.89
N GLU A 880 -16.14 33.77 26.68
CA GLU A 880 -15.49 34.65 27.65
C GLU A 880 -14.49 35.58 26.97
N VAL A 881 -13.91 35.12 25.86
CA VAL A 881 -12.98 35.93 25.09
C VAL A 881 -13.66 37.08 24.32
N LYS A 882 -14.75 36.76 23.61
CA LYS A 882 -15.65 37.74 23.01
C LYS A 882 -16.05 38.78 24.04
N ASP A 883 -16.40 38.32 25.23
CA ASP A 883 -16.79 39.24 26.27
C ASP A 883 -15.58 40.10 26.69
N MET A 884 -14.38 39.54 26.71
CA MET A 884 -13.24 40.29 27.23
C MET A 884 -12.79 41.28 26.18
N TYR A 885 -12.77 40.84 24.93
CA TYR A 885 -12.52 41.73 23.81
C TYR A 885 -13.35 42.99 23.96
N ARG A 886 -14.65 42.83 24.16
CA ARG A 886 -15.50 43.97 24.43
C ARG A 886 -15.04 44.80 25.62
N ARG A 887 -14.96 44.21 26.81
CA ARG A 887 -14.55 44.92 27.99
C ARG A 887 -13.16 45.55 27.80
N VAL A 888 -12.22 44.81 27.22
CA VAL A 888 -10.89 45.35 26.98
C VAL A 888 -10.88 46.61 26.09
N ASN A 889 -11.91 46.76 25.27
CA ASN A 889 -12.13 48.01 24.52
C ASN A 889 -12.37 49.22 25.42
N PHE A 890 -13.18 49.06 26.45
CA PHE A 890 -13.46 50.17 27.34
C PHE A 890 -12.32 50.38 28.30
N LEU A 891 -11.68 49.29 28.69
CA LEU A 891 -10.50 49.37 29.51
C LEU A 891 -9.47 50.32 28.87
N PHE A 892 -9.35 50.22 27.55
CA PHE A 892 -8.38 50.98 26.76
C PHE A 892 -8.96 52.30 26.33
N GLY A 893 -10.17 52.56 26.80
CA GLY A 893 -10.72 53.90 26.77
C GLY A 893 -11.68 54.06 25.63
N ASP A 894 -12.06 52.95 24.99
CA ASP A 894 -12.95 52.94 23.84
C ASP A 894 -12.30 53.37 22.54
N ILE A 895 -11.72 52.44 21.79
CA ILE A 895 -10.82 52.80 20.69
C ILE A 895 -11.27 52.25 19.34
N VAL A 896 -10.89 52.91 18.26
CA VAL A 896 -11.01 52.33 16.92
C VAL A 896 -10.24 51.03 16.79
N LYS A 897 -10.87 50.05 16.14
CA LYS A 897 -10.28 48.73 15.94
C LYS A 897 -10.10 48.35 14.44
N VAL A 898 -8.90 48.62 13.93
CA VAL A 898 -8.41 48.09 12.65
C VAL A 898 -6.97 47.80 12.88
N THR A 899 -6.31 47.11 11.97
CA THR A 899 -4.92 46.73 12.18
C THR A 899 -4.18 48.02 12.39
N PRO A 900 -3.30 48.08 13.40
CA PRO A 900 -2.99 46.98 14.28
C PRO A 900 -3.67 47.09 15.62
N SER A 901 -4.49 48.13 15.79
CA SER A 901 -5.13 48.31 17.07
C SER A 901 -6.01 47.12 17.45
N SER A 902 -6.64 46.47 16.49
CA SER A 902 -7.52 45.33 16.82
C SER A 902 -6.74 44.12 17.38
N LYS A 903 -5.50 43.95 16.94
CA LYS A 903 -4.66 42.89 17.47
C LYS A 903 -4.39 43.18 18.95
N VAL A 904 -4.08 44.44 19.27
CA VAL A 904 -3.88 44.86 20.64
C VAL A 904 -4.99 44.38 21.59
N VAL A 905 -6.22 44.63 21.18
CA VAL A 905 -7.36 44.28 22.01
C VAL A 905 -7.54 42.75 22.06
N GLY A 906 -7.27 42.08 20.94
CA GLY A 906 -7.33 40.63 20.87
C GLY A 906 -6.26 40.00 21.75
N ASP A 907 -5.03 40.45 21.55
CA ASP A 907 -3.93 40.09 22.41
C ASP A 907 -4.22 40.31 23.91
N MET A 908 -4.86 41.42 24.23
CA MET A 908 -5.16 41.71 25.63
C MET A 908 -6.22 40.77 26.13
N ALA A 909 -7.24 40.51 25.30
CA ALA A 909 -8.35 39.61 25.67
C ALA A 909 -7.89 38.17 25.94
N LEU A 910 -7.15 37.60 25.01
CA LEU A 910 -6.45 36.34 25.27
C LEU A 910 -5.73 36.36 26.62
N TYR A 911 -4.96 37.42 26.87
CA TYR A 911 -4.07 37.47 28.04
C TYR A 911 -4.88 37.41 29.34
N MET A 912 -6.08 37.99 29.33
CA MET A 912 -6.76 38.25 30.57
C MET A 912 -7.63 37.10 30.99
N VAL A 913 -8.20 36.40 30.01
CA VAL A 913 -8.87 35.13 30.31
C VAL A 913 -7.83 34.09 30.75
N GLN A 914 -6.81 33.93 29.92
CA GLN A 914 -5.68 33.06 30.20
C GLN A 914 -5.13 33.19 31.63
N ASN A 915 -4.85 34.42 32.06
CA ASN A 915 -4.36 34.64 33.43
C ASN A 915 -5.44 34.94 34.49
N ASP A 916 -6.72 34.89 34.08
CA ASP A 916 -7.89 35.05 34.99
C ASP A 916 -8.06 36.47 35.53
N LEU A 917 -7.93 37.46 34.66
CA LEU A 917 -7.80 38.85 35.11
C LEU A 917 -9.08 39.70 34.98
N ASP A 918 -9.16 40.81 35.71
CA ASP A 918 -10.23 41.79 35.50
C ASP A 918 -9.71 43.21 35.31
N GLU A 919 -10.60 44.19 35.37
CA GLU A 919 -10.25 45.57 35.05
C GLU A 919 -9.50 46.28 36.18
N GLN A 920 -9.71 45.78 37.41
CA GLN A 920 -9.14 46.36 38.59
C GLN A 920 -7.81 45.68 38.93
N SER A 921 -7.81 44.36 38.79
CA SER A 921 -6.64 43.55 39.13
C SER A 921 -5.55 43.53 38.03
N VAL A 922 -5.93 43.93 36.81
CA VAL A 922 -4.91 44.21 35.82
C VAL A 922 -4.04 45.35 36.34
N ILE A 923 -4.62 46.16 37.22
CA ILE A 923 -3.92 47.27 37.85
C ILE A 923 -3.23 46.86 39.14
N THR A 924 -3.97 46.25 40.06
CA THR A 924 -3.40 45.75 41.31
C THR A 924 -2.23 44.79 41.15
N ASP A 925 -2.25 44.03 40.05
CA ASP A 925 -1.25 43.00 39.79
C ASP A 925 -0.33 43.36 38.63
N GLY A 926 -0.70 44.39 37.87
CA GLY A 926 0.15 44.93 36.82
C GLY A 926 1.65 44.88 36.97
N TYR A 927 2.15 45.19 38.15
CA TYR A 927 3.59 45.40 38.34
C TYR A 927 4.41 44.12 38.16
N LYS A 928 3.72 43.00 37.95
CA LYS A 928 4.38 41.69 37.92
C LYS A 928 3.76 40.83 36.84
N LEU A 929 2.94 41.47 36.02
CA LEU A 929 2.44 40.87 34.82
C LEU A 929 3.29 41.36 33.65
N ASP A 930 3.81 40.41 32.89
CA ASP A 930 4.35 40.70 31.58
C ASP A 930 3.18 40.74 30.59
N PHE A 931 2.68 41.93 30.33
CA PHE A 931 1.71 42.11 29.24
C PHE A 931 2.30 41.81 27.87
N PRO A 932 1.44 41.43 26.91
CA PRO A 932 1.86 41.20 25.51
C PRO A 932 2.62 42.41 24.94
N GLU A 933 3.58 42.18 24.03
CA GLU A 933 4.37 43.29 23.48
C GLU A 933 3.50 44.29 22.71
N SER A 934 2.38 43.83 22.15
CA SER A 934 1.48 44.70 21.42
C SER A 934 0.73 45.66 22.34
N VAL A 935 0.39 45.23 23.53
CA VAL A 935 -0.20 46.21 24.38
C VAL A 935 0.87 47.14 24.95
N VAL A 936 2.03 46.62 25.38
CA VAL A 936 3.03 47.52 25.95
C VAL A 936 3.30 48.57 24.90
N SER A 937 3.30 48.13 23.66
CA SER A 937 3.71 48.97 22.55
C SER A 937 2.62 49.95 22.15
N PHE A 938 1.36 49.59 22.41
CA PHE A 938 0.25 50.51 22.28
C PHE A 938 0.27 51.68 23.30
N PHE A 939 0.47 51.38 24.58
CA PHE A 939 0.55 52.43 25.61
C PHE A 939 1.82 53.28 25.54
N LYS A 940 2.76 52.87 24.69
CA LYS A 940 4.04 53.58 24.54
C LYS A 940 3.87 54.65 23.49
N GLY A 941 2.72 54.64 22.84
CA GLY A 941 2.46 55.54 21.72
C GLY A 941 2.90 55.09 20.34
N GLU A 942 3.26 53.83 20.16
CA GLU A 942 3.91 53.39 18.92
C GLU A 942 2.96 52.99 17.78
N ILE A 943 1.65 53.14 18.01
CA ILE A 943 0.62 52.99 16.98
C ILE A 943 -0.04 54.35 16.82
N GLY A 944 0.26 55.27 17.74
CA GLY A 944 -0.36 56.61 17.74
C GLY A 944 -1.20 56.94 18.98
N GLN A 945 -2.09 57.91 18.83
CA GLN A 945 -2.83 58.43 19.97
C GLN A 945 -4.30 58.13 19.79
N PRO A 946 -4.87 57.41 20.76
CA PRO A 946 -6.25 57.03 20.71
C PRO A 946 -7.08 58.23 21.04
N VAL A 947 -8.19 58.41 20.34
CA VAL A 947 -9.00 59.59 20.47
C VAL A 947 -8.99 60.11 21.89
N ASN A 948 -9.08 59.22 22.87
CA ASN A 948 -9.38 59.61 24.26
C ASN A 948 -8.18 59.57 25.20
N GLY A 949 -6.98 59.55 24.64
CA GLY A 949 -5.78 59.50 25.45
C GLY A 949 -5.69 58.15 26.13
N PHE A 950 -4.75 58.01 27.06
CA PHE A 950 -4.56 56.76 27.76
C PHE A 950 -5.01 56.96 29.19
N ASN A 951 -5.40 55.90 29.87
CA ASN A 951 -5.57 55.98 31.30
C ASN A 951 -4.18 56.15 31.89
N LYS A 952 -3.99 57.16 32.73
CA LYS A 952 -2.63 57.36 33.30
C LYS A 952 -2.17 56.21 34.21
N ASP A 953 -3.12 55.67 34.99
CA ASP A 953 -2.87 54.47 35.81
C ASP A 953 -2.63 53.19 34.98
N LEU A 954 -3.50 52.91 34.01
CA LEU A 954 -3.29 51.78 33.12
C LEU A 954 -1.95 51.89 32.37
N GLN A 955 -1.65 53.08 31.85
CA GLN A 955 -0.42 53.28 31.10
C GLN A 955 0.78 52.94 31.96
N ALA A 956 0.71 53.32 33.23
CA ALA A 956 1.86 53.21 34.13
C ALA A 956 2.24 51.75 34.37
N VAL A 957 1.23 50.95 34.69
CA VAL A 957 1.42 49.54 35.03
C VAL A 957 1.93 48.67 33.85
N ILE A 958 1.69 49.15 32.63
CA ILE A 958 2.05 48.40 31.44
C ILE A 958 3.47 48.73 30.94
N LEU A 959 3.86 49.99 31.08
CA LEU A 959 5.17 50.50 30.68
C LEU A 959 6.30 50.25 31.71
N LYS A 960 5.92 50.13 32.98
CA LYS A 960 6.87 49.75 34.01
C LYS A 960 8.13 50.65 34.03
N GLY A 961 7.92 51.96 33.89
CA GLY A 961 9.05 52.88 33.72
C GLY A 961 9.22 53.50 32.34
N GLN A 962 9.10 52.69 31.29
CA GLN A 962 9.50 53.13 29.96
C GLN A 962 8.80 54.42 29.58
N GLU A 963 9.55 55.39 29.08
CA GLU A 963 8.94 56.60 28.54
C GLU A 963 8.06 56.24 27.37
N ALA A 964 7.03 57.04 27.16
CA ALA A 964 6.21 56.90 25.95
C ALA A 964 6.52 58.11 25.08
N LEU A 965 5.85 58.18 23.94
CA LEU A 965 6.13 59.20 22.95
C LEU A 965 5.15 60.36 23.08
N THR A 966 5.67 61.58 22.98
CA THR A 966 4.82 62.78 22.98
C THR A 966 4.72 63.35 21.56
N ALA A 967 4.64 62.45 20.58
CA ALA A 967 4.52 62.85 19.17
C ALA A 967 4.44 61.60 18.29
N ARG A 968 3.94 61.71 17.08
CA ARG A 968 3.71 60.51 16.26
C ARG A 968 5.04 59.80 16.02
N PRO A 969 5.03 58.46 16.02
CA PRO A 969 6.27 57.68 16.13
C PRO A 969 7.28 57.92 15.02
N GLY A 970 6.79 58.15 13.80
CA GLY A 970 7.57 58.80 12.73
C GLY A 970 8.60 59.83 13.13
N GLU A 971 8.21 60.90 13.85
CA GLU A 971 9.13 62.04 14.12
C GLU A 971 10.41 61.58 14.84
N TYR A 972 10.37 60.39 15.39
CA TYR A 972 11.44 59.88 16.23
C TYR A 972 12.60 59.28 15.46
N LEU A 973 12.36 58.81 14.23
CA LEU A 973 13.32 57.96 13.50
C LEU A 973 14.20 58.69 12.45
N GLU A 974 15.50 58.40 12.42
CA GLU A 974 16.38 59.05 11.45
C GLU A 974 15.91 58.70 10.05
N PRO A 975 16.07 59.61 9.07
CA PRO A 975 15.81 59.21 7.68
C PRO A 975 16.63 57.96 7.39
N VAL A 976 16.11 57.09 6.53
CA VAL A 976 16.88 55.95 6.02
C VAL A 976 17.83 56.45 4.91
N ASP A 977 19.08 55.97 4.89
CA ASP A 977 20.03 56.35 3.83
C ASP A 977 19.86 55.47 2.59
N PHE A 978 19.11 55.96 1.60
CA PHE A 978 18.61 55.11 0.50
C PHE A 978 19.73 54.68 -0.45
N GLU A 979 20.82 55.46 -0.49
CA GLU A 979 21.96 55.10 -1.31
C GLU A 979 22.80 53.95 -0.74
N LYS A 980 22.95 53.92 0.60
CA LYS A 980 23.61 52.82 1.30
C LYS A 980 22.83 51.51 1.15
N VAL A 981 21.51 51.60 1.02
CA VAL A 981 20.67 50.44 0.75
C VAL A 981 20.90 49.91 -0.67
N ARG A 982 20.96 50.80 -1.67
CA ARG A 982 21.23 50.39 -3.04
C ARG A 982 22.56 49.67 -3.02
N GLU A 983 23.54 50.30 -2.39
CA GLU A 983 24.90 49.75 -2.25
C GLU A 983 24.85 48.33 -1.67
N LEU A 984 23.98 48.15 -0.65
CA LEU A 984 23.82 46.85 0.01
C LEU A 984 23.22 45.81 -0.94
N LEU A 985 22.08 46.13 -1.56
CA LEU A 985 21.43 45.20 -2.49
C LEU A 985 22.27 44.87 -3.73
N GLU A 986 22.90 45.88 -4.30
CA GLU A 986 23.69 45.68 -5.52
C GLU A 986 24.80 44.65 -5.31
N GLU A 987 25.42 44.69 -4.14
CA GLU A 987 26.41 43.70 -3.71
C GLU A 987 25.80 42.30 -3.55
N GLU A 988 24.76 42.18 -2.72
CA GLU A 988 24.14 40.89 -2.43
C GLU A 988 23.78 40.15 -3.72
N GLN A 989 23.23 40.86 -4.69
CA GLN A 989 22.71 40.23 -5.88
C GLN A 989 23.63 40.35 -7.10
N GLN A 990 23.02 40.36 -8.30
CA GLN A 990 23.69 40.83 -9.51
C GLN A 990 24.32 42.24 -9.34
N GLY A 991 23.47 43.26 -9.17
CA GLY A 991 23.82 44.66 -9.45
C GLY A 991 22.64 45.62 -9.69
N PRO A 992 22.06 45.62 -10.92
CA PRO A 992 20.91 46.48 -11.29
C PRO A 992 19.67 46.33 -10.39
N VAL A 993 19.55 47.24 -9.43
CA VAL A 993 18.48 47.24 -8.46
C VAL A 993 17.67 48.49 -8.78
N THR A 994 16.36 48.38 -8.69
CA THR A 994 15.48 49.52 -8.96
C THR A 994 14.99 50.14 -7.67
N GLU A 995 14.35 51.30 -7.79
CA GLU A 995 13.81 51.99 -6.61
C GLU A 995 12.70 51.16 -5.95
N GLN A 996 12.05 50.31 -6.74
CA GLN A 996 11.08 49.40 -6.17
C GLN A 996 11.71 48.34 -5.27
N ASP A 997 12.75 47.67 -5.77
CA ASP A 997 13.57 46.80 -4.92
C ASP A 997 13.93 47.50 -3.62
N ILE A 998 14.44 48.71 -3.74
CA ILE A 998 14.99 49.41 -2.59
C ILE A 998 13.95 49.61 -1.50
N ILE A 999 12.78 50.14 -1.84
CA ILE A 999 11.75 50.30 -0.80
C ILE A 999 11.18 48.97 -0.35
N SER A 1000 11.12 48.02 -1.27
CA SER A 1000 10.63 46.72 -0.91
C SER A 1000 11.51 46.15 0.18
N TYR A 1001 12.82 46.37 0.06
CA TYR A 1001 13.74 45.98 1.12
C TYR A 1001 13.57 46.79 2.43
N VAL A 1002 13.53 48.12 2.33
CA VAL A 1002 13.36 48.94 3.53
C VAL A 1002 12.10 48.45 4.27
N LEU A 1003 10.99 48.39 3.55
CA LEU A 1003 9.71 48.05 4.14
C LEU A 1003 9.67 46.64 4.73
N TYR A 1004 10.27 45.68 4.05
CA TYR A 1004 10.15 44.29 4.46
C TYR A 1004 11.46 43.54 4.33
N PRO A 1005 12.45 43.88 5.17
CA PRO A 1005 13.80 43.33 5.07
C PRO A 1005 13.87 41.79 4.91
N LYS A 1006 13.53 41.06 5.96
CA LYS A 1006 13.75 39.62 5.98
C LYS A 1006 12.98 38.97 4.83
N VAL A 1007 11.73 39.39 4.67
CA VAL A 1007 10.83 38.82 3.68
C VAL A 1007 11.28 39.17 2.28
N TYR A 1008 11.83 40.36 2.05
CA TYR A 1008 12.48 40.66 0.76
C TYR A 1008 13.61 39.69 0.46
N GLU A 1009 14.63 39.64 1.34
CA GLU A 1009 15.64 38.57 1.28
C GLU A 1009 14.99 37.31 0.81
N GLN A 1010 14.13 36.74 1.65
CA GLN A 1010 13.58 35.43 1.33
C GLN A 1010 13.08 35.33 -0.11
N TYR A 1011 12.54 36.41 -0.65
CA TYR A 1011 11.92 36.36 -1.97
C TYR A 1011 12.98 36.34 -3.09
N ILE A 1012 14.11 37.01 -2.83
CA ILE A 1012 15.26 36.85 -3.72
C ILE A 1012 15.76 35.41 -3.73
N GLN A 1013 16.08 34.83 -2.58
CA GLN A 1013 16.46 33.40 -2.52
C GLN A 1013 15.52 32.53 -3.37
N THR A 1014 14.22 32.74 -3.21
CA THR A 1014 13.25 31.97 -3.96
C THR A 1014 13.34 32.24 -5.45
N ARG A 1015 13.33 33.52 -5.84
CA ARG A 1015 13.54 33.90 -7.26
C ARG A 1015 14.79 33.26 -7.87
N ASN A 1016 15.89 33.21 -7.12
CA ASN A 1016 17.13 32.60 -7.60
C ASN A 1016 17.06 31.12 -7.86
N GLN A 1017 16.27 30.42 -7.06
CA GLN A 1017 16.23 28.98 -7.06
C GLN A 1017 15.24 28.39 -8.08
N TYR A 1018 14.13 29.10 -8.29
CA TYR A 1018 12.94 28.60 -8.99
C TYR A 1018 12.44 29.56 -10.06
N GLY A 1019 13.06 30.73 -10.16
CA GLY A 1019 12.67 31.68 -11.20
C GLY A 1019 11.37 32.32 -10.82
N ASN A 1020 10.58 32.69 -11.84
CA ASN A 1020 9.42 33.52 -11.59
C ASN A 1020 8.19 32.69 -11.41
N LEU A 1021 7.95 32.33 -10.18
CA LEU A 1021 6.80 31.55 -9.79
C LEU A 1021 5.44 32.13 -10.26
N SER A 1022 5.32 33.44 -10.36
CA SER A 1022 4.02 34.04 -10.59
C SER A 1022 3.47 33.73 -11.98
N LEU A 1023 4.33 33.17 -12.82
CA LEU A 1023 3.88 32.74 -14.13
C LEU A 1023 3.25 31.34 -14.17
N LEU A 1024 3.42 30.52 -13.12
CA LEU A 1024 2.74 29.22 -13.08
C LEU A 1024 1.25 29.49 -12.93
N ASP A 1025 0.43 28.66 -13.54
CA ASP A 1025 -0.99 28.77 -13.30
C ASP A 1025 -1.18 28.21 -11.90
N THR A 1026 -2.34 28.48 -11.31
CA THR A 1026 -2.46 28.39 -9.87
C THR A 1026 -2.46 26.96 -9.29
N PRO A 1027 -3.27 26.06 -9.86
CA PRO A 1027 -3.18 24.66 -9.59
C PRO A 1027 -1.72 24.15 -9.60
N THR A 1028 -0.98 24.45 -10.66
CA THR A 1028 0.43 24.01 -10.75
C THR A 1028 1.24 24.58 -9.59
N PHE A 1029 0.98 25.83 -9.24
CA PHE A 1029 1.72 26.48 -8.17
C PHE A 1029 1.56 25.75 -6.83
N PHE A 1030 0.39 25.16 -6.63
CA PHE A 1030 0.07 24.52 -5.34
C PHE A 1030 0.19 22.98 -5.34
N PHE A 1031 0.06 22.35 -6.51
CA PHE A 1031 0.01 20.87 -6.58
C PHE A 1031 1.03 20.16 -7.49
N GLY A 1032 1.86 20.93 -8.17
CA GLY A 1032 2.69 20.40 -9.22
C GLY A 1032 1.90 19.70 -10.31
N MET A 1033 2.30 18.49 -10.64
CA MET A 1033 1.80 17.85 -11.83
C MET A 1033 1.50 16.40 -11.53
N ARG A 1034 0.65 15.79 -12.35
CA ARG A 1034 0.37 14.37 -12.18
C ARG A 1034 0.83 13.61 -13.43
N ASN A 1035 1.18 12.33 -13.29
CA ASN A 1035 1.65 11.60 -14.45
C ASN A 1035 0.70 11.78 -15.64
N GLY A 1036 1.27 12.05 -16.81
CA GLY A 1036 0.49 12.09 -18.05
C GLY A 1036 0.20 13.51 -18.47
N GLU A 1037 0.37 14.44 -17.53
CA GLU A 1037 -0.09 15.82 -17.69
C GLU A 1037 0.80 16.69 -18.56
N THR A 1038 0.18 17.67 -19.20
CA THR A 1038 0.91 18.65 -19.98
C THR A 1038 0.42 20.02 -19.58
N VAL A 1039 1.32 20.81 -19.03
CA VAL A 1039 0.98 22.16 -18.62
C VAL A 1039 1.76 23.13 -19.51
N GLU A 1040 1.15 24.25 -19.90
CA GLU A 1040 1.83 25.27 -20.67
C GLU A 1040 2.08 26.55 -19.89
N ILE A 1041 3.27 26.73 -19.34
CA ILE A 1041 3.64 28.02 -18.73
C ILE A 1041 3.98 29.09 -19.78
N GLU A 1042 3.26 30.20 -19.79
CA GLU A 1042 3.57 31.33 -20.66
C GLU A 1042 4.59 32.28 -20.04
N ILE A 1043 5.74 32.45 -20.67
CA ILE A 1043 6.80 33.29 -20.07
C ILE A 1043 6.70 34.77 -20.46
N ASP A 1044 6.30 35.01 -21.71
CA ASP A 1044 6.44 36.31 -22.37
C ASP A 1044 5.85 36.18 -23.73
N LYS A 1045 5.51 37.30 -24.35
CA LYS A 1045 4.77 37.27 -25.61
C LYS A 1045 5.42 36.26 -26.56
N GLY A 1046 4.68 35.20 -26.87
CA GLY A 1046 5.13 34.13 -27.77
C GLY A 1046 6.25 33.23 -27.29
N LYS A 1047 6.48 33.21 -25.98
CA LYS A 1047 7.59 32.45 -25.37
C LYS A 1047 7.07 31.57 -24.26
N ARG A 1048 6.86 30.30 -24.54
CA ARG A 1048 6.26 29.45 -23.53
C ARG A 1048 6.93 28.11 -23.31
N LEU A 1049 6.89 27.63 -22.08
CA LEU A 1049 7.45 26.31 -21.73
C LEU A 1049 6.37 25.26 -21.68
N ILE A 1050 6.27 24.41 -22.72
CA ILE A 1050 5.37 23.23 -22.68
C ILE A 1050 6.07 22.04 -22.00
N ILE A 1051 5.48 21.57 -20.91
CA ILE A 1051 6.09 20.54 -20.07
C ILE A 1051 5.11 19.40 -19.83
N LYS A 1052 5.54 18.16 -20.10
CA LYS A 1052 4.77 16.92 -19.76
C LYS A 1052 5.50 16.11 -18.67
N LEU A 1053 4.75 15.64 -17.68
CA LEU A 1053 5.31 14.75 -16.66
C LEU A 1053 5.02 13.32 -17.05
N GLU A 1054 6.09 12.55 -17.31
CA GLU A 1054 5.99 11.18 -17.76
C GLU A 1054 5.86 10.22 -16.60
N THR A 1055 6.91 10.08 -15.80
CA THR A 1055 6.75 9.46 -14.48
C THR A 1055 7.77 9.92 -13.47
N ILE A 1056 7.48 9.62 -12.21
CA ILE A 1056 8.44 9.71 -11.14
C ILE A 1056 8.90 8.35 -10.62
N SER A 1057 10.22 8.22 -10.47
CA SER A 1057 10.85 6.98 -10.06
C SER A 1057 10.71 6.61 -8.57
N GLU A 1058 11.22 5.42 -8.25
CA GLU A 1058 11.39 4.97 -6.88
C GLU A 1058 12.56 5.69 -6.21
N PRO A 1059 12.41 6.05 -4.91
CA PRO A 1059 13.48 6.63 -4.08
C PRO A 1059 14.72 5.74 -4.00
N ASP A 1060 15.90 6.36 -3.83
CA ASP A 1060 17.14 5.59 -3.76
C ASP A 1060 17.79 5.68 -2.38
N GLU A 1061 19.11 5.45 -2.32
CA GLU A 1061 19.82 5.46 -1.06
C GLU A 1061 19.73 6.78 -0.28
N ASN A 1062 19.72 7.90 -1.00
CA ASN A 1062 19.82 9.24 -0.38
C ASN A 1062 18.49 9.92 -0.38
N GLY A 1063 17.45 9.17 -0.70
CA GLY A 1063 16.10 9.72 -0.72
C GLY A 1063 15.83 10.61 -1.91
N ASN A 1064 16.18 10.13 -3.10
CA ASN A 1064 16.09 10.91 -4.33
C ASN A 1064 15.24 10.20 -5.37
N ARG A 1065 14.14 10.84 -5.75
CA ARG A 1065 13.34 10.40 -6.86
C ARG A 1065 13.83 11.10 -8.12
N THR A 1066 13.73 10.43 -9.26
CA THR A 1066 14.13 11.01 -10.54
C THR A 1066 12.90 11.36 -11.35
N ILE A 1067 12.63 12.64 -11.58
CA ILE A 1067 11.51 13.00 -12.48
C ILE A 1067 11.80 12.99 -13.99
N TYR A 1068 10.91 12.35 -14.74
CA TYR A 1068 11.04 12.23 -16.20
C TYR A 1068 10.13 13.23 -16.89
N TYR A 1069 10.73 14.32 -17.36
CA TYR A 1069 10.00 15.33 -18.13
C TYR A 1069 10.28 15.23 -19.62
N ALA A 1070 9.28 15.62 -20.41
CA ALA A 1070 9.53 16.24 -21.69
C ALA A 1070 9.31 17.74 -21.55
N MET A 1071 10.27 18.53 -21.98
CA MET A 1071 10.12 19.97 -22.00
C MET A 1071 10.47 20.50 -23.38
N ASN A 1072 9.47 21.12 -24.03
CA ASN A 1072 9.61 21.58 -25.41
C ASN A 1072 10.42 20.58 -26.20
N GLY A 1073 9.87 19.37 -26.31
CA GLY A 1073 10.46 18.32 -27.13
C GLY A 1073 11.90 17.96 -26.80
N GLN A 1074 12.20 17.86 -25.52
CA GLN A 1074 13.51 17.45 -25.03
C GLN A 1074 13.31 16.59 -23.80
N ALA A 1075 13.87 15.38 -23.81
CA ALA A 1075 13.79 14.48 -22.67
C ALA A 1075 14.52 15.13 -21.50
N ARG A 1076 13.92 15.15 -20.33
CA ARG A 1076 14.56 15.84 -19.23
C ARG A 1076 14.46 15.07 -17.94
N ARG A 1077 15.58 14.97 -17.24
CA ARG A 1077 15.62 14.23 -15.99
C ARG A 1077 15.96 15.15 -14.83
N ILE A 1078 15.11 15.14 -13.81
CA ILE A 1078 15.34 15.95 -12.64
C ILE A 1078 15.36 15.13 -11.37
N TYR A 1079 16.40 15.36 -10.57
CA TYR A 1079 16.59 14.74 -9.27
C TYR A 1079 15.85 15.54 -8.22
N ILE A 1080 14.92 14.93 -7.50
CA ILE A 1080 14.24 15.64 -6.40
C ILE A 1080 14.43 14.95 -5.06
N LYS A 1081 14.78 15.74 -4.05
CA LYS A 1081 14.89 15.19 -2.70
C LYS A 1081 13.53 14.94 -2.05
N ASP A 1082 13.18 13.66 -1.92
CA ASP A 1082 11.99 13.27 -1.18
C ASP A 1082 12.13 13.63 0.32
N GLU A 1083 11.17 14.36 0.86
CA GLU A 1083 11.18 14.66 2.30
C GLU A 1083 10.57 13.48 3.09
N ASN A 1084 10.58 12.31 2.44
CA ASN A 1084 9.94 11.10 2.96
C ASN A 1084 8.54 11.35 3.51
N GLN B 26 -46.04 3.27 51.35
CA GLN B 26 -46.79 3.88 50.22
C GLN B 26 -45.86 4.55 49.21
N ILE B 27 -44.87 3.80 48.70
CA ILE B 27 -43.69 4.38 48.03
C ILE B 27 -43.59 3.95 46.56
N LYS B 28 -43.82 4.90 45.65
CA LYS B 28 -43.93 4.58 44.24
C LYS B 28 -42.58 4.50 43.57
N LYS B 29 -41.63 5.29 44.07
CA LYS B 29 -40.24 5.18 43.60
C LYS B 29 -39.15 5.65 44.58
N LEU B 30 -37.93 5.15 44.35
CA LEU B 30 -36.89 5.15 45.38
C LEU B 30 -35.53 5.53 44.81
N LEU B 31 -34.88 6.51 45.43
CA LEU B 31 -33.53 6.91 45.03
C LEU B 31 -32.53 6.46 46.07
N VAL B 32 -31.42 5.90 45.60
CA VAL B 32 -30.35 5.52 46.49
C VAL B 32 -29.23 6.55 46.47
N ALA B 33 -29.04 7.25 47.57
CA ALA B 33 -27.90 8.14 47.71
C ALA B 33 -26.64 7.33 47.97
N ASN B 34 -26.27 6.49 47.01
CA ASN B 34 -25.10 5.65 47.16
C ASN B 34 -24.65 4.96 45.86
N ARG B 35 -23.72 4.02 46.03
CA ARG B 35 -23.14 3.31 44.93
C ARG B 35 -22.75 1.88 45.28
N GLY B 36 -22.31 1.14 44.27
CA GLY B 36 -21.71 -0.16 44.48
C GLY B 36 -22.68 -1.17 45.05
N GLU B 37 -22.17 -1.98 45.98
CA GLU B 37 -22.86 -3.18 46.39
C GLU B 37 -24.16 -2.82 47.08
N ILE B 38 -24.13 -1.88 48.01
CA ILE B 38 -25.31 -1.58 48.78
C ILE B 38 -26.38 -0.99 47.89
N ALA B 39 -25.97 -0.27 46.85
CA ALA B 39 -26.89 0.27 45.89
C ALA B 39 -27.61 -0.87 45.17
N ILE B 40 -26.84 -1.69 44.48
CA ILE B 40 -27.38 -2.89 43.86
C ILE B 40 -28.29 -3.71 44.83
N ARG B 41 -27.76 -4.01 46.00
CA ARG B 41 -28.51 -4.70 47.04
C ARG B 41 -29.93 -4.13 47.24
N ILE B 42 -30.03 -2.79 47.32
CA ILE B 42 -31.26 -2.14 47.66
C ILE B 42 -32.16 -2.06 46.44
N PHE B 43 -31.59 -1.69 45.32
CA PHE B 43 -32.28 -1.78 44.05
C PHE B 43 -33.09 -3.06 43.98
N ARG B 44 -32.46 -4.17 44.33
CA ARG B 44 -33.10 -5.50 44.32
C ARG B 44 -34.23 -5.64 45.31
N ALA B 45 -34.00 -5.28 46.58
CA ALA B 45 -35.09 -5.17 47.55
C ALA B 45 -36.27 -4.37 47.00
N ALA B 46 -35.97 -3.19 46.47
CA ALA B 46 -36.96 -2.31 45.87
C ALA B 46 -37.75 -2.96 44.70
N ALA B 47 -37.02 -3.57 43.77
CA ALA B 47 -37.65 -4.32 42.68
C ALA B 47 -38.61 -5.37 43.22
N GLU B 48 -38.26 -5.94 44.37
CA GLU B 48 -39.07 -7.00 44.94
C GLU B 48 -40.40 -6.48 45.47
N LEU B 49 -40.42 -5.23 45.94
CA LEU B 49 -41.61 -4.64 46.48
C LEU B 49 -42.40 -3.89 45.40
N ASP B 50 -41.95 -4.01 44.15
CA ASP B 50 -42.66 -3.46 43.00
C ASP B 50 -42.44 -1.95 42.86
N ILE B 51 -41.24 -1.52 43.18
CA ILE B 51 -40.93 -0.10 43.34
C ILE B 51 -39.98 0.33 42.24
N SER B 52 -40.30 1.44 41.57
CA SER B 52 -39.42 2.02 40.57
C SER B 52 -38.22 2.70 41.26
N THR B 53 -37.02 2.57 40.70
CA THR B 53 -35.79 2.92 41.41
C THR B 53 -34.94 3.93 40.63
N VAL B 54 -34.27 4.82 41.35
CA VAL B 54 -33.33 5.76 40.72
C VAL B 54 -31.91 5.53 41.23
N ALA B 55 -30.93 5.62 40.35
CA ALA B 55 -29.53 5.61 40.77
C ALA B 55 -28.89 6.95 40.52
N ILE B 56 -27.99 7.37 41.39
CA ILE B 56 -27.12 8.50 41.08
C ILE B 56 -25.69 8.07 40.79
N TYR B 57 -25.01 8.79 39.91
CA TYR B 57 -23.59 8.53 39.68
C TYR B 57 -22.71 9.77 39.59
N SER B 58 -21.40 9.58 39.77
CA SER B 58 -20.39 10.64 39.58
C SER B 58 -19.81 10.44 38.22
N ASN B 59 -19.07 11.43 37.72
CA ASN B 59 -18.39 11.29 36.44
C ASN B 59 -17.49 10.07 36.37
N GLU B 60 -16.97 9.65 37.50
CA GLU B 60 -16.09 8.49 37.55
C GLU B 60 -16.88 7.18 37.56
N ASP B 61 -18.20 7.28 37.69
CA ASP B 61 -19.05 6.09 37.78
C ASP B 61 -19.98 5.93 36.58
N LYS B 62 -19.67 6.63 35.51
CA LYS B 62 -20.48 6.55 34.29
C LYS B 62 -20.72 5.11 33.87
N SER B 63 -19.76 4.24 34.20
CA SER B 63 -19.83 2.82 33.82
C SER B 63 -19.63 1.86 34.97
N SER B 64 -19.90 2.31 36.18
CA SER B 64 -19.99 1.46 37.35
C SER B 64 -21.23 0.57 37.27
N LEU B 65 -21.10 -0.73 37.54
CA LEU B 65 -22.28 -1.63 37.58
C LEU B 65 -23.58 -0.98 38.09
N HIS B 66 -23.52 -0.25 39.22
CA HIS B 66 -24.75 0.16 39.89
C HIS B 66 -25.57 1.17 39.07
N ARG B 67 -24.93 1.88 38.16
CA ARG B 67 -25.69 2.72 37.25
C ARG B 67 -26.67 1.91 36.38
N TYR B 68 -26.29 0.69 36.05
CA TYR B 68 -27.07 -0.12 35.13
C TYR B 68 -28.25 -0.82 35.80
N LYS B 69 -28.14 -1.12 37.08
CA LYS B 69 -29.10 -1.99 37.76
C LYS B 69 -30.32 -1.33 38.41
N ALA B 70 -30.60 -0.08 38.04
CA ALA B 70 -31.89 0.54 38.39
C ALA B 70 -32.67 0.85 37.11
N ASP B 71 -33.89 1.35 37.28
CA ASP B 71 -34.69 1.76 36.14
C ASP B 71 -34.32 3.14 35.67
N GLU B 72 -33.89 4.00 36.61
CA GLU B 72 -33.55 5.38 36.35
C GLU B 72 -32.17 5.79 36.82
N SER B 73 -31.41 6.46 35.95
CA SER B 73 -30.05 6.90 36.24
C SER B 73 -29.75 8.37 35.93
N TYR B 74 -29.27 9.11 36.92
CA TYR B 74 -28.94 10.51 36.73
C TYR B 74 -27.53 10.89 37.22
N LEU B 75 -26.89 11.76 36.44
CA LEU B 75 -25.65 12.42 36.82
C LEU B 75 -25.86 13.38 37.98
N VAL B 76 -25.01 13.29 39.00
CA VAL B 76 -25.12 14.22 40.11
C VAL B 76 -24.65 15.60 39.67
N GLY B 77 -23.89 15.65 38.59
CA GLY B 77 -23.64 16.92 37.90
C GLY B 77 -22.23 17.08 37.37
N SER B 78 -22.11 17.42 36.09
CA SER B 78 -20.81 17.44 35.43
C SER B 78 -19.70 18.05 36.30
N ASP B 79 -20.05 19.14 37.01
CA ASP B 79 -19.09 20.03 37.70
C ASP B 79 -18.70 19.50 39.10
N LEU B 80 -19.25 18.36 39.48
CA LEU B 80 -18.97 17.81 40.79
C LEU B 80 -17.93 16.68 40.79
N GLY B 81 -16.88 16.86 41.57
CA GLY B 81 -15.76 15.92 41.63
C GLY B 81 -16.13 14.52 42.12
N PRO B 82 -15.12 13.64 42.22
CA PRO B 82 -15.35 12.22 42.47
C PRO B 82 -15.86 11.96 43.88
N ALA B 83 -15.36 12.74 44.85
CA ALA B 83 -15.72 12.57 46.28
C ALA B 83 -17.06 13.24 46.55
N GLU B 84 -17.13 14.51 46.15
CA GLU B 84 -18.31 15.41 46.26
C GLU B 84 -19.64 14.82 45.78
N SER B 85 -19.60 14.03 44.70
CA SER B 85 -20.81 13.63 44.00
C SER B 85 -21.84 13.04 44.93
N TYR B 86 -21.39 12.18 45.84
CA TYR B 86 -22.27 11.45 46.74
C TYR B 86 -22.43 12.11 48.12
N LEU B 87 -21.95 13.35 48.23
CA LEU B 87 -21.87 14.06 49.51
C LEU B 87 -22.50 15.44 49.43
N ASN B 88 -23.02 15.81 48.27
CA ASN B 88 -23.67 17.09 48.15
C ASN B 88 -25.13 16.93 48.51
N ILE B 89 -25.47 17.26 49.75
CA ILE B 89 -26.85 17.19 50.21
C ILE B 89 -27.75 17.87 49.19
N GLU B 90 -27.48 19.13 48.91
CA GLU B 90 -28.37 19.92 48.08
C GLU B 90 -28.57 19.28 46.69
N ARG B 91 -27.46 18.94 46.04
CA ARG B 91 -27.51 18.51 44.65
C ARG B 91 -28.22 17.17 44.48
N ILE B 92 -27.97 16.23 45.39
CA ILE B 92 -28.66 14.93 45.30
C ILE B 92 -30.17 15.14 45.28
N ILE B 93 -30.64 16.10 46.08
CA ILE B 93 -32.07 16.23 46.34
C ILE B 93 -32.87 16.76 45.14
N ASP B 94 -32.19 17.41 44.19
CA ASP B 94 -32.88 17.84 42.96
C ASP B 94 -33.15 16.66 42.07
N VAL B 95 -32.10 15.91 41.76
CA VAL B 95 -32.23 14.64 41.09
C VAL B 95 -33.50 14.01 41.62
N ALA B 96 -33.62 13.91 42.94
CA ALA B 96 -34.82 13.38 43.57
C ALA B 96 -36.08 14.06 43.03
N LYS B 97 -36.23 15.34 43.35
CA LYS B 97 -37.47 16.06 43.09
C LYS B 97 -37.78 16.03 41.60
N GLN B 98 -36.71 15.96 40.81
CA GLN B 98 -36.80 15.92 39.35
C GLN B 98 -37.46 14.63 38.85
N ALA B 99 -37.22 13.56 39.59
CA ALA B 99 -37.64 12.24 39.16
C ALA B 99 -38.91 11.87 39.90
N ASN B 100 -39.68 12.88 40.31
CA ASN B 100 -40.89 12.62 41.08
C ASN B 100 -40.69 11.53 42.17
N VAL B 101 -39.50 11.52 42.79
CA VAL B 101 -39.18 10.51 43.80
C VAL B 101 -39.77 10.94 45.12
N ASP B 102 -40.09 9.94 45.95
CA ASP B 102 -40.70 10.18 47.27
C ASP B 102 -40.08 9.39 48.42
N ALA B 103 -39.00 8.65 48.14
CA ALA B 103 -38.15 8.05 49.18
C ALA B 103 -36.67 7.91 48.76
N ILE B 104 -35.78 8.20 49.71
CA ILE B 104 -34.34 7.94 49.54
C ILE B 104 -33.77 6.96 50.59
N HIS B 105 -33.10 5.92 50.11
CA HIS B 105 -32.29 5.07 50.95
C HIS B 105 -30.82 5.45 50.78
N PRO B 106 -30.15 5.80 51.88
CA PRO B 106 -28.79 6.30 51.85
C PRO B 106 -27.76 5.16 51.89
N GLY B 107 -28.22 3.94 52.17
CA GLY B 107 -27.31 2.80 52.29
C GLY B 107 -26.39 2.91 53.48
N TYR B 108 -25.08 2.86 53.23
CA TYR B 108 -24.07 3.25 54.22
C TYR B 108 -22.92 4.05 53.61
N GLY B 109 -22.39 5.00 54.38
CA GLY B 109 -21.01 5.46 54.20
C GLY B 109 -20.79 6.71 53.36
N PHE B 110 -21.83 7.51 53.17
CA PHE B 110 -21.65 8.88 52.72
C PHE B 110 -22.54 9.76 53.56
N LEU B 111 -23.82 9.77 53.22
CA LEU B 111 -24.79 10.57 53.94
C LEU B 111 -25.79 9.72 54.72
N SER B 112 -25.40 8.51 55.09
CA SER B 112 -26.29 7.62 55.83
C SER B 112 -26.38 7.97 57.32
N GLU B 113 -25.33 8.56 57.85
CA GLU B 113 -25.24 8.95 59.26
C GLU B 113 -25.51 10.44 59.43
N ASN B 114 -25.62 11.15 58.31
CA ASN B 114 -25.56 12.60 58.35
C ASN B 114 -26.88 13.23 58.80
N GLU B 115 -26.81 14.06 59.85
CA GLU B 115 -27.97 14.76 60.39
C GLU B 115 -28.65 15.74 59.39
N GLN B 116 -27.86 16.55 58.68
CA GLN B 116 -28.45 17.57 57.79
C GLN B 116 -29.16 16.91 56.59
N PHE B 117 -28.53 15.90 55.98
CA PHE B 117 -29.12 15.28 54.81
C PHE B 117 -30.50 14.76 55.14
N ALA B 118 -30.62 14.07 56.27
CA ALA B 118 -31.90 13.57 56.75
C ALA B 118 -32.94 14.68 56.90
N ARG B 119 -32.61 15.69 57.70
CA ARG B 119 -33.50 16.84 57.86
C ARG B 119 -34.02 17.34 56.50
N ARG B 120 -33.11 17.63 55.59
CA ARG B 120 -33.44 18.06 54.23
C ARG B 120 -34.49 17.21 53.51
N CYS B 121 -34.27 15.90 53.50
CA CYS B 121 -35.22 14.96 52.91
C CYS B 121 -36.66 15.15 53.34
N ALA B 122 -36.94 15.09 54.64
CA ALA B 122 -38.32 15.23 55.08
C ALA B 122 -38.88 16.57 54.55
N GLU B 123 -38.07 17.62 54.63
CA GLU B 123 -38.48 18.95 54.21
C GLU B 123 -38.97 18.96 52.77
N GLU B 124 -38.23 18.29 51.90
CA GLU B 124 -38.63 18.24 50.51
C GLU B 124 -39.75 17.25 50.25
N GLY B 125 -40.24 16.60 51.30
CA GLY B 125 -41.35 15.65 51.16
C GLY B 125 -40.90 14.22 50.97
N ILE B 126 -39.58 14.05 50.94
CA ILE B 126 -38.92 12.80 50.61
C ILE B 126 -38.62 12.01 51.88
N LYS B 127 -38.90 10.71 51.84
CA LYS B 127 -38.81 9.87 53.03
C LYS B 127 -37.43 9.26 53.22
N PHE B 128 -36.81 9.55 54.37
CA PHE B 128 -35.47 9.08 54.67
C PHE B 128 -35.54 7.68 55.25
N ILE B 129 -34.93 6.69 54.56
CA ILE B 129 -34.93 5.32 55.07
C ILE B 129 -33.79 5.15 56.08
N GLY B 130 -34.08 5.58 57.29
CA GLY B 130 -33.17 5.41 58.41
C GLY B 130 -33.97 5.73 59.65
N PRO B 131 -33.30 5.84 60.79
CA PRO B 131 -34.04 6.13 62.00
C PRO B 131 -34.46 7.57 62.01
N HIS B 132 -35.04 8.02 63.10
CA HIS B 132 -35.65 9.34 63.18
C HIS B 132 -34.57 10.37 63.38
N LEU B 133 -34.92 11.64 63.17
CA LEU B 133 -33.93 12.72 63.07
C LEU B 133 -33.07 12.79 64.33
N GLU B 134 -33.70 12.53 65.47
CA GLU B 134 -33.07 12.66 66.77
C GLU B 134 -32.04 11.56 67.02
N HIS B 135 -32.13 10.47 66.27
CA HIS B 135 -31.27 9.32 66.47
C HIS B 135 -29.87 9.56 65.91
N LEU B 136 -29.83 10.27 64.78
CA LEU B 136 -28.58 10.43 64.06
C LEU B 136 -27.51 11.20 64.83
N ASP B 137 -27.90 12.26 65.53
CA ASP B 137 -26.94 13.07 66.28
C ASP B 137 -26.89 12.61 67.73
N MET B 138 -27.86 11.79 68.10
CA MET B 138 -27.85 11.07 69.36
C MET B 138 -26.64 10.17 69.29
N PHE B 139 -26.51 9.46 68.17
CA PHE B 139 -25.50 8.39 68.04
C PHE B 139 -24.28 8.78 67.21
N GLY B 140 -24.36 9.88 66.47
CA GLY B 140 -23.37 10.21 65.43
C GLY B 140 -22.10 10.82 65.99
N ASP B 141 -22.28 11.77 66.90
CA ASP B 141 -21.21 12.22 67.79
C ASP B 141 -20.73 11.04 68.61
N LYS B 142 -19.50 11.10 69.13
CA LYS B 142 -19.06 10.17 70.16
C LYS B 142 -19.65 10.53 71.50
N VAL B 143 -19.21 11.65 72.07
CA VAL B 143 -19.48 12.00 73.47
C VAL B 143 -20.94 11.80 73.87
N LYS B 144 -21.83 11.90 72.88
CA LYS B 144 -23.29 11.86 73.11
C LYS B 144 -23.82 10.43 73.18
N ALA B 145 -23.24 9.53 72.38
CA ALA B 145 -23.53 8.11 72.47
C ALA B 145 -23.30 7.64 73.90
N ARG B 146 -22.14 7.99 74.45
CA ARG B 146 -21.79 7.62 75.83
C ARG B 146 -22.90 7.99 76.83
N THR B 147 -23.41 9.22 76.76
CA THR B 147 -24.51 9.65 77.62
C THR B 147 -25.75 8.76 77.43
N THR B 148 -26.17 8.57 76.18
CA THR B 148 -27.37 7.79 75.89
C THR B 148 -27.37 6.42 76.57
N ALA B 149 -26.26 5.70 76.46
CA ALA B 149 -26.16 4.34 76.97
C ALA B 149 -26.32 4.30 78.47
N ILE B 150 -25.61 5.18 79.17
CA ILE B 150 -25.71 5.30 80.60
C ILE B 150 -27.13 5.63 81.04
N LYS B 151 -27.88 6.35 80.21
CA LYS B 151 -29.29 6.64 80.49
C LYS B 151 -30.19 5.40 80.39
N ALA B 152 -29.70 4.34 79.76
CA ALA B 152 -30.37 3.05 79.76
C ALA B 152 -29.55 1.98 80.48
N ASP B 153 -28.68 2.43 81.39
CA ASP B 153 -27.44 1.72 81.79
C ASP B 153 -27.02 0.43 81.07
N LEU B 154 -26.00 0.57 80.21
CA LEU B 154 -25.11 -0.52 79.86
C LEU B 154 -23.68 -0.16 80.30
N PRO B 155 -22.76 -1.13 80.30
CA PRO B 155 -21.33 -0.95 80.69
C PRO B 155 -20.50 0.03 79.80
N VAL B 156 -19.26 0.37 80.21
CA VAL B 156 -18.37 1.30 79.46
C VAL B 156 -16.85 1.40 79.81
N ILE B 157 -16.53 1.63 81.08
CA ILE B 157 -15.23 2.18 81.54
C ILE B 157 -14.05 1.16 81.40
N PRO B 158 -12.76 1.62 81.55
CA PRO B 158 -11.59 0.79 81.05
C PRO B 158 -11.07 -0.31 82.00
N ILE B 229 -8.81 -3.99 78.90
CA ILE B 229 -9.45 -4.51 77.68
C ILE B 229 -8.70 -5.71 77.05
N ASP B 230 -8.61 -6.83 77.79
CA ASP B 230 -7.71 -7.95 77.46
C ASP B 230 -8.34 -9.08 76.63
N ASN B 231 -7.60 -9.55 75.62
CA ASN B 231 -8.11 -10.46 74.57
C ASN B 231 -9.55 -10.13 74.12
N PRO B 232 -9.80 -8.88 73.69
CA PRO B 232 -11.16 -8.43 73.40
C PRO B 232 -11.79 -9.14 72.22
N LYS B 233 -13.11 -9.24 72.24
CA LYS B 233 -13.86 -9.74 71.09
C LYS B 233 -14.90 -8.71 70.63
N HIS B 234 -14.98 -8.47 69.33
CA HIS B 234 -15.86 -7.43 68.83
C HIS B 234 -17.23 -8.04 68.50
N ILE B 235 -18.26 -7.70 69.28
CA ILE B 235 -19.60 -8.28 69.04
C ILE B 235 -20.71 -7.25 68.78
N GLU B 236 -21.56 -7.54 67.81
CA GLU B 236 -22.56 -6.56 67.37
C GLU B 236 -23.94 -7.21 67.19
N VAL B 237 -25.00 -6.45 67.50
CA VAL B 237 -26.35 -6.98 67.52
C VAL B 237 -27.27 -6.24 66.56
N GLN B 238 -27.86 -6.98 65.63
CA GLN B 238 -28.76 -6.37 64.66
C GLN B 238 -30.11 -6.13 65.31
N VAL B 239 -30.65 -4.93 65.11
CA VAL B 239 -31.98 -4.59 65.61
C VAL B 239 -32.85 -4.05 64.49
N ILE B 240 -34.06 -4.57 64.33
CA ILE B 240 -35.03 -3.93 63.43
C ILE B 240 -36.29 -3.46 64.18
N GLY B 241 -36.41 -2.15 64.41
CA GLY B 241 -37.64 -1.58 64.97
C GLY B 241 -38.44 -0.80 63.95
N ASP B 242 -39.76 -0.82 64.09
CA ASP B 242 -40.65 -0.05 63.20
C ASP B 242 -40.94 1.36 63.72
N GLU B 243 -41.91 2.05 63.13
CA GLU B 243 -42.38 3.31 63.71
C GLU B 243 -43.59 3.14 64.65
N HIS B 244 -43.69 1.98 65.28
CA HIS B 244 -44.82 1.64 66.16
C HIS B 244 -44.35 1.02 67.47
N GLY B 245 -43.14 1.37 67.92
CA GLY B 245 -42.53 0.73 69.09
C GLY B 245 -42.55 -0.79 69.09
N ASN B 246 -42.38 -1.39 67.91
CA ASN B 246 -42.10 -2.83 67.84
C ASN B 246 -40.71 -3.10 67.34
N ILE B 247 -39.83 -3.50 68.24
CA ILE B 247 -38.40 -3.51 67.92
C ILE B 247 -37.71 -4.82 68.28
N VAL B 248 -37.60 -5.73 67.33
CA VAL B 248 -36.91 -7.00 67.55
C VAL B 248 -35.41 -6.86 67.36
N HIS B 249 -34.68 -7.93 67.66
CA HIS B 249 -33.26 -8.06 67.34
C HIS B 249 -32.99 -9.37 66.59
N LEU B 250 -31.99 -9.35 65.72
CA LEU B 250 -31.68 -10.50 64.87
C LEU B 250 -30.34 -11.11 65.27
N PHE B 251 -30.18 -11.30 66.58
CA PHE B 251 -29.01 -11.95 67.14
C PHE B 251 -27.75 -11.21 66.73
N GLU B 252 -26.60 -11.80 67.01
CA GLU B 252 -25.35 -11.08 66.97
C GLU B 252 -24.49 -11.42 65.75
N ARG B 253 -23.40 -10.68 65.57
CA ARG B 253 -22.30 -11.13 64.73
C ARG B 253 -20.98 -11.01 65.47
N ASP B 254 -19.90 -11.39 64.81
CA ASP B 254 -18.60 -11.60 65.44
C ASP B 254 -17.52 -11.00 64.54
N CYS B 255 -17.36 -9.69 64.61
CA CYS B 255 -16.41 -9.01 63.76
C CYS B 255 -15.06 -8.84 64.43
N SER B 256 -14.48 -9.95 64.89
CA SER B 256 -13.22 -9.88 65.62
C SER B 256 -12.02 -10.09 64.70
N VAL B 257 -12.28 -10.43 63.44
CA VAL B 257 -11.19 -10.63 62.49
C VAL B 257 -10.88 -9.32 61.79
N GLN B 258 -9.97 -8.54 62.36
CA GLN B 258 -9.61 -7.25 61.77
C GLN B 258 -8.14 -6.84 61.76
N ARG B 259 -7.78 -5.99 60.80
CA ARG B 259 -6.52 -5.21 60.81
C ARG B 259 -6.80 -3.73 61.05
N ARG B 260 -5.93 -3.08 61.81
CA ARG B 260 -6.29 -1.87 62.54
C ARG B 260 -7.71 -1.36 62.33
N HIS B 261 -7.95 -0.67 61.21
CA HIS B 261 -9.27 -0.11 60.90
C HIS B 261 -10.14 -1.04 60.01
N GLN B 262 -9.79 -2.32 59.92
CA GLN B 262 -10.43 -3.20 58.95
C GLN B 262 -11.14 -4.40 59.55
N LYS B 263 -12.47 -4.32 59.63
CA LYS B 263 -13.35 -5.48 59.58
C LYS B 263 -13.04 -6.30 58.32
N VAL B 264 -12.51 -7.52 58.52
CA VAL B 264 -12.05 -8.36 57.40
C VAL B 264 -12.95 -9.58 57.17
N VAL B 265 -13.29 -10.29 58.25
CA VAL B 265 -14.16 -11.46 58.17
C VAL B 265 -15.17 -11.50 59.30
N GLU B 266 -16.43 -11.66 58.94
CA GLU B 266 -17.52 -11.50 59.88
C GLU B 266 -18.23 -12.84 59.99
N VAL B 267 -18.66 -13.22 61.19
CA VAL B 267 -19.32 -14.50 61.39
C VAL B 267 -20.57 -14.37 62.22
N ALA B 268 -21.57 -15.17 61.92
CA ALA B 268 -22.85 -15.09 62.58
C ALA B 268 -23.50 -16.45 62.72
N PRO B 269 -23.98 -16.76 63.93
CA PRO B 269 -23.65 -15.91 65.06
C PRO B 269 -22.27 -16.20 65.68
N SER B 270 -22.07 -15.75 66.90
CA SER B 270 -20.79 -15.90 67.56
C SER B 270 -20.55 -17.36 67.95
N VAL B 271 -19.49 -17.96 67.41
CA VAL B 271 -19.02 -19.26 67.88
C VAL B 271 -18.53 -19.24 69.35
N GLY B 272 -17.77 -18.20 69.71
CA GLY B 272 -17.00 -18.23 70.96
C GLY B 272 -17.73 -17.87 72.24
N LEU B 273 -18.95 -17.37 72.13
CA LEU B 273 -19.75 -16.99 73.28
C LEU B 273 -20.64 -18.14 73.72
N SER B 274 -20.73 -18.32 75.03
CA SER B 274 -21.71 -19.23 75.63
C SER B 274 -23.14 -18.72 75.37
N PRO B 275 -24.14 -19.64 75.39
CA PRO B 275 -25.56 -19.24 75.37
C PRO B 275 -25.88 -17.99 76.22
N THR B 276 -25.66 -18.04 77.54
CA THR B 276 -26.19 -17.04 78.45
C THR B 276 -25.52 -15.66 78.31
N LEU B 277 -24.28 -15.67 77.84
CA LEU B 277 -23.60 -14.43 77.45
C LEU B 277 -24.30 -13.73 76.29
N ARG B 278 -24.43 -14.40 75.16
CA ARG B 278 -25.05 -13.75 74.00
C ARG B 278 -26.48 -13.30 74.30
N GLN B 279 -27.21 -14.13 75.04
CA GLN B 279 -28.56 -13.80 75.44
C GLN B 279 -28.59 -12.47 76.19
N ARG B 280 -27.58 -12.23 77.02
CA ARG B 280 -27.44 -10.98 77.74
C ARG B 280 -26.89 -9.88 76.84
N ILE B 281 -26.02 -10.26 75.92
CA ILE B 281 -25.47 -9.31 74.97
C ILE B 281 -26.56 -8.73 74.07
N CYS B 282 -27.44 -9.58 73.55
CA CYS B 282 -28.71 -9.15 72.93
C CYS B 282 -29.56 -8.25 73.86
N ASP B 283 -30.06 -8.83 74.95
CA ASP B 283 -30.91 -8.11 75.91
C ASP B 283 -30.44 -6.67 76.14
N ALA B 284 -29.13 -6.48 76.25
CA ALA B 284 -28.55 -5.15 76.50
C ALA B 284 -28.81 -4.23 75.32
N ALA B 285 -28.45 -4.71 74.14
CA ALA B 285 -28.67 -3.94 72.93
C ALA B 285 -30.13 -3.52 72.85
N ILE B 286 -31.03 -4.47 73.13
CA ILE B 286 -32.45 -4.21 72.97
C ILE B 286 -32.88 -3.20 74.01
N GLN B 287 -32.20 -3.24 75.14
CA GLN B 287 -32.44 -2.28 76.22
C GLN B 287 -32.20 -0.85 75.76
N LEU B 288 -31.04 -0.63 75.14
CA LEU B 288 -30.70 0.65 74.58
C LEU B 288 -31.78 1.12 73.59
N MET B 289 -32.08 0.27 72.61
CA MET B 289 -32.81 0.71 71.41
C MET B 289 -34.27 1.06 71.65
N GLU B 290 -34.95 0.26 72.46
CA GLU B 290 -36.32 0.56 72.86
C GLU B 290 -36.41 1.65 73.93
N ASN B 291 -35.30 1.94 74.59
CA ASN B 291 -35.24 3.06 75.52
C ASN B 291 -35.20 4.43 74.84
N ILE B 292 -34.74 4.46 73.60
CA ILE B 292 -34.70 5.72 72.87
C ILE B 292 -35.44 5.67 71.55
N LYS B 293 -36.46 4.82 71.44
CA LYS B 293 -37.45 4.99 70.41
C LYS B 293 -36.99 4.43 69.06
N TYR B 294 -35.85 3.76 69.03
CA TYR B 294 -35.20 3.43 67.77
C TYR B 294 -36.12 2.89 66.67
N VAL B 295 -35.84 3.29 65.43
CA VAL B 295 -36.68 2.97 64.26
C VAL B 295 -35.79 2.59 63.08
N ASN B 296 -36.19 1.53 62.36
CA ASN B 296 -35.45 0.99 61.22
C ASN B 296 -34.30 0.10 61.62
N ALA B 297 -33.39 -0.17 60.69
CA ALA B 297 -32.23 -1.02 60.98
C ALA B 297 -31.24 -0.28 61.89
N GLY B 298 -30.62 -1.01 62.80
CA GLY B 298 -29.64 -0.41 63.69
C GLY B 298 -28.72 -1.48 64.21
N THR B 299 -27.47 -1.10 64.44
CA THR B 299 -26.49 -2.03 64.97
C THR B 299 -25.94 -1.46 66.24
N VAL B 300 -25.87 -2.29 67.28
CA VAL B 300 -25.24 -1.92 68.55
C VAL B 300 -23.98 -2.72 68.69
N GLU B 301 -22.86 -2.05 68.89
CA GLU B 301 -21.57 -2.73 69.02
C GLU B 301 -21.08 -2.88 70.49
N PHE B 302 -20.67 -4.09 70.83
CA PHE B 302 -20.02 -4.33 72.11
C PHE B 302 -18.61 -4.84 71.94
N LEU B 303 -17.77 -4.47 72.89
CA LEU B 303 -16.48 -5.09 73.05
C LEU B 303 -16.64 -6.15 74.12
N VAL B 304 -16.01 -7.29 73.90
CA VAL B 304 -16.24 -8.44 74.77
C VAL B 304 -14.95 -9.01 75.36
N SER B 305 -14.85 -8.96 76.75
CA SER B 305 -13.71 -9.56 77.56
C SER B 305 -14.16 -10.48 78.72
N GLY B 306 -14.21 -11.80 78.52
CA GLY B 306 -14.62 -12.74 79.56
C GLY B 306 -16.13 -12.79 79.62
N ASP B 307 -16.69 -12.62 80.82
CA ASP B 307 -18.15 -12.61 80.99
C ASP B 307 -18.72 -11.20 81.10
N GLU B 308 -18.05 -10.25 80.44
CA GLU B 308 -18.47 -8.85 80.48
C GLU B 308 -18.42 -8.15 79.11
N PHE B 309 -19.60 -7.84 78.58
CA PHE B 309 -19.71 -6.92 77.45
C PHE B 309 -19.25 -5.51 77.82
N PHE B 310 -19.01 -4.70 76.79
CA PHE B 310 -19.01 -3.24 76.92
C PHE B 310 -19.71 -2.62 75.71
N PHE B 311 -20.45 -1.55 75.94
CA PHE B 311 -21.01 -0.76 74.85
C PHE B 311 -19.91 0.08 74.22
N ILE B 312 -19.86 0.06 72.90
CA ILE B 312 -18.79 0.71 72.19
C ILE B 312 -19.35 1.80 71.28
N GLU B 313 -20.20 1.43 70.32
CA GLU B 313 -20.93 2.41 69.51
C GLU B 313 -22.28 1.88 69.01
N VAL B 314 -23.07 2.77 68.42
CA VAL B 314 -24.20 2.35 67.59
C VAL B 314 -23.99 2.73 66.12
N ASN B 315 -24.39 1.85 65.22
CA ASN B 315 -24.39 2.14 63.79
C ASN B 315 -25.81 2.27 63.29
N PRO B 316 -26.25 3.50 63.06
CA PRO B 316 -27.68 3.73 62.82
C PRO B 316 -28.11 3.47 61.38
N ARG B 317 -27.73 2.31 60.82
CA ARG B 317 -28.14 1.87 59.48
C ARG B 317 -27.88 0.37 59.21
N VAL B 318 -27.70 0.02 57.94
CA VAL B 318 -27.14 -1.28 57.61
C VAL B 318 -25.64 -1.18 57.61
N GLN B 319 -25.00 -2.34 57.74
CA GLN B 319 -23.56 -2.49 57.52
C GLN B 319 -23.35 -3.53 56.43
N VAL B 320 -22.17 -3.49 55.78
CA VAL B 320 -21.86 -4.44 54.70
C VAL B 320 -22.29 -5.88 55.02
N GLU B 321 -22.09 -6.29 56.29
CA GLU B 321 -22.23 -7.69 56.72
C GLU B 321 -23.62 -8.02 57.25
N HIS B 322 -24.61 -7.22 56.88
CA HIS B 322 -25.99 -7.53 57.22
C HIS B 322 -26.43 -8.86 56.57
N THR B 323 -25.76 -9.26 55.49
CA THR B 323 -26.22 -10.40 54.71
C THR B 323 -26.11 -11.67 55.57
N ILE B 324 -25.14 -11.64 56.48
CA ILE B 324 -24.79 -12.80 57.28
C ILE B 324 -25.93 -13.06 58.27
N THR B 325 -26.60 -11.99 58.68
CA THR B 325 -27.72 -12.10 59.58
C THR B 325 -28.93 -12.61 58.82
N GLU B 326 -29.19 -12.05 57.64
CA GLU B 326 -30.24 -12.55 56.74
C GLU B 326 -30.15 -14.05 56.50
N MET B 327 -28.93 -14.56 56.35
CA MET B 327 -28.72 -15.95 56.04
C MET B 327 -29.14 -16.90 57.16
N VAL B 328 -29.00 -16.47 58.41
CA VAL B 328 -29.29 -17.33 59.56
C VAL B 328 -30.66 -17.07 60.21
N THR B 329 -31.22 -15.89 59.98
CA THR B 329 -32.56 -15.61 60.47
C THR B 329 -33.59 -15.80 59.35
N GLY B 330 -33.11 -15.80 58.11
CA GLY B 330 -34.01 -15.82 56.98
C GLY B 330 -34.89 -14.58 56.87
N ILE B 331 -34.46 -13.48 57.47
CA ILE B 331 -35.20 -12.23 57.40
C ILE B 331 -34.46 -11.23 56.56
N ASP B 332 -35.13 -10.68 55.54
CA ASP B 332 -34.47 -9.73 54.67
C ASP B 332 -34.45 -8.33 55.31
N ILE B 333 -33.27 -7.94 55.80
CA ILE B 333 -33.08 -6.68 56.53
C ILE B 333 -33.36 -5.44 55.69
N VAL B 334 -32.76 -5.38 54.52
CA VAL B 334 -32.88 -4.18 53.68
C VAL B 334 -34.27 -4.05 53.10
N LYS B 335 -34.92 -5.18 52.82
CA LYS B 335 -36.32 -5.17 52.38
C LYS B 335 -37.14 -4.45 53.44
N THR B 336 -37.01 -4.91 54.66
CA THR B 336 -37.87 -4.48 55.74
C THR B 336 -37.65 -3.00 56.00
N GLN B 337 -36.39 -2.60 56.02
CA GLN B 337 -36.05 -1.20 56.11
C GLN B 337 -37.07 -0.43 55.30
N ILE B 338 -37.26 -0.83 54.05
CA ILE B 338 -38.09 -0.08 53.14
C ILE B 338 -39.55 -0.21 53.55
N LEU B 339 -40.02 -1.44 53.75
CA LEU B 339 -41.37 -1.62 54.30
C LEU B 339 -41.61 -0.77 55.54
N VAL B 340 -40.61 -0.68 56.43
CA VAL B 340 -40.78 0.15 57.63
C VAL B 340 -40.96 1.63 57.29
N ALA B 341 -40.24 2.09 56.28
CA ALA B 341 -40.23 3.51 55.98
C ALA B 341 -41.62 3.93 55.50
N ALA B 342 -42.35 3.00 54.88
CA ALA B 342 -43.70 3.24 54.39
C ALA B 342 -44.62 3.50 55.56
N GLY B 343 -44.70 2.53 56.45
CA GLY B 343 -45.42 2.69 57.70
C GLY B 343 -45.87 1.34 58.18
N ALA B 344 -45.56 0.32 57.39
CA ALA B 344 -45.97 -1.04 57.70
C ALA B 344 -45.53 -1.41 59.12
N ASP B 345 -46.25 -2.34 59.73
CA ASP B 345 -45.90 -2.89 61.04
C ASP B 345 -44.99 -4.10 60.87
N LEU B 346 -44.35 -4.53 61.95
CA LEU B 346 -43.33 -5.60 61.89
C LEU B 346 -43.98 -6.97 61.76
N PHE B 347 -45.05 -7.16 62.51
CA PHE B 347 -45.68 -8.47 62.66
C PHE B 347 -46.95 -8.57 61.81
N GLY B 348 -47.13 -7.58 60.94
CA GLY B 348 -48.24 -7.56 60.00
C GLY B 348 -48.01 -8.33 58.70
N GLU B 349 -49.02 -8.30 57.85
CA GLU B 349 -49.02 -9.09 56.63
C GLU B 349 -47.74 -8.82 55.84
N GLU B 350 -47.40 -7.53 55.75
CA GLU B 350 -46.31 -7.08 54.90
C GLU B 350 -44.96 -7.65 55.27
N ILE B 351 -44.49 -7.34 56.47
CA ILE B 351 -43.12 -7.75 56.83
C ILE B 351 -43.07 -9.19 57.28
N ASN B 352 -44.14 -9.64 57.94
CA ASN B 352 -44.28 -11.04 58.33
C ASN B 352 -43.12 -11.44 59.22
N MET B 353 -42.64 -10.48 59.99
CA MET B 353 -41.66 -10.72 61.03
C MET B 353 -42.25 -11.62 62.12
N PRO B 354 -41.52 -12.67 62.49
CA PRO B 354 -41.93 -13.48 63.61
C PRO B 354 -41.78 -12.66 64.90
N GLN B 355 -42.54 -13.03 65.93
CA GLN B 355 -42.35 -12.42 67.25
C GLN B 355 -40.99 -12.80 67.82
N GLN B 356 -40.42 -11.93 68.66
CA GLN B 356 -39.04 -12.07 69.14
C GLN B 356 -38.58 -13.51 69.49
N LYS B 357 -39.49 -14.33 70.00
CA LYS B 357 -39.11 -15.67 70.38
C LYS B 357 -39.47 -16.72 69.31
N ASP B 358 -39.85 -16.24 68.13
CA ASP B 358 -39.98 -17.11 66.95
C ASP B 358 -38.77 -16.96 66.04
N ILE B 359 -37.94 -15.98 66.35
CA ILE B 359 -36.77 -15.66 65.56
C ILE B 359 -35.65 -16.57 66.03
N THR B 360 -34.95 -17.19 65.08
CA THR B 360 -33.75 -17.97 65.40
C THR B 360 -32.66 -17.96 64.37
N THR B 361 -31.52 -18.55 64.76
CA THR B 361 -30.53 -18.97 63.82
C THR B 361 -30.70 -20.45 63.46
N LEU B 362 -30.75 -20.70 62.16
CA LEU B 362 -30.53 -22.03 61.64
C LEU B 362 -29.23 -22.02 60.84
N GLY B 363 -28.16 -22.44 61.51
CA GLY B 363 -26.88 -22.69 60.87
C GLY B 363 -25.91 -21.61 61.26
N TYR B 364 -24.81 -21.49 60.53
CA TYR B 364 -23.87 -20.37 60.66
C TYR B 364 -23.38 -19.86 59.28
N ALA B 365 -23.18 -18.54 59.18
CA ALA B 365 -22.76 -17.92 57.96
C ALA B 365 -21.51 -17.09 58.20
N ILE B 366 -20.70 -16.91 57.16
CA ILE B 366 -19.49 -16.10 57.20
C ILE B 366 -19.50 -15.07 56.05
N GLN B 367 -19.00 -13.87 56.29
CA GLN B 367 -18.89 -12.94 55.18
C GLN B 367 -17.47 -12.55 54.87
N CYS B 368 -17.15 -12.59 53.59
CA CYS B 368 -15.89 -12.16 53.03
C CYS B 368 -16.15 -11.06 52.02
N ARG B 369 -15.39 -9.97 52.07
CA ARG B 369 -15.45 -8.95 51.04
C ARG B 369 -14.24 -8.98 50.08
N ILE B 370 -14.47 -9.35 48.81
CA ILE B 370 -13.40 -9.45 47.81
C ILE B 370 -12.96 -8.08 47.24
N THR B 371 -11.76 -7.66 47.63
CA THR B 371 -11.28 -6.35 47.21
C THR B 371 -10.06 -6.48 46.31
N THR B 372 -9.63 -5.36 45.74
CA THR B 372 -8.41 -5.35 44.97
C THR B 372 -7.23 -4.89 45.84
N GLU B 373 -7.45 -4.89 47.15
CA GLU B 373 -6.39 -4.63 48.11
C GLU B 373 -5.33 -5.71 48.04
N ASP B 374 -4.12 -5.32 47.70
CA ASP B 374 -3.01 -6.26 47.53
C ASP B 374 -2.33 -6.57 48.87
N PRO B 375 -2.40 -7.84 49.33
CA PRO B 375 -1.68 -8.33 50.51
C PRO B 375 -0.13 -8.21 50.48
N LEU B 376 0.50 -8.56 49.36
CA LEU B 376 1.97 -8.50 49.24
C LEU B 376 2.51 -7.06 49.30
N ASN B 377 1.62 -6.07 49.19
CA ASN B 377 2.00 -4.67 49.01
C ASN B 377 1.17 -3.71 49.87
N ASP B 378 0.91 -4.11 51.12
CA ASP B 378 0.49 -3.18 52.15
C ASP B 378 -1.01 -2.92 52.18
N PHE B 379 -1.76 -3.82 51.54
CA PHE B 379 -3.21 -3.73 51.40
C PHE B 379 -3.66 -2.47 50.65
N MET B 380 -2.95 -2.18 49.56
CA MET B 380 -3.13 -0.93 48.82
C MET B 380 -3.94 -1.20 47.57
N PRO B 381 -5.15 -0.62 47.51
CA PRO B 381 -6.13 -0.87 46.45
C PRO B 381 -5.49 -0.85 45.07
N ASP B 382 -5.74 -1.87 44.27
CA ASP B 382 -5.20 -1.90 42.93
C ASP B 382 -6.18 -1.31 41.90
N THR B 383 -5.64 -0.83 40.79
CA THR B 383 -6.42 -0.08 39.84
C THR B 383 -6.47 -0.84 38.53
N GLY B 384 -7.47 -0.55 37.72
CA GLY B 384 -7.43 -0.90 36.31
C GLY B 384 -8.62 -1.71 35.81
N THR B 385 -8.46 -2.23 34.61
CA THR B 385 -9.52 -2.98 33.96
C THR B 385 -9.49 -4.44 34.36
N ILE B 386 -10.66 -5.03 34.52
CA ILE B 386 -10.80 -6.44 34.83
C ILE B 386 -10.81 -7.24 33.52
N ILE B 387 -9.83 -8.15 33.35
CA ILE B 387 -9.66 -8.89 32.08
C ILE B 387 -10.25 -10.30 32.09
N ALA B 388 -10.53 -10.79 33.31
CA ALA B 388 -11.26 -12.04 33.52
C ALA B 388 -12.06 -11.98 34.81
N TYR B 389 -13.33 -12.39 34.75
CA TYR B 389 -14.21 -12.40 35.91
C TYR B 389 -15.10 -13.65 36.01
N ARG B 390 -14.84 -14.50 36.99
CA ARG B 390 -15.75 -15.60 37.28
C ARG B 390 -15.95 -15.74 38.77
N SER B 391 -17.13 -16.23 39.17
CA SER B 391 -17.60 -16.08 40.54
C SER B 391 -17.85 -17.45 41.20
N SER B 392 -18.97 -17.56 41.88
CA SER B 392 -19.40 -18.82 42.41
C SER B 392 -20.89 -19.05 42.34
N GLY B 393 -21.36 -19.96 43.20
CA GLY B 393 -22.73 -20.45 43.21
C GLY B 393 -22.83 -21.79 43.91
N GLY B 394 -24.06 -22.32 43.95
CA GLY B 394 -24.29 -23.61 44.53
C GLY B 394 -24.55 -23.57 46.02
N ALA B 395 -24.34 -24.71 46.67
CA ALA B 395 -24.83 -24.91 48.00
C ALA B 395 -24.21 -23.91 48.93
N GLY B 396 -25.04 -23.14 49.60
CA GLY B 396 -24.60 -22.28 50.68
C GLY B 396 -23.92 -21.00 50.29
N VAL B 397 -23.83 -20.73 49.01
CA VAL B 397 -23.08 -19.57 48.57
C VAL B 397 -24.07 -18.44 48.33
N ARG B 398 -23.78 -17.26 48.88
CA ARG B 398 -24.49 -16.03 48.45
C ARG B 398 -23.50 -14.95 47.94
N LEU B 399 -23.88 -14.28 46.85
CA LEU B 399 -23.02 -13.30 46.16
C LEU B 399 -23.80 -12.00 45.93
N ASP B 400 -23.23 -10.88 46.40
CA ASP B 400 -23.79 -9.57 46.16
C ASP B 400 -22.83 -8.73 45.29
N ALA B 401 -23.25 -8.43 44.05
CA ALA B 401 -22.40 -7.73 43.11
C ALA B 401 -21.90 -6.41 43.69
N GLY B 402 -20.63 -6.09 43.41
CA GLY B 402 -19.99 -4.82 43.78
C GLY B 402 -19.49 -3.99 42.58
N ASP B 403 -18.18 -4.02 42.33
CA ASP B 403 -17.62 -3.32 41.17
C ASP B 403 -17.29 -4.27 40.00
N GLY B 404 -17.07 -5.53 40.32
CA GLY B 404 -16.62 -6.51 39.32
C GLY B 404 -17.60 -7.01 38.27
N PHE B 405 -17.10 -7.13 37.04
CA PHE B 405 -17.80 -7.77 35.95
C PHE B 405 -16.89 -7.86 34.72
N GLN B 406 -17.38 -8.53 33.67
CA GLN B 406 -17.01 -8.28 32.26
C GLN B 406 -15.65 -7.66 32.15
N GLY B 407 -15.60 -6.34 32.30
CA GLY B 407 -14.47 -5.48 31.98
C GLY B 407 -14.61 -4.07 32.53
N ALA B 408 -15.09 -3.97 33.77
CA ALA B 408 -15.02 -2.77 34.54
C ALA B 408 -13.59 -2.28 34.74
N GLU B 409 -13.38 -0.98 34.60
CA GLU B 409 -12.23 -0.38 35.27
C GLU B 409 -12.62 -0.07 36.69
N ILE B 410 -11.80 -0.47 37.65
CA ILE B 410 -12.02 -0.01 39.00
C ILE B 410 -11.10 1.16 39.20
N SER B 411 -11.58 2.18 39.92
CA SER B 411 -10.83 3.44 40.07
C SER B 411 -10.26 3.55 41.48
N PRO B 412 -9.30 4.47 41.69
CA PRO B 412 -8.75 4.71 43.03
C PRO B 412 -9.61 5.62 43.92
N TYR B 413 -10.84 5.92 43.50
CA TYR B 413 -11.67 6.95 44.12
C TYR B 413 -12.53 6.41 45.25
N TYR B 414 -12.89 5.15 45.16
CA TYR B 414 -13.79 4.60 46.14
C TYR B 414 -13.23 3.35 46.78
N ASP B 415 -13.75 2.99 47.95
CA ASP B 415 -13.55 1.65 48.50
C ASP B 415 -13.67 0.59 47.39
N SER B 416 -12.58 -0.11 47.12
CA SER B 416 -12.61 -1.19 46.16
C SER B 416 -13.34 -2.34 46.84
N LEU B 417 -14.53 -2.63 46.36
CA LEU B 417 -15.24 -3.83 46.70
C LEU B 417 -15.82 -4.49 45.43
N LEU B 418 -15.23 -5.62 45.05
CA LEU B 418 -15.62 -6.31 43.82
C LEU B 418 -16.86 -7.20 43.97
N VAL B 419 -16.82 -8.12 44.95
CA VAL B 419 -17.95 -8.99 45.28
C VAL B 419 -18.03 -9.12 46.79
N LYS B 420 -19.25 -9.17 47.30
CA LYS B 420 -19.49 -9.60 48.67
C LYS B 420 -19.79 -11.12 48.61
N LEU B 421 -18.99 -11.92 49.29
CA LEU B 421 -19.22 -13.36 49.28
C LEU B 421 -19.54 -13.88 50.67
N SER B 422 -20.73 -14.45 50.81
CA SER B 422 -21.20 -15.10 52.05
C SER B 422 -21.54 -16.56 51.80
N THR B 423 -21.25 -17.40 52.79
CA THR B 423 -21.54 -18.83 52.73
C THR B 423 -22.33 -19.25 53.98
N HIS B 424 -22.98 -20.42 53.90
CA HIS B 424 -23.95 -20.80 54.91
C HIS B 424 -24.12 -22.31 55.00
N ALA B 425 -23.92 -22.86 56.20
CA ALA B 425 -24.19 -24.27 56.45
C ALA B 425 -24.62 -24.45 57.93
N ILE B 426 -25.07 -25.65 58.33
CA ILE B 426 -25.34 -25.86 59.78
C ILE B 426 -24.13 -25.94 60.71
N SER B 427 -23.00 -26.44 60.20
CA SER B 427 -21.78 -26.41 60.99
C SER B 427 -20.94 -25.18 60.62
N PHE B 428 -20.19 -24.66 61.58
CA PHE B 428 -19.30 -23.52 61.34
C PHE B 428 -18.10 -23.94 60.51
N LYS B 429 -17.40 -25.01 60.93
CA LYS B 429 -16.42 -25.62 60.04
C LYS B 429 -16.99 -25.76 58.63
N GLN B 430 -18.18 -26.33 58.49
CA GLN B 430 -18.73 -26.59 57.15
C GLN B 430 -18.91 -25.31 56.35
N ALA B 431 -19.22 -24.22 57.03
CA ALA B 431 -19.31 -22.94 56.35
C ALA B 431 -17.92 -22.49 55.91
N GLU B 432 -16.93 -22.68 56.79
CA GLU B 432 -15.54 -22.39 56.40
C GLU B 432 -15.09 -23.18 55.15
N GLU B 433 -15.15 -24.50 55.20
CA GLU B 433 -14.72 -25.27 54.07
C GLU B 433 -15.57 -24.96 52.83
N LYS B 434 -16.74 -24.37 53.06
CA LYS B 434 -17.55 -23.85 51.95
C LYS B 434 -16.94 -22.56 51.42
N MET B 435 -16.55 -21.66 52.31
CA MET B 435 -15.88 -20.43 51.92
C MET B 435 -14.64 -20.74 51.08
N VAL B 436 -13.81 -21.65 51.56
CA VAL B 436 -12.58 -21.91 50.86
C VAL B 436 -12.84 -22.54 49.49
N ARG B 437 -13.93 -23.27 49.34
CA ARG B 437 -14.22 -23.83 48.02
C ARG B 437 -14.42 -22.66 47.12
N SER B 438 -15.40 -21.86 47.49
CA SER B 438 -15.84 -20.71 46.75
C SER B 438 -14.75 -19.68 46.42
N LEU B 439 -13.96 -19.27 47.42
CA LEU B 439 -12.80 -18.44 47.17
C LEU B 439 -11.88 -19.02 46.09
N ARG B 440 -11.63 -20.33 46.16
CA ARG B 440 -10.72 -20.98 45.23
C ARG B 440 -11.29 -21.08 43.82
N GLU B 441 -12.59 -20.84 43.69
CA GLU B 441 -13.24 -20.89 42.37
C GLU B 441 -13.08 -19.60 41.61
N MET B 442 -13.28 -18.48 42.31
CA MET B 442 -13.14 -17.16 41.72
C MET B 442 -11.93 -17.02 40.78
N ARG B 443 -12.17 -16.38 39.65
CA ARG B 443 -11.12 -15.84 38.82
C ARG B 443 -11.35 -14.33 38.61
N ILE B 444 -10.45 -13.52 39.14
CA ILE B 444 -10.43 -12.10 38.83
C ILE B 444 -9.07 -11.72 38.25
N ARG B 445 -9.09 -11.11 37.08
CA ARG B 445 -7.88 -10.93 36.33
C ARG B 445 -7.77 -9.51 35.77
N GLY B 446 -6.57 -8.96 35.86
CA GLY B 446 -6.31 -7.58 35.49
C GLY B 446 -6.06 -6.71 36.71
N VAL B 447 -6.36 -7.25 37.88
CA VAL B 447 -6.11 -6.57 39.13
C VAL B 447 -5.66 -7.61 40.12
N LYS B 448 -4.94 -7.16 41.14
CA LYS B 448 -4.65 -8.02 42.27
C LYS B 448 -5.92 -8.03 43.09
N THR B 449 -6.08 -9.05 43.95
CA THR B 449 -7.21 -9.10 44.86
C THR B 449 -6.71 -9.56 46.19
N ASN B 450 -7.60 -9.67 47.16
CA ASN B 450 -7.26 -10.13 48.49
C ASN B 450 -7.64 -11.60 48.71
N ILE B 451 -8.15 -12.25 47.68
CA ILE B 451 -8.53 -13.67 47.79
C ILE B 451 -7.52 -14.50 48.56
N PRO B 452 -6.22 -14.42 48.20
CA PRO B 452 -5.32 -15.38 48.85
C PRO B 452 -5.26 -15.14 50.36
N PHE B 453 -5.11 -13.87 50.77
CA PHE B 453 -5.15 -13.54 52.19
C PHE B 453 -6.40 -14.13 52.81
N LEU B 454 -7.53 -13.93 52.14
CA LEU B 454 -8.77 -14.48 52.62
C LEU B 454 -8.73 -16.02 52.72
N ILE B 455 -8.34 -16.71 51.64
CA ILE B 455 -8.07 -18.14 51.77
C ILE B 455 -7.23 -18.43 53.03
N ASN B 456 -6.26 -17.57 53.31
CA ASN B 456 -5.30 -17.84 54.36
C ASN B 456 -5.80 -17.64 55.80
N VAL B 457 -6.94 -16.97 55.93
CA VAL B 457 -7.56 -16.81 57.23
C VAL B 457 -8.53 -17.96 57.45
N MET B 458 -9.25 -18.31 56.37
CA MET B 458 -10.19 -19.44 56.36
C MET B 458 -9.53 -20.74 56.79
N LYS B 459 -8.40 -21.06 56.16
CA LYS B 459 -7.71 -22.33 56.40
C LYS B 459 -7.20 -22.46 57.85
N ASN B 460 -6.96 -21.33 58.51
CA ASN B 460 -6.31 -21.29 59.84
C ASN B 460 -7.01 -22.00 61.03
N LYS B 461 -6.34 -22.99 61.62
CA LYS B 461 -6.91 -23.72 62.75
C LYS B 461 -7.49 -22.75 63.76
N LYS B 462 -6.73 -21.71 64.07
CA LYS B 462 -7.07 -20.73 65.10
C LYS B 462 -8.28 -19.85 64.74
N PHE B 463 -8.87 -20.05 63.56
CA PHE B 463 -10.12 -19.39 63.19
C PHE B 463 -11.23 -20.44 63.14
N THR B 464 -10.89 -21.62 62.64
CA THR B 464 -11.73 -22.80 62.79
C THR B 464 -12.02 -23.15 64.29
N SER B 465 -11.08 -22.84 65.19
CA SER B 465 -11.27 -23.16 66.59
C SER B 465 -12.43 -22.36 67.17
N GLY B 466 -12.76 -21.24 66.53
CA GLY B 466 -13.81 -20.35 67.03
C GLY B 466 -13.30 -19.36 68.06
N ASP B 467 -12.56 -19.88 69.04
CA ASP B 467 -11.86 -19.07 70.05
C ASP B 467 -10.81 -18.16 69.39
N TYR B 468 -11.25 -16.98 68.93
CA TYR B 468 -10.33 -15.99 68.38
C TYR B 468 -10.70 -14.62 68.84
N THR B 469 -9.68 -13.79 69.05
CA THR B 469 -9.88 -12.42 69.53
C THR B 469 -9.47 -11.43 68.45
N THR B 470 -9.95 -10.20 68.56
CA THR B 470 -9.55 -9.13 67.65
C THR B 470 -8.04 -8.96 67.58
N LYS B 471 -7.31 -9.68 68.42
CA LYS B 471 -5.85 -9.71 68.34
C LYS B 471 -5.34 -10.74 67.33
N PHE B 472 -6.27 -11.52 66.77
CA PHE B 472 -5.98 -12.62 65.82
C PHE B 472 -4.94 -12.33 64.75
N ILE B 473 -5.34 -11.51 63.77
CA ILE B 473 -4.49 -11.20 62.63
C ILE B 473 -3.08 -10.70 63.01
N GLU B 474 -2.99 -9.94 64.09
CA GLU B 474 -1.74 -9.33 64.55
C GLU B 474 -0.78 -10.35 65.16
N GLU B 475 -1.32 -11.34 65.85
CA GLU B 475 -0.51 -12.38 66.49
C GLU B 475 -0.52 -13.69 65.70
N THR B 476 -0.89 -13.59 64.43
CA THR B 476 -0.73 -14.69 63.48
C THR B 476 -0.04 -14.22 62.20
N PRO B 477 1.30 -14.08 62.25
CA PRO B 477 2.10 -13.47 61.19
C PRO B 477 2.01 -14.24 59.87
N GLU B 478 1.78 -15.55 59.97
CA GLU B 478 1.88 -16.45 58.83
C GLU B 478 0.64 -16.40 57.93
N LEU B 479 -0.32 -15.57 58.30
CA LEU B 479 -1.44 -15.27 57.43
C LEU B 479 -0.94 -14.65 56.13
N PHE B 480 0.25 -14.08 56.19
CA PHE B 480 0.81 -13.32 55.08
C PHE B 480 1.71 -14.17 54.20
N ASP B 481 1.91 -15.43 54.59
CA ASP B 481 2.67 -16.38 53.79
C ASP B 481 1.90 -16.78 52.51
N ILE B 482 2.20 -16.11 51.41
CA ILE B 482 1.42 -16.26 50.16
C ILE B 482 2.30 -16.58 48.95
N GLN B 483 2.29 -17.86 48.57
CA GLN B 483 2.88 -18.33 47.31
C GLN B 483 1.90 -18.12 46.13
N PRO B 484 2.35 -17.45 45.04
CA PRO B 484 1.58 -17.54 43.78
C PRO B 484 1.91 -18.86 43.05
N SER B 485 0.88 -19.65 42.74
CA SER B 485 1.04 -20.96 42.10
C SER B 485 1.23 -20.75 40.60
N LEU B 486 1.75 -21.79 39.92
CA LEU B 486 2.09 -21.66 38.51
C LEU B 486 0.85 -21.69 37.62
N ASP B 487 0.14 -20.55 37.60
CA ASP B 487 -1.12 -20.32 36.86
C ASP B 487 -0.96 -20.58 35.36
N ARG B 488 -0.63 -21.84 35.06
CA ARG B 488 -0.39 -22.29 33.71
C ARG B 488 -1.21 -21.42 32.77
N GLY B 489 -2.53 -21.55 32.88
CA GLY B 489 -3.44 -21.00 31.90
C GLY B 489 -3.06 -19.61 31.46
N THR B 490 -3.02 -18.68 32.42
CA THR B 490 -2.64 -17.31 32.16
C THR B 490 -1.32 -17.25 31.38
N LYS B 491 -0.29 -17.89 31.90
CA LYS B 491 1.03 -17.77 31.29
C LYS B 491 1.01 -18.21 29.84
N THR B 492 0.34 -19.32 29.55
CA THR B 492 0.26 -19.86 28.19
C THR B 492 -0.46 -18.93 27.22
N LEU B 493 -1.47 -18.21 27.69
CA LEU B 493 -2.08 -17.20 26.86
C LEU B 493 -1.13 -16.02 26.58
N GLU B 494 -0.33 -15.64 27.57
CA GLU B 494 0.69 -14.59 27.38
C GLU B 494 1.70 -15.00 26.32
N TYR B 495 2.15 -16.24 26.36
CA TYR B 495 3.10 -16.72 25.38
C TYR B 495 2.56 -16.79 23.95
N ILE B 496 1.38 -17.35 23.79
CA ILE B 496 0.75 -17.45 22.50
C ILE B 496 0.49 -16.06 21.98
N GLY B 497 0.02 -15.19 22.85
CA GLY B 497 -0.30 -13.82 22.42
C GLY B 497 0.95 -13.18 21.85
N ASN B 498 2.05 -13.33 22.59
CA ASN B 498 3.32 -12.70 22.32
C ASN B 498 3.90 -13.12 20.98
N VAL B 499 3.89 -14.42 20.74
CA VAL B 499 4.40 -14.96 19.50
C VAL B 499 3.51 -14.63 18.32
N THR B 500 2.20 -14.52 18.59
CA THR B 500 1.23 -14.36 17.52
C THR B 500 1.44 -12.99 16.96
N ILE B 501 1.87 -12.07 17.82
CA ILE B 501 1.92 -10.68 17.47
C ILE B 501 3.34 -10.26 17.07
N ASN B 502 4.33 -10.86 17.72
CA ASN B 502 5.72 -10.48 17.57
C ASN B 502 6.59 -11.61 17.02
N GLY B 503 5.95 -12.73 16.66
CA GLY B 503 6.66 -13.82 16.01
C GLY B 503 7.80 -14.44 16.81
N PHE B 504 8.54 -15.34 16.20
CA PHE B 504 9.54 -16.12 16.90
C PHE B 504 10.94 -15.71 16.48
N PRO B 505 11.98 -15.74 17.38
CA PRO B 505 13.41 -15.43 17.00
C PRO B 505 14.07 -16.44 15.86
N ASN B 506 14.67 -16.14 14.62
CA ASN B 506 15.20 -17.17 13.58
C ASN B 506 14.08 -17.72 12.68
N VAL B 507 12.85 -17.39 13.06
CA VAL B 507 11.67 -17.92 12.37
C VAL B 507 10.82 -16.90 11.60
N GLU B 508 10.68 -17.15 10.31
CA GLU B 508 10.02 -16.25 9.37
C GLU B 508 8.49 -16.42 9.43
N LYS B 509 7.78 -15.27 9.42
CA LYS B 509 6.29 -15.22 9.53
C LYS B 509 5.58 -15.82 8.32
N ARG B 510 5.23 -17.09 8.42
CA ARG B 510 4.48 -17.79 7.37
C ARG B 510 3.05 -18.24 7.81
N PRO B 511 2.28 -18.82 6.88
CA PRO B 511 1.01 -19.40 7.32
C PRO B 511 1.19 -20.67 8.20
N LYS B 512 0.58 -20.65 9.39
CA LYS B 512 0.86 -21.65 10.41
C LYS B 512 0.59 -23.11 9.97
N PRO B 513 1.62 -23.99 10.07
CA PRO B 513 1.53 -25.41 9.67
C PRO B 513 0.46 -26.22 10.43
N ASP B 514 0.91 -27.24 11.17
CA ASP B 514 0.14 -28.49 11.40
C ASP B 514 -0.66 -28.80 10.13
N TYR B 515 0.04 -28.98 9.01
CA TYR B 515 -0.61 -29.11 7.71
C TYR B 515 -0.34 -30.47 7.02
N GLU B 516 -0.47 -31.55 7.79
CA GLU B 516 -0.96 -32.84 7.26
C GLU B 516 -1.99 -33.50 8.19
N LEU B 517 -3.22 -33.68 7.67
CA LEU B 517 -4.31 -34.43 8.34
C LEU B 517 -4.03 -35.96 8.46
N ALA B 518 -2.90 -36.42 7.90
CA ALA B 518 -2.27 -37.67 8.38
C ALA B 518 -1.82 -37.50 9.86
N SER B 519 -2.70 -37.89 10.80
CA SER B 519 -2.33 -37.91 12.21
C SER B 519 -1.25 -38.98 12.49
N ILE B 520 -1.24 -39.51 13.70
CA ILE B 520 -0.03 -40.05 14.25
C ILE B 520 -0.26 -41.50 14.59
N PRO B 521 0.57 -42.40 14.05
CA PRO B 521 0.48 -43.82 14.43
C PRO B 521 0.69 -44.02 15.92
N THR B 522 -0.01 -44.97 16.53
CA THR B 522 0.18 -45.23 17.94
C THR B 522 0.02 -46.69 18.32
N VAL B 523 0.34 -47.02 19.56
CA VAL B 523 0.35 -48.41 19.98
C VAL B 523 0.06 -48.42 21.47
N SER B 524 -0.83 -49.31 21.88
CA SER B 524 -1.38 -49.31 23.24
C SER B 524 -0.25 -49.48 24.26
N SER B 525 -0.38 -48.75 25.37
CA SER B 525 0.36 -49.03 26.61
C SER B 525 0.58 -50.51 26.83
N SER B 526 -0.53 -51.26 26.89
CA SER B 526 -0.46 -52.64 27.29
C SER B 526 0.50 -53.44 26.42
N LYS B 527 0.36 -53.30 25.09
CA LYS B 527 1.29 -53.94 24.13
C LYS B 527 2.74 -53.63 24.50
N ILE B 528 3.01 -52.34 24.66
CA ILE B 528 4.33 -51.87 24.97
C ILE B 528 4.89 -52.46 26.26
N ALA B 529 4.05 -52.63 27.26
CA ALA B 529 4.51 -53.05 28.59
C ALA B 529 4.81 -54.55 28.66
N SER B 530 4.48 -55.27 27.59
CA SER B 530 4.72 -56.70 27.55
C SER B 530 5.90 -56.97 26.64
N PHE B 531 6.56 -55.92 26.18
CA PHE B 531 7.63 -56.04 25.20
C PHE B 531 8.96 -56.17 25.91
N SER B 532 9.71 -57.21 25.56
CA SER B 532 10.97 -57.48 26.24
C SER B 532 12.15 -57.36 25.27
N GLY B 533 12.85 -56.22 25.36
CA GLY B 533 13.94 -55.91 24.46
C GLY B 533 15.27 -55.74 25.18
N THR B 534 16.13 -54.93 24.56
CA THR B 534 17.50 -54.75 25.04
C THR B 534 17.52 -54.14 26.45
N LYS B 535 16.54 -53.30 26.76
CA LYS B 535 16.32 -52.83 28.12
C LYS B 535 16.23 -53.98 29.12
N GLN B 536 15.31 -54.91 28.87
CA GLN B 536 15.06 -56.03 29.78
C GLN B 536 16.27 -56.95 29.82
N LEU B 537 16.87 -57.19 28.66
CA LEU B 537 18.14 -57.92 28.61
C LEU B 537 19.14 -57.38 29.60
N LEU B 538 19.30 -56.04 29.61
CA LEU B 538 20.24 -55.36 30.52
C LEU B 538 19.82 -55.50 31.98
N ASP B 539 18.54 -55.27 32.24
CA ASP B 539 17.93 -55.49 33.53
C ASP B 539 18.16 -56.90 34.09
N GLU B 540 18.47 -57.89 33.24
CA GLU B 540 18.59 -59.28 33.73
C GLU B 540 20.03 -59.74 33.85
N VAL B 541 20.87 -59.35 32.89
CA VAL B 541 22.17 -60.00 32.73
C VAL B 541 23.38 -59.08 32.61
N GLY B 542 23.16 -57.77 32.70
CA GLY B 542 24.25 -56.81 32.86
C GLY B 542 24.92 -56.38 31.56
N PRO B 543 25.67 -55.28 31.60
CA PRO B 543 26.44 -54.80 30.47
C PRO B 543 27.23 -55.90 29.75
N LYS B 544 28.06 -56.66 30.47
CA LYS B 544 28.78 -57.76 29.81
C LYS B 544 27.84 -58.77 29.17
N GLY B 545 26.87 -59.28 29.93
CA GLY B 545 25.75 -60.01 29.33
C GLY B 545 25.29 -59.47 27.97
N VAL B 546 24.94 -58.20 27.94
CA VAL B 546 24.49 -57.56 26.69
C VAL B 546 25.52 -57.68 25.56
N ALA B 547 26.78 -57.37 25.87
CA ALA B 547 27.88 -57.47 24.91
C ALA B 547 27.98 -58.89 24.38
N GLU B 548 28.07 -59.83 25.31
CA GLU B 548 27.99 -61.22 24.95
C GLU B 548 26.79 -61.46 24.06
N TRP B 549 25.62 -61.01 24.49
CA TRP B 549 24.43 -61.29 23.73
C TRP B 549 24.60 -60.72 22.34
N VAL B 550 24.88 -59.42 22.25
CA VAL B 550 25.06 -58.75 20.96
C VAL B 550 25.80 -59.65 20.00
N LYS B 551 27.02 -60.02 20.37
CA LYS B 551 27.90 -60.63 19.37
C LYS B 551 27.58 -62.08 18.99
N LYS B 552 26.58 -62.66 19.65
CA LYS B 552 26.00 -63.94 19.23
C LYS B 552 24.98 -63.77 18.09
N GLN B 553 24.46 -62.56 17.95
CA GLN B 553 23.40 -62.28 17.01
C GLN B 553 23.91 -62.36 15.59
N ASP B 554 23.18 -63.03 14.71
CA ASP B 554 23.61 -63.06 13.32
C ASP B 554 23.16 -61.87 12.48
N ASP B 555 21.87 -61.55 12.59
CA ASP B 555 21.30 -60.31 12.04
C ASP B 555 22.19 -59.10 12.37
N VAL B 556 22.05 -58.02 11.60
CA VAL B 556 22.68 -56.76 11.97
C VAL B 556 21.74 -55.98 12.86
N LEU B 557 22.27 -55.39 13.93
CA LEU B 557 21.44 -54.69 14.87
C LEU B 557 21.56 -53.22 14.62
N LEU B 558 20.48 -52.49 14.85
CA LEU B 558 20.44 -51.11 14.46
C LEU B 558 20.06 -50.23 15.60
N THR B 559 20.76 -49.11 15.67
CA THR B 559 20.49 -48.04 16.61
C THR B 559 19.78 -46.97 15.79
N ASP B 560 18.70 -46.42 16.32
CA ASP B 560 18.12 -45.28 15.68
C ASP B 560 18.66 -43.95 16.24
N THR B 561 19.07 -43.06 15.34
CA THR B 561 19.55 -41.76 15.75
C THR B 561 18.51 -40.68 15.44
N THR B 562 17.33 -41.08 14.97
CA THR B 562 16.32 -40.10 14.60
C THR B 562 16.16 -39.03 15.68
N PHE B 563 16.13 -39.45 16.95
CA PHE B 563 15.80 -38.57 18.08
C PHE B 563 16.94 -37.63 18.49
N ARG B 564 18.12 -37.80 17.89
CA ARG B 564 19.29 -37.03 18.30
C ARG B 564 20.18 -36.66 17.15
N ASP B 565 20.94 -37.59 16.64
CA ASP B 565 21.83 -37.23 15.53
C ASP B 565 21.17 -36.75 14.24
N ALA B 566 20.09 -37.40 13.82
CA ALA B 566 19.41 -37.00 12.59
C ALA B 566 19.11 -35.49 12.53
N HIS B 567 18.37 -34.98 13.51
CA HIS B 567 17.96 -33.60 13.51
C HIS B 567 19.09 -32.65 13.91
N GLN B 568 20.06 -33.15 14.68
CA GLN B 568 21.26 -32.38 14.92
C GLN B 568 22.03 -31.95 13.67
N SER B 569 22.10 -32.82 12.66
CA SER B 569 22.73 -32.43 11.40
C SER B 569 21.79 -31.77 10.40
N LEU B 570 20.53 -32.21 10.35
CA LEU B 570 19.61 -31.68 9.38
C LEU B 570 18.85 -30.45 9.83
N LEU B 571 18.45 -30.39 11.08
CA LEU B 571 17.60 -29.30 11.54
C LEU B 571 18.16 -28.47 12.70
N ALA B 572 19.48 -28.29 12.77
CA ALA B 572 20.16 -27.55 13.83
C ALA B 572 19.65 -27.92 15.20
N THR B 573 19.34 -29.20 15.36
CA THR B 573 18.97 -29.75 16.66
C THR B 573 17.70 -29.15 17.28
N ARG B 574 16.85 -28.50 16.48
CA ARG B 574 15.72 -27.80 17.03
C ARG B 574 14.53 -28.68 17.38
N VAL B 575 14.59 -29.95 17.00
CA VAL B 575 13.40 -30.79 17.08
C VAL B 575 12.92 -30.94 18.52
N ARG B 576 11.63 -30.60 18.74
CA ARG B 576 11.09 -30.45 20.08
C ARG B 576 10.64 -31.76 20.73
N THR B 577 10.64 -31.79 22.06
CA THR B 577 10.15 -32.97 22.78
C THR B 577 8.80 -33.44 22.26
N LYS B 578 7.88 -32.53 21.99
CA LYS B 578 6.51 -32.97 21.70
C LYS B 578 6.48 -33.89 20.51
N ASP B 579 7.25 -33.55 19.48
CA ASP B 579 7.18 -34.32 18.28
C ASP B 579 7.78 -35.71 18.50
N MET B 580 8.66 -35.81 19.48
CA MET B 580 9.24 -37.08 19.82
C MET B 580 8.22 -37.88 20.58
N ILE B 581 7.65 -37.26 21.59
CA ILE B 581 6.79 -37.99 22.47
C ILE B 581 5.58 -38.46 21.71
N ASN B 582 5.13 -37.68 20.75
CA ASN B 582 3.96 -38.10 20.00
C ASN B 582 4.15 -39.43 19.25
N ILE B 583 5.37 -39.70 18.83
CA ILE B 583 5.63 -40.90 18.05
C ILE B 583 6.29 -42.01 18.87
N ALA B 584 6.37 -41.79 20.18
CA ALA B 584 7.15 -42.67 21.06
C ALA B 584 6.59 -44.07 21.18
N SER B 585 5.28 -44.22 21.09
CA SER B 585 4.71 -45.54 21.22
C SER B 585 4.86 -46.29 19.92
N LYS B 586 4.83 -45.59 18.80
CA LYS B 586 5.05 -46.27 17.54
C LYS B 586 6.50 -46.72 17.44
N THR B 587 7.40 -45.80 17.76
CA THR B 587 8.83 -46.06 17.78
C THR B 587 9.16 -47.33 18.55
N ALA B 588 8.48 -47.52 19.68
CA ALA B 588 8.75 -48.60 20.62
C ALA B 588 8.35 -49.93 20.01
N ASP B 589 7.21 -49.94 19.33
CA ASP B 589 6.81 -51.06 18.50
C ASP B 589 7.79 -51.33 17.38
N VAL B 590 8.21 -50.29 16.67
CA VAL B 590 8.98 -50.51 15.44
C VAL B 590 10.43 -50.92 15.71
N PHE B 591 11.11 -50.19 16.60
CA PHE B 591 12.41 -50.57 17.11
C PHE B 591 12.40 -51.55 18.29
N LYS B 592 11.27 -52.23 18.47
CA LYS B 592 11.18 -53.27 19.49
C LYS B 592 12.40 -54.19 19.51
N ASP B 593 12.96 -54.48 18.35
CA ASP B 593 14.05 -55.46 18.26
C ASP B 593 15.41 -54.78 18.04
N GLY B 594 15.42 -53.46 18.02
CA GLY B 594 16.66 -52.77 17.75
C GLY B 594 17.60 -52.79 18.93
N PHE B 595 18.84 -52.43 18.71
CA PHE B 595 19.78 -52.35 19.81
C PHE B 595 19.48 -51.17 20.75
N SER B 596 19.48 -49.95 20.21
CA SER B 596 19.14 -48.77 21.03
C SER B 596 18.59 -47.60 20.26
N LEU B 597 18.02 -46.65 20.98
CA LEU B 597 17.70 -45.35 20.42
C LEU B 597 18.70 -44.35 20.96
N GLU B 598 19.35 -43.60 20.07
CA GLU B 598 20.18 -42.49 20.51
C GLU B 598 19.28 -41.28 20.58
N MET B 599 19.03 -40.81 21.80
CA MET B 599 18.04 -39.76 21.96
C MET B 599 18.45 -38.56 22.86
N TRP B 600 19.74 -38.37 23.06
CA TRP B 600 20.22 -37.45 24.07
C TRP B 600 21.70 -37.21 23.94
N GLY B 601 22.17 -36.17 24.59
CA GLY B 601 23.55 -35.79 24.48
C GLY B 601 23.80 -35.01 23.22
N GLY B 602 25.06 -34.79 22.91
CA GLY B 602 25.36 -34.03 21.73
C GLY B 602 25.05 -32.58 22.01
N ALA B 603 24.36 -31.96 21.07
CA ALA B 603 23.97 -30.57 21.25
C ALA B 603 22.59 -30.45 21.91
N THR B 604 21.91 -31.57 22.11
CA THR B 604 20.49 -31.48 22.40
C THR B 604 20.31 -30.83 23.77
N PHE B 605 21.29 -31.03 24.64
CA PHE B 605 21.14 -30.66 26.02
C PHE B 605 21.25 -29.15 26.11
N ASP B 606 22.13 -28.59 25.30
CA ASP B 606 22.36 -27.17 25.36
C ASP B 606 21.21 -26.53 24.59
N VAL B 607 20.86 -27.11 23.45
CA VAL B 607 19.93 -26.48 22.52
C VAL B 607 18.50 -26.54 23.01
N ALA B 608 18.17 -27.58 23.76
CA ALA B 608 16.89 -27.64 24.44
C ALA B 608 16.76 -26.46 25.40
N TYR B 609 17.58 -26.43 26.45
CA TYR B 609 17.44 -25.40 27.49
C TYR B 609 17.54 -24.01 26.87
N ASN B 610 18.30 -23.89 25.79
CA ASN B 610 18.72 -22.59 25.31
C ASN B 610 17.78 -22.01 24.27
N PHE B 611 17.52 -22.76 23.20
CA PHE B 611 16.68 -22.27 22.14
C PHE B 611 15.23 -22.70 22.32
N LEU B 612 15.03 -24.01 22.50
CA LEU B 612 13.72 -24.60 22.73
C LEU B 612 13.13 -24.25 24.09
N LYS B 613 13.95 -23.81 25.03
CA LYS B 613 13.48 -23.47 26.36
C LYS B 613 12.67 -24.57 26.97
N GLU B 614 13.08 -25.81 26.72
CA GLU B 614 12.55 -26.96 27.43
C GLU B 614 13.66 -27.67 28.13
N ASN B 615 13.31 -28.69 28.90
CA ASN B 615 14.19 -29.32 29.87
C ASN B 615 14.58 -30.68 29.35
N PRO B 616 15.86 -30.84 28.96
CA PRO B 616 16.27 -32.11 28.36
C PRO B 616 15.98 -33.30 29.26
N TRP B 617 16.06 -33.11 30.58
CA TRP B 617 15.84 -34.20 31.53
C TRP B 617 14.44 -34.70 31.40
N GLU B 618 13.49 -33.78 31.24
CA GLU B 618 12.09 -34.14 31.12
C GLU B 618 11.83 -34.92 29.85
N ARG B 619 12.53 -34.57 28.77
CA ARG B 619 12.43 -35.31 27.51
C ARG B 619 12.89 -36.75 27.69
N LEU B 620 14.05 -36.90 28.35
CA LEU B 620 14.50 -38.17 28.90
C LEU B 620 13.37 -38.89 29.64
N GLU B 621 12.87 -38.31 30.72
CA GLU B 621 11.96 -39.05 31.60
C GLU B 621 10.68 -39.41 30.86
N ARG B 622 10.15 -38.43 30.12
CA ARG B 622 8.94 -38.68 29.36
C ARG B 622 9.21 -39.84 28.40
N LEU B 623 10.21 -39.70 27.50
CA LEU B 623 10.50 -40.74 26.55
C LEU B 623 10.81 -42.08 27.22
N ARG B 624 11.44 -42.02 28.40
CA ARG B 624 11.74 -43.21 29.21
C ARG B 624 10.53 -44.08 29.52
N LYS B 625 9.49 -43.46 30.04
CA LYS B 625 8.26 -44.20 30.33
C LYS B 625 7.50 -44.56 29.04
N ALA B 626 7.70 -43.82 27.96
CA ALA B 626 6.95 -44.13 26.73
C ALA B 626 7.58 -45.27 25.96
N ILE B 627 8.85 -45.56 26.24
CA ILE B 627 9.62 -46.58 25.51
C ILE B 627 10.43 -47.37 26.53
N PRO B 628 9.83 -48.42 27.13
CA PRO B 628 10.44 -49.11 28.28
C PRO B 628 11.41 -50.21 27.90
N ASN B 629 11.59 -50.42 26.59
CA ASN B 629 11.97 -51.73 26.04
C ASN B 629 13.22 -51.71 25.19
N VAL B 630 13.67 -50.52 24.82
CA VAL B 630 14.88 -50.38 24.05
C VAL B 630 15.91 -49.60 24.89
N LEU B 631 17.17 -49.98 24.80
CA LEU B 631 18.22 -49.26 25.51
C LEU B 631 18.23 -47.79 25.05
N PHE B 632 18.55 -46.87 25.94
CA PHE B 632 18.69 -45.49 25.51
C PHE B 632 20.15 -45.14 25.40
N GLN B 633 20.52 -44.49 24.30
CA GLN B 633 21.89 -44.08 24.10
C GLN B 633 22.06 -42.57 24.15
N MET B 634 23.08 -42.12 24.84
CA MET B 634 23.46 -40.73 24.73
C MET B 634 24.91 -40.69 24.25
N LEU B 635 25.30 -39.55 23.70
CA LEU B 635 26.65 -39.31 23.27
C LEU B 635 27.33 -38.41 24.30
N LEU B 636 28.65 -38.55 24.47
CA LEU B 636 29.33 -38.01 25.63
C LEU B 636 30.78 -37.67 25.33
N ARG B 637 31.04 -36.37 25.16
CA ARG B 637 32.42 -35.86 25.12
C ARG B 637 33.06 -36.24 26.44
N ALA B 638 34.20 -36.92 26.37
CA ALA B 638 34.80 -37.52 27.53
C ALA B 638 35.24 -36.51 28.60
N SER B 639 35.28 -35.22 28.25
CA SER B 639 35.81 -34.20 29.15
C SER B 639 34.72 -33.26 29.70
N ASN B 640 33.71 -32.98 28.89
CA ASN B 640 32.69 -32.07 29.36
C ASN B 640 31.31 -32.69 29.30
N ALA B 641 31.27 -33.99 29.04
CA ALA B 641 30.01 -34.69 28.98
C ALA B 641 29.14 -34.08 27.88
N VAL B 642 28.67 -32.88 28.14
CA VAL B 642 27.54 -32.40 27.43
C VAL B 642 27.67 -30.89 27.54
N GLY B 643 28.61 -30.45 28.38
CA GLY B 643 28.77 -29.07 28.79
C GLY B 643 29.53 -28.31 27.73
N TYR B 644 30.01 -27.11 28.04
CA TYR B 644 30.53 -26.19 27.03
C TYR B 644 31.94 -25.71 27.36
N LYS B 645 32.41 -26.02 28.57
CA LYS B 645 33.82 -25.81 28.92
C LYS B 645 34.45 -27.03 29.59
N ASN B 646 35.50 -26.79 30.36
CA ASN B 646 36.15 -27.83 31.18
C ASN B 646 35.58 -27.95 32.60
N TYR B 647 35.42 -29.18 33.09
CA TYR B 647 34.94 -29.35 34.45
C TYR B 647 35.75 -30.36 35.27
N PRO B 648 35.69 -30.23 36.60
CA PRO B 648 36.17 -31.23 37.55
C PRO B 648 35.52 -32.60 37.42
N ASP B 649 36.19 -33.62 37.95
CA ASP B 649 35.77 -35.01 37.81
C ASP B 649 34.38 -35.20 38.35
N ASN B 650 34.08 -34.54 39.46
CA ASN B 650 32.81 -34.80 40.14
C ASN B 650 31.60 -34.29 39.34
N VAL B 651 31.74 -33.13 38.70
CA VAL B 651 30.74 -32.68 37.74
C VAL B 651 30.48 -33.78 36.72
N ILE B 652 31.52 -34.23 36.05
CA ILE B 652 31.34 -35.28 35.05
C ILE B 652 30.66 -36.49 35.70
N HIS B 653 31.12 -36.83 36.90
CA HIS B 653 30.59 -37.96 37.66
C HIS B 653 29.10 -37.84 38.01
N LYS B 654 28.71 -36.69 38.54
CA LYS B 654 27.32 -36.50 38.95
C LYS B 654 26.39 -36.50 37.75
N PHE B 655 26.91 -36.03 36.61
CA PHE B 655 26.11 -36.00 35.39
C PHE B 655 25.74 -37.38 34.92
N VAL B 656 26.63 -38.34 35.11
CA VAL B 656 26.33 -39.69 34.73
C VAL B 656 25.40 -40.33 35.74
N GLN B 657 25.66 -40.11 37.02
CA GLN B 657 24.80 -40.64 38.10
C GLN B 657 23.36 -40.31 37.77
N GLU B 658 23.12 -39.05 37.44
CA GLU B 658 21.75 -38.59 37.27
C GLU B 658 21.19 -39.04 35.93
N SER B 659 22.07 -39.15 34.94
CA SER B 659 21.72 -39.67 33.63
C SER B 659 21.39 -41.15 33.67
N ALA B 660 22.10 -41.88 34.52
CA ALA B 660 21.80 -43.29 34.72
C ALA B 660 20.44 -43.47 35.38
N LYS B 661 20.15 -42.70 36.44
CA LYS B 661 18.85 -42.82 37.13
C LYS B 661 17.68 -42.49 36.19
N ALA B 662 17.92 -41.57 35.26
CA ALA B 662 16.83 -41.03 34.50
C ALA B 662 16.43 -41.91 33.32
N GLY B 663 17.34 -42.72 32.80
CA GLY B 663 17.02 -43.67 31.71
C GLY B 663 18.12 -44.02 30.70
N ILE B 664 19.26 -43.37 30.81
CA ILE B 664 20.31 -43.56 29.84
C ILE B 664 21.02 -44.87 30.07
N ASP B 665 21.04 -45.74 29.07
CA ASP B 665 21.53 -47.12 29.26
C ASP B 665 22.90 -47.32 28.63
N VAL B 666 23.14 -46.69 27.48
CA VAL B 666 24.38 -46.86 26.78
C VAL B 666 25.04 -45.48 26.60
N PHE B 667 26.31 -45.37 27.04
CA PHE B 667 27.06 -44.10 27.03
C PHE B 667 28.22 -44.16 26.03
N ARG B 668 28.01 -43.64 24.83
CA ARG B 668 29.09 -43.65 23.86
C ARG B 668 29.99 -42.48 24.17
N ILE B 669 31.19 -42.80 24.66
CA ILE B 669 32.18 -41.84 25.16
C ILE B 669 33.23 -41.65 24.08
N PHE B 670 33.48 -40.40 23.69
CA PHE B 670 34.50 -40.12 22.70
C PHE B 670 35.34 -38.95 23.14
N ASP B 671 36.62 -38.94 22.76
CA ASP B 671 37.48 -37.76 22.92
C ASP B 671 37.70 -37.12 21.55
N SER B 672 37.80 -35.80 21.51
CA SER B 672 37.77 -35.12 20.23
C SER B 672 39.11 -35.24 19.50
N LEU B 673 40.17 -35.62 20.23
CA LEU B 673 41.49 -35.91 19.64
C LEU B 673 41.93 -37.38 19.82
N ASN B 674 41.00 -38.26 20.20
CA ASN B 674 41.23 -39.70 20.46
C ASN B 674 42.22 -39.93 21.63
N TRP B 675 42.26 -38.99 22.55
CA TRP B 675 43.03 -39.15 23.74
C TRP B 675 42.29 -40.07 24.67
N VAL B 676 42.80 -41.28 24.84
CA VAL B 676 42.15 -42.25 25.70
C VAL B 676 42.19 -41.80 27.16
N ASP B 677 43.34 -41.28 27.59
CA ASP B 677 43.50 -40.74 28.95
C ASP B 677 42.27 -39.92 29.42
N GLN B 678 41.59 -39.21 28.51
CA GLN B 678 40.44 -38.39 28.92
C GLN B 678 39.17 -39.19 29.05
N MET B 679 39.11 -40.36 28.45
CA MET B 679 37.90 -41.16 28.49
C MET B 679 37.75 -41.84 29.87
N LYS B 680 38.85 -41.95 30.59
CA LYS B 680 38.91 -42.78 31.80
C LYS B 680 37.88 -42.39 32.88
N VAL B 681 37.64 -41.10 33.08
CA VAL B 681 36.72 -40.68 34.13
C VAL B 681 35.23 -40.88 33.80
N ALA B 682 34.87 -40.78 32.52
CA ALA B 682 33.51 -41.13 32.05
C ALA B 682 33.30 -42.64 32.01
N ASN B 683 34.39 -43.38 31.81
CA ASN B 683 34.33 -44.83 31.89
C ASN B 683 34.09 -45.29 33.33
N GLU B 684 35.00 -44.96 34.24
CA GLU B 684 34.71 -45.11 35.66
C GLU B 684 33.25 -44.77 35.94
N ALA B 685 32.83 -43.54 35.72
CA ALA B 685 31.51 -43.11 36.15
C ALA B 685 30.36 -43.97 35.58
N VAL B 686 30.55 -44.53 34.39
CA VAL B 686 29.59 -45.46 33.85
C VAL B 686 29.63 -46.89 34.48
N GLN B 687 30.81 -47.47 34.67
CA GLN B 687 30.90 -48.79 35.30
C GLN B 687 30.10 -48.83 36.62
N GLU B 688 30.40 -47.91 37.53
CA GLU B 688 29.64 -47.75 38.78
C GLU B 688 28.15 -47.65 38.50
N ALA B 689 27.75 -46.89 37.50
CA ALA B 689 26.31 -46.75 37.26
C ALA B 689 25.68 -48.07 36.83
N GLY B 690 26.53 -49.07 36.59
CA GLY B 690 26.10 -50.38 36.12
C GLY B 690 25.70 -50.41 34.66
N LYS B 691 26.14 -49.41 33.91
CA LYS B 691 25.61 -49.21 32.57
C LYS B 691 26.62 -49.62 31.52
N ILE B 692 26.30 -49.28 30.27
CA ILE B 692 27.09 -49.77 29.15
C ILE B 692 28.02 -48.68 28.65
N SER B 693 29.30 -48.99 28.57
CA SER B 693 30.29 -48.05 28.14
C SER B 693 30.71 -48.39 26.72
N GLU B 694 30.48 -47.45 25.80
CA GLU B 694 30.96 -47.57 24.41
C GLU B 694 32.23 -46.74 24.25
N GLY B 695 33.40 -47.40 24.12
CA GLY B 695 34.63 -46.78 23.57
C GLY B 695 34.56 -46.32 22.10
N THR B 696 35.05 -45.12 21.82
CA THR B 696 34.88 -44.54 20.49
C THR B 696 36.17 -44.03 19.87
N ILE B 697 36.50 -44.62 18.73
CA ILE B 697 37.58 -44.11 17.91
C ILE B 697 36.98 -43.24 16.81
N CYS B 698 37.27 -41.94 16.87
CA CYS B 698 36.85 -41.05 15.79
C CYS B 698 37.78 -41.25 14.62
N TYR B 699 37.19 -41.52 13.47
CA TYR B 699 37.96 -41.83 12.26
C TYR B 699 38.33 -40.55 11.49
N THR B 700 39.60 -40.39 11.10
CA THR B 700 40.00 -39.35 10.14
C THR B 700 41.02 -39.91 9.15
N GLY B 701 41.13 -39.27 8.00
CA GLY B 701 42.09 -39.68 6.97
C GLY B 701 41.54 -40.69 6.00
N ASP B 702 42.32 -41.73 5.78
CA ASP B 702 42.06 -42.74 4.76
C ASP B 702 43.01 -43.93 4.93
N ILE B 703 42.60 -44.97 5.65
CA ILE B 703 43.48 -46.13 5.82
C ILE B 703 43.81 -46.82 4.49
N LEU B 704 43.04 -46.51 3.46
CA LEU B 704 43.32 -47.07 2.15
C LEU B 704 44.51 -46.37 1.52
N ASN B 705 44.71 -45.10 1.83
CA ASN B 705 45.76 -44.30 1.19
C ASN B 705 47.03 -44.00 2.03
N PRO B 706 48.22 -44.53 1.62
CA PRO B 706 49.46 -44.25 2.36
C PRO B 706 49.92 -42.79 2.44
N GLU B 707 49.88 -42.04 1.35
CA GLU B 707 50.44 -40.68 1.33
C GLU B 707 49.57 -39.68 2.09
N ARG B 708 48.58 -40.20 2.82
CA ARG B 708 47.66 -39.37 3.59
C ARG B 708 48.16 -39.15 5.02
N SER B 709 48.40 -40.24 5.75
CA SER B 709 48.91 -40.14 7.10
C SER B 709 49.94 -41.22 7.40
N ASN B 710 51.05 -40.84 8.01
CA ASN B 710 51.85 -41.83 8.70
C ASN B 710 51.56 -41.75 10.19
N ILE B 711 50.27 -41.68 10.50
CA ILE B 711 49.82 -41.65 11.87
C ILE B 711 48.51 -42.43 11.89
N TYR B 712 47.51 -41.97 11.15
CA TYR B 712 46.22 -42.65 11.17
C TYR B 712 46.15 -43.88 10.24
N THR B 713 46.88 -44.92 10.62
CA THR B 713 47.03 -46.14 9.83
C THR B 713 46.05 -47.21 10.29
N LEU B 714 45.96 -48.29 9.52
CA LEU B 714 45.11 -49.42 9.91
C LEU B 714 45.54 -49.95 11.26
N GLU B 715 46.81 -49.79 11.55
CA GLU B 715 47.39 -50.37 12.72
C GLU B 715 47.29 -49.37 13.88
N TYR B 716 47.19 -48.09 13.55
CA TYR B 716 46.97 -47.09 14.57
C TYR B 716 45.64 -47.35 15.26
N TYR B 717 44.62 -47.70 14.46
CA TYR B 717 43.26 -47.93 14.97
C TYR B 717 43.13 -49.25 15.77
N VAL B 718 43.71 -50.33 15.22
CA VAL B 718 43.75 -51.61 15.95
C VAL B 718 44.32 -51.36 17.33
N LYS B 719 45.47 -50.69 17.38
CA LYS B 719 46.13 -50.36 18.63
C LYS B 719 45.16 -49.64 19.57
N LEU B 720 44.42 -48.68 19.01
CA LEU B 720 43.48 -47.88 19.79
C LEU B 720 42.28 -48.67 20.31
N ALA B 721 41.68 -49.52 19.46
CA ALA B 721 40.71 -50.51 19.94
C ALA B 721 41.25 -51.38 21.09
N LYS B 722 42.51 -51.77 21.00
CA LYS B 722 43.05 -52.73 21.95
C LYS B 722 43.21 -52.08 23.33
N GLU B 723 43.43 -50.76 23.34
CA GLU B 723 43.56 -50.00 24.60
C GLU B 723 42.22 -49.80 25.27
N LEU B 724 41.21 -49.55 24.43
CA LEU B 724 39.84 -49.37 24.87
C LEU B 724 39.24 -50.67 25.42
N GLU B 725 39.61 -51.80 24.81
CA GLU B 725 39.16 -53.09 25.33
C GLU B 725 39.78 -53.32 26.70
N ARG B 726 41.06 -52.98 26.84
CA ARG B 726 41.78 -53.14 28.11
C ARG B 726 41.27 -52.21 29.21
N GLU B 727 40.90 -51.00 28.85
CA GLU B 727 40.17 -50.15 29.79
C GLU B 727 38.76 -50.68 30.14
N GLY B 728 38.32 -51.75 29.45
CA GLY B 728 37.08 -52.41 29.81
C GLY B 728 35.82 -51.62 29.49
N PHE B 729 35.83 -50.94 28.35
CA PHE B 729 34.60 -50.61 27.65
C PHE B 729 33.93 -51.88 27.16
N HIS B 730 32.63 -51.83 27.00
CA HIS B 730 31.84 -53.00 26.67
C HIS B 730 31.69 -53.12 25.16
N ILE B 731 31.74 -51.97 24.49
CA ILE B 731 31.44 -51.88 23.07
C ILE B 731 32.42 -50.92 22.41
N LEU B 732 33.00 -51.34 21.30
CA LEU B 732 33.81 -50.43 20.49
C LEU B 732 32.96 -49.74 19.41
N ALA B 733 32.95 -48.41 19.45
CA ALA B 733 32.33 -47.61 18.39
C ALA B 733 33.37 -46.95 17.51
N ILE B 734 33.13 -46.99 16.20
CA ILE B 734 33.79 -46.08 15.27
C ILE B 734 32.86 -44.91 14.91
N LYS B 735 33.14 -43.74 15.47
CA LYS B 735 32.31 -42.57 15.15
C LYS B 735 32.98 -41.94 13.98
N ASP B 736 32.48 -42.20 12.80
CA ASP B 736 33.01 -41.50 11.66
C ASP B 736 32.21 -40.23 11.32
N MET B 737 32.54 -39.10 11.94
CA MET B 737 31.66 -37.93 11.87
C MET B 737 31.73 -37.18 10.56
N ALA B 738 32.86 -37.27 9.88
CA ALA B 738 33.05 -36.47 8.70
C ALA B 738 32.46 -37.16 7.49
N GLY B 739 32.10 -38.44 7.67
CA GLY B 739 31.73 -39.33 6.55
C GLY B 739 32.91 -39.76 5.70
N LEU B 740 34.08 -39.84 6.30
CA LEU B 740 35.31 -40.06 5.59
C LEU B 740 35.63 -41.52 5.30
N LEU B 741 35.03 -42.42 6.07
CA LEU B 741 35.30 -43.85 5.94
C LEU B 741 34.64 -44.40 4.68
N LYS B 742 35.44 -44.73 3.65
CA LYS B 742 34.86 -45.19 2.38
C LYS B 742 34.51 -46.69 2.42
N PRO B 743 33.64 -47.15 1.51
CA PRO B 743 33.27 -48.56 1.51
C PRO B 743 34.47 -49.47 1.85
N LYS B 744 35.46 -49.54 0.97
CA LYS B 744 36.51 -50.54 1.08
C LYS B 744 37.19 -50.42 2.44
N ALA B 745 37.40 -49.18 2.89
CA ALA B 745 38.12 -48.93 4.14
C ALA B 745 37.42 -49.53 5.37
N ALA B 746 36.10 -49.49 5.38
CA ALA B 746 35.35 -50.12 6.44
C ALA B 746 35.56 -51.63 6.43
N TYR B 747 35.75 -52.19 5.23
CA TYR B 747 36.01 -53.61 5.12
C TYR B 747 37.36 -53.96 5.73
N GLU B 748 38.39 -53.21 5.38
CA GLU B 748 39.70 -53.40 5.98
C GLU B 748 39.61 -53.21 7.48
N LEU B 749 38.98 -52.13 7.91
CA LEU B 749 39.05 -51.66 9.30
C LEU B 749 38.18 -52.47 10.25
N ILE B 750 36.89 -52.58 9.93
CA ILE B 750 36.03 -53.41 10.75
C ILE B 750 36.59 -54.83 10.70
N GLY B 751 36.93 -55.31 9.52
CA GLY B 751 37.50 -56.67 9.42
C GLY B 751 38.53 -56.93 10.50
N GLU B 752 39.59 -56.14 10.48
CA GLU B 752 40.73 -56.33 11.36
C GLU B 752 40.36 -56.18 12.84
N LEU B 753 39.37 -55.36 13.13
CA LEU B 753 38.99 -55.07 14.51
C LEU B 753 38.24 -56.24 15.14
N LYS B 754 37.39 -56.90 14.35
CA LYS B 754 36.82 -58.14 14.78
C LYS B 754 37.99 -59.05 15.12
N SER B 755 38.91 -59.23 14.17
CA SER B 755 40.04 -60.10 14.43
C SER B 755 40.82 -59.77 15.71
N ALA B 756 40.90 -58.49 16.04
CA ALA B 756 41.84 -58.06 17.08
C ALA B 756 41.27 -57.88 18.48
N VAL B 757 39.91 -57.65 18.79
CA VAL B 757 39.35 -57.41 20.24
C VAL B 757 38.04 -58.25 20.62
N ASP B 758 37.53 -58.73 21.79
CA ASP B 758 36.22 -59.46 21.54
C ASP B 758 34.99 -58.53 21.50
N LEU B 759 35.08 -57.35 22.13
CA LEU B 759 34.18 -56.23 21.92
C LEU B 759 33.51 -56.26 20.58
N PRO B 760 32.17 -56.16 20.57
CA PRO B 760 31.38 -55.93 19.37
C PRO B 760 31.52 -54.49 18.91
N ILE B 761 31.42 -54.27 17.59
CA ILE B 761 31.70 -52.95 17.03
C ILE B 761 30.44 -52.23 16.56
N HIS B 762 30.31 -50.97 16.98
CA HIS B 762 29.15 -50.12 16.69
C HIS B 762 29.59 -49.07 15.67
N LEU B 763 29.10 -49.14 14.45
CA LEU B 763 29.59 -48.24 13.40
C LEU B 763 28.57 -47.13 13.15
N HIS B 764 29.01 -45.89 13.32
CA HIS B 764 28.17 -44.72 13.12
C HIS B 764 28.76 -43.92 11.96
N THR B 765 27.92 -43.47 11.04
CA THR B 765 28.43 -42.60 9.99
C THR B 765 27.46 -41.60 9.36
N HIS B 766 28.00 -40.75 8.49
CA HIS B 766 27.23 -39.64 7.91
C HIS B 766 27.30 -39.77 6.40
N ASP B 767 26.16 -39.66 5.73
CA ASP B 767 26.01 -40.00 4.32
C ASP B 767 26.44 -38.81 3.46
N THR B 768 27.18 -37.91 4.09
CA THR B 768 27.55 -36.66 3.48
C THR B 768 28.19 -36.78 2.08
N SER B 769 29.04 -37.78 1.89
CA SER B 769 29.61 -38.06 0.57
C SER B 769 28.64 -38.76 -0.42
N GLY B 770 27.53 -39.29 0.10
CA GLY B 770 26.60 -40.11 -0.69
C GLY B 770 26.92 -41.60 -0.71
N ASN B 771 27.81 -42.02 0.18
CA ASN B 771 28.41 -43.33 0.09
C ASN B 771 28.12 -44.09 1.35
N GLY B 772 27.36 -43.47 2.24
CA GLY B 772 27.08 -44.09 3.53
C GLY B 772 26.55 -45.52 3.43
N LEU B 773 25.52 -45.75 2.60
CA LEU B 773 24.92 -47.07 2.51
C LEU B 773 25.96 -48.08 2.11
N LEU B 774 26.79 -47.71 1.15
CA LEU B 774 27.82 -48.57 0.65
C LEU B 774 28.76 -48.98 1.75
N THR B 775 29.13 -48.01 2.59
CA THR B 775 30.01 -48.21 3.73
C THR B 775 29.45 -49.22 4.71
N TYR B 776 28.12 -49.18 4.88
CA TYR B 776 27.45 -50.17 5.68
C TYR B 776 27.42 -51.54 5.00
N LYS B 777 27.11 -51.60 3.71
CA LYS B 777 27.18 -52.91 3.04
C LYS B 777 28.51 -53.53 3.41
N GLN B 778 29.56 -52.73 3.33
CA GLN B 778 30.88 -53.26 3.56
C GLN B 778 31.08 -53.65 5.01
N ALA B 779 30.64 -52.83 5.95
CA ALA B 779 30.91 -53.07 7.39
C ALA B 779 30.19 -54.30 7.85
N ILE B 780 28.95 -54.41 7.41
CA ILE B 780 28.17 -55.58 7.63
C ILE B 780 28.84 -56.84 7.07
N ASP B 781 29.41 -56.78 5.88
CA ASP B 781 30.13 -57.96 5.34
C ASP B 781 31.28 -58.36 6.25
N ALA B 782 31.97 -57.36 6.79
CA ALA B 782 33.17 -57.57 7.59
C ALA B 782 32.85 -58.04 9.02
N GLY B 783 31.57 -58.09 9.39
CA GLY B 783 31.17 -58.66 10.69
C GLY B 783 30.44 -57.73 11.65
N VAL B 784 30.40 -56.43 11.32
CA VAL B 784 29.94 -55.39 12.23
C VAL B 784 28.63 -55.80 12.93
N ASP B 785 28.46 -55.41 14.19
CA ASP B 785 27.34 -55.86 15.00
C ASP B 785 26.18 -54.85 15.03
N ILE B 786 26.49 -53.57 15.32
CA ILE B 786 25.49 -52.51 15.36
C ILE B 786 25.78 -51.37 14.39
N ILE B 787 24.72 -50.76 13.87
CA ILE B 787 24.90 -49.63 12.96
C ILE B 787 23.93 -48.51 13.26
N ASP B 788 24.41 -47.27 13.23
CA ASP B 788 23.55 -46.08 13.38
C ASP B 788 22.78 -45.74 12.08
N THR B 789 21.47 -45.82 12.16
CA THR B 789 20.62 -45.54 11.01
C THR B 789 19.59 -44.50 11.40
N ALA B 790 18.92 -43.97 10.39
CA ALA B 790 17.86 -43.01 10.66
C ALA B 790 16.74 -43.18 9.62
N VAL B 791 15.52 -42.78 9.97
CA VAL B 791 14.36 -43.06 9.13
C VAL B 791 14.44 -42.31 7.82
N ALA B 792 13.87 -42.89 6.77
CA ALA B 792 14.15 -42.44 5.41
C ALA B 792 14.16 -40.92 5.33
N SER B 793 13.15 -40.29 5.92
CA SER B 793 12.86 -38.89 5.70
C SER B 793 13.69 -37.91 6.56
N MET B 794 14.52 -38.45 7.45
CA MET B 794 15.41 -37.67 8.28
C MET B 794 16.79 -38.27 8.08
N SER B 795 17.01 -38.81 6.89
CA SER B 795 18.29 -39.43 6.55
C SER B 795 18.99 -38.76 5.34
N GLY B 796 20.25 -39.17 5.12
CA GLY B 796 20.97 -38.85 3.89
C GLY B 796 21.62 -37.48 3.98
N LEU B 797 22.63 -37.25 3.16
CA LEU B 797 23.44 -36.03 3.27
C LEU B 797 24.16 -35.99 4.61
N THR B 798 24.09 -34.88 5.36
CA THR B 798 24.85 -34.85 6.61
C THR B 798 24.33 -35.79 7.72
N SER B 799 23.33 -36.61 7.41
CA SER B 799 22.70 -37.42 8.44
C SER B 799 23.22 -38.84 8.44
N GLN B 800 22.43 -39.77 8.98
CA GLN B 800 22.83 -41.15 8.78
C GLN B 800 22.23 -41.69 7.51
N PRO B 801 22.76 -42.83 7.06
CA PRO B 801 22.09 -43.49 5.97
C PRO B 801 20.74 -43.93 6.42
N SER B 802 19.84 -44.08 5.46
CA SER B 802 18.47 -44.41 5.72
C SER B 802 18.30 -45.89 5.99
N ALA B 803 17.77 -46.22 7.17
CA ALA B 803 17.50 -47.58 7.52
C ALA B 803 16.57 -48.24 6.51
N ASN B 804 15.59 -47.50 6.00
CA ASN B 804 14.62 -48.11 5.10
C ASN B 804 15.35 -48.61 3.86
N SER B 805 16.30 -47.82 3.36
CA SER B 805 16.94 -48.17 2.10
C SER B 805 17.79 -49.39 2.31
N LEU B 806 18.44 -49.45 3.47
CA LEU B 806 19.41 -50.51 3.77
C LEU B 806 18.73 -51.88 3.91
N TYR B 807 17.54 -51.89 4.51
CA TYR B 807 16.80 -53.10 4.69
C TYR B 807 16.62 -53.78 3.36
N TYR B 808 16.33 -53.03 2.31
CA TYR B 808 16.08 -53.59 1.02
C TYR B 808 17.38 -53.83 0.27
N ALA B 809 18.40 -53.10 0.64
CA ALA B 809 19.69 -53.25 -0.02
C ALA B 809 20.32 -54.59 0.33
N LEU B 810 20.01 -55.12 1.51
CA LEU B 810 20.59 -56.40 1.92
C LEU B 810 19.89 -57.63 1.35
N ASN B 811 18.75 -57.40 0.69
CA ASN B 811 18.02 -58.46 0.02
C ASN B 811 18.94 -59.44 -0.69
N GLY B 812 18.93 -60.70 -0.25
CA GLY B 812 19.70 -61.75 -0.92
C GLY B 812 21.17 -61.76 -0.55
N PHE B 813 21.54 -60.94 0.42
CA PHE B 813 22.83 -61.05 1.08
C PHE B 813 22.74 -61.87 2.38
N PRO B 814 23.80 -62.65 2.67
CA PRO B 814 23.94 -63.50 3.85
C PRO B 814 23.43 -62.91 5.19
N ARG B 815 23.53 -61.60 5.38
CA ARG B 815 23.15 -60.97 6.65
C ARG B 815 21.99 -59.98 6.47
N HIS B 816 21.09 -59.92 7.45
CA HIS B 816 19.95 -59.04 7.36
C HIS B 816 19.91 -58.05 8.52
N LEU B 817 19.44 -56.84 8.19
CA LEU B 817 19.00 -55.83 9.15
C LEU B 817 17.78 -56.30 9.95
N ARG B 818 17.87 -56.24 11.28
CA ARG B 818 16.78 -56.70 12.13
C ARG B 818 15.92 -55.51 12.50
N THR B 819 14.88 -55.31 11.73
CA THR B 819 13.99 -54.19 11.97
C THR B 819 12.65 -54.56 11.41
N ASP B 820 11.69 -53.66 11.57
CA ASP B 820 10.36 -53.79 10.96
C ASP B 820 10.19 -52.83 9.80
N ILE B 821 10.17 -53.33 8.56
CA ILE B 821 10.02 -52.46 7.39
C ILE B 821 8.80 -51.60 7.46
N GLU B 822 7.61 -52.20 7.48
CA GLU B 822 6.36 -51.41 7.51
C GLU B 822 6.35 -50.38 8.65
N GLY B 823 6.85 -50.76 9.81
CA GLY B 823 6.98 -49.82 10.90
C GLY B 823 7.77 -48.61 10.47
N MET B 824 8.96 -48.85 9.92
CA MET B 824 9.82 -47.77 9.44
C MET B 824 9.15 -46.87 8.41
N GLU B 825 8.40 -47.44 7.46
CA GLU B 825 7.80 -46.57 6.45
C GLU B 825 6.76 -45.67 7.09
N SER B 826 6.11 -46.22 8.09
CA SER B 826 5.15 -45.48 8.87
C SER B 826 5.87 -44.40 9.73
N LEU B 827 7.07 -44.69 10.22
CA LEU B 827 7.80 -43.72 11.00
C LEU B 827 8.33 -42.61 10.08
N SER B 828 8.58 -42.98 8.83
CA SER B 828 9.20 -42.10 7.88
C SER B 828 8.23 -41.04 7.41
N HIS B 829 6.97 -41.43 7.20
CA HIS B 829 5.90 -40.50 6.91
C HIS B 829 5.62 -39.56 8.03
N TYR B 830 5.57 -40.07 9.25
CA TYR B 830 5.33 -39.15 10.35
C TYR B 830 6.38 -38.03 10.27
N TRP B 831 7.64 -38.38 10.47
CA TRP B 831 8.74 -37.44 10.43
C TRP B 831 8.74 -36.59 9.17
N SER B 832 8.21 -37.15 8.08
CA SER B 832 8.08 -36.35 6.87
C SER B 832 7.29 -35.08 7.14
N THR B 833 6.08 -35.25 7.65
CA THR B 833 5.25 -34.13 8.02
C THR B 833 5.91 -33.25 9.10
N VAL B 834 6.41 -33.86 10.18
CA VAL B 834 7.05 -33.06 11.22
C VAL B 834 8.23 -32.21 10.76
N ARG B 835 9.12 -32.78 9.96
CA ARG B 835 10.25 -32.06 9.37
C ARG B 835 9.81 -30.73 8.76
N THR B 836 8.53 -30.65 8.45
CA THR B 836 7.99 -29.55 7.70
C THR B 836 7.78 -28.36 8.58
N TYR B 837 7.63 -28.64 9.87
CA TYR B 837 7.46 -27.63 10.91
C TYR B 837 8.74 -26.83 11.11
N TYR B 838 9.85 -27.37 10.63
CA TYR B 838 11.17 -26.91 11.06
C TYR B 838 11.90 -26.27 9.89
N SER B 839 11.21 -26.11 8.78
CA SER B 839 11.84 -25.66 7.55
C SER B 839 12.77 -24.43 7.68
N ASP B 840 12.55 -23.59 8.69
CA ASP B 840 13.39 -22.42 8.91
C ASP B 840 14.82 -22.78 9.38
N PHE B 841 14.97 -24.02 9.86
CA PHE B 841 16.28 -24.54 10.25
C PHE B 841 16.89 -25.54 9.25
N GLU B 842 16.30 -25.68 8.06
CA GLU B 842 16.88 -26.68 7.15
C GLU B 842 18.30 -26.25 6.80
N SER B 843 19.29 -27.18 6.56
CA SER B 843 20.66 -26.79 6.14
C SER B 843 20.55 -26.25 4.72
N ASP B 844 21.51 -25.54 4.16
CA ASP B 844 21.40 -25.24 2.73
C ASP B 844 22.20 -26.23 1.86
N ILE B 845 22.63 -27.35 2.47
CA ILE B 845 23.33 -28.45 1.78
C ILE B 845 22.30 -29.31 1.04
N LYS B 846 22.36 -29.39 -0.28
CA LYS B 846 21.34 -30.18 -0.99
C LYS B 846 21.87 -31.49 -1.60
N SER B 847 23.19 -31.54 -1.84
CA SER B 847 23.78 -32.61 -2.64
C SER B 847 24.94 -33.28 -1.95
N PRO B 848 25.24 -34.51 -2.37
CA PRO B 848 26.37 -35.19 -1.76
C PRO B 848 27.63 -34.40 -2.08
N ASN B 849 28.63 -34.45 -1.21
CA ASN B 849 29.80 -33.62 -1.45
C ASN B 849 31.09 -34.35 -1.15
N THR B 850 32.01 -34.35 -2.10
CA THR B 850 33.17 -35.22 -2.00
C THR B 850 34.45 -34.42 -1.76
N GLU B 851 34.31 -33.10 -1.67
CA GLU B 851 35.38 -32.24 -1.13
C GLU B 851 35.79 -32.72 0.27
N ILE B 852 34.81 -33.18 1.05
CA ILE B 852 35.05 -33.66 2.40
C ILE B 852 36.29 -34.54 2.44
N TYR B 853 36.48 -35.34 1.40
CA TYR B 853 37.63 -36.24 1.34
C TYR B 853 38.94 -35.46 1.37
N GLN B 854 38.86 -34.15 1.11
CA GLN B 854 40.03 -33.28 1.04
C GLN B 854 40.07 -32.14 2.05
N HIS B 855 39.03 -31.96 2.84
CA HIS B 855 39.13 -31.00 3.93
C HIS B 855 38.69 -31.56 5.25
N GLU B 856 37.95 -32.66 5.20
CA GLU B 856 37.61 -33.42 6.37
C GLU B 856 36.72 -32.64 7.34
N MET B 857 36.02 -31.62 6.87
CA MET B 857 35.23 -30.85 7.80
C MET B 857 34.08 -31.68 8.27
N PRO B 858 33.99 -31.88 9.59
CA PRO B 858 32.92 -32.67 10.19
C PRO B 858 31.56 -32.16 9.77
N GLY B 859 30.55 -33.00 9.99
CA GLY B 859 29.15 -32.63 9.77
C GLY B 859 28.98 -31.36 8.97
N GLY B 860 28.34 -30.36 9.59
CA GLY B 860 27.78 -29.25 8.84
C GLY B 860 28.74 -28.10 8.72
N GLN B 861 29.95 -28.31 9.24
CA GLN B 861 30.92 -27.23 9.31
C GLN B 861 31.25 -26.66 7.94
N TYR B 862 31.35 -27.50 6.90
CA TYR B 862 31.61 -26.97 5.55
C TYR B 862 30.50 -26.07 5.05
N SER B 863 29.43 -25.97 5.85
CA SER B 863 28.37 -24.97 5.66
C SER B 863 28.54 -23.76 6.59
N ASN B 864 28.59 -24.02 7.90
CA ASN B 864 28.78 -22.97 8.91
C ASN B 864 30.07 -22.19 8.71
N LEU B 865 31.09 -22.85 8.15
CA LEU B 865 32.31 -22.16 7.80
C LEU B 865 32.12 -21.49 6.45
N SER B 866 30.93 -21.65 5.88
CA SER B 866 30.58 -20.94 4.67
C SER B 866 29.72 -19.72 4.96
N GLN B 867 28.78 -19.87 5.91
CA GLN B 867 28.06 -18.73 6.49
C GLN B 867 29.02 -17.60 6.98
N GLN B 868 30.21 -18.01 7.43
CA GLN B 868 31.12 -17.18 8.24
C GLN B 868 32.24 -16.60 7.39
N ALA B 869 32.63 -17.32 6.35
CA ALA B 869 33.47 -16.78 5.29
C ALA B 869 32.73 -15.70 4.48
N LYS B 870 31.43 -15.92 4.29
CA LYS B 870 30.47 -14.90 3.83
C LYS B 870 30.63 -13.58 4.59
N SER B 871 30.87 -13.69 5.90
CA SER B 871 30.69 -12.61 6.86
C SER B 871 31.98 -11.87 7.20
N LEU B 872 32.78 -11.55 6.18
CA LEU B 872 34.18 -11.21 6.35
C LEU B 872 34.76 -10.79 5.01
N GLY B 873 34.29 -11.43 3.95
CA GLY B 873 34.69 -11.05 2.61
C GLY B 873 35.34 -12.19 1.85
N LEU B 874 35.37 -13.35 2.48
CA LEU B 874 35.95 -14.52 1.84
C LEU B 874 34.96 -15.18 0.88
N GLY B 875 33.70 -14.73 0.93
CA GLY B 875 32.69 -15.20 -0.01
C GLY B 875 33.30 -15.59 -1.35
N GLU B 876 33.93 -14.62 -2.03
CA GLU B 876 34.46 -14.81 -3.38
C GLU B 876 35.75 -15.68 -3.46
N ARG B 877 36.21 -16.17 -2.31
CA ARG B 877 37.42 -17.00 -2.27
C ARG B 877 37.32 -18.11 -1.22
N PHE B 878 36.11 -18.60 -0.97
CA PHE B 878 35.95 -19.79 -0.17
C PHE B 878 36.81 -20.91 -0.74
N ASP B 879 36.97 -20.92 -2.05
CA ASP B 879 37.83 -21.90 -2.71
C ASP B 879 39.22 -21.98 -2.06
N GLU B 880 39.65 -20.87 -1.44
CA GLU B 880 40.91 -20.83 -0.70
C GLU B 880 40.72 -21.37 0.72
N VAL B 881 39.81 -20.78 1.48
CA VAL B 881 39.52 -21.25 2.84
C VAL B 881 39.63 -22.77 2.95
N LYS B 882 38.75 -23.49 2.25
CA LYS B 882 38.76 -24.95 2.20
C LYS B 882 40.17 -25.55 2.15
N ASP B 883 41.07 -24.87 1.44
CA ASP B 883 42.42 -25.36 1.29
C ASP B 883 43.30 -25.04 2.50
N MET B 884 43.06 -23.89 3.11
CA MET B 884 43.76 -23.50 4.32
C MET B 884 43.31 -24.39 5.49
N TYR B 885 42.03 -24.72 5.54
CA TYR B 885 41.53 -25.72 6.50
C TYR B 885 42.35 -27.03 6.47
N ARG B 886 42.47 -27.62 5.30
CA ARG B 886 43.27 -28.81 5.08
C ARG B 886 44.71 -28.59 5.53
N ARG B 887 45.24 -27.41 5.22
CA ARG B 887 46.64 -27.13 5.46
C ARG B 887 46.89 -26.83 6.91
N VAL B 888 45.88 -26.27 7.59
CA VAL B 888 46.06 -25.85 8.97
C VAL B 888 45.90 -27.04 9.91
N ASN B 889 45.20 -28.06 9.43
CA ASN B 889 45.19 -29.37 10.05
C ASN B 889 46.61 -29.95 10.10
N PHE B 890 47.37 -29.77 9.02
CA PHE B 890 48.69 -30.36 8.94
C PHE B 890 49.71 -29.60 9.78
N LEU B 891 49.50 -28.28 9.90
CA LEU B 891 50.31 -27.45 10.78
C LEU B 891 50.09 -27.84 12.25
N PHE B 892 48.88 -28.28 12.54
CA PHE B 892 48.53 -28.60 13.91
C PHE B 892 48.97 -30.03 14.30
N GLY B 893 49.56 -30.73 13.33
CA GLY B 893 50.02 -32.11 13.52
C GLY B 893 48.98 -33.19 13.23
N ASP B 894 48.16 -32.98 12.19
CA ASP B 894 47.11 -33.92 11.75
C ASP B 894 46.22 -34.36 12.94
N ILE B 895 45.09 -33.69 13.11
CA ILE B 895 44.16 -34.00 14.21
C ILE B 895 42.78 -34.54 13.81
N VAL B 896 42.10 -35.07 14.81
CA VAL B 896 40.72 -35.43 14.69
C VAL B 896 39.92 -34.16 14.77
N LYS B 897 39.23 -33.85 13.69
CA LYS B 897 38.38 -32.68 13.67
C LYS B 897 36.93 -33.10 13.96
N VAL B 898 36.56 -33.06 15.23
CA VAL B 898 35.16 -32.95 15.66
C VAL B 898 35.02 -31.68 16.50
N THR B 899 33.83 -31.42 17.07
CA THR B 899 33.76 -30.48 18.19
C THR B 899 34.50 -31.04 19.40
N PRO B 900 35.23 -30.18 20.14
CA PRO B 900 35.43 -28.76 19.84
C PRO B 900 36.67 -28.44 19.01
N SER B 901 37.34 -29.45 18.48
CA SER B 901 38.57 -29.24 17.70
C SER B 901 38.32 -28.60 16.33
N SER B 902 37.28 -29.03 15.62
CA SER B 902 37.01 -28.52 14.28
C SER B 902 36.93 -26.99 14.27
N LYS B 903 36.18 -26.46 15.22
CA LYS B 903 36.15 -25.03 15.50
C LYS B 903 37.53 -24.38 15.36
N VAL B 904 38.56 -25.08 15.83
CA VAL B 904 39.89 -24.49 15.95
C VAL B 904 40.65 -24.43 14.63
N VAL B 905 40.57 -25.49 13.83
CA VAL B 905 41.00 -25.42 12.44
C VAL B 905 40.25 -24.32 11.67
N GLY B 906 38.92 -24.29 11.79
CA GLY B 906 38.10 -23.25 11.18
C GLY B 906 38.54 -21.83 11.52
N ASP B 907 38.65 -21.57 12.82
CA ASP B 907 38.98 -20.24 13.29
C ASP B 907 40.32 -19.81 12.75
N MET B 908 41.24 -20.76 12.65
CA MET B 908 42.56 -20.46 12.10
C MET B 908 42.52 -20.37 10.58
N ALA B 909 41.73 -21.24 9.96
CA ALA B 909 41.63 -21.21 8.51
C ALA B 909 41.12 -19.83 8.07
N LEU B 910 40.01 -19.39 8.66
CA LEU B 910 39.51 -18.05 8.39
C LEU B 910 40.61 -17.01 8.64
N TYR B 911 41.32 -17.16 9.76
CA TYR B 911 42.32 -16.17 10.21
C TYR B 911 43.54 -16.06 9.29
N MET B 912 43.99 -17.20 8.76
CA MET B 912 45.13 -17.23 7.85
C MET B 912 44.85 -16.46 6.55
N VAL B 913 43.63 -16.60 6.05
CA VAL B 913 43.23 -15.98 4.78
C VAL B 913 42.81 -14.52 4.94
N GLN B 914 42.16 -14.20 6.05
CA GLN B 914 41.80 -12.81 6.34
C GLN B 914 43.03 -11.90 6.35
N ASN B 915 44.10 -12.36 7.00
CA ASN B 915 45.34 -11.55 7.09
C ASN B 915 46.42 -11.94 6.08
N ASP B 916 46.18 -12.98 5.29
CA ASP B 916 47.09 -13.34 4.20
C ASP B 916 48.37 -14.00 4.76
N LEU B 917 48.29 -15.28 5.13
CA LEU B 917 49.39 -15.93 5.87
C LEU B 917 49.98 -17.21 5.25
N ASP B 918 51.27 -17.42 5.44
CA ASP B 918 51.94 -18.67 5.06
C ASP B 918 51.86 -19.72 6.19
N GLU B 919 52.16 -20.99 5.85
CA GLU B 919 52.61 -21.95 6.86
C GLU B 919 53.94 -21.50 7.49
N GLN B 920 54.57 -20.49 6.88
CA GLN B 920 55.86 -19.99 7.32
C GLN B 920 55.79 -18.59 7.92
N SER B 921 54.70 -17.86 7.65
CA SER B 921 54.54 -16.53 8.22
C SER B 921 54.25 -16.62 9.71
N VAL B 922 53.17 -17.32 10.06
CA VAL B 922 52.75 -17.45 11.45
C VAL B 922 53.84 -17.91 12.41
N ILE B 923 54.59 -18.96 12.04
CA ILE B 923 55.68 -19.42 12.90
C ILE B 923 56.64 -18.28 13.22
N THR B 924 56.81 -17.37 12.27
CA THR B 924 57.88 -16.36 12.33
C THR B 924 57.46 -15.08 13.03
N ASP B 925 56.22 -14.63 12.78
CA ASP B 925 55.77 -13.36 13.36
C ASP B 925 54.48 -13.53 14.20
N GLY B 926 54.45 -14.59 14.99
CA GLY B 926 53.29 -14.89 15.83
C GLY B 926 53.19 -13.99 17.08
N TYR B 927 54.31 -13.44 17.55
CA TYR B 927 54.37 -12.85 19.00
C TYR B 927 53.59 -11.62 19.11
N LYS B 928 53.37 -10.79 17.75
CA LYS B 928 52.52 -9.59 17.72
C LYS B 928 51.14 -9.88 17.14
N LEU B 929 50.86 -11.14 16.84
CA LEU B 929 49.80 -11.49 15.90
C LEU B 929 48.39 -11.48 16.48
N ASP B 930 48.25 -11.79 17.76
CA ASP B 930 46.93 -11.86 18.41
C ASP B 930 46.00 -12.93 17.79
N PHE B 931 46.33 -14.20 18.02
CA PHE B 931 45.52 -15.32 17.53
C PHE B 931 44.15 -15.32 18.17
N PRO B 932 43.14 -15.83 17.45
CA PRO B 932 41.79 -15.84 18.02
C PRO B 932 41.71 -16.75 19.25
N GLU B 933 40.79 -16.44 20.16
CA GLU B 933 40.70 -17.08 21.49
C GLU B 933 40.84 -18.60 21.44
N SER B 934 40.16 -19.23 20.48
CA SER B 934 39.99 -20.68 20.54
C SER B 934 41.29 -21.43 20.28
N VAL B 935 42.24 -20.78 19.64
CA VAL B 935 43.38 -21.52 19.14
C VAL B 935 44.55 -21.43 20.08
N VAL B 936 44.53 -20.39 20.91
CA VAL B 936 45.49 -20.28 22.01
C VAL B 936 44.98 -21.21 23.09
N SER B 937 43.67 -21.30 23.18
CA SER B 937 43.04 -22.21 24.10
C SER B 937 43.42 -23.66 23.79
N PHE B 938 43.62 -23.96 22.51
CA PHE B 938 44.01 -25.32 22.08
C PHE B 938 45.50 -25.58 22.32
N PHE B 939 46.32 -24.54 22.18
CA PHE B 939 47.73 -24.70 22.45
C PHE B 939 48.03 -24.72 23.95
N LYS B 940 47.06 -24.26 24.75
CA LYS B 940 47.16 -24.37 26.21
C LYS B 940 46.92 -25.83 26.62
N GLY B 941 46.29 -26.61 25.74
CA GLY B 941 45.97 -27.99 26.05
C GLY B 941 44.59 -28.10 26.67
N GLU B 942 43.74 -27.12 26.41
CA GLU B 942 42.42 -27.06 27.04
C GLU B 942 41.38 -27.94 26.34
N ILE B 943 41.73 -28.46 25.17
CA ILE B 943 40.87 -29.43 24.46
C ILE B 943 41.52 -30.80 24.55
N GLY B 944 42.58 -30.90 25.36
CA GLY B 944 43.27 -32.16 25.51
C GLY B 944 44.46 -32.23 24.58
N GLN B 945 45.11 -33.39 24.55
CA GLN B 945 46.43 -33.53 23.93
C GLN B 945 46.30 -34.23 22.60
N PRO B 946 46.82 -33.61 21.52
CA PRO B 946 46.70 -34.20 20.19
C PRO B 946 47.56 -35.45 20.11
N VAL B 947 47.16 -36.40 19.26
CA VAL B 947 47.78 -37.72 19.25
C VAL B 947 49.27 -37.49 19.24
N ASN B 948 49.67 -36.57 18.35
CA ASN B 948 51.06 -36.32 18.01
C ASN B 948 51.90 -35.67 19.11
N GLY B 949 51.32 -34.69 19.79
CA GLY B 949 52.07 -33.59 20.40
C GLY B 949 51.70 -32.24 19.79
N PHE B 950 52.44 -31.22 20.17
CA PHE B 950 52.34 -29.90 19.56
C PHE B 950 53.58 -29.65 18.69
N ASN B 951 53.42 -28.92 17.54
CA ASN B 951 54.59 -28.19 17.06
C ASN B 951 55.01 -27.21 18.15
N LYS B 952 56.18 -27.48 18.74
CA LYS B 952 56.64 -26.77 19.93
C LYS B 952 56.87 -25.25 19.61
N ASP B 953 57.62 -25.06 18.51
CA ASP B 953 57.88 -23.72 17.98
C ASP B 953 56.60 -22.91 17.90
N LEU B 954 55.59 -23.47 17.22
CA LEU B 954 54.35 -22.76 16.88
C LEU B 954 53.43 -22.55 18.13
N GLN B 955 53.68 -23.28 19.18
CA GLN B 955 52.89 -23.18 20.41
C GLN B 955 53.28 -22.05 21.31
N ALA B 956 54.59 -21.78 21.45
CA ALA B 956 55.01 -20.68 22.30
C ALA B 956 54.49 -19.33 21.75
N VAL B 957 54.63 -19.15 20.42
CA VAL B 957 54.25 -17.88 19.75
C VAL B 957 52.74 -17.59 19.89
N ILE B 958 51.92 -18.63 19.71
CA ILE B 958 50.49 -18.49 19.93
C ILE B 958 50.25 -18.00 21.35
N LEU B 959 51.02 -18.56 22.31
CA LEU B 959 50.74 -18.35 23.73
C LEU B 959 51.15 -16.99 24.30
N LYS B 960 52.22 -16.41 23.76
CA LYS B 960 52.84 -15.22 24.36
C LYS B 960 53.35 -15.56 25.76
N GLY B 961 53.87 -16.78 25.92
CA GLY B 961 54.46 -17.19 27.19
C GLY B 961 53.44 -17.40 28.30
N GLN B 962 52.30 -17.99 27.94
CA GLN B 962 51.26 -18.28 28.91
C GLN B 962 51.36 -19.73 29.42
N GLU B 963 50.61 -20.02 30.50
CA GLU B 963 50.68 -21.33 31.17
C GLU B 963 50.06 -22.42 30.30
N ALA B 964 50.91 -23.31 29.79
CA ALA B 964 50.45 -24.46 28.99
C ALA B 964 50.34 -25.71 29.85
N LEU B 965 49.18 -26.36 29.79
CA LEU B 965 48.86 -27.45 30.71
C LEU B 965 49.61 -28.73 30.33
N THR B 966 50.18 -29.41 31.32
CA THR B 966 50.53 -30.82 31.22
C THR B 966 49.29 -31.66 30.84
N ALA B 967 48.62 -32.24 31.84
CA ALA B 967 47.64 -33.32 31.59
C ALA B 967 46.19 -32.84 31.45
N ARG B 968 45.25 -33.76 31.66
CA ARG B 968 43.83 -33.49 31.47
C ARG B 968 43.48 -32.17 32.15
N PRO B 969 42.70 -31.33 31.47
CA PRO B 969 42.23 -30.06 32.06
C PRO B 969 41.48 -30.22 33.38
N GLY B 970 40.56 -31.19 33.43
CA GLY B 970 39.80 -31.51 34.66
C GLY B 970 40.60 -31.90 35.90
N GLU B 971 41.88 -32.26 35.73
CA GLU B 971 42.76 -32.56 36.86
C GLU B 971 43.34 -31.32 37.51
N TYR B 972 43.04 -30.15 36.94
CA TYR B 972 43.39 -28.90 37.58
C TYR B 972 42.30 -28.34 38.51
N LEU B 973 41.05 -28.30 38.05
CA LEU B 973 39.96 -27.64 38.81
C LEU B 973 39.71 -28.25 40.20
N GLU B 974 39.24 -27.42 41.13
CA GLU B 974 38.74 -27.93 42.41
C GLU B 974 37.30 -28.39 42.22
N PRO B 975 36.90 -29.46 42.95
CA PRO B 975 35.56 -30.01 42.76
C PRO B 975 34.49 -29.05 43.27
N VAL B 976 33.33 -29.06 42.61
CA VAL B 976 32.24 -28.13 42.93
C VAL B 976 31.58 -28.50 44.25
N ASP B 977 31.44 -27.52 45.13
CA ASP B 977 30.59 -27.70 46.29
C ASP B 977 29.16 -27.82 45.77
N PHE B 978 28.62 -29.03 45.77
CA PHE B 978 27.23 -29.24 45.36
C PHE B 978 26.25 -28.71 46.43
N GLU B 979 26.76 -28.52 47.64
CA GLU B 979 25.94 -27.96 48.71
C GLU B 979 25.73 -26.46 48.53
N LYS B 980 26.81 -25.70 48.31
CA LYS B 980 26.71 -24.25 48.04
C LYS B 980 25.88 -23.96 46.79
N VAL B 981 25.97 -24.84 45.81
CA VAL B 981 25.23 -24.69 44.57
C VAL B 981 23.74 -24.99 44.75
N ARG B 982 23.42 -26.04 45.51
CA ARG B 982 22.04 -26.27 45.96
C ARG B 982 21.46 -25.04 46.70
N GLU B 983 22.20 -24.56 47.70
CA GLU B 983 21.79 -23.37 48.46
C GLU B 983 21.62 -22.15 47.57
N LEU B 984 22.50 -22.01 46.57
CA LEU B 984 22.41 -20.89 45.66
C LEU B 984 21.07 -20.88 44.91
N LEU B 985 20.77 -21.98 44.23
CA LEU B 985 19.50 -22.13 43.53
C LEU B 985 18.30 -22.27 44.47
N GLU B 986 18.58 -22.63 45.72
CA GLU B 986 17.51 -22.82 46.69
C GLU B 986 16.87 -21.49 47.07
N GLU B 987 17.71 -20.50 47.33
CA GLU B 987 17.22 -19.14 47.58
C GLU B 987 16.54 -18.58 46.34
N GLU B 988 17.25 -18.59 45.22
CA GLU B 988 16.81 -17.86 44.04
C GLU B 988 15.45 -18.35 43.53
N GLN B 989 15.23 -19.66 43.63
CA GLN B 989 14.00 -20.30 43.13
C GLN B 989 12.88 -20.42 44.18
N GLN B 990 11.68 -20.76 43.71
CA GLN B 990 10.52 -21.04 44.57
C GLN B 990 10.85 -22.00 45.73
N GLY B 991 11.34 -23.20 45.39
CA GLY B 991 12.00 -24.13 46.33
C GLY B 991 12.35 -25.56 45.89
N PRO B 992 12.07 -25.92 44.61
CA PRO B 992 12.17 -27.36 44.35
C PRO B 992 13.63 -27.83 44.44
N VAL B 993 14.38 -27.60 43.37
CA VAL B 993 15.80 -27.97 43.23
C VAL B 993 16.19 -29.40 43.56
N THR B 994 16.26 -30.21 42.50
CA THR B 994 16.62 -31.60 42.56
C THR B 994 18.04 -31.72 42.05
N GLU B 995 18.59 -32.93 42.06
CA GLU B 995 19.97 -33.16 41.62
C GLU B 995 20.18 -32.80 40.16
N GLN B 996 19.15 -32.99 39.33
CA GLN B 996 19.25 -32.59 37.92
C GLN B 996 19.37 -31.09 37.76
N ASP B 997 18.67 -30.33 38.59
CA ASP B 997 18.77 -28.88 38.57
C ASP B 997 20.17 -28.44 38.97
N ILE B 998 20.87 -29.30 39.68
CA ILE B 998 22.16 -28.91 40.19
C ILE B 998 23.28 -29.08 39.18
N ILE B 999 23.32 -30.19 38.44
CA ILE B 999 24.32 -30.30 37.34
C ILE B 999 23.98 -29.46 36.13
N SER B 1000 22.70 -29.37 35.79
CA SER B 1000 22.29 -28.51 34.69
C SER B 1000 22.84 -27.09 34.90
N TYR B 1001 22.81 -26.62 36.14
CA TYR B 1001 23.23 -25.26 36.41
C TYR B 1001 24.74 -25.20 36.38
N VAL B 1002 25.41 -26.26 36.78
CA VAL B 1002 26.86 -26.23 36.79
C VAL B 1002 27.40 -26.39 35.38
N LEU B 1003 26.67 -27.11 34.55
CA LEU B 1003 27.05 -27.27 33.17
C LEU B 1003 26.82 -25.99 32.37
N TYR B 1004 25.64 -25.38 32.53
CA TYR B 1004 25.24 -24.16 31.82
C TYR B 1004 24.63 -23.11 32.76
N PRO B 1005 25.44 -22.48 33.63
CA PRO B 1005 24.93 -21.41 34.49
C PRO B 1005 24.05 -20.41 33.76
N LYS B 1006 24.58 -19.79 32.70
CA LYS B 1006 23.87 -18.72 32.00
C LYS B 1006 22.55 -19.22 31.43
N VAL B 1007 22.59 -20.40 30.82
CA VAL B 1007 21.43 -20.89 30.09
C VAL B 1007 20.37 -21.48 31.00
N TYR B 1008 20.81 -22.03 32.13
CA TYR B 1008 19.89 -22.55 33.16
C TYR B 1008 18.98 -21.51 33.76
N GLU B 1009 19.59 -20.51 34.41
CA GLU B 1009 18.87 -19.32 34.91
C GLU B 1009 17.86 -18.76 33.91
N GLN B 1010 18.33 -18.53 32.68
CA GLN B 1010 17.47 -18.10 31.57
C GLN B 1010 16.29 -19.04 31.32
N TYR B 1011 16.54 -20.34 31.27
CA TYR B 1011 15.44 -21.29 31.21
C TYR B 1011 14.45 -21.06 32.36
N ILE B 1012 14.96 -20.87 33.57
CA ILE B 1012 14.06 -20.63 34.71
C ILE B 1012 13.34 -19.30 34.58
N GLN B 1013 14.01 -18.30 34.02
CA GLN B 1013 13.33 -17.05 33.73
C GLN B 1013 12.10 -17.29 32.85
N THR B 1014 12.31 -17.99 31.74
CA THR B 1014 11.22 -18.26 30.80
C THR B 1014 10.14 -19.15 31.39
N ARG B 1015 10.53 -20.03 32.28
CA ARG B 1015 9.56 -20.89 32.97
C ARG B 1015 8.72 -20.05 33.93
N ASN B 1016 9.38 -19.20 34.69
CA ASN B 1016 8.68 -18.28 35.59
C ASN B 1016 7.58 -17.55 34.84
N GLN B 1017 7.86 -17.24 33.58
CA GLN B 1017 7.07 -16.30 32.80
C GLN B 1017 6.02 -16.98 31.92
N TYR B 1018 6.41 -17.96 31.13
CA TYR B 1018 5.46 -18.64 30.28
C TYR B 1018 5.21 -20.09 30.69
N GLY B 1019 5.81 -20.52 31.80
CA GLY B 1019 5.68 -21.91 32.24
C GLY B 1019 6.18 -22.92 31.23
N ASN B 1020 5.51 -24.06 31.15
CA ASN B 1020 6.09 -25.21 30.47
C ASN B 1020 5.84 -25.26 28.95
N LEU B 1021 6.75 -24.65 28.20
CA LEU B 1021 6.58 -24.52 26.75
C LEU B 1021 6.68 -25.83 25.95
N SER B 1022 7.13 -26.91 26.55
CA SER B 1022 7.28 -28.15 25.80
C SER B 1022 5.95 -28.88 25.65
N LEU B 1023 4.88 -28.24 26.10
CA LEU B 1023 3.58 -28.85 25.99
C LEU B 1023 2.89 -28.36 24.74
N LEU B 1024 3.32 -27.20 24.24
CA LEU B 1024 2.78 -26.66 22.99
C LEU B 1024 3.14 -27.52 21.76
N ASP B 1025 2.18 -27.67 20.83
CA ASP B 1025 2.49 -28.16 19.48
C ASP B 1025 3.54 -27.28 18.80
N THR B 1026 4.37 -27.88 17.93
CA THR B 1026 5.43 -27.11 17.28
C THR B 1026 4.90 -25.89 16.50
N PRO B 1027 3.81 -26.04 15.74
CA PRO B 1027 3.35 -24.80 15.05
C PRO B 1027 2.94 -23.66 16.01
N THR B 1028 2.28 -24.00 17.11
CA THR B 1028 1.87 -22.98 18.04
C THR B 1028 3.10 -22.45 18.76
N PHE B 1029 4.04 -23.33 19.09
CA PHE B 1029 5.27 -22.89 19.71
C PHE B 1029 5.89 -21.83 18.82
N PHE B 1030 5.80 -22.00 17.50
CA PHE B 1030 6.60 -21.19 16.60
C PHE B 1030 5.86 -20.04 16.02
N PHE B 1031 4.54 -20.18 15.85
CA PHE B 1031 3.72 -19.17 15.17
C PHE B 1031 2.53 -18.67 15.94
N GLY B 1032 2.25 -19.23 17.10
CA GLY B 1032 1.08 -18.76 17.86
C GLY B 1032 -0.21 -19.19 17.19
N MET B 1033 -1.25 -18.36 17.23
CA MET B 1033 -2.53 -18.83 16.68
C MET B 1033 -3.07 -17.96 15.56
N ARG B 1034 -3.78 -18.58 14.65
CA ARG B 1034 -4.57 -17.84 13.65
C ARG B 1034 -5.90 -17.43 14.27
N ASN B 1035 -6.44 -16.31 13.82
CA ASN B 1035 -7.82 -15.92 14.12
C ASN B 1035 -8.84 -17.06 13.94
N GLY B 1036 -9.71 -17.25 14.96
CA GLY B 1036 -10.68 -18.34 15.00
C GLY B 1036 -10.16 -19.75 15.31
N GLU B 1037 -8.85 -19.90 15.53
CA GLU B 1037 -8.31 -21.25 15.68
C GLU B 1037 -8.54 -21.85 17.06
N THR B 1038 -8.38 -23.17 17.19
CA THR B 1038 -8.51 -23.81 18.50
C THR B 1038 -7.43 -24.86 18.77
N VAL B 1039 -6.67 -24.62 19.83
CA VAL B 1039 -5.55 -25.48 20.21
C VAL B 1039 -5.99 -26.30 21.43
N GLU B 1040 -5.58 -27.57 21.49
CA GLU B 1040 -5.58 -28.26 22.77
C GLU B 1040 -4.16 -28.50 23.31
N ILE B 1041 -3.93 -28.08 24.56
CA ILE B 1041 -2.67 -28.40 25.23
C ILE B 1041 -2.86 -29.44 26.35
N GLU B 1042 -2.31 -30.63 26.16
CA GLU B 1042 -2.37 -31.64 27.21
C GLU B 1042 -1.38 -31.28 28.32
N ILE B 1043 -1.90 -30.79 29.46
CA ILE B 1043 -1.04 -30.36 30.56
C ILE B 1043 -0.62 -31.51 31.42
N ASP B 1044 -1.34 -32.62 31.28
CA ASP B 1044 -1.23 -33.73 32.20
C ASP B 1044 -2.36 -34.71 31.86
N LYS B 1045 -2.47 -35.77 32.66
CA LYS B 1045 -3.39 -36.84 32.37
C LYS B 1045 -4.80 -36.32 32.55
N GLY B 1046 -5.50 -36.16 31.43
CA GLY B 1046 -6.91 -35.76 31.47
C GLY B 1046 -7.21 -34.42 32.13
N LYS B 1047 -6.18 -33.57 32.26
CA LYS B 1047 -6.39 -32.12 32.36
C LYS B 1047 -5.69 -31.38 31.22
N ARG B 1048 -6.45 -30.54 30.51
CA ARG B 1048 -5.95 -29.91 29.32
C ARG B 1048 -6.63 -28.59 29.01
N LEU B 1049 -5.86 -27.68 28.40
CA LEU B 1049 -6.31 -26.34 28.12
C LEU B 1049 -6.91 -26.23 26.72
N ILE B 1050 -8.15 -25.75 26.65
CA ILE B 1050 -8.79 -25.50 25.36
C ILE B 1050 -8.84 -23.99 25.13
N ILE B 1051 -8.07 -23.54 24.13
CA ILE B 1051 -7.97 -22.13 23.78
C ILE B 1051 -8.49 -21.75 22.37
N LYS B 1052 -9.52 -20.91 22.30
CA LYS B 1052 -9.90 -20.23 21.06
C LYS B 1052 -9.41 -18.78 21.00
N LEU B 1053 -8.59 -18.43 20.00
CA LEU B 1053 -8.25 -17.03 19.77
C LEU B 1053 -9.28 -16.42 18.87
N GLU B 1054 -10.08 -15.52 19.40
CA GLU B 1054 -11.22 -15.07 18.65
C GLU B 1054 -10.84 -13.90 17.76
N THR B 1055 -10.07 -12.97 18.31
CA THR B 1055 -9.77 -11.72 17.63
C THR B 1055 -8.59 -11.04 18.31
N ILE B 1056 -7.84 -10.24 17.55
CA ILE B 1056 -6.79 -9.39 18.09
C ILE B 1056 -7.14 -7.98 17.64
N SER B 1057 -6.85 -6.98 18.47
CA SER B 1057 -7.35 -5.63 18.23
C SER B 1057 -6.27 -4.70 17.67
N GLU B 1058 -6.68 -3.64 16.97
CA GLU B 1058 -5.75 -2.59 16.59
C GLU B 1058 -5.18 -1.96 17.87
N PRO B 1059 -3.91 -1.48 17.81
CA PRO B 1059 -3.25 -1.08 19.05
C PRO B 1059 -3.78 0.22 19.67
N ASP B 1060 -3.14 0.66 20.75
CA ASP B 1060 -3.54 1.88 21.45
C ASP B 1060 -2.31 2.75 21.68
N GLU B 1061 -2.52 3.99 22.13
CA GLU B 1061 -1.39 4.93 22.28
C GLU B 1061 -0.24 4.33 23.09
N ASN B 1062 -0.56 3.80 24.27
CA ASN B 1062 0.45 3.12 25.08
C ASN B 1062 1.19 2.04 24.32
N GLY B 1063 0.64 1.63 23.18
CA GLY B 1063 1.28 0.65 22.30
C GLY B 1063 0.94 -0.82 22.56
N ASN B 1064 -0.27 -1.08 23.07
CA ASN B 1064 -0.66 -2.41 23.55
C ASN B 1064 -1.87 -2.99 22.83
N ARG B 1065 -1.72 -4.18 22.24
CA ARG B 1065 -2.83 -4.89 21.61
C ARG B 1065 -3.68 -5.70 22.61
N THR B 1066 -4.99 -5.77 22.39
CA THR B 1066 -5.85 -6.62 23.23
C THR B 1066 -6.26 -7.90 22.49
N ILE B 1067 -5.85 -9.05 23.05
CA ILE B 1067 -6.24 -10.36 22.54
C ILE B 1067 -7.46 -10.88 23.32
N TYR B 1068 -8.55 -11.16 22.59
CA TYR B 1068 -9.72 -11.82 23.15
C TYR B 1068 -9.68 -13.33 22.89
N TYR B 1069 -9.68 -14.12 23.96
CA TYR B 1069 -9.73 -15.59 23.88
C TYR B 1069 -11.00 -16.17 24.54
N ALA B 1070 -11.22 -17.46 24.33
CA ALA B 1070 -12.01 -18.31 25.22
C ALA B 1070 -11.10 -19.39 25.80
N MET B 1071 -11.09 -19.56 27.12
CA MET B 1071 -10.29 -20.62 27.73
C MET B 1071 -11.07 -21.52 28.71
N ASN B 1072 -10.93 -22.83 28.55
CA ASN B 1072 -11.77 -23.77 29.28
C ASN B 1072 -13.04 -23.15 29.79
N GLY B 1073 -13.86 -22.63 28.88
CA GLY B 1073 -15.21 -22.18 29.26
C GLY B 1073 -15.28 -20.76 29.79
N GLN B 1074 -14.23 -19.99 29.56
CA GLN B 1074 -14.17 -18.66 30.12
C GLN B 1074 -13.79 -17.64 29.07
N ALA B 1075 -14.44 -16.47 29.11
CA ALA B 1075 -13.95 -15.31 28.41
C ALA B 1075 -12.65 -14.85 29.07
N ARG B 1076 -11.64 -14.60 28.26
CA ARG B 1076 -10.32 -14.28 28.77
C ARG B 1076 -9.59 -13.20 27.93
N ARG B 1077 -9.27 -12.04 28.52
CA ARG B 1077 -8.69 -10.92 27.77
C ARG B 1077 -7.22 -10.70 28.13
N ILE B 1078 -6.37 -10.41 27.16
CA ILE B 1078 -4.93 -10.32 27.40
C ILE B 1078 -4.30 -9.13 26.68
N TYR B 1079 -3.35 -8.48 27.34
CA TYR B 1079 -2.63 -7.33 26.81
C TYR B 1079 -1.26 -7.68 26.27
N ILE B 1080 -1.10 -7.61 24.95
CA ILE B 1080 0.23 -7.77 24.36
C ILE B 1080 0.89 -6.46 23.89
N LYS B 1081 2.06 -6.18 24.45
CA LYS B 1081 2.93 -5.12 23.94
C LYS B 1081 3.37 -5.47 22.52
N ASP B 1082 3.40 -4.47 21.66
CA ASP B 1082 3.76 -4.68 20.27
C ASP B 1082 5.09 -3.97 19.95
N GLU B 1083 6.18 -4.74 19.86
CA GLU B 1083 7.51 -4.19 19.54
C GLU B 1083 7.64 -3.87 18.04
N ASN B 1084 7.63 -2.59 17.70
CA ASN B 1084 7.64 -2.19 16.29
C ASN B 1084 6.40 -2.69 15.53
N GLN C 26 19.13 46.22 -40.32
CA GLN C 26 17.76 46.78 -40.51
C GLN C 26 16.67 45.69 -40.60
N ILE C 27 17.08 44.40 -40.61
CA ILE C 27 16.14 43.32 -40.36
C ILE C 27 16.19 42.77 -38.93
N LYS C 28 15.42 43.37 -38.03
CA LYS C 28 15.57 43.08 -36.60
C LYS C 28 14.87 41.79 -36.21
N LYS C 29 13.70 41.54 -36.80
CA LYS C 29 12.89 40.38 -36.43
C LYS C 29 12.38 39.72 -37.72
N LEU C 30 12.42 38.39 -37.76
CA LEU C 30 11.99 37.64 -38.92
C LEU C 30 10.96 36.61 -38.53
N LEU C 31 9.92 36.46 -39.35
CA LEU C 31 8.93 35.43 -39.12
C LEU C 31 8.91 34.48 -40.30
N VAL C 32 8.75 33.20 -40.00
CA VAL C 32 8.70 32.19 -41.04
C VAL C 32 7.30 31.64 -41.18
N ALA C 33 6.67 31.97 -42.31
CA ALA C 33 5.35 31.46 -42.66
C ALA C 33 5.56 30.07 -43.22
N ASN C 34 5.98 29.13 -42.37
CA ASN C 34 6.17 27.76 -42.76
C ASN C 34 6.37 26.89 -41.56
N ARG C 35 6.62 25.60 -41.82
CA ARG C 35 6.88 24.60 -40.77
C ARG C 35 8.05 23.72 -41.10
N GLY C 36 8.25 22.67 -40.32
CA GLY C 36 9.24 21.65 -40.62
C GLY C 36 10.69 22.10 -40.77
N GLU C 37 11.44 21.41 -41.60
CA GLU C 37 12.88 21.64 -41.72
C GLU C 37 13.18 22.98 -42.35
N ILE C 38 12.30 23.47 -43.21
CA ILE C 38 12.67 24.69 -43.90
C ILE C 38 12.55 25.84 -42.92
N ALA C 39 11.60 25.73 -42.02
CA ALA C 39 11.49 26.67 -40.92
C ALA C 39 12.75 26.58 -40.05
N ILE C 40 13.09 25.36 -39.66
CA ILE C 40 14.25 25.16 -38.83
C ILE C 40 15.55 25.60 -39.52
N ARG C 41 15.63 25.42 -40.84
CA ARG C 41 16.73 25.93 -41.67
C ARG C 41 16.89 27.45 -41.60
N ILE C 42 15.77 28.17 -41.78
CA ILE C 42 15.76 29.65 -41.71
C ILE C 42 16.03 30.22 -40.33
N PHE C 43 15.46 29.60 -39.30
CA PHE C 43 15.73 30.00 -37.95
C PHE C 43 17.25 30.01 -37.73
N ARG C 44 17.93 28.98 -38.20
CA ARG C 44 19.34 28.83 -37.90
C ARG C 44 20.10 29.86 -38.71
N ALA C 45 19.61 30.19 -39.91
CA ALA C 45 20.33 31.16 -40.70
C ALA C 45 20.15 32.53 -40.07
N ALA C 46 18.92 32.76 -39.61
CA ALA C 46 18.59 34.05 -39.10
C ALA C 46 19.45 34.26 -37.87
N ALA C 47 19.52 33.25 -37.03
CA ALA C 47 20.14 33.44 -35.74
C ALA C 47 21.60 33.77 -36.01
N GLU C 48 22.13 33.24 -37.09
CA GLU C 48 23.51 33.53 -37.41
C GLU C 48 23.72 35.00 -37.75
N LEU C 49 22.66 35.61 -38.29
CA LEU C 49 22.70 37.02 -38.65
C LEU C 49 22.29 37.92 -37.51
N ASP C 50 21.92 37.34 -36.36
CA ASP C 50 21.49 38.09 -35.16
C ASP C 50 20.04 38.53 -35.14
N ILE C 51 19.22 37.97 -36.02
CA ILE C 51 17.81 38.34 -36.15
C ILE C 51 16.95 37.53 -35.19
N SER C 52 15.99 38.19 -34.54
CA SER C 52 14.93 37.50 -33.80
C SER C 52 14.12 36.62 -34.76
N THR C 53 13.74 35.43 -34.32
CA THR C 53 12.81 34.62 -35.11
C THR C 53 11.41 34.47 -34.53
N VAL C 54 10.43 34.42 -35.41
CA VAL C 54 9.10 34.06 -35.01
C VAL C 54 8.69 32.86 -35.83
N ALA C 55 8.31 31.80 -35.14
CA ALA C 55 7.62 30.67 -35.77
C ALA C 55 6.11 30.95 -35.76
N ILE C 56 5.39 30.29 -36.66
CA ILE C 56 3.96 30.08 -36.48
C ILE C 56 3.66 28.58 -36.46
N TYR C 57 2.60 28.18 -35.78
CA TYR C 57 2.18 26.80 -35.85
C TYR C 57 0.67 26.63 -35.98
N SER C 58 0.26 25.47 -36.48
CA SER C 58 -1.14 25.11 -36.48
C SER C 58 -1.47 24.38 -35.17
N ASN C 59 -2.71 23.94 -35.01
CA ASN C 59 -3.06 23.19 -33.81
C ASN C 59 -2.58 21.73 -33.84
N GLU C 60 -2.31 21.21 -35.03
CA GLU C 60 -1.81 19.85 -35.16
C GLU C 60 -0.31 19.86 -34.97
N ASP C 61 0.28 21.03 -35.26
CA ASP C 61 1.71 21.26 -35.06
C ASP C 61 2.06 21.76 -33.67
N LYS C 62 1.11 21.67 -32.75
CA LYS C 62 1.33 22.11 -31.38
C LYS C 62 2.65 21.61 -30.81
N SER C 63 3.18 20.54 -31.36
CA SER C 63 4.37 19.95 -30.77
C SER C 63 5.48 19.63 -31.77
N SER C 64 5.42 20.33 -32.91
CA SER C 64 6.28 20.10 -34.07
C SER C 64 7.61 20.71 -33.70
N LEU C 65 8.71 20.09 -34.14
CA LEU C 65 10.04 20.61 -33.80
C LEU C 65 10.21 22.11 -34.05
N HIS C 66 9.82 22.58 -35.24
CA HIS C 66 10.06 23.97 -35.60
C HIS C 66 9.50 24.98 -34.59
N ARG C 67 8.39 24.63 -33.93
CA ARG C 67 7.77 25.51 -32.97
C ARG C 67 8.72 25.80 -31.85
N TYR C 68 9.58 24.84 -31.55
CA TYR C 68 10.34 24.91 -30.33
C TYR C 68 11.63 25.62 -30.59
N LYS C 69 11.87 26.05 -31.82
CA LYS C 69 13.21 26.49 -32.24
C LYS C 69 13.35 27.94 -32.71
N ALA C 70 12.23 28.68 -32.72
CA ALA C 70 12.26 30.11 -32.92
C ALA C 70 12.32 30.73 -31.56
N ASP C 71 12.61 32.02 -31.49
CA ASP C 71 12.62 32.69 -30.20
C ASP C 71 11.22 32.98 -29.73
N GLU C 72 10.30 33.17 -30.65
CA GLU C 72 8.89 33.33 -30.32
C GLU C 72 8.08 32.43 -31.19
N SER C 73 6.89 32.06 -30.74
CA SER C 73 6.00 31.26 -31.58
C SER C 73 4.54 31.47 -31.25
N TYR C 74 3.74 31.73 -32.28
CA TYR C 74 2.33 32.09 -32.13
C TYR C 74 1.45 31.09 -32.89
N LEU C 75 0.45 30.54 -32.21
CA LEU C 75 -0.59 29.77 -32.88
C LEU C 75 -1.22 30.68 -33.90
N VAL C 76 -1.37 30.21 -35.13
CA VAL C 76 -2.22 30.93 -36.05
C VAL C 76 -3.58 30.29 -36.00
N GLY C 77 -4.56 31.01 -35.45
CA GLY C 77 -5.93 30.54 -35.39
C GLY C 77 -6.16 29.25 -34.60
N SER C 78 -6.85 29.35 -33.46
CA SER C 78 -7.42 28.18 -32.79
C SER C 78 -8.71 27.75 -33.51
N ASP C 79 -9.30 28.71 -34.22
CA ASP C 79 -10.36 28.49 -35.21
C ASP C 79 -9.88 27.62 -36.38
N LEU C 80 -8.59 27.69 -36.69
CA LEU C 80 -8.07 27.35 -38.03
C LEU C 80 -7.71 25.88 -38.24
N GLY C 81 -7.96 25.39 -39.46
CA GLY C 81 -7.82 23.97 -39.80
C GLY C 81 -6.39 23.53 -39.97
N PRO C 82 -6.16 22.21 -40.13
CA PRO C 82 -4.84 21.58 -40.16
C PRO C 82 -3.90 22.08 -41.27
N ALA C 83 -4.44 22.58 -42.36
CA ALA C 83 -3.60 23.16 -43.42
C ALA C 83 -4.26 24.38 -44.06
N GLU C 84 -5.33 24.86 -43.44
CA GLU C 84 -5.78 26.23 -43.63
C GLU C 84 -4.77 27.21 -42.99
N SER C 85 -4.22 26.84 -41.85
CA SER C 85 -3.37 27.73 -41.04
C SER C 85 -2.18 28.33 -41.77
N TYR C 86 -1.50 27.52 -42.57
CA TYR C 86 -0.29 27.97 -43.22
C TYR C 86 -0.64 28.75 -44.49
N LEU C 87 -1.93 28.80 -44.81
CA LEU C 87 -2.39 29.38 -46.07
C LEU C 87 -3.12 30.73 -45.90
N ASN C 88 -3.37 31.11 -44.65
CA ASN C 88 -4.22 32.27 -44.37
C ASN C 88 -3.42 33.57 -44.39
N ILE C 89 -3.26 34.15 -45.58
CA ILE C 89 -2.61 35.45 -45.71
C ILE C 89 -2.96 36.43 -44.59
N GLU C 90 -4.24 36.79 -44.54
CA GLU C 90 -4.68 37.91 -43.72
C GLU C 90 -4.40 37.69 -42.26
N ARG C 91 -4.47 36.43 -41.85
CA ARG C 91 -4.38 36.12 -40.45
C ARG C 91 -2.94 35.94 -40.05
N ILE C 92 -2.10 35.61 -41.02
CA ILE C 92 -0.68 35.41 -40.79
C ILE C 92 -0.03 36.77 -40.65
N ILE C 93 -0.61 37.78 -41.27
CA ILE C 93 -0.05 39.11 -41.12
C ILE C 93 -0.36 39.77 -39.78
N ASP C 94 -1.54 39.49 -39.23
CA ASP C 94 -1.84 39.77 -37.81
C ASP C 94 -0.71 39.30 -36.88
N VAL C 95 -0.33 38.03 -36.96
CA VAL C 95 0.78 37.56 -36.14
C VAL C 95 2.03 38.42 -36.36
N ALA C 96 2.36 38.64 -37.63
CA ALA C 96 3.51 39.44 -38.03
C ALA C 96 3.45 40.82 -37.39
N LYS C 97 2.30 41.46 -37.52
CA LYS C 97 2.18 42.85 -37.12
C LYS C 97 2.21 42.94 -35.61
N GLN C 98 1.65 41.95 -34.93
CA GLN C 98 1.59 41.98 -33.48
C GLN C 98 2.94 41.68 -32.82
N ALA C 99 3.89 41.16 -33.57
CA ALA C 99 5.21 40.91 -33.02
C ALA C 99 6.30 41.89 -33.52
N ASN C 100 5.89 42.98 -34.14
CA ASN C 100 6.83 43.93 -34.76
C ASN C 100 7.83 43.23 -35.69
N VAL C 101 7.33 42.27 -36.46
CA VAL C 101 8.13 41.61 -37.49
C VAL C 101 8.47 42.61 -38.59
N ASP C 102 9.64 42.42 -39.21
CA ASP C 102 10.21 43.29 -40.24
C ASP C 102 10.18 42.58 -41.60
N ALA C 103 10.09 41.25 -41.55
CA ALA C 103 10.35 40.43 -42.70
C ALA C 103 9.73 39.04 -42.58
N ILE C 104 9.11 38.58 -43.66
CA ILE C 104 8.62 37.22 -43.72
C ILE C 104 9.39 36.37 -44.74
N HIS C 105 9.90 35.22 -44.29
CA HIS C 105 10.44 34.19 -45.21
C HIS C 105 9.43 33.07 -45.37
N PRO C 106 9.03 32.78 -46.62
CA PRO C 106 7.92 31.87 -46.80
C PRO C 106 8.39 30.43 -46.99
N GLY C 107 9.69 30.22 -47.09
CA GLY C 107 10.26 28.90 -47.34
C GLY C 107 9.87 28.40 -48.73
N TYR C 108 9.11 27.31 -48.75
CA TYR C 108 8.56 26.71 -49.96
C TYR C 108 7.26 25.97 -49.70
N GLY C 109 6.42 25.87 -50.71
CA GLY C 109 5.30 24.94 -50.67
C GLY C 109 4.09 25.38 -49.85
N PHE C 110 3.97 26.68 -49.57
CA PHE C 110 2.70 27.16 -49.00
C PHE C 110 2.35 28.46 -49.64
N LEU C 111 2.78 29.56 -49.03
CA LEU C 111 2.65 30.88 -49.65
C LEU C 111 3.92 31.43 -50.29
N SER C 112 4.95 30.63 -50.50
CA SER C 112 6.16 31.16 -51.10
C SER C 112 5.97 31.59 -52.57
N GLU C 113 4.98 31.03 -53.24
CA GLU C 113 4.76 31.35 -54.65
C GLU C 113 3.50 32.18 -54.75
N ASN C 114 3.25 33.00 -53.72
CA ASN C 114 1.96 33.69 -53.60
C ASN C 114 1.92 35.22 -53.85
N GLU C 115 1.46 35.61 -55.04
CA GLU C 115 1.38 37.04 -55.40
C GLU C 115 0.60 37.86 -54.35
N GLN C 116 -0.66 37.50 -54.09
CA GLN C 116 -1.43 38.25 -53.11
C GLN C 116 -0.71 38.39 -51.76
N PHE C 117 0.07 37.37 -51.38
CA PHE C 117 0.68 37.30 -50.04
C PHE C 117 1.90 38.19 -49.92
N ALA C 118 2.78 38.18 -50.90
CA ALA C 118 3.96 39.06 -50.91
C ALA C 118 3.58 40.55 -51.05
N ARG C 119 2.40 40.80 -51.61
CA ARG C 119 1.97 42.16 -51.85
C ARG C 119 1.32 42.68 -50.60
N ARG C 120 0.52 41.86 -49.96
CA ARG C 120 -0.12 42.26 -48.73
C ARG C 120 0.95 42.55 -47.69
N CYS C 121 2.08 41.83 -47.80
CA CYS C 121 3.23 42.05 -46.95
C CYS C 121 3.74 43.49 -47.04
N ALA C 122 4.17 43.89 -48.23
CA ALA C 122 4.69 45.24 -48.44
C ALA C 122 3.76 46.37 -47.98
N GLU C 123 2.45 46.17 -48.05
CA GLU C 123 1.54 47.18 -47.55
C GLU C 123 1.64 47.36 -46.04
N GLU C 124 1.86 46.28 -45.32
CA GLU C 124 2.10 46.37 -43.88
C GLU C 124 3.53 46.81 -43.54
N GLY C 125 4.26 47.27 -44.55
CA GLY C 125 5.67 47.58 -44.41
C GLY C 125 6.53 46.42 -43.91
N ILE C 126 6.18 45.21 -44.32
CA ILE C 126 6.95 44.02 -44.00
C ILE C 126 7.64 43.59 -45.26
N LYS C 127 8.86 43.07 -45.14
CA LYS C 127 9.65 42.71 -46.31
C LYS C 127 9.50 41.21 -46.60
N PHE C 128 8.82 40.90 -47.67
CA PHE C 128 8.69 39.53 -48.11
C PHE C 128 10.02 39.06 -48.68
N ILE C 129 10.45 37.86 -48.34
CA ILE C 129 11.79 37.45 -48.71
C ILE C 129 11.75 36.57 -49.95
N GLY C 130 12.16 37.16 -51.08
CA GLY C 130 12.12 36.51 -52.36
C GLY C 130 11.91 37.52 -53.45
N PRO C 131 11.37 37.08 -54.60
CA PRO C 131 11.26 37.91 -55.79
C PRO C 131 10.18 38.99 -55.73
N HIS C 132 10.32 39.98 -56.61
CA HIS C 132 9.35 41.05 -56.78
C HIS C 132 7.95 40.49 -57.01
N LEU C 133 6.94 41.29 -56.70
CA LEU C 133 5.57 40.93 -57.00
C LEU C 133 5.50 40.40 -58.43
N GLU C 134 6.11 41.12 -59.36
CA GLU C 134 5.90 40.81 -60.75
C GLU C 134 6.51 39.47 -61.18
N HIS C 135 7.56 39.02 -60.48
CA HIS C 135 8.19 37.70 -60.77
C HIS C 135 7.25 36.53 -60.43
N LEU C 136 6.66 36.58 -59.24
CA LEU C 136 5.79 35.51 -58.76
C LEU C 136 4.53 35.31 -59.61
N ASP C 137 4.15 36.30 -60.41
CA ASP C 137 3.06 36.13 -61.34
C ASP C 137 3.52 35.55 -62.66
N MET C 138 4.65 36.07 -63.14
CA MET C 138 5.13 35.76 -64.47
C MET C 138 5.64 34.35 -64.48
N PHE C 139 5.90 33.83 -63.30
CA PHE C 139 6.23 32.43 -63.14
C PHE C 139 5.12 31.67 -62.40
N GLY C 140 4.14 32.41 -61.90
CA GLY C 140 3.22 31.86 -60.88
C GLY C 140 2.29 30.81 -61.44
N ASP C 141 2.77 30.10 -62.45
CA ASP C 141 1.91 29.60 -63.50
C ASP C 141 2.84 29.07 -64.61
N LYS C 142 2.61 27.85 -65.07
CA LYS C 142 3.55 27.24 -66.01
C LYS C 142 3.08 27.39 -67.44
N VAL C 143 2.13 28.29 -67.65
CA VAL C 143 1.92 28.79 -69.00
C VAL C 143 2.65 30.10 -69.23
N LYS C 144 2.61 31.00 -68.23
CA LYS C 144 3.21 32.33 -68.39
C LYS C 144 4.68 32.26 -68.07
N ALA C 145 5.06 31.19 -67.38
CA ALA C 145 6.46 30.87 -67.14
C ALA C 145 7.14 30.50 -68.45
N ARG C 146 6.43 29.77 -69.30
CA ARG C 146 6.91 29.51 -70.66
C ARG C 146 6.91 30.72 -71.57
N THR C 147 5.88 31.55 -71.44
CA THR C 147 5.78 32.76 -72.26
C THR C 147 6.97 33.68 -71.96
N THR C 148 7.29 33.86 -70.66
CA THR C 148 8.44 34.64 -70.20
C THR C 148 9.71 34.11 -70.84
N ALA C 149 9.80 32.78 -70.85
CA ALA C 149 10.95 32.06 -71.36
C ALA C 149 11.22 32.23 -72.86
N ILE C 150 10.17 32.12 -73.68
CA ILE C 150 10.33 32.29 -75.12
C ILE C 150 10.79 33.72 -75.43
N LYS C 151 10.69 34.60 -74.32
CA LYS C 151 11.00 36.04 -74.44
C LYS C 151 12.46 36.30 -74.00
N ALA C 152 13.26 35.20 -74.00
CA ALA C 152 14.74 35.30 -73.91
C ALA C 152 15.49 34.25 -74.70
N ASP C 153 14.99 33.87 -75.89
CA ASP C 153 15.61 32.84 -76.73
C ASP C 153 16.04 31.66 -75.84
N LEU C 154 15.05 31.06 -75.16
CA LEU C 154 15.25 29.81 -74.43
C LEU C 154 14.39 28.69 -74.99
N PRO C 155 14.98 27.50 -75.19
CA PRO C 155 14.25 26.40 -75.82
C PRO C 155 13.21 25.82 -74.86
N VAL C 156 12.12 25.27 -75.40
CA VAL C 156 11.02 24.73 -74.61
C VAL C 156 10.33 23.54 -75.29
N ILE C 157 9.40 22.90 -74.57
CA ILE C 157 8.70 21.72 -75.08
C ILE C 157 7.42 22.13 -75.79
N PRO C 158 7.39 22.00 -77.11
CA PRO C 158 6.46 22.84 -77.90
C PRO C 158 5.04 23.00 -77.29
N GLY C 159 4.22 21.96 -77.26
CA GLY C 159 2.88 22.09 -76.67
C GLY C 159 2.10 23.36 -77.03
N THR C 160 1.46 23.98 -76.03
CA THR C 160 0.37 24.94 -76.30
C THR C 160 0.57 26.38 -75.83
N ASP C 161 -0.40 27.23 -76.19
CA ASP C 161 -0.28 28.71 -76.14
C ASP C 161 -0.96 29.24 -74.87
N GLY C 162 -1.58 28.32 -74.14
CA GLY C 162 -2.28 28.61 -72.89
C GLY C 162 -2.92 27.31 -72.42
N PRO C 163 -3.84 27.39 -71.43
CA PRO C 163 -4.53 26.19 -70.92
C PRO C 163 -5.37 25.48 -71.99
N ILE C 164 -6.31 24.65 -71.55
CA ILE C 164 -7.11 23.83 -72.46
C ILE C 164 -8.34 23.33 -71.71
N LYS C 165 -9.51 23.92 -72.03
CA LYS C 165 -10.79 23.50 -71.45
C LYS C 165 -11.33 22.34 -72.28
N SER C 166 -12.48 21.78 -71.88
CA SER C 166 -13.08 20.69 -72.69
C SER C 166 -12.05 19.85 -73.46
N TYR C 167 -12.24 18.54 -73.42
CA TYR C 167 -11.53 17.59 -74.30
C TYR C 167 -11.54 17.91 -75.83
N GLU C 168 -12.48 18.76 -76.27
CA GLU C 168 -12.57 19.16 -77.68
C GLU C 168 -11.32 19.90 -78.14
N LEU C 169 -10.94 20.89 -77.34
CA LEU C 169 -9.75 21.70 -77.60
C LEU C 169 -8.43 20.92 -77.43
N ALA C 170 -8.37 20.07 -76.40
CA ALA C 170 -7.38 18.98 -76.39
C ALA C 170 -7.43 18.14 -77.67
N LYS C 171 -8.47 17.32 -77.82
CA LYS C 171 -8.59 16.37 -78.94
C LYS C 171 -8.01 16.95 -80.23
N GLU C 172 -8.45 18.17 -80.53
CA GLU C 172 -7.90 19.00 -81.61
C GLU C 172 -6.37 18.87 -81.71
N PHE C 173 -5.65 19.38 -80.70
CA PHE C 173 -4.18 19.42 -80.69
C PHE C 173 -3.48 18.07 -80.32
N ALA C 174 -4.08 16.96 -80.73
CA ALA C 174 -3.44 15.66 -80.55
C ALA C 174 -2.78 15.13 -81.83
N GLU C 175 -3.53 15.06 -82.93
CA GLU C 175 -3.00 14.54 -84.21
C GLU C 175 -1.96 15.48 -84.88
N GLU C 176 -2.05 16.78 -84.60
CA GLU C 176 -1.20 17.79 -85.26
C GLU C 176 0.20 17.89 -84.64
N ALA C 177 0.29 17.64 -83.33
CA ALA C 177 1.58 17.42 -82.66
C ALA C 177 1.79 15.95 -82.29
N GLY C 178 2.56 15.28 -83.14
CA GLY C 178 3.18 14.00 -82.81
C GLY C 178 2.21 12.96 -82.31
N PHE C 179 2.78 11.87 -81.79
CA PHE C 179 2.05 10.68 -81.35
C PHE C 179 2.18 10.44 -79.83
N PRO C 180 3.40 10.65 -79.24
CA PRO C 180 3.61 10.59 -77.77
C PRO C 180 3.58 11.95 -77.05
N LEU C 181 2.67 12.10 -76.10
CA LEU C 181 2.37 13.42 -75.52
C LEU C 181 2.19 13.38 -73.99
N MET C 182 2.17 14.55 -73.34
CA MET C 182 1.85 14.63 -71.91
C MET C 182 1.17 15.89 -71.41
N ILE C 183 0.01 15.72 -70.77
CA ILE C 183 -0.74 16.84 -70.24
C ILE C 183 -0.48 16.99 -68.74
N LYS C 184 -0.54 18.24 -68.24
CA LYS C 184 -0.07 18.60 -66.91
C LYS C 184 -0.76 19.85 -66.35
N ALA C 185 -0.93 19.90 -65.03
CA ALA C 185 -1.53 21.04 -64.32
C ALA C 185 -0.84 22.39 -64.59
N THR C 186 -0.90 23.30 -63.61
CA THR C 186 -0.15 24.55 -63.66
C THR C 186 0.15 25.07 -62.25
N SER C 187 1.42 25.43 -62.02
CA SER C 187 1.89 25.92 -60.72
C SER C 187 1.68 24.93 -59.58
N GLY C 188 2.76 24.27 -59.17
CA GLY C 188 2.73 23.24 -58.14
C GLY C 188 3.73 22.13 -58.43
N GLY C 189 4.57 21.83 -57.42
CA GLY C 189 5.73 20.95 -57.58
C GLY C 189 5.41 19.47 -57.42
N GLY C 190 4.13 19.17 -57.30
CA GLY C 190 3.70 17.79 -57.13
C GLY C 190 3.17 17.27 -58.44
N GLY C 191 4.08 16.73 -59.26
CA GLY C 191 3.69 16.03 -60.48
C GLY C 191 2.57 15.02 -60.26
N LYS C 192 1.82 15.18 -59.16
CA LYS C 192 0.59 14.41 -58.90
C LYS C 192 -0.51 14.75 -59.90
N GLY C 193 -0.35 15.90 -60.57
CA GLY C 193 -1.16 16.23 -61.74
C GLY C 193 -0.83 15.28 -62.87
N MET C 194 -0.36 15.82 -63.97
CA MET C 194 0.53 15.09 -64.87
C MET C 194 0.16 13.63 -65.08
N ARG C 195 -0.47 13.34 -66.21
CA ARG C 195 -0.61 11.97 -66.66
C ARG C 195 -0.11 11.88 -68.11
N ILE C 196 0.47 10.74 -68.47
CA ILE C 196 1.19 10.58 -69.74
C ILE C 196 0.29 9.99 -70.83
N VAL C 197 -0.01 10.77 -71.87
CA VAL C 197 -0.79 10.27 -73.01
C VAL C 197 0.07 9.39 -73.93
N ARG C 198 -0.28 8.11 -73.98
CA ARG C 198 0.54 7.12 -74.68
C ARG C 198 0.07 7.01 -76.13
N GLU C 199 -0.97 6.20 -76.35
CA GLU C 199 -1.43 5.83 -77.69
C GLU C 199 -2.49 6.83 -78.16
N GLU C 200 -3.41 6.34 -79.01
CA GLU C 200 -4.55 7.16 -79.42
C GLU C 200 -5.87 6.78 -78.72
N SER C 201 -6.69 7.81 -78.47
CA SER C 201 -7.73 7.85 -77.39
C SER C 201 -7.55 7.03 -76.11
N GLU C 202 -6.48 7.31 -75.39
CA GLU C 202 -6.45 7.21 -73.92
C GLU C 202 -6.48 8.64 -73.35
N LEU C 203 -6.85 9.58 -74.20
CA LEU C 203 -6.69 10.99 -73.92
C LEU C 203 -7.88 11.51 -73.12
N GLU C 204 -8.95 10.71 -73.08
CA GLU C 204 -10.24 11.12 -72.51
C GLU C 204 -10.14 11.37 -71.01
N ASP C 205 -10.73 10.45 -70.24
CA ASP C 205 -10.37 10.16 -68.83
C ASP C 205 -9.08 10.86 -68.35
N ALA C 206 -7.98 10.63 -69.08
CA ALA C 206 -6.69 11.30 -68.84
C ALA C 206 -6.89 12.78 -68.60
N PHE C 207 -7.18 13.51 -69.68
CA PHE C 207 -7.60 14.90 -69.57
C PHE C 207 -8.41 15.09 -68.30
N HIS C 208 -9.58 14.47 -68.25
CA HIS C 208 -10.58 14.84 -67.25
C HIS C 208 -10.09 14.53 -65.84
N ARG C 209 -9.42 13.40 -65.67
CA ARG C 209 -8.92 12.98 -64.35
C ARG C 209 -7.68 13.71 -63.84
N ALA C 210 -6.63 13.82 -64.67
CA ALA C 210 -5.49 14.67 -64.33
C ALA C 210 -5.95 16.10 -64.02
N LYS C 211 -6.96 16.56 -64.76
CA LYS C 211 -7.58 17.88 -64.56
C LYS C 211 -8.48 18.00 -63.30
N SER C 212 -9.20 16.93 -62.96
CA SER C 212 -9.82 16.81 -61.64
C SER C 212 -8.75 16.64 -60.56
N GLU C 213 -7.86 15.67 -60.76
CA GLU C 213 -6.67 15.52 -59.93
C GLU C 213 -5.77 16.75 -60.02
N ALA C 214 -6.21 17.74 -60.80
CA ALA C 214 -5.61 19.08 -60.72
C ALA C 214 -6.12 19.91 -59.52
N GLU C 215 -7.43 20.15 -59.45
CA GLU C 215 -7.98 20.99 -58.35
C GLU C 215 -7.75 20.38 -56.95
N LYS C 216 -7.97 19.06 -56.84
CA LYS C 216 -7.79 18.28 -55.61
C LYS C 216 -6.49 18.55 -54.88
N SER C 217 -5.42 18.81 -55.64
CA SER C 217 -4.10 19.04 -55.07
C SER C 217 -3.86 20.54 -54.83
N PHE C 218 -4.60 21.38 -55.54
CA PHE C 218 -4.18 22.77 -55.74
C PHE C 218 -5.14 23.81 -55.18
N GLY C 219 -4.75 25.07 -55.32
CA GLY C 219 -5.71 26.14 -55.61
C GLY C 219 -6.63 25.75 -56.77
N ASN C 220 -6.32 26.23 -57.97
CA ASN C 220 -7.17 25.98 -59.17
C ASN C 220 -6.94 24.65 -59.95
N SER C 221 -7.23 24.63 -61.25
CA SER C 221 -7.03 23.42 -62.05
C SER C 221 -7.03 23.64 -63.57
N GLU C 222 -6.52 24.79 -64.01
CA GLU C 222 -6.11 24.97 -65.40
C GLU C 222 -5.07 23.90 -65.78
N VAL C 223 -5.42 23.01 -66.71
CA VAL C 223 -4.42 22.16 -67.40
C VAL C 223 -3.99 22.66 -68.78
N TYR C 224 -2.91 22.08 -69.27
CA TYR C 224 -2.38 22.32 -70.61
C TYR C 224 -1.51 21.14 -71.01
N ILE C 225 -0.89 21.16 -72.19
CA ILE C 225 -0.29 19.93 -72.70
C ILE C 225 0.86 20.06 -73.68
N GLU C 226 1.98 19.42 -73.35
CA GLU C 226 3.19 19.44 -74.19
C GLU C 226 3.69 18.04 -74.62
N ARG C 227 4.53 18.03 -75.64
CA ARG C 227 5.29 16.82 -75.98
C ARG C 227 5.91 16.21 -74.72
N TYR C 228 5.62 14.94 -74.49
CA TYR C 228 6.42 14.15 -73.56
C TYR C 228 7.72 13.74 -74.25
N ILE C 229 8.83 14.06 -73.60
CA ILE C 229 10.14 13.66 -74.04
C ILE C 229 10.54 12.38 -73.33
N ASP C 230 11.07 11.43 -74.10
CA ASP C 230 11.39 10.11 -73.57
C ASP C 230 12.78 10.04 -72.95
N ASN C 231 12.86 9.41 -71.78
CA ASN C 231 14.14 9.13 -71.12
C ASN C 231 15.01 10.35 -70.89
N PRO C 232 14.43 11.40 -70.28
CA PRO C 232 15.16 12.64 -70.00
C PRO C 232 15.90 12.60 -68.65
N LYS C 233 16.82 13.55 -68.48
CA LYS C 233 17.40 13.87 -67.20
C LYS C 233 16.69 15.11 -66.73
N HIS C 234 16.40 15.19 -65.45
CA HIS C 234 15.87 16.42 -64.90
C HIS C 234 17.00 17.19 -64.23
N ILE C 235 17.37 18.31 -64.86
CA ILE C 235 18.49 19.11 -64.39
C ILE C 235 17.99 20.49 -64.02
N GLU C 236 18.49 21.04 -62.93
CA GLU C 236 18.04 22.35 -62.50
C GLU C 236 19.19 23.24 -62.00
N VAL C 237 19.16 24.51 -62.37
CA VAL C 237 20.26 25.43 -62.11
C VAL C 237 19.85 26.41 -61.05
N GLN C 238 20.68 26.55 -60.03
CA GLN C 238 20.41 27.54 -58.99
C GLN C 238 20.81 28.92 -59.44
N VAL C 239 19.96 29.90 -59.16
CA VAL C 239 20.30 31.31 -59.38
C VAL C 239 20.04 32.17 -58.12
N ILE C 240 20.94 33.11 -57.83
CA ILE C 240 20.69 34.10 -56.75
C ILE C 240 20.95 35.50 -57.24
N GLY C 241 19.93 36.35 -57.20
CA GLY C 241 20.12 37.79 -57.47
C GLY C 241 20.09 38.63 -56.19
N ASP C 242 20.65 39.83 -56.27
CA ASP C 242 20.42 40.85 -55.25
C ASP C 242 19.45 41.94 -55.78
N GLU C 243 19.13 42.94 -54.96
CA GLU C 243 18.24 44.00 -55.44
C GLU C 243 18.98 45.11 -56.18
N HIS C 244 20.27 44.93 -56.47
CA HIS C 244 21.07 45.97 -57.15
C HIS C 244 21.51 45.54 -58.55
N GLY C 245 20.90 44.48 -59.07
CA GLY C 245 21.15 44.10 -60.45
C GLY C 245 22.30 43.13 -60.71
N ASN C 246 22.76 42.43 -59.67
CA ASN C 246 23.82 41.39 -59.82
C ASN C 246 23.24 39.97 -59.77
N ILE C 247 23.54 39.12 -60.74
CA ILE C 247 23.05 37.74 -60.68
C ILE C 247 24.17 36.71 -60.85
N VAL C 248 24.18 35.70 -59.99
CA VAL C 248 25.09 34.60 -60.20
C VAL C 248 24.30 33.32 -60.17
N HIS C 249 24.87 32.28 -60.77
CA HIS C 249 24.30 30.96 -60.65
C HIS C 249 25.20 30.11 -59.80
N LEU C 250 24.62 29.11 -59.18
CA LEU C 250 25.40 28.18 -58.38
C LEU C 250 25.37 26.75 -58.97
N PHE C 251 25.46 26.63 -60.30
CA PHE C 251 25.53 25.35 -61.00
C PHE C 251 24.23 24.55 -60.93
N GLU C 252 24.20 23.41 -61.62
CA GLU C 252 23.03 22.53 -61.65
C GLU C 252 22.91 21.65 -60.41
N ARG C 253 21.71 21.12 -60.21
CA ARG C 253 21.57 19.83 -59.55
C ARG C 253 20.82 18.89 -60.49
N ASP C 254 21.10 17.59 -60.37
CA ASP C 254 20.34 16.54 -61.04
C ASP C 254 19.26 15.97 -60.12
N CYS C 255 18.02 16.08 -60.59
CA CYS C 255 16.85 15.64 -59.87
C CYS C 255 16.12 14.57 -60.68
N SER C 256 16.86 13.57 -61.14
CA SER C 256 16.35 12.62 -62.12
C SER C 256 15.83 11.34 -61.50
N VAL C 257 16.24 11.06 -60.28
CA VAL C 257 15.74 9.88 -59.60
C VAL C 257 14.37 10.12 -58.99
N GLN C 258 13.33 9.68 -59.70
CA GLN C 258 11.94 10.01 -59.36
C GLN C 258 11.04 8.78 -59.38
N ARG C 259 10.19 8.65 -58.37
CA ARG C 259 9.27 7.53 -58.34
C ARG C 259 8.10 7.75 -59.29
N ARG C 260 7.01 8.32 -58.79
CA ARG C 260 5.88 8.47 -59.72
C ARG C 260 6.27 9.55 -60.70
N HIS C 261 6.14 10.82 -60.31
CA HIS C 261 6.97 11.86 -60.92
C HIS C 261 7.59 12.80 -59.90
N GLN C 262 8.14 12.21 -58.84
CA GLN C 262 8.49 12.95 -57.66
C GLN C 262 9.94 12.76 -57.31
N LYS C 263 10.57 13.82 -56.79
CA LYS C 263 12.00 13.81 -56.56
C LYS C 263 12.31 12.97 -55.35
N VAL C 264 13.13 11.94 -55.54
CA VAL C 264 13.60 11.11 -54.43
C VAL C 264 15.00 11.49 -53.96
N VAL C 265 15.93 11.60 -54.89
CA VAL C 265 17.33 11.74 -54.55
C VAL C 265 18.04 12.68 -55.52
N GLU C 266 18.58 13.77 -55.00
CA GLU C 266 19.19 14.77 -55.86
C GLU C 266 20.71 14.77 -55.70
N VAL C 267 21.41 14.98 -56.81
CA VAL C 267 22.86 15.02 -56.81
C VAL C 267 23.32 16.40 -57.32
N ALA C 268 24.46 16.87 -56.79
CA ALA C 268 25.13 18.06 -57.36
C ALA C 268 26.65 17.98 -57.31
N PRO C 269 27.30 18.48 -58.37
CA PRO C 269 26.71 18.85 -59.64
C PRO C 269 26.39 17.57 -60.39
N SER C 270 25.75 17.69 -61.54
CA SER C 270 25.24 16.52 -62.26
C SER C 270 26.37 15.67 -62.80
N VAL C 271 26.15 14.37 -62.86
CA VAL C 271 27.20 13.49 -63.32
C VAL C 271 27.04 13.03 -64.80
N GLY C 272 28.14 12.56 -65.36
CA GLY C 272 28.16 12.10 -66.74
C GLY C 272 28.01 13.21 -67.77
N LEU C 273 27.00 14.07 -67.57
CA LEU C 273 26.73 15.23 -68.45
C LEU C 273 27.96 15.99 -68.94
N SER C 274 27.98 16.35 -70.22
CA SER C 274 29.16 17.02 -70.77
C SER C 274 29.31 18.44 -70.23
N PRO C 275 30.56 18.92 -70.06
CA PRO C 275 30.77 20.28 -69.54
C PRO C 275 30.26 21.44 -70.42
N THR C 276 30.31 21.31 -71.74
CA THR C 276 29.71 22.35 -72.60
C THR C 276 28.19 22.38 -72.43
N LEU C 277 27.61 21.24 -72.08
CA LEU C 277 26.18 21.12 -71.92
C LEU C 277 25.83 21.71 -70.57
N ARG C 278 26.72 21.50 -69.60
CA ARG C 278 26.60 22.13 -68.30
C ARG C 278 26.62 23.63 -68.50
N GLN C 279 27.56 24.12 -69.30
CA GLN C 279 27.74 25.53 -69.56
C GLN C 279 26.50 26.21 -70.13
N ARG C 280 26.07 25.70 -71.29
CA ARG C 280 24.91 26.18 -71.98
C ARG C 280 23.73 26.23 -71.05
N ILE C 281 23.27 25.06 -70.64
CA ILE C 281 22.32 24.94 -69.54
C ILE C 281 22.46 26.00 -68.44
N CYS C 282 23.68 26.28 -67.97
CA CYS C 282 23.85 27.40 -67.03
C CYS C 282 23.76 28.77 -67.72
N ASP C 283 24.43 28.91 -68.88
CA ASP C 283 24.29 30.12 -69.66
C ASP C 283 22.83 30.49 -69.84
N ALA C 284 22.03 29.53 -70.28
CA ALA C 284 20.62 29.83 -70.51
C ALA C 284 20.00 30.44 -69.25
N ALA C 285 20.13 29.76 -68.12
CA ALA C 285 19.45 30.19 -66.93
C ALA C 285 19.73 31.65 -66.66
N ILE C 286 20.99 32.06 -66.72
CA ILE C 286 21.34 33.45 -66.45
C ILE C 286 20.67 34.38 -67.47
N GLN C 287 20.74 33.99 -68.72
CA GLN C 287 20.04 34.71 -69.80
C GLN C 287 18.58 35.04 -69.40
N LEU C 288 17.81 34.02 -69.05
CA LEU C 288 16.41 34.17 -68.67
C LEU C 288 16.25 35.15 -67.54
N MET C 289 17.06 34.97 -66.50
CA MET C 289 16.89 35.68 -65.26
C MET C 289 17.51 37.07 -65.29
N GLU C 290 18.48 37.28 -66.19
CA GLU C 290 18.99 38.62 -66.44
C GLU C 290 17.95 39.40 -67.24
N ASN C 291 17.27 38.69 -68.13
CA ASN C 291 16.28 39.31 -69.01
C ASN C 291 15.03 39.77 -68.26
N ILE C 292 14.80 39.23 -67.07
CA ILE C 292 13.69 39.69 -66.26
C ILE C 292 14.12 40.24 -64.90
N LYS C 293 15.43 40.28 -64.68
CA LYS C 293 16.00 40.95 -63.51
C LYS C 293 15.49 40.32 -62.23
N TYR C 294 15.67 39.01 -62.12
CA TYR C 294 15.21 38.27 -60.96
C TYR C 294 15.91 38.74 -59.70
N VAL C 295 15.23 38.64 -58.57
CA VAL C 295 15.80 38.98 -57.26
C VAL C 295 15.67 37.82 -56.24
N ASN C 296 16.68 37.67 -55.40
CA ASN C 296 16.75 36.58 -54.43
C ASN C 296 17.01 35.22 -55.09
N ALA C 297 16.82 34.14 -54.34
CA ALA C 297 17.00 32.79 -54.89
C ALA C 297 15.85 32.31 -55.80
N GLY C 298 16.17 31.37 -56.66
CA GLY C 298 15.20 30.75 -57.56
C GLY C 298 15.92 29.75 -58.45
N THR C 299 15.19 28.73 -58.89
CA THR C 299 15.75 27.64 -59.66
C THR C 299 15.16 27.69 -61.05
N VAL C 300 15.99 27.62 -62.08
CA VAL C 300 15.49 27.34 -63.42
C VAL C 300 15.59 25.84 -63.65
N GLU C 301 14.50 25.24 -64.11
CA GLU C 301 14.43 23.78 -64.24
C GLU C 301 14.40 23.38 -65.70
N PHE C 302 15.26 22.44 -66.09
CA PHE C 302 15.32 22.00 -67.47
C PHE C 302 15.11 20.50 -67.55
N LEU C 303 14.80 20.03 -68.76
CA LEU C 303 14.82 18.63 -69.10
C LEU C 303 15.91 18.48 -70.15
N VAL C 304 16.81 17.52 -69.97
CA VAL C 304 17.92 17.33 -70.90
C VAL C 304 17.83 16.01 -71.62
N SER C 305 17.88 16.01 -72.97
CA SER C 305 17.83 14.69 -73.72
C SER C 305 19.14 14.34 -74.52
N GLY C 306 20.05 13.46 -74.14
CA GLY C 306 21.15 13.35 -75.08
C GLY C 306 21.93 14.71 -75.12
N ASP C 307 21.70 15.57 -76.12
CA ASP C 307 22.41 16.86 -76.15
C ASP C 307 21.48 18.06 -76.18
N GLU C 308 20.23 17.84 -76.62
CA GLU C 308 19.22 18.89 -76.54
C GLU C 308 18.76 19.08 -75.09
N PHE C 309 18.25 20.26 -74.79
CA PHE C 309 17.69 20.51 -73.45
C PHE C 309 16.57 21.54 -73.59
N PHE C 310 15.59 21.50 -72.71
CA PHE C 310 14.39 22.30 -72.88
C PHE C 310 13.93 22.92 -71.57
N PHE C 311 13.58 24.22 -71.57
CA PHE C 311 13.12 24.89 -70.34
C PHE C 311 11.77 24.35 -69.87
N ILE C 312 11.63 24.14 -68.55
CA ILE C 312 10.44 23.47 -68.03
C ILE C 312 9.75 24.13 -66.82
N GLU C 313 10.49 24.87 -66.01
CA GLU C 313 9.90 25.46 -64.80
C GLU C 313 10.80 26.59 -64.31
N VAL C 314 10.21 27.56 -63.65
CA VAL C 314 10.95 28.32 -62.63
C VAL C 314 10.26 28.24 -61.28
N ASN C 315 10.96 27.78 -60.25
CA ASN C 315 10.53 27.95 -58.86
C ASN C 315 11.07 29.29 -58.32
N PRO C 316 10.19 30.18 -57.91
CA PRO C 316 10.77 31.44 -57.48
C PRO C 316 10.91 31.51 -55.94
N ARG C 317 11.86 30.77 -55.41
CA ARG C 317 11.95 30.47 -53.98
C ARG C 317 13.08 29.47 -53.80
N VAL C 318 13.40 29.14 -52.56
CA VAL C 318 14.29 28.05 -52.35
C VAL C 318 13.55 26.75 -52.55
N GLN C 319 14.33 25.69 -52.64
CA GLN C 319 13.84 24.35 -52.87
C GLN C 319 14.43 23.51 -51.76
N VAL C 320 13.79 22.38 -51.49
CA VAL C 320 14.28 21.33 -50.57
C VAL C 320 15.77 21.07 -50.76
N GLU C 321 16.17 20.78 -51.99
CA GLU C 321 17.50 20.30 -52.28
C GLU C 321 18.54 21.39 -52.40
N HIS C 322 18.24 22.61 -51.93
CA HIS C 322 19.27 23.67 -51.93
C HIS C 322 20.55 23.25 -51.16
N THR C 323 20.47 22.25 -50.30
CA THR C 323 21.57 22.00 -49.36
C THR C 323 22.79 21.55 -50.15
N ILE C 324 22.51 20.94 -51.28
CA ILE C 324 23.47 20.09 -51.93
C ILE C 324 24.31 21.02 -52.81
N THR C 325 23.69 22.08 -53.31
CA THR C 325 24.39 23.20 -53.92
C THR C 325 25.28 23.98 -52.95
N GLU C 326 24.83 24.19 -51.71
CA GLU C 326 25.67 24.82 -50.69
C GLU C 326 26.94 24.05 -50.39
N MET C 327 26.79 22.75 -50.18
CA MET C 327 27.93 21.89 -49.90
C MET C 327 29.04 21.92 -50.95
N VAL C 328 28.69 21.87 -52.24
CA VAL C 328 29.71 21.88 -53.32
C VAL C 328 30.23 23.28 -53.69
N THR C 329 29.41 24.33 -53.49
CA THR C 329 29.80 25.73 -53.77
C THR C 329 30.32 26.51 -52.56
N GLY C 330 30.02 26.01 -51.36
CA GLY C 330 30.34 26.72 -50.12
C GLY C 330 29.47 27.93 -49.80
N ILE C 331 28.47 28.19 -50.63
CA ILE C 331 27.67 29.39 -50.44
C ILE C 331 26.48 29.08 -49.59
N ASP C 332 26.22 29.89 -48.58
CA ASP C 332 24.98 29.74 -47.82
C ASP C 332 23.75 30.42 -48.46
N ILE C 333 22.83 29.63 -49.00
CA ILE C 333 21.76 30.15 -49.82
C ILE C 333 20.69 30.88 -49.02
N VAL C 334 20.21 30.25 -47.96
CA VAL C 334 19.14 30.82 -47.19
C VAL C 334 19.60 32.08 -46.47
N LYS C 335 20.81 32.05 -45.94
CA LYS C 335 21.39 33.21 -45.26
C LYS C 335 21.59 34.38 -46.20
N THR C 336 21.68 34.11 -47.49
CA THR C 336 21.88 35.14 -48.48
C THR C 336 20.51 35.72 -48.87
N GLN C 337 19.52 34.87 -49.01
CA GLN C 337 18.18 35.39 -49.22
C GLN C 337 17.97 36.52 -48.22
N ILE C 338 18.19 36.23 -46.96
CA ILE C 338 17.93 37.20 -45.91
C ILE C 338 18.83 38.43 -46.12
N LEU C 339 20.11 38.20 -46.29
CA LEU C 339 21.01 39.32 -46.54
C LEU C 339 20.61 40.14 -47.76
N VAL C 340 20.07 39.49 -48.80
CA VAL C 340 19.66 40.21 -50.03
C VAL C 340 18.41 41.06 -49.81
N ALA C 341 17.41 40.46 -49.17
CA ALA C 341 16.18 41.17 -48.84
C ALA C 341 16.46 42.37 -47.92
N ALA C 342 17.46 42.24 -47.05
CA ALA C 342 17.92 43.35 -46.21
C ALA C 342 18.56 44.46 -47.03
N GLY C 343 18.76 44.19 -48.33
CA GLY C 343 19.26 45.21 -49.25
C GLY C 343 20.74 45.09 -49.49
N ALA C 344 21.41 44.23 -48.74
CA ALA C 344 22.84 44.01 -48.94
C ALA C 344 23.22 43.92 -50.42
N ASP C 345 24.49 44.20 -50.73
CA ASP C 345 25.06 43.91 -52.05
C ASP C 345 25.61 42.50 -52.10
N LEU C 346 25.41 41.85 -53.24
CA LEU C 346 25.76 40.46 -53.42
C LEU C 346 27.27 40.22 -53.50
N PHE C 347 28.05 41.30 -53.62
CA PHE C 347 29.51 41.17 -53.70
C PHE C 347 30.25 41.92 -52.57
N GLY C 348 29.53 42.29 -51.52
CA GLY C 348 30.09 43.13 -50.47
C GLY C 348 30.55 42.35 -49.26
N GLU C 349 30.93 43.09 -48.22
CA GLU C 349 31.34 42.53 -46.93
C GLU C 349 30.44 41.38 -46.47
N GLU C 350 29.13 41.60 -46.49
CA GLU C 350 28.15 40.77 -45.76
C GLU C 350 27.96 39.35 -46.36
N ILE C 351 27.52 39.29 -47.61
CA ILE C 351 27.43 38.04 -48.38
C ILE C 351 28.76 37.37 -48.78
N ASN C 352 29.73 38.17 -49.23
CA ASN C 352 31.04 37.65 -49.65
C ASN C 352 31.01 36.80 -50.93
N MET C 353 29.89 36.81 -51.66
CA MET C 353 29.75 36.08 -52.92
C MET C 353 30.95 36.29 -53.85
N PRO C 354 31.62 35.21 -54.26
CA PRO C 354 32.70 35.41 -55.23
C PRO C 354 32.12 35.66 -56.62
N GLN C 355 32.82 36.38 -57.46
CA GLN C 355 32.30 36.71 -58.79
C GLN C 355 32.08 35.42 -59.59
N GLN C 356 31.21 35.47 -60.59
CA GLN C 356 30.86 34.27 -61.36
C GLN C 356 32.08 33.41 -61.74
N LYS C 357 33.15 34.06 -62.18
CA LYS C 357 34.34 33.30 -62.57
C LYS C 357 35.03 32.50 -61.46
N ASP C 358 34.98 32.99 -60.22
CA ASP C 358 35.62 32.28 -59.12
C ASP C 358 34.65 31.46 -58.28
N ILE C 359 33.40 31.34 -58.73
CA ILE C 359 32.49 30.35 -58.20
C ILE C 359 32.76 28.98 -58.80
N THR C 360 32.86 27.97 -57.94
CA THR C 360 33.09 26.62 -58.44
C THR C 360 32.29 25.60 -57.66
N THR C 361 32.38 24.33 -58.08
CA THR C 361 32.01 23.22 -57.23
C THR C 361 33.22 22.42 -56.74
N LEU C 362 33.13 21.94 -55.51
CA LEU C 362 34.13 21.06 -54.91
C LEU C 362 33.49 19.70 -54.71
N GLY C 363 33.93 18.72 -55.47
CA GLY C 363 33.45 17.38 -55.21
C GLY C 363 31.97 17.28 -55.51
N TYR C 364 31.28 16.37 -54.84
CA TYR C 364 29.92 16.02 -55.17
C TYR C 364 29.12 15.81 -53.92
N ALA C 365 27.81 15.84 -54.07
CA ALA C 365 26.93 15.81 -52.93
C ALA C 365 25.57 15.25 -53.29
N ILE C 366 24.92 14.58 -52.33
CA ILE C 366 23.68 13.88 -52.55
C ILE C 366 22.74 14.18 -51.40
N GLN C 367 21.48 14.38 -51.72
CA GLN C 367 20.45 14.57 -50.72
C GLN C 367 19.46 13.45 -50.90
N CYS C 368 18.95 12.94 -49.78
CA CYS C 368 17.74 12.13 -49.82
C CYS C 368 16.97 12.36 -48.53
N ARG C 369 15.64 12.33 -48.61
CA ARG C 369 14.83 12.81 -47.51
C ARG C 369 14.29 11.62 -46.77
N ILE C 370 14.49 11.60 -45.45
CA ILE C 370 13.94 10.52 -44.64
C ILE C 370 12.47 10.82 -44.30
N THR C 371 11.58 10.06 -44.90
CA THR C 371 10.17 10.31 -44.75
C THR C 371 9.61 9.10 -44.04
N THR C 372 8.30 9.12 -43.75
CA THR C 372 7.67 7.93 -43.18
C THR C 372 6.85 7.20 -44.23
N GLU C 373 7.18 7.47 -45.48
CA GLU C 373 6.61 6.75 -46.61
C GLU C 373 7.00 5.29 -46.42
N ASP C 374 6.03 4.41 -46.23
CA ASP C 374 6.35 2.99 -46.20
C ASP C 374 6.42 2.42 -47.61
N PRO C 375 7.64 2.11 -48.06
CA PRO C 375 7.81 1.30 -49.26
C PRO C 375 7.23 -0.12 -49.11
N LEU C 376 6.73 -0.45 -47.92
CA LEU C 376 6.02 -1.71 -47.71
C LEU C 376 4.48 -1.57 -47.80
N ASN C 377 4.04 -0.55 -48.52
CA ASN C 377 2.63 -0.20 -48.57
C ASN C 377 2.41 1.00 -49.48
N ASP C 378 2.50 0.76 -50.79
CA ASP C 378 2.38 1.82 -51.81
C ASP C 378 2.92 3.17 -51.40
N PHE C 379 3.69 3.21 -50.31
CA PHE C 379 4.39 4.43 -49.88
C PHE C 379 3.51 5.44 -49.15
N MET C 380 2.39 5.00 -48.58
CA MET C 380 1.57 5.92 -47.80
C MET C 380 2.22 6.10 -46.41
N PRO C 381 2.30 7.36 -45.94
CA PRO C 381 3.14 7.68 -44.77
C PRO C 381 2.55 7.14 -43.48
N ASP C 382 3.35 6.46 -42.69
CA ASP C 382 2.96 5.99 -41.37
C ASP C 382 2.96 7.17 -40.38
N THR C 383 2.38 6.95 -39.22
CA THR C 383 2.09 8.03 -38.29
C THR C 383 2.27 7.55 -36.86
N GLY C 384 2.10 8.44 -35.91
CA GLY C 384 2.21 8.05 -34.51
C GLY C 384 3.54 8.49 -33.97
N THR C 385 4.02 7.78 -32.95
CA THR C 385 5.05 8.32 -32.08
C THR C 385 6.42 7.70 -32.31
N ILE C 386 7.40 8.54 -32.57
CA ILE C 386 8.79 8.14 -32.57
C ILE C 386 9.26 7.82 -31.16
N ILE C 387 9.77 6.62 -30.94
CA ILE C 387 10.17 6.18 -29.60
C ILE C 387 11.63 5.77 -29.50
N ALA C 388 12.37 5.97 -30.59
CA ALA C 388 13.82 5.95 -30.57
C ALA C 388 14.25 6.74 -31.77
N TYR C 389 15.28 7.56 -31.61
CA TYR C 389 15.76 8.39 -32.71
C TYR C 389 17.27 8.64 -32.59
N ARG C 390 18.04 7.93 -33.42
CA ARG C 390 19.48 8.17 -33.61
C ARG C 390 19.67 8.66 -35.05
N SER C 391 20.34 9.82 -35.21
CA SER C 391 20.78 10.36 -36.51
C SER C 391 22.08 9.74 -36.99
N SER C 392 22.93 10.58 -37.60
CA SER C 392 24.26 10.15 -38.07
C SER C 392 25.29 11.22 -37.67
N GLY C 393 26.46 11.21 -38.29
CA GLY C 393 27.39 12.32 -38.16
C GLY C 393 28.65 12.09 -38.95
N GLY C 394 29.71 12.81 -38.60
CA GLY C 394 31.03 12.55 -39.14
C GLY C 394 31.30 13.16 -40.49
N ALA C 395 32.39 12.74 -41.10
CA ALA C 395 32.97 13.40 -42.26
C ALA C 395 31.97 13.43 -43.40
N GLY C 396 31.71 14.61 -43.93
CA GLY C 396 30.88 14.74 -45.13
C GLY C 396 29.40 14.55 -44.98
N VAL C 397 28.92 14.48 -43.76
CA VAL C 397 27.50 14.26 -43.55
C VAL C 397 26.81 15.54 -43.05
N ARG C 398 25.74 15.93 -43.70
CA ARG C 398 24.98 17.10 -43.24
C ARG C 398 23.54 16.71 -42.96
N LEU C 399 23.12 16.99 -41.73
CA LEU C 399 21.77 16.67 -41.29
C LEU C 399 20.98 17.92 -41.06
N ASP C 400 19.78 17.96 -41.61
CA ASP C 400 18.88 19.07 -41.41
C ASP C 400 17.60 18.54 -40.87
N ALA C 401 17.42 18.62 -39.55
CA ALA C 401 16.22 18.12 -38.86
C ALA C 401 14.89 18.52 -39.50
N GLY C 402 13.87 17.68 -39.35
CA GLY C 402 12.50 18.00 -39.79
C GLY C 402 11.47 17.83 -38.66
N ASP C 403 10.75 16.72 -38.65
CA ASP C 403 9.89 16.38 -37.53
C ASP C 403 10.49 15.34 -36.59
N GLY C 404 11.67 14.82 -36.93
CA GLY C 404 12.28 13.72 -36.20
C GLY C 404 12.84 14.16 -34.86
N PHE C 405 12.43 13.48 -33.79
CA PHE C 405 13.12 13.50 -32.49
C PHE C 405 12.41 12.52 -31.56
N GLN C 406 13.11 12.01 -30.56
CA GLN C 406 12.48 11.23 -29.50
C GLN C 406 11.33 12.03 -28.91
N GLY C 407 10.13 11.49 -28.99
CA GLY C 407 8.93 12.18 -28.48
C GLY C 407 7.96 12.59 -29.57
N ALA C 408 8.48 12.73 -30.78
CA ALA C 408 7.78 13.44 -31.81
C ALA C 408 6.46 12.77 -32.18
N GLU C 409 5.39 13.55 -32.34
CA GLU C 409 4.12 13.07 -32.86
C GLU C 409 4.10 13.39 -34.34
N ILE C 410 3.96 12.37 -35.19
CA ILE C 410 3.84 12.62 -36.63
C ILE C 410 2.39 12.43 -37.05
N SER C 411 1.81 13.51 -37.57
CA SER C 411 0.41 13.57 -37.91
C SER C 411 0.14 13.22 -39.39
N PRO C 412 -1.14 12.95 -39.72
CA PRO C 412 -1.46 12.58 -41.10
C PRO C 412 -1.38 13.79 -42.01
N TYR C 413 -1.10 14.95 -41.43
CA TYR C 413 -1.61 16.21 -41.96
C TYR C 413 -0.70 16.90 -42.95
N TYR C 414 0.59 16.57 -42.92
CA TYR C 414 1.58 17.20 -43.80
C TYR C 414 2.62 16.21 -44.27
N ASP C 415 3.32 16.60 -45.32
CA ASP C 415 4.43 15.80 -45.83
C ASP C 415 5.43 15.45 -44.73
N SER C 416 5.45 14.18 -44.37
CA SER C 416 6.38 13.69 -43.38
C SER C 416 7.79 13.87 -43.91
N LEU C 417 8.62 14.56 -43.13
CA LEU C 417 10.02 14.57 -43.39
C LEU C 417 10.71 14.56 -42.03
N LEU C 418 11.08 13.39 -41.57
CA LEU C 418 11.77 13.25 -40.31
C LEU C 418 13.08 14.00 -40.35
N VAL C 419 13.87 13.75 -41.38
CA VAL C 419 15.23 14.28 -41.46
C VAL C 419 15.62 14.41 -42.90
N LYS C 420 16.51 15.35 -43.14
CA LYS C 420 17.01 15.60 -44.46
C LYS C 420 18.49 15.30 -44.34
N LEU C 421 18.97 14.38 -45.17
CA LEU C 421 20.38 13.92 -45.06
C LEU C 421 21.16 14.26 -46.31
N SER C 422 22.35 14.80 -46.13
CA SER C 422 23.13 15.15 -47.30
C SER C 422 24.56 14.72 -47.06
N THR C 423 25.23 14.28 -48.10
CA THR C 423 26.61 13.88 -47.92
C THR C 423 27.47 14.46 -49.02
N HIS C 424 28.77 14.55 -48.73
CA HIS C 424 29.71 15.31 -49.56
C HIS C 424 31.08 14.57 -49.67
N ALA C 425 31.60 14.47 -50.89
CA ALA C 425 32.95 13.95 -51.10
C ALA C 425 33.53 14.37 -52.47
N ILE C 426 34.84 14.20 -52.71
CA ILE C 426 35.39 14.60 -54.02
C ILE C 426 34.90 13.73 -55.16
N SER C 427 34.51 12.50 -54.86
CA SER C 427 33.97 11.66 -55.90
C SER C 427 32.50 11.29 -55.63
N PHE C 428 31.77 11.03 -56.70
CA PHE C 428 30.35 10.72 -56.61
C PHE C 428 30.13 9.43 -55.83
N LYS C 429 30.99 8.44 -56.05
CA LYS C 429 30.82 7.16 -55.38
C LYS C 429 31.16 7.28 -53.90
N GLN C 430 32.19 8.05 -53.58
CA GLN C 430 32.55 8.19 -52.19
C GLN C 430 31.38 8.85 -51.49
N ALA C 431 30.69 9.74 -52.20
CA ALA C 431 29.52 10.41 -51.61
C ALA C 431 28.35 9.47 -51.51
N GLU C 432 28.19 8.63 -52.52
CA GLU C 432 27.26 7.51 -52.46
C GLU C 432 27.61 6.65 -51.23
N GLU C 433 28.89 6.30 -51.05
CA GLU C 433 29.27 5.30 -50.07
C GLU C 433 29.10 5.91 -48.71
N LYS C 434 29.08 7.22 -48.70
CA LYS C 434 28.89 7.95 -47.49
C LYS C 434 27.38 8.06 -47.17
N MET C 435 26.52 7.99 -48.18
CA MET C 435 25.10 8.05 -47.97
C MET C 435 24.60 6.75 -47.45
N VAL C 436 25.06 5.63 -47.99
CA VAL C 436 24.56 4.36 -47.50
C VAL C 436 25.02 4.05 -46.06
N ARG C 437 26.16 4.58 -45.67
CA ARG C 437 26.68 4.33 -44.33
C ARG C 437 25.88 5.09 -43.29
N SER C 438 25.67 6.38 -43.56
CA SER C 438 24.80 7.20 -42.74
C SER C 438 23.38 6.66 -42.71
N LEU C 439 22.86 6.30 -43.88
CA LEU C 439 21.54 5.64 -43.93
C LEU C 439 21.44 4.43 -43.00
N ARG C 440 22.55 3.68 -42.88
CA ARG C 440 22.58 2.41 -42.13
C ARG C 440 22.83 2.63 -40.64
N GLU C 441 23.15 3.85 -40.27
CA GLU C 441 23.53 4.19 -38.91
C GLU C 441 22.30 4.80 -38.22
N MET C 442 21.31 5.16 -39.03
CA MET C 442 20.15 5.90 -38.53
C MET C 442 19.24 4.91 -37.86
N ARG C 443 18.51 5.36 -36.85
CA ARG C 443 17.55 4.51 -36.17
C ARG C 443 16.28 5.25 -35.78
N ILE C 444 15.21 4.99 -36.49
CA ILE C 444 13.94 5.51 -36.07
C ILE C 444 12.98 4.35 -35.82
N ARG C 445 12.29 4.43 -34.68
CA ARG C 445 11.41 3.36 -34.21
C ARG C 445 10.05 3.97 -33.93
N GLY C 446 9.01 3.16 -34.09
CA GLY C 446 7.66 3.61 -33.74
C GLY C 446 6.96 4.19 -34.95
N VAL C 447 7.73 4.33 -36.02
CA VAL C 447 7.19 4.51 -37.35
C VAL C 447 8.03 3.72 -38.35
N LYS C 448 7.37 3.10 -39.33
CA LYS C 448 8.02 2.74 -40.59
C LYS C 448 8.72 3.96 -41.20
N THR C 449 9.91 3.73 -41.79
CA THR C 449 10.61 4.72 -42.64
C THR C 449 10.74 4.28 -44.10
N ASN C 450 11.25 5.18 -44.94
CA ASN C 450 11.65 4.85 -46.32
C ASN C 450 13.11 4.43 -46.43
N ILE C 451 13.82 4.41 -45.30
CA ILE C 451 15.26 4.15 -45.32
C ILE C 451 15.62 2.93 -46.19
N PRO C 452 14.97 1.78 -45.93
CA PRO C 452 15.19 0.59 -46.72
C PRO C 452 15.14 0.86 -48.24
N PHE C 453 14.09 1.53 -48.71
CA PHE C 453 14.02 1.88 -50.11
C PHE C 453 15.27 2.68 -50.52
N LEU C 454 15.54 3.76 -49.83
CA LEU C 454 16.63 4.64 -50.25
C LEU C 454 17.98 3.94 -50.31
N ILE C 455 18.25 3.02 -49.38
CA ILE C 455 19.54 2.33 -49.33
C ILE C 455 19.73 1.57 -50.62
N ASN C 456 18.66 0.92 -51.05
CA ASN C 456 18.57 0.25 -52.34
C ASN C 456 18.82 1.16 -53.52
N VAL C 457 18.32 2.38 -53.49
CA VAL C 457 18.58 3.29 -54.59
C VAL C 457 20.04 3.67 -54.62
N MET C 458 20.57 4.04 -53.47
CA MET C 458 21.99 4.34 -53.34
C MET C 458 22.91 3.23 -53.81
N LYS C 459 22.53 1.98 -53.59
CA LYS C 459 23.48 0.86 -53.80
C LYS C 459 23.50 0.36 -55.23
N ASN C 460 22.66 0.95 -56.07
CA ASN C 460 22.34 0.34 -57.36
C ASN C 460 23.40 0.62 -58.41
N LYS C 461 23.72 -0.37 -59.22
CA LYS C 461 24.63 -0.15 -60.36
C LYS C 461 24.21 1.02 -61.23
N LYS C 462 22.92 1.09 -61.56
CA LYS C 462 22.40 2.19 -62.37
C LYS C 462 22.57 3.52 -61.67
N PHE C 463 22.58 3.53 -60.34
CA PHE C 463 22.71 4.81 -59.68
C PHE C 463 24.15 5.31 -59.57
N THR C 464 25.05 4.47 -59.05
CA THR C 464 26.43 4.90 -58.88
C THR C 464 27.02 5.16 -60.27
N SER C 465 26.39 4.60 -61.29
CA SER C 465 26.84 4.77 -62.67
C SER C 465 26.84 6.25 -63.03
N GLY C 466 25.68 6.88 -62.86
CA GLY C 466 25.58 8.33 -63.02
C GLY C 466 24.90 8.82 -64.28
N ASP C 467 24.64 7.91 -65.21
CA ASP C 467 23.77 8.22 -66.34
C ASP C 467 22.37 7.65 -66.19
N TYR C 468 21.70 7.94 -65.08
CA TYR C 468 20.32 7.49 -64.92
C TYR C 468 19.37 8.52 -65.48
N THR C 469 18.21 8.08 -65.94
CA THR C 469 17.21 9.03 -66.39
C THR C 469 16.09 9.08 -65.40
N THR C 470 15.14 9.98 -65.60
CA THR C 470 13.92 10.01 -64.79
C THR C 470 13.13 8.70 -64.89
N LYS C 471 13.45 7.87 -65.87
CA LYS C 471 12.79 6.58 -66.00
C LYS C 471 13.51 5.53 -65.16
N PHE C 472 14.37 6.00 -64.27
CA PHE C 472 15.26 5.08 -63.52
C PHE C 472 14.48 4.18 -62.58
N ILE C 473 13.62 4.76 -61.75
CA ILE C 473 12.95 3.93 -60.75
C ILE C 473 11.88 3.05 -61.34
N GLU C 474 11.22 3.51 -62.39
CA GLU C 474 10.14 2.71 -62.97
C GLU C 474 10.68 1.60 -63.89
N GLU C 475 11.99 1.50 -63.98
CA GLU C 475 12.65 0.43 -64.74
C GLU C 475 13.68 -0.33 -63.88
N THR C 476 13.51 -0.32 -62.55
CA THR C 476 14.33 -1.13 -61.63
C THR C 476 13.52 -1.65 -60.45
N PRO C 477 12.86 -2.81 -60.62
CA PRO C 477 12.02 -3.40 -59.57
C PRO C 477 12.78 -3.84 -58.32
N GLU C 478 14.01 -4.34 -58.50
CA GLU C 478 14.82 -4.84 -57.39
C GLU C 478 14.96 -3.80 -56.27
N LEU C 479 14.75 -2.53 -56.60
CA LEU C 479 14.78 -1.47 -55.63
C LEU C 479 13.73 -1.78 -54.59
N PHE C 480 12.70 -2.50 -55.01
CA PHE C 480 11.58 -2.82 -54.15
C PHE C 480 11.69 -4.24 -53.59
N ASP C 481 12.86 -4.85 -53.73
CA ASP C 481 13.26 -6.01 -52.93
C ASP C 481 13.65 -5.57 -51.50
N ILE C 482 12.64 -5.50 -50.61
CA ILE C 482 12.86 -5.17 -49.20
C ILE C 482 12.35 -6.30 -48.31
N GLN C 483 13.17 -6.68 -47.32
CA GLN C 483 12.71 -7.52 -46.21
C GLN C 483 12.44 -6.64 -44.97
N PRO C 484 11.22 -6.75 -44.39
CA PRO C 484 10.81 -5.92 -43.22
C PRO C 484 11.77 -6.09 -42.02
N SER C 485 12.26 -4.97 -41.47
CA SER C 485 13.44 -4.97 -40.61
C SER C 485 13.42 -5.99 -39.45
N LEU C 486 14.58 -6.61 -39.23
CA LEU C 486 14.69 -7.98 -38.76
C LEU C 486 15.11 -8.01 -37.29
N ASP C 487 14.17 -7.72 -36.39
CA ASP C 487 14.42 -6.74 -35.30
C ASP C 487 14.89 -7.23 -33.91
N ARG C 488 16.15 -7.67 -33.84
CA ARG C 488 16.63 -8.43 -32.68
C ARG C 488 16.54 -7.63 -31.39
N GLY C 489 17.22 -6.49 -31.35
CA GLY C 489 17.15 -5.61 -30.20
C GLY C 489 15.71 -5.34 -29.79
N THR C 490 14.93 -4.79 -30.71
CA THR C 490 13.56 -4.37 -30.44
C THR C 490 12.73 -5.51 -29.86
N LYS C 491 12.75 -6.68 -30.50
CA LYS C 491 12.00 -7.86 -30.02
C LYS C 491 12.40 -8.31 -28.60
N THR C 492 13.70 -8.46 -28.37
CA THR C 492 14.21 -8.71 -27.04
C THR C 492 13.68 -7.73 -25.99
N LEU C 493 13.71 -6.43 -26.28
CA LEU C 493 13.21 -5.47 -25.32
C LEU C 493 11.75 -5.75 -25.05
N GLU C 494 11.04 -6.18 -26.08
CA GLU C 494 9.62 -6.51 -25.97
C GLU C 494 9.38 -7.69 -25.01
N TYR C 495 10.29 -8.67 -25.03
CA TYR C 495 10.12 -9.87 -24.23
C TYR C 495 10.29 -9.58 -22.74
N ILE C 496 11.40 -8.93 -22.39
CA ILE C 496 11.72 -8.59 -21.00
C ILE C 496 10.64 -7.70 -20.44
N GLY C 497 10.11 -6.82 -21.28
CA GLY C 497 9.01 -5.95 -20.90
C GLY C 497 7.83 -6.72 -20.38
N ASN C 498 7.39 -7.71 -21.14
CA ASN C 498 6.24 -8.50 -20.75
C ASN C 498 6.47 -9.34 -19.50
N VAL C 499 7.65 -9.94 -19.39
CA VAL C 499 7.95 -10.79 -18.22
C VAL C 499 8.03 -10.01 -16.91
N THR C 500 8.47 -8.76 -17.01
CA THR C 500 8.68 -7.97 -15.83
C THR C 500 7.35 -7.49 -15.37
N ILE C 501 6.45 -7.25 -16.32
CA ILE C 501 5.18 -6.61 -15.99
C ILE C 501 4.07 -7.62 -15.81
N ASN C 502 3.82 -8.41 -16.84
CA ASN C 502 2.82 -9.48 -16.78
C ASN C 502 3.33 -10.81 -16.21
N GLY C 503 4.64 -11.05 -16.25
CA GLY C 503 5.21 -12.26 -15.68
C GLY C 503 5.30 -13.45 -16.62
N PHE C 504 6.13 -14.43 -16.27
CA PHE C 504 6.31 -15.66 -17.05
C PHE C 504 5.20 -16.67 -16.85
N PRO C 505 4.73 -17.40 -17.91
CA PRO C 505 3.85 -18.74 -17.63
C PRO C 505 4.37 -19.97 -16.42
N ASN C 506 3.76 -20.52 -15.07
CA ASN C 506 4.10 -21.56 -13.79
C ASN C 506 5.47 -21.42 -13.08
N VAL C 507 5.78 -20.19 -12.92
CA VAL C 507 6.95 -19.61 -12.26
C VAL C 507 6.50 -18.38 -11.48
N GLU C 508 6.94 -18.26 -10.23
CA GLU C 508 6.28 -17.37 -9.27
C GLU C 508 6.54 -15.86 -9.47
N LYS C 509 5.67 -15.22 -10.27
CA LYS C 509 5.61 -13.77 -10.43
C LYS C 509 6.00 -12.99 -9.17
N ARG C 510 7.30 -12.94 -8.89
CA ARG C 510 7.84 -12.14 -7.80
C ARG C 510 8.87 -11.19 -8.45
N PRO C 511 9.56 -10.36 -7.64
CA PRO C 511 10.82 -9.77 -8.13
C PRO C 511 11.75 -10.88 -8.65
N LYS C 512 12.88 -10.51 -9.25
CA LYS C 512 13.91 -11.51 -9.62
C LYS C 512 14.77 -11.89 -8.41
N PRO C 513 14.67 -13.15 -8.01
CA PRO C 513 15.48 -13.58 -6.88
C PRO C 513 16.93 -13.08 -7.01
N ASP C 514 17.50 -12.68 -5.89
CA ASP C 514 18.95 -12.64 -5.78
C ASP C 514 19.52 -13.99 -6.24
N TYR C 515 20.51 -13.94 -7.11
CA TYR C 515 21.21 -15.15 -7.47
C TYR C 515 22.68 -15.05 -7.13
N GLU C 516 23.24 -16.16 -6.69
CA GLU C 516 24.68 -16.23 -6.47
C GLU C 516 25.38 -16.21 -7.82
N LEU C 517 26.66 -15.86 -7.81
CA LEU C 517 27.38 -15.51 -9.03
C LEU C 517 27.89 -16.73 -9.77
N ALA C 518 27.50 -16.82 -11.03
CA ALA C 518 28.02 -17.85 -11.91
C ALA C 518 29.47 -17.50 -12.31
N SER C 519 30.46 -18.11 -11.64
CA SER C 519 31.81 -18.16 -12.21
C SER C 519 31.95 -19.46 -13.02
N ILE C 520 32.02 -19.33 -14.34
CA ILE C 520 31.89 -20.48 -15.23
C ILE C 520 33.26 -20.89 -15.80
N PRO C 521 33.72 -22.11 -15.45
CA PRO C 521 34.99 -22.61 -15.94
C PRO C 521 34.98 -22.86 -17.46
N THR C 522 36.16 -22.80 -18.08
CA THR C 522 36.30 -22.64 -19.52
C THR C 522 37.55 -23.40 -19.94
N VAL C 523 37.55 -23.85 -21.19
CA VAL C 523 38.70 -24.52 -21.78
C VAL C 523 38.81 -24.03 -23.22
N SER C 524 39.97 -23.47 -23.54
CA SER C 524 40.22 -22.90 -24.89
C SER C 524 39.83 -23.91 -25.96
N SER C 525 39.17 -23.42 -26.99
CA SER C 525 38.61 -24.30 -28.01
C SER C 525 39.73 -25.03 -28.77
N SER C 526 40.93 -24.43 -28.78
CA SER C 526 42.13 -25.09 -29.29
C SER C 526 42.43 -26.37 -28.54
N LYS C 527 42.55 -26.27 -27.23
CA LYS C 527 42.79 -27.45 -26.41
C LYS C 527 41.73 -28.53 -26.68
N ILE C 528 40.46 -28.13 -26.66
CA ILE C 528 39.38 -29.04 -27.03
C ILE C 528 39.61 -29.71 -28.39
N ALA C 529 39.96 -28.94 -29.42
CA ALA C 529 40.16 -29.51 -30.74
C ALA C 529 41.33 -30.52 -30.79
N SER C 530 42.32 -30.35 -29.91
CA SER C 530 43.42 -31.31 -29.86
C SER C 530 43.03 -32.69 -29.26
N PHE C 531 41.74 -32.86 -28.95
CA PHE C 531 41.30 -34.04 -28.20
C PHE C 531 40.80 -35.14 -29.11
N SER C 532 40.87 -36.37 -28.63
CA SER C 532 40.48 -37.51 -29.43
C SER C 532 39.77 -38.47 -28.56
N GLY C 533 38.44 -38.44 -28.67
CA GLY C 533 37.61 -39.22 -27.78
C GLY C 533 36.88 -40.33 -28.50
N THR C 534 35.75 -40.73 -27.91
CA THR C 534 34.92 -41.76 -28.46
C THR C 534 34.27 -41.28 -29.76
N LYS C 535 34.03 -39.98 -29.89
CA LYS C 535 33.56 -39.46 -31.16
C LYS C 535 34.53 -39.84 -32.25
N GLN C 536 35.76 -39.30 -32.19
CA GLN C 536 36.78 -39.66 -33.20
C GLN C 536 36.94 -41.17 -33.29
N LEU C 537 36.74 -41.86 -32.17
CA LEU C 537 36.76 -43.31 -32.22
C LEU C 537 35.82 -43.87 -33.30
N LEU C 538 34.55 -43.48 -33.23
CA LEU C 538 33.55 -44.03 -34.13
C LEU C 538 33.72 -43.56 -35.57
N ASP C 539 34.33 -42.41 -35.76
CA ASP C 539 34.59 -41.91 -37.11
C ASP C 539 35.59 -42.84 -37.75
N GLU C 540 36.30 -43.57 -36.89
CA GLU C 540 37.46 -44.29 -37.33
C GLU C 540 37.17 -45.77 -37.60
N VAL C 541 36.43 -46.40 -36.69
CA VAL C 541 36.31 -47.87 -36.72
C VAL C 541 34.87 -48.38 -36.85
N GLY C 542 33.90 -47.48 -36.80
CA GLY C 542 32.50 -47.83 -37.01
C GLY C 542 31.81 -48.23 -35.72
N PRO C 543 30.51 -48.49 -35.80
CA PRO C 543 29.68 -48.82 -34.65
C PRO C 543 30.11 -50.10 -34.00
N LYS C 544 30.24 -51.16 -34.79
CA LYS C 544 30.73 -52.45 -34.29
C LYS C 544 32.15 -52.33 -33.74
N GLY C 545 32.92 -51.41 -34.33
CA GLY C 545 34.27 -51.09 -33.87
C GLY C 545 34.21 -50.55 -32.45
N VAL C 546 33.34 -49.59 -32.24
CA VAL C 546 33.15 -49.02 -30.93
C VAL C 546 32.73 -50.07 -29.88
N ALA C 547 31.84 -50.99 -30.28
CA ALA C 547 31.31 -51.97 -29.35
C ALA C 547 32.42 -52.91 -28.88
N GLU C 548 33.21 -53.39 -29.83
CA GLU C 548 34.36 -54.23 -29.52
C GLU C 548 35.37 -53.47 -28.68
N TRP C 549 35.54 -52.18 -28.92
CA TRP C 549 36.51 -51.41 -28.16
C TRP C 549 36.04 -51.26 -26.73
N VAL C 550 34.72 -51.18 -26.57
CA VAL C 550 34.12 -50.98 -25.26
C VAL C 550 34.46 -52.17 -24.37
N LYS C 551 34.38 -53.36 -24.96
CA LYS C 551 34.60 -54.63 -24.27
C LYS C 551 36.02 -54.76 -23.74
N LYS C 552 37.00 -54.52 -24.61
CA LYS C 552 38.44 -54.51 -24.25
C LYS C 552 38.72 -53.56 -23.08
N GLN C 553 37.77 -52.67 -22.78
CA GLN C 553 38.00 -51.68 -21.73
C GLN C 553 37.83 -52.24 -20.33
N ASP C 554 38.81 -51.93 -19.51
CA ASP C 554 38.99 -52.56 -18.23
C ASP C 554 38.11 -51.85 -17.21
N ASP C 555 38.26 -50.53 -17.16
CA ASP C 555 37.44 -49.63 -16.36
C ASP C 555 35.96 -49.69 -16.68
N VAL C 556 35.14 -49.14 -15.78
CA VAL C 556 33.78 -48.75 -16.14
C VAL C 556 33.83 -47.46 -16.91
N LEU C 557 33.18 -47.46 -18.06
CA LEU C 557 33.00 -46.25 -18.83
C LEU C 557 31.75 -45.53 -18.37
N LEU C 558 31.75 -44.22 -18.55
CA LEU C 558 30.79 -43.38 -17.86
C LEU C 558 30.00 -42.70 -18.97
N THR C 559 28.71 -42.50 -18.73
CA THR C 559 27.90 -41.67 -19.60
C THR C 559 27.19 -40.64 -18.75
N ASP C 560 27.34 -39.37 -19.09
CA ASP C 560 26.71 -38.37 -18.31
C ASP C 560 25.29 -38.09 -18.78
N THR C 561 24.40 -37.88 -17.82
CA THR C 561 22.99 -37.62 -18.11
C THR C 561 22.56 -36.25 -17.59
N THR C 562 23.50 -35.49 -17.05
CA THR C 562 23.23 -34.11 -16.62
C THR C 562 22.42 -33.31 -17.62
N PHE C 563 22.84 -33.39 -18.87
CA PHE C 563 22.29 -32.57 -19.94
C PHE C 563 20.89 -32.98 -20.27
N ARG C 564 20.51 -34.21 -19.92
CA ARG C 564 19.19 -34.75 -20.32
C ARG C 564 18.37 -35.36 -19.18
N ASP C 565 18.82 -36.47 -18.62
CA ASP C 565 17.95 -37.21 -17.73
C ASP C 565 17.87 -36.57 -16.37
N ALA C 566 18.95 -35.92 -15.96
CA ALA C 566 19.08 -35.47 -14.59
C ALA C 566 18.11 -34.32 -14.36
N HIS C 567 18.03 -33.43 -15.34
CA HIS C 567 17.12 -32.33 -15.21
C HIS C 567 15.71 -32.72 -15.67
N GLN C 568 15.63 -33.77 -16.49
CA GLN C 568 14.34 -34.35 -16.81
C GLN C 568 13.69 -34.98 -15.56
N SER C 569 14.50 -35.31 -14.56
CA SER C 569 14.01 -36.05 -13.40
C SER C 569 13.84 -35.15 -12.18
N LEU C 570 14.55 -34.02 -12.17
CA LEU C 570 14.66 -33.17 -11.00
C LEU C 570 13.93 -31.83 -11.16
N LEU C 571 13.92 -31.34 -12.40
CA LEU C 571 13.58 -29.96 -12.68
C LEU C 571 12.64 -29.89 -13.88
N ALA C 572 11.84 -30.92 -14.08
CA ALA C 572 10.72 -30.85 -15.01
C ALA C 572 11.18 -30.63 -16.46
N THR C 573 12.39 -31.08 -16.74
CA THR C 573 12.98 -31.02 -18.09
C THR C 573 13.30 -29.63 -18.57
N ARG C 574 13.13 -28.63 -17.70
CA ARG C 574 13.12 -27.22 -18.11
C ARG C 574 14.50 -26.60 -18.31
N VAL C 575 15.56 -27.38 -18.22
CA VAL C 575 16.86 -26.78 -18.25
C VAL C 575 17.17 -26.24 -19.63
N ARG C 576 17.56 -24.97 -19.68
CA ARG C 576 17.72 -24.22 -20.91
C ARG C 576 19.09 -24.46 -21.54
N THR C 577 19.13 -24.45 -22.88
CA THR C 577 20.38 -24.44 -23.65
C THR C 577 21.44 -23.54 -23.06
N LYS C 578 21.11 -22.27 -22.82
CA LYS C 578 22.09 -21.31 -22.33
C LYS C 578 22.95 -21.89 -21.23
N ASP C 579 22.32 -22.48 -20.21
CA ASP C 579 23.09 -23.05 -19.12
C ASP C 579 24.00 -24.24 -19.52
N MET C 580 23.76 -24.82 -20.69
CA MET C 580 24.54 -25.94 -21.21
C MET C 580 25.73 -25.49 -22.04
N ILE C 581 25.46 -24.80 -23.16
CA ILE C 581 26.53 -24.09 -23.87
C ILE C 581 27.51 -23.40 -22.92
N ASN C 582 27.00 -22.82 -21.84
CA ASN C 582 27.88 -22.16 -20.88
C ASN C 582 28.99 -23.01 -20.25
N ILE C 583 28.75 -24.31 -20.02
CA ILE C 583 29.80 -25.21 -19.52
C ILE C 583 30.15 -26.28 -20.50
N ALA C 584 29.73 -26.12 -21.75
CA ALA C 584 30.05 -27.12 -22.76
C ALA C 584 31.56 -27.30 -22.81
N SER C 585 32.27 -26.19 -22.88
CA SER C 585 33.72 -26.21 -22.97
C SER C 585 34.35 -27.07 -21.87
N LYS C 586 33.95 -26.85 -20.62
CA LYS C 586 34.49 -27.65 -19.49
C LYS C 586 34.01 -29.10 -19.51
N THR C 587 32.73 -29.29 -19.84
CA THR C 587 32.19 -30.64 -19.98
C THR C 587 33.10 -31.48 -20.86
N ALA C 588 33.30 -31.02 -22.10
CA ALA C 588 34.18 -31.69 -23.05
C ALA C 588 35.59 -31.97 -22.52
N ASP C 589 36.12 -31.10 -21.66
CA ASP C 589 37.33 -31.46 -20.94
C ASP C 589 37.10 -32.61 -19.99
N VAL C 590 36.13 -32.45 -19.08
CA VAL C 590 35.98 -33.32 -17.92
C VAL C 590 35.61 -34.75 -18.39
N PHE C 591 34.68 -34.81 -19.35
CA PHE C 591 34.24 -36.10 -19.93
C PHE C 591 34.96 -36.56 -21.19
N LYS C 592 36.24 -36.22 -21.33
CA LYS C 592 36.94 -36.47 -22.57
C LYS C 592 37.14 -37.95 -22.82
N ASP C 593 37.23 -38.72 -21.74
CA ASP C 593 37.26 -40.19 -21.78
C ASP C 593 35.93 -40.84 -21.42
N GLY C 594 34.86 -40.04 -21.41
CA GLY C 594 33.53 -40.55 -21.13
C GLY C 594 33.05 -41.32 -22.32
N PHE C 595 32.07 -42.20 -22.12
CA PHE C 595 31.61 -42.95 -23.25
C PHE C 595 30.70 -42.10 -24.14
N SER C 596 29.61 -41.59 -23.56
CA SER C 596 28.77 -40.61 -24.23
C SER C 596 28.32 -39.45 -23.32
N LEU C 597 27.78 -38.39 -23.90
CA LEU C 597 26.88 -37.50 -23.18
C LEU C 597 25.50 -37.83 -23.66
N GLU C 598 24.59 -38.12 -22.75
CA GLU C 598 23.19 -38.26 -23.13
C GLU C 598 22.62 -36.87 -23.06
N MET C 599 22.31 -36.26 -24.20
CA MET C 599 21.85 -34.88 -24.12
C MET C 599 20.59 -34.57 -24.93
N TRP C 600 19.86 -35.59 -25.31
CA TRP C 600 18.84 -35.39 -26.33
C TRP C 600 17.84 -36.51 -26.35
N GLY C 601 16.66 -36.22 -26.88
CA GLY C 601 15.58 -37.17 -26.95
C GLY C 601 14.84 -37.03 -25.66
N GLY C 602 13.80 -37.82 -25.49
CA GLY C 602 13.07 -37.87 -24.25
C GLY C 602 12.12 -36.71 -24.24
N ALA C 603 11.96 -36.12 -23.06
CA ALA C 603 11.00 -35.06 -22.91
C ALA C 603 11.51 -33.76 -23.52
N THR C 604 12.80 -33.74 -23.85
CA THR C 604 13.49 -32.47 -24.10
C THR C 604 13.11 -31.89 -25.43
N PHE C 605 12.73 -32.74 -26.39
CA PHE C 605 12.28 -32.26 -27.69
C PHE C 605 11.02 -31.47 -27.51
N ASP C 606 10.07 -32.02 -26.77
CA ASP C 606 8.78 -31.33 -26.51
C ASP C 606 9.01 -30.08 -25.64
N VAL C 607 9.66 -30.25 -24.51
CA VAL C 607 9.79 -29.17 -23.54
C VAL C 607 10.52 -27.95 -24.13
N ALA C 608 11.59 -28.18 -24.89
CA ALA C 608 12.36 -27.10 -25.49
C ALA C 608 11.47 -26.27 -26.40
N TYR C 609 10.70 -26.94 -27.25
CA TYR C 609 9.83 -26.27 -28.19
C TYR C 609 8.67 -25.61 -27.46
N ASN C 610 8.07 -26.32 -26.53
CA ASN C 610 6.82 -25.89 -25.89
C ASN C 610 7.01 -24.92 -24.72
N PHE C 611 7.74 -25.31 -23.69
CA PHE C 611 7.80 -24.47 -22.50
C PHE C 611 8.92 -23.46 -22.57
N LEU C 612 10.05 -23.90 -23.09
CA LEU C 612 11.22 -23.07 -23.16
C LEU C 612 11.24 -22.26 -24.46
N LYS C 613 10.38 -22.61 -25.39
CA LYS C 613 10.31 -21.81 -26.61
C LYS C 613 11.66 -21.79 -27.36
N GLU C 614 12.46 -22.86 -27.26
CA GLU C 614 13.69 -22.91 -28.03
C GLU C 614 13.79 -24.13 -28.97
N ASN C 615 14.40 -23.93 -30.14
CA ASN C 615 14.73 -24.99 -31.08
C ASN C 615 15.74 -25.98 -30.51
N PRO C 616 15.35 -27.26 -30.34
CA PRO C 616 16.25 -28.28 -29.75
C PRO C 616 17.30 -28.79 -30.74
N TRP C 617 17.00 -28.70 -32.03
CA TRP C 617 18.03 -28.90 -33.05
C TRP C 617 19.19 -27.92 -32.86
N GLU C 618 18.87 -26.66 -32.62
CA GLU C 618 19.88 -25.67 -32.30
C GLU C 618 20.65 -26.00 -31.03
N ARG C 619 19.98 -26.59 -30.04
CA ARG C 619 20.68 -27.06 -28.84
C ARG C 619 21.73 -28.14 -29.16
N LEU C 620 21.37 -28.99 -30.09
CA LEU C 620 22.16 -30.18 -30.38
C LEU C 620 23.29 -29.78 -31.30
N GLU C 621 23.03 -28.78 -32.13
CA GLU C 621 23.99 -28.39 -33.14
C GLU C 621 25.03 -27.52 -32.52
N ARG C 622 24.63 -26.73 -31.53
CA ARG C 622 25.61 -25.95 -30.78
C ARG C 622 26.45 -26.71 -29.77
N LEU C 623 25.85 -27.62 -29.04
CA LEU C 623 26.61 -28.54 -28.20
C LEU C 623 27.58 -29.37 -29.04
N ARG C 624 27.15 -29.74 -30.25
CA ARG C 624 27.95 -30.54 -31.19
C ARG C 624 29.30 -29.88 -31.50
N LYS C 625 29.23 -28.60 -31.89
CA LYS C 625 30.41 -27.81 -32.26
C LYS C 625 31.24 -27.50 -31.02
N ALA C 626 30.56 -27.32 -29.88
CA ALA C 626 31.21 -27.09 -28.61
C ALA C 626 31.92 -28.31 -28.06
N ILE C 627 31.36 -29.50 -28.26
CA ILE C 627 31.83 -30.73 -27.64
C ILE C 627 32.16 -31.80 -28.71
N PRO C 628 33.25 -31.58 -29.48
CA PRO C 628 33.46 -32.39 -30.69
C PRO C 628 34.08 -33.75 -30.43
N ASN C 629 34.34 -34.06 -29.17
CA ASN C 629 35.15 -35.25 -28.83
C ASN C 629 34.40 -36.45 -28.26
N VAL C 630 33.27 -36.22 -27.62
CA VAL C 630 32.58 -37.31 -26.97
C VAL C 630 31.35 -37.64 -27.77
N LEU C 631 30.96 -38.91 -27.78
CA LEU C 631 29.76 -39.29 -28.52
C LEU C 631 28.58 -38.65 -27.86
N PHE C 632 27.62 -38.29 -28.69
CA PHE C 632 26.36 -37.78 -28.19
C PHE C 632 25.29 -38.89 -28.24
N GLN C 633 24.73 -39.17 -27.05
CA GLN C 633 23.67 -40.15 -26.90
C GLN C 633 22.31 -39.50 -26.83
N MET C 634 21.33 -40.04 -27.53
CA MET C 634 19.96 -39.60 -27.34
C MET C 634 19.08 -40.79 -26.96
N LEU C 635 17.99 -40.53 -26.24
CA LEU C 635 17.02 -41.57 -25.91
C LEU C 635 15.85 -41.55 -26.88
N LEU C 636 15.70 -42.64 -27.62
CA LEU C 636 14.73 -42.71 -28.70
C LEU C 636 13.69 -43.77 -28.40
N ARG C 637 12.44 -43.37 -28.58
CA ARG C 637 11.28 -44.11 -28.10
C ARG C 637 10.78 -45.04 -29.23
N ALA C 638 11.42 -46.18 -29.40
CA ALA C 638 11.07 -47.12 -30.47
C ALA C 638 10.31 -46.48 -31.62
N SER C 639 8.98 -46.63 -31.66
CA SER C 639 8.20 -46.23 -32.83
C SER C 639 7.43 -44.92 -32.65
N ASN C 640 7.85 -44.14 -31.68
CA ASN C 640 7.23 -42.88 -31.34
C ASN C 640 8.31 -41.82 -31.45
N ALA C 641 9.57 -42.27 -31.27
CA ALA C 641 10.77 -41.43 -31.23
C ALA C 641 10.87 -40.50 -30.03
N VAL C 642 9.97 -39.53 -29.99
CA VAL C 642 10.15 -38.33 -29.24
C VAL C 642 8.78 -37.64 -29.19
N GLY C 643 7.75 -38.35 -29.68
CA GLY C 643 6.35 -37.99 -29.45
C GLY C 643 5.73 -38.93 -28.43
N TYR C 644 4.41 -39.11 -28.48
CA TYR C 644 3.69 -39.96 -27.49
C TYR C 644 3.01 -41.22 -28.07
N LYS C 645 3.15 -41.43 -29.38
CA LYS C 645 2.47 -42.53 -30.10
C LYS C 645 3.29 -42.99 -31.32
N ASN C 646 2.95 -44.17 -31.87
CA ASN C 646 3.52 -44.72 -33.12
C ASN C 646 3.26 -43.77 -34.31
N TYR C 647 4.31 -43.53 -35.12
CA TYR C 647 4.19 -42.67 -36.31
C TYR C 647 4.34 -43.53 -37.56
N PRO C 648 3.87 -43.02 -38.71
CA PRO C 648 4.18 -43.78 -39.91
C PRO C 648 5.68 -44.04 -40.03
N ASP C 649 6.03 -45.25 -40.46
CA ASP C 649 7.41 -45.75 -40.46
C ASP C 649 8.43 -44.76 -41.01
N ASN C 650 8.08 -44.07 -42.10
CA ASN C 650 9.02 -43.13 -42.72
C ASN C 650 9.27 -41.86 -41.90
N VAL C 651 8.49 -41.65 -40.85
CA VAL C 651 8.75 -40.57 -39.90
C VAL C 651 9.92 -40.91 -38.98
N ILE C 652 9.92 -42.13 -38.44
CA ILE C 652 11.00 -42.54 -37.56
C ILE C 652 12.33 -42.56 -38.33
N HIS C 653 12.26 -42.95 -39.61
CA HIS C 653 13.38 -42.79 -40.55
C HIS C 653 13.85 -41.35 -40.70
N LYS C 654 12.95 -40.46 -41.07
CA LYS C 654 13.33 -39.09 -41.35
C LYS C 654 14.03 -38.54 -40.12
N PHE C 655 13.38 -38.67 -38.97
CA PHE C 655 13.90 -38.18 -37.71
C PHE C 655 15.29 -38.72 -37.37
N VAL C 656 15.48 -40.02 -37.53
CA VAL C 656 16.80 -40.60 -37.24
C VAL C 656 17.87 -40.14 -38.23
N GLN C 657 17.53 -40.17 -39.53
CA GLN C 657 18.33 -39.51 -40.55
C GLN C 657 18.91 -38.18 -40.08
N GLU C 658 18.04 -37.21 -39.84
CA GLU C 658 18.49 -35.89 -39.52
C GLU C 658 19.20 -35.83 -38.16
N SER C 659 18.85 -36.75 -37.25
CA SER C 659 19.35 -36.65 -35.88
C SER C 659 20.79 -37.05 -35.92
N ALA C 660 21.08 -38.03 -36.77
CA ALA C 660 22.46 -38.39 -37.01
C ALA C 660 23.23 -37.25 -37.68
N LYS C 661 22.66 -36.67 -38.74
CA LYS C 661 23.35 -35.56 -39.43
C LYS C 661 23.67 -34.41 -38.48
N ALA C 662 22.77 -34.14 -37.54
CA ALA C 662 22.89 -32.98 -36.68
C ALA C 662 23.86 -33.22 -35.53
N GLY C 663 24.23 -34.49 -35.31
CA GLY C 663 25.25 -34.81 -34.32
C GLY C 663 24.97 -35.93 -33.34
N ILE C 664 23.83 -36.61 -33.47
CA ILE C 664 23.57 -37.75 -32.57
C ILE C 664 24.25 -39.00 -33.08
N ASP C 665 24.90 -39.72 -32.15
CA ASP C 665 25.78 -40.81 -32.52
C ASP C 665 25.30 -42.11 -31.94
N VAL C 666 24.75 -42.04 -30.73
CA VAL C 666 24.25 -43.22 -30.05
C VAL C 666 22.79 -43.07 -29.75
N PHE C 667 21.99 -44.01 -30.26
CA PHE C 667 20.54 -44.03 -30.03
C PHE C 667 20.16 -45.16 -29.11
N ARG C 668 19.92 -44.85 -27.83
CA ARG C 668 19.31 -45.83 -26.94
C ARG C 668 17.85 -46.01 -27.35
N ILE C 669 17.54 -47.19 -27.87
CA ILE C 669 16.23 -47.48 -28.42
C ILE C 669 15.47 -48.39 -27.47
N PHE C 670 14.31 -47.89 -27.00
CA PHE C 670 13.45 -48.65 -26.09
C PHE C 670 11.95 -48.60 -26.45
N ASP C 671 11.27 -49.69 -26.15
CA ASP C 671 9.83 -49.78 -26.30
C ASP C 671 9.20 -49.96 -24.93
N SER C 672 8.01 -49.38 -24.78
CA SER C 672 7.44 -49.16 -23.48
C SER C 672 6.87 -50.43 -22.86
N LEU C 673 6.73 -51.48 -23.65
CA LEU C 673 6.30 -52.76 -23.11
C LEU C 673 7.28 -53.86 -23.48
N ASN C 674 8.55 -53.48 -23.66
CA ASN C 674 9.60 -54.38 -24.12
C ASN C 674 9.26 -55.24 -25.35
N TRP C 675 8.36 -54.77 -26.21
CA TRP C 675 8.00 -55.49 -27.46
C TRP C 675 9.08 -55.33 -28.54
N VAL C 676 9.81 -56.40 -28.83
CA VAL C 676 10.98 -56.26 -29.67
C VAL C 676 10.66 -55.96 -31.12
N ASP C 677 9.51 -56.46 -31.60
CA ASP C 677 9.07 -56.12 -32.96
C ASP C 677 8.96 -54.60 -33.14
N GLN C 678 8.78 -53.87 -32.04
CA GLN C 678 8.56 -52.42 -32.09
C GLN C 678 9.86 -51.65 -32.38
N MET C 679 10.99 -52.23 -32.04
CA MET C 679 12.23 -51.51 -32.15
C MET C 679 12.89 -51.68 -33.48
N LYS C 680 12.39 -52.60 -34.30
CA LYS C 680 13.06 -53.00 -35.54
C LYS C 680 13.21 -51.84 -36.54
N VAL C 681 12.14 -51.06 -36.74
CA VAL C 681 12.21 -49.90 -37.61
C VAL C 681 13.32 -48.95 -37.17
N ALA C 682 13.28 -48.54 -35.92
CA ALA C 682 14.29 -47.61 -35.40
C ALA C 682 15.70 -48.14 -35.69
N ASN C 683 15.92 -49.41 -35.38
CA ASN C 683 17.23 -50.02 -35.54
C ASN C 683 17.70 -50.08 -37.01
N GLU C 684 16.77 -50.32 -37.94
CA GLU C 684 17.12 -50.33 -39.37
C GLU C 684 17.52 -48.90 -39.80
N ALA C 685 16.99 -47.92 -39.09
CA ALA C 685 17.27 -46.53 -39.38
C ALA C 685 18.67 -46.19 -38.87
N VAL C 686 18.92 -46.49 -37.60
CA VAL C 686 20.22 -46.30 -36.96
C VAL C 686 21.40 -46.99 -37.68
N GLN C 687 21.26 -48.27 -38.03
CA GLN C 687 22.37 -48.98 -38.68
C GLN C 687 22.70 -48.29 -39.99
N GLU C 688 21.69 -47.65 -40.56
CA GLU C 688 21.76 -47.12 -41.90
C GLU C 688 22.45 -45.76 -41.95
N ALA C 689 22.34 -44.99 -40.88
CA ALA C 689 23.09 -43.76 -40.73
C ALA C 689 24.48 -44.10 -40.19
N GLY C 690 24.80 -45.38 -40.19
CA GLY C 690 26.06 -45.85 -39.66
C GLY C 690 26.40 -45.35 -38.25
N LYS C 691 25.39 -45.19 -37.40
CA LYS C 691 25.63 -44.82 -36.01
C LYS C 691 25.33 -45.99 -35.06
N ILE C 692 25.59 -45.79 -33.77
CA ILE C 692 25.50 -46.88 -32.79
C ILE C 692 24.08 -47.12 -32.29
N SER C 693 23.67 -48.38 -32.35
CA SER C 693 22.35 -48.85 -31.89
C SER C 693 22.41 -49.55 -30.52
N GLU C 694 21.74 -48.95 -29.54
CA GLU C 694 21.60 -49.54 -28.22
C GLU C 694 20.18 -50.10 -28.09
N GLY C 695 20.05 -51.37 -27.74
CA GLY C 695 18.75 -52.01 -27.58
C GLY C 695 18.40 -52.11 -26.10
N THR C 696 17.30 -51.52 -25.68
CA THR C 696 17.04 -51.42 -24.26
C THR C 696 16.08 -52.47 -23.80
N ILE C 697 16.42 -53.10 -22.69
CA ILE C 697 15.46 -53.88 -21.94
C ILE C 697 15.03 -53.07 -20.74
N CYS C 698 13.72 -52.83 -20.61
CA CYS C 698 13.23 -52.10 -19.48
C CYS C 698 12.94 -53.06 -18.36
N TYR C 699 13.44 -52.74 -17.17
CA TYR C 699 13.35 -53.63 -16.02
C TYR C 699 12.02 -53.43 -15.25
N THR C 700 11.43 -54.51 -14.78
CA THR C 700 10.41 -54.42 -13.71
C THR C 700 10.41 -55.70 -12.92
N GLY C 701 9.57 -55.70 -11.89
CA GLY C 701 9.52 -56.82 -10.96
C GLY C 701 10.71 -56.77 -10.04
N ASP C 702 10.85 -57.83 -9.26
CA ASP C 702 12.06 -58.10 -8.56
C ASP C 702 12.37 -59.53 -8.93
N ILE C 703 13.48 -59.72 -9.61
CA ILE C 703 13.94 -61.07 -9.91
C ILE C 703 14.42 -61.83 -8.66
N LEU C 704 14.87 -61.14 -7.62
CA LEU C 704 15.21 -61.80 -6.34
C LEU C 704 14.02 -62.43 -5.63
N ASN C 705 12.82 -61.95 -5.94
CA ASN C 705 11.62 -62.39 -5.26
C ASN C 705 10.76 -63.22 -6.18
N PRO C 706 10.83 -64.55 -6.04
CA PRO C 706 10.16 -65.48 -6.95
C PRO C 706 8.63 -65.32 -6.94
N GLU C 707 8.08 -64.75 -5.87
CA GLU C 707 6.64 -64.52 -5.78
C GLU C 707 6.21 -63.17 -6.39
N ARG C 708 7.15 -62.41 -6.94
CA ARG C 708 6.81 -61.10 -7.49
C ARG C 708 6.11 -61.15 -8.85
N SER C 709 6.76 -61.71 -9.86
CA SER C 709 6.12 -62.08 -11.11
C SER C 709 6.48 -63.50 -11.46
N ASN C 710 5.62 -64.20 -12.18
CA ASN C 710 6.03 -65.42 -12.87
C ASN C 710 6.46 -65.12 -14.31
N ILE C 711 6.49 -63.83 -14.63
CA ILE C 711 6.67 -63.38 -16.00
C ILE C 711 7.99 -62.64 -16.14
N TYR C 712 8.36 -61.88 -15.12
CA TYR C 712 9.57 -61.10 -15.22
C TYR C 712 10.67 -61.70 -14.40
N THR C 713 11.14 -62.86 -14.84
CA THR C 713 12.20 -63.53 -14.13
C THR C 713 13.53 -63.30 -14.82
N LEU C 714 14.58 -63.85 -14.21
CA LEU C 714 15.89 -63.90 -14.85
C LEU C 714 15.77 -64.37 -16.29
N GLU C 715 15.12 -65.52 -16.50
CA GLU C 715 15.00 -66.09 -17.83
C GLU C 715 14.31 -65.17 -18.86
N TYR C 716 13.19 -64.57 -18.48
CA TYR C 716 12.56 -63.56 -19.30
C TYR C 716 13.59 -62.57 -19.90
N TYR C 717 14.47 -62.04 -19.05
CA TYR C 717 15.40 -60.98 -19.46
C TYR C 717 16.54 -61.52 -20.34
N VAL C 718 17.06 -62.68 -19.96
CA VAL C 718 17.99 -63.39 -20.84
C VAL C 718 17.39 -63.74 -22.20
N LYS C 719 16.18 -64.28 -22.21
CA LYS C 719 15.50 -64.56 -23.47
C LYS C 719 15.45 -63.28 -24.32
N LEU C 720 15.14 -62.15 -23.71
CA LEU C 720 15.05 -60.89 -24.43
C LEU C 720 16.41 -60.41 -24.91
N ALA C 721 17.35 -60.26 -23.98
CA ALA C 721 18.76 -60.03 -24.34
C ALA C 721 19.20 -60.72 -25.65
N LYS C 722 19.05 -62.03 -25.72
CA LYS C 722 19.48 -62.77 -26.90
C LYS C 722 18.79 -62.27 -28.17
N GLU C 723 17.52 -61.93 -28.05
CA GLU C 723 16.69 -61.59 -29.20
C GLU C 723 17.23 -60.32 -29.79
N LEU C 724 17.38 -59.32 -28.93
CA LEU C 724 18.04 -58.07 -29.29
C LEU C 724 19.34 -58.35 -30.03
N GLU C 725 20.22 -59.14 -29.44
CA GLU C 725 21.51 -59.43 -30.09
C GLU C 725 21.40 -59.99 -31.53
N ARG C 726 20.45 -60.86 -31.80
CA ARG C 726 20.26 -61.38 -33.16
C ARG C 726 19.81 -60.28 -34.14
N GLU C 727 19.37 -59.14 -33.61
CA GLU C 727 18.92 -58.02 -34.45
C GLU C 727 20.04 -57.00 -34.73
N GLY C 728 21.23 -57.29 -34.25
CA GLY C 728 22.39 -56.51 -34.65
C GLY C 728 22.43 -55.19 -33.92
N PHE C 729 21.71 -55.12 -32.82
CA PHE C 729 21.95 -54.10 -31.81
C PHE C 729 23.41 -54.14 -31.33
N HIS C 730 24.05 -52.97 -31.38
CA HIS C 730 25.45 -52.85 -31.02
C HIS C 730 25.69 -52.95 -29.51
N ILE C 731 24.69 -52.61 -28.70
CA ILE C 731 24.86 -52.57 -27.26
C ILE C 731 23.58 -52.94 -26.52
N LEU C 732 23.69 -53.77 -25.49
CA LEU C 732 22.58 -54.04 -24.63
C LEU C 732 22.51 -53.00 -23.55
N ALA C 733 21.33 -52.44 -23.34
CA ALA C 733 21.12 -51.46 -22.31
C ALA C 733 20.06 -52.05 -21.38
N ILE C 734 20.23 -51.82 -20.08
CA ILE C 734 19.18 -52.06 -19.13
C ILE C 734 18.70 -50.73 -18.53
N LYS C 735 17.46 -50.38 -18.83
CA LYS C 735 16.89 -49.14 -18.36
C LYS C 735 16.01 -49.47 -17.15
N ASP C 736 16.55 -49.29 -15.96
CA ASP C 736 15.76 -49.45 -14.75
C ASP C 736 15.11 -48.11 -14.42
N MET C 737 13.92 -47.87 -14.96
CA MET C 737 13.41 -46.52 -15.05
C MET C 737 12.85 -46.07 -13.72
N ALA C 738 12.60 -47.05 -12.86
CA ALA C 738 11.94 -46.78 -11.60
C ALA C 738 12.92 -47.04 -10.47
N GLY C 739 14.17 -47.32 -10.83
CA GLY C 739 15.17 -47.65 -9.82
C GLY C 739 14.82 -48.84 -8.95
N LEU C 740 14.28 -49.88 -9.57
CA LEU C 740 13.75 -51.07 -8.91
C LEU C 740 14.78 -52.20 -8.77
N LEU C 741 15.95 -52.04 -9.38
CA LEU C 741 16.86 -53.17 -9.55
C LEU C 741 17.74 -53.29 -8.33
N LYS C 742 17.21 -53.94 -7.29
CA LYS C 742 17.94 -54.09 -6.03
C LYS C 742 19.39 -54.60 -6.24
N PRO C 743 20.33 -54.11 -5.41
CA PRO C 743 21.73 -54.50 -5.57
C PRO C 743 22.03 -55.95 -5.99
N LYS C 744 21.55 -56.94 -5.23
CA LYS C 744 21.87 -58.33 -5.51
C LYS C 744 21.34 -58.73 -6.88
N ALA C 745 20.18 -58.17 -7.23
CA ALA C 745 19.51 -58.46 -8.50
C ALA C 745 20.33 -57.90 -9.64
N ALA C 746 21.00 -56.77 -9.40
CA ALA C 746 21.91 -56.21 -10.40
C ALA C 746 23.05 -57.19 -10.67
N TYR C 747 23.59 -57.78 -9.61
CA TYR C 747 24.74 -58.68 -9.75
C TYR C 747 24.27 -59.89 -10.54
N GLU C 748 23.13 -60.41 -10.15
CA GLU C 748 22.62 -61.60 -10.76
C GLU C 748 22.26 -61.31 -12.19
N LEU C 749 21.57 -60.20 -12.43
CA LEU C 749 21.09 -59.89 -13.78
C LEU C 749 22.23 -59.63 -14.74
N ILE C 750 23.29 -59.01 -14.26
CA ILE C 750 24.44 -58.65 -15.10
C ILE C 750 25.38 -59.84 -15.37
N GLY C 751 25.48 -60.76 -14.42
CA GLY C 751 26.22 -62.01 -14.62
C GLY C 751 25.64 -62.97 -15.65
N GLU C 752 24.33 -63.23 -15.56
CA GLU C 752 23.63 -64.01 -16.59
C GLU C 752 23.72 -63.40 -17.99
N LEU C 753 23.34 -62.13 -18.12
CA LEU C 753 23.37 -61.50 -19.43
C LEU C 753 24.75 -61.58 -20.00
N LYS C 754 25.73 -61.19 -19.19
CA LYS C 754 27.13 -61.25 -19.57
C LYS C 754 27.49 -62.55 -20.33
N SER C 755 27.16 -63.70 -19.75
CA SER C 755 27.50 -64.97 -20.39
C SER C 755 26.57 -65.34 -21.55
N ALA C 756 25.31 -64.92 -21.48
CA ALA C 756 24.32 -65.26 -22.49
C ALA C 756 24.46 -64.51 -23.85
N VAL C 757 25.07 -63.24 -23.87
CA VAL C 757 25.34 -62.41 -25.12
C VAL C 757 26.72 -61.69 -25.10
N ASP C 758 27.40 -61.56 -26.29
CA ASP C 758 28.72 -60.94 -26.50
C ASP C 758 28.75 -59.40 -26.69
N LEU C 759 27.56 -58.81 -26.58
CA LEU C 759 27.39 -57.36 -26.63
C LEU C 759 27.73 -56.75 -25.28
N PRO C 760 28.34 -55.55 -25.29
CA PRO C 760 28.57 -54.84 -24.05
C PRO C 760 27.25 -54.42 -23.39
N ILE C 761 27.28 -54.20 -22.08
CA ILE C 761 26.06 -53.93 -21.35
C ILE C 761 26.11 -52.52 -20.78
N HIS C 762 25.11 -51.74 -21.17
CA HIS C 762 24.93 -50.38 -20.71
C HIS C 762 23.87 -50.36 -19.59
N LEU C 763 24.28 -49.97 -18.38
CA LEU C 763 23.36 -49.91 -17.23
C LEU C 763 22.93 -48.47 -16.82
N HIS C 764 21.61 -48.27 -16.78
CA HIS C 764 21.04 -46.99 -16.45
C HIS C 764 20.10 -47.19 -15.29
N THR C 765 20.23 -46.39 -14.23
CA THR C 765 19.30 -46.52 -13.11
C THR C 765 18.99 -45.18 -12.43
N HIS C 766 18.05 -45.20 -11.50
CA HIS C 766 17.63 -44.01 -10.76
C HIS C 766 17.74 -44.30 -9.27
N ASP C 767 17.92 -43.26 -8.48
CA ASP C 767 18.41 -43.45 -7.13
C ASP C 767 17.29 -43.12 -6.17
N THR C 768 16.07 -43.38 -6.62
CA THR C 768 14.85 -43.04 -5.88
C THR C 768 14.77 -43.77 -4.54
N SER C 769 15.14 -45.05 -4.51
CA SER C 769 15.26 -45.75 -3.23
C SER C 769 16.52 -45.29 -2.51
N GLY C 770 17.40 -44.64 -3.27
CA GLY C 770 18.71 -44.27 -2.79
C GLY C 770 19.61 -45.47 -2.62
N ASN C 771 19.38 -46.47 -3.45
CA ASN C 771 20.29 -47.61 -3.49
C ASN C 771 21.16 -47.64 -4.73
N GLY C 772 21.12 -46.56 -5.52
CA GLY C 772 21.53 -46.64 -6.93
C GLY C 772 23.03 -46.80 -7.07
N LEU C 773 23.76 -46.22 -6.12
CA LEU C 773 25.20 -46.38 -6.01
C LEU C 773 25.57 -47.81 -5.71
N LEU C 774 24.75 -48.43 -4.87
CA LEU C 774 25.01 -49.79 -4.44
C LEU C 774 24.71 -50.75 -5.58
N THR C 775 23.61 -50.49 -6.28
CA THR C 775 23.25 -51.25 -7.46
C THR C 775 24.38 -51.16 -8.45
N TYR C 776 25.20 -50.12 -8.32
CA TYR C 776 26.19 -49.84 -9.34
C TYR C 776 27.47 -50.61 -9.02
N LYS C 777 27.91 -50.56 -7.76
CA LYS C 777 28.99 -51.39 -7.27
C LYS C 777 28.77 -52.85 -7.68
N GLN C 778 27.56 -53.36 -7.45
CA GLN C 778 27.26 -54.74 -7.77
C GLN C 778 27.33 -55.00 -9.24
N ALA C 779 26.88 -54.06 -10.07
CA ALA C 779 26.91 -54.25 -11.52
C ALA C 779 28.34 -54.28 -11.99
N ILE C 780 29.18 -53.56 -11.26
CA ILE C 780 30.56 -53.44 -11.59
C ILE C 780 31.36 -54.69 -11.21
N ASP C 781 31.16 -55.25 -10.01
CA ASP C 781 31.88 -56.49 -9.66
C ASP C 781 31.53 -57.56 -10.66
N ALA C 782 30.42 -57.33 -11.37
CA ALA C 782 29.79 -58.36 -12.17
C ALA C 782 30.08 -58.20 -13.66
N GLY C 783 30.71 -57.07 -14.01
CA GLY C 783 31.26 -56.87 -15.35
C GLY C 783 30.49 -55.97 -16.30
N VAL C 784 29.65 -55.10 -15.78
CA VAL C 784 28.95 -54.17 -16.64
C VAL C 784 29.96 -53.25 -17.32
N ASP C 785 29.68 -52.81 -18.53
CA ASP C 785 30.67 -52.11 -19.34
C ASP C 785 30.56 -50.60 -19.16
N ILE C 786 29.33 -50.08 -19.19
CA ILE C 786 29.06 -48.64 -19.13
C ILE C 786 27.94 -48.39 -18.11
N ILE C 787 28.04 -47.30 -17.34
CA ILE C 787 26.94 -46.90 -16.45
C ILE C 787 26.59 -45.40 -16.49
N ASP C 788 25.30 -45.11 -16.32
CA ASP C 788 24.80 -43.74 -16.41
C ASP C 788 24.86 -43.10 -15.04
N THR C 789 25.46 -41.91 -14.98
CA THR C 789 25.71 -41.26 -13.70
C THR C 789 25.48 -39.80 -13.94
N ALA C 790 25.65 -39.01 -12.90
CA ALA C 790 25.38 -37.58 -13.01
C ALA C 790 26.17 -36.81 -11.95
N VAL C 791 26.41 -35.55 -12.25
CA VAL C 791 27.16 -34.66 -11.40
C VAL C 791 26.51 -34.52 -9.99
N ALA C 792 27.32 -34.61 -8.95
CA ALA C 792 26.76 -34.63 -7.59
C ALA C 792 25.49 -33.77 -7.43
N SER C 793 25.55 -32.53 -7.88
CA SER C 793 24.50 -31.56 -7.62
C SER C 793 23.25 -31.77 -8.48
N MET C 794 23.33 -32.62 -9.49
CA MET C 794 22.21 -32.93 -10.35
C MET C 794 21.90 -34.42 -10.22
N SER C 795 22.12 -34.96 -9.04
CA SER C 795 22.09 -36.40 -8.87
C SER C 795 21.26 -36.72 -7.67
N GLY C 796 20.94 -38.00 -7.52
CA GLY C 796 20.28 -38.47 -6.31
C GLY C 796 18.78 -38.26 -6.35
N LEU C 797 18.12 -38.58 -5.25
CA LEU C 797 16.69 -38.86 -5.28
C LEU C 797 16.37 -39.48 -6.61
N THR C 798 15.50 -38.85 -7.40
CA THR C 798 14.95 -39.51 -8.58
C THR C 798 15.83 -39.37 -9.81
N SER C 799 17.04 -38.82 -9.62
CA SER C 799 18.03 -38.74 -10.70
C SER C 799 18.85 -40.01 -10.79
N GLN C 800 19.94 -39.99 -11.55
CA GLN C 800 20.91 -41.07 -11.41
C GLN C 800 21.83 -40.86 -10.23
N PRO C 801 22.54 -41.93 -9.85
CA PRO C 801 23.54 -41.90 -8.79
C PRO C 801 24.59 -40.90 -9.14
N SER C 802 25.23 -40.34 -8.13
CA SER C 802 26.24 -39.32 -8.31
C SER C 802 27.54 -39.87 -8.87
N ALA C 803 28.04 -39.27 -9.95
CA ALA C 803 29.39 -39.61 -10.43
C ALA C 803 30.40 -39.37 -9.32
N ASN C 804 30.47 -38.15 -8.83
CA ASN C 804 31.51 -37.80 -7.87
C ASN C 804 31.58 -38.86 -6.78
N SER C 805 30.42 -39.38 -6.42
CA SER C 805 30.34 -40.22 -5.24
C SER C 805 30.85 -41.61 -5.59
N LEU C 806 30.49 -42.06 -6.80
CA LEU C 806 30.90 -43.37 -7.29
C LEU C 806 32.42 -43.44 -7.41
N TYR C 807 33.04 -42.46 -8.07
CA TYR C 807 34.51 -42.45 -8.15
C TYR C 807 35.10 -42.87 -6.82
N TYR C 808 34.75 -42.15 -5.76
CA TYR C 808 35.38 -42.40 -4.47
C TYR C 808 35.01 -43.73 -3.82
N ALA C 809 33.90 -44.33 -4.24
CA ALA C 809 33.42 -45.55 -3.57
C ALA C 809 34.15 -46.79 -4.09
N LEU C 810 34.77 -46.64 -5.25
CA LEU C 810 35.42 -47.74 -5.92
C LEU C 810 36.91 -47.70 -5.58
N ASN C 811 37.31 -46.85 -4.64
CA ASN C 811 38.69 -46.82 -4.22
C ASN C 811 38.96 -48.14 -3.57
N GLY C 812 40.06 -48.80 -3.96
CA GLY C 812 40.46 -50.12 -3.45
C GLY C 812 39.64 -51.32 -3.90
N PHE C 813 38.84 -51.16 -4.95
CA PHE C 813 38.18 -52.31 -5.59
C PHE C 813 38.77 -52.57 -6.98
N PRO C 814 38.76 -53.84 -7.42
CA PRO C 814 39.16 -54.25 -8.77
C PRO C 814 39.09 -53.15 -9.84
N ARG C 815 37.89 -52.72 -10.18
CA ARG C 815 37.72 -51.71 -11.24
C ARG C 815 37.50 -50.33 -10.63
N HIS C 816 38.08 -49.28 -11.20
CA HIS C 816 37.57 -47.93 -10.94
C HIS C 816 36.94 -47.29 -12.17
N LEU C 817 36.58 -46.01 -12.06
CA LEU C 817 35.70 -45.38 -13.02
C LEU C 817 36.50 -44.35 -13.81
N ARG C 818 36.59 -44.54 -15.12
CA ARG C 818 37.40 -43.65 -15.97
C ARG C 818 36.84 -42.22 -16.09
N THR C 819 37.34 -41.29 -15.27
CA THR C 819 36.93 -39.89 -15.38
C THR C 819 37.77 -38.95 -14.52
N ASP C 820 37.58 -37.65 -14.70
CA ASP C 820 38.37 -36.60 -14.01
C ASP C 820 37.53 -36.01 -12.86
N ILE C 821 37.75 -36.44 -11.61
CA ILE C 821 36.97 -35.86 -10.49
C ILE C 821 37.23 -34.40 -10.23
N GLU C 822 38.50 -33.95 -10.30
CA GLU C 822 38.83 -32.57 -10.01
C GLU C 822 37.88 -31.68 -10.83
N GLY C 823 37.50 -32.16 -12.01
CA GLY C 823 36.59 -31.41 -12.88
C GLY C 823 35.10 -31.64 -12.65
N MET C 824 34.73 -32.81 -12.15
CA MET C 824 33.35 -33.02 -11.73
C MET C 824 32.99 -32.03 -10.64
N GLU C 825 33.79 -31.96 -9.59
CA GLU C 825 33.47 -31.02 -8.52
C GLU C 825 33.25 -29.67 -9.20
N SER C 826 34.02 -29.39 -10.23
CA SER C 826 33.91 -28.11 -10.86
C SER C 826 32.58 -27.98 -11.63
N LEU C 827 32.17 -29.03 -12.31
CA LEU C 827 30.84 -29.04 -12.86
C LEU C 827 29.82 -28.98 -11.73
N SER C 828 29.97 -29.87 -10.76
CA SER C 828 29.07 -29.88 -9.62
C SER C 828 28.84 -28.48 -9.04
N HIS C 829 29.90 -27.69 -8.87
CA HIS C 829 29.71 -26.31 -8.44
C HIS C 829 28.87 -25.51 -9.42
N TYR C 830 29.14 -25.67 -10.69
CA TYR C 830 28.49 -24.86 -11.68
C TYR C 830 27.01 -25.20 -11.63
N TRP C 831 26.69 -26.48 -11.64
CA TRP C 831 25.29 -26.91 -11.64
C TRP C 831 24.57 -26.71 -10.28
N SER C 832 25.33 -26.64 -9.21
CA SER C 832 24.77 -26.24 -7.94
C SER C 832 24.13 -24.87 -7.99
N THR C 833 24.78 -23.90 -8.62
CA THR C 833 24.18 -22.56 -8.76
C THR C 833 23.09 -22.63 -9.81
N VAL C 834 23.40 -23.18 -10.99
CA VAL C 834 22.44 -23.10 -12.05
C VAL C 834 21.12 -23.70 -11.62
N ARG C 835 21.18 -24.81 -10.91
CA ARG C 835 19.99 -25.51 -10.42
C ARG C 835 19.07 -24.56 -9.62
N THR C 836 19.68 -23.69 -8.83
CA THR C 836 19.02 -22.54 -8.19
C THR C 836 18.05 -21.72 -9.09
N TYR C 837 18.41 -21.53 -10.35
CA TYR C 837 17.60 -20.77 -11.30
C TYR C 837 16.24 -21.43 -11.51
N TYR C 838 16.15 -22.71 -11.12
CA TYR C 838 14.99 -23.52 -11.48
C TYR C 838 14.14 -24.02 -10.32
N SER C 839 14.18 -23.34 -9.16
CA SER C 839 13.63 -23.97 -7.96
C SER C 839 12.12 -24.12 -8.06
N ASP C 840 11.50 -23.31 -8.92
CA ASP C 840 10.07 -23.42 -9.18
C ASP C 840 9.66 -24.77 -9.73
N PHE C 841 10.61 -25.54 -10.26
CA PHE C 841 10.28 -26.86 -10.80
C PHE C 841 10.89 -27.97 -9.96
N GLU C 842 11.46 -27.62 -8.89
CA GLU C 842 11.85 -28.69 -8.03
C GLU C 842 10.61 -29.69 -7.70
N SER C 843 10.81 -31.06 -7.51
CA SER C 843 9.82 -32.08 -7.06
C SER C 843 9.67 -31.84 -5.55
N ASP C 844 8.73 -32.45 -4.82
CA ASP C 844 8.53 -32.10 -3.42
C ASP C 844 9.48 -32.92 -2.58
N ILE C 845 9.80 -34.10 -3.07
CA ILE C 845 10.57 -35.07 -2.31
C ILE C 845 12.01 -34.61 -2.09
N LYS C 846 12.51 -34.85 -0.89
CA LYS C 846 13.89 -34.58 -0.55
C LYS C 846 14.50 -35.73 0.26
N SER C 847 13.97 -36.95 0.06
CA SER C 847 14.51 -38.14 0.71
C SER C 847 14.39 -39.38 -0.15
N PRO C 848 15.26 -40.37 0.10
CA PRO C 848 15.09 -41.66 -0.54
C PRO C 848 13.79 -42.27 -0.08
N ASN C 849 13.11 -42.97 -0.96
CA ASN C 849 11.75 -43.38 -0.69
C ASN C 849 11.51 -44.80 -1.15
N THR C 850 11.45 -45.74 -0.23
CA THR C 850 11.52 -47.12 -0.65
C THR C 850 10.16 -47.68 -1.11
N GLU C 851 9.11 -46.88 -1.00
CA GLU C 851 7.79 -47.34 -1.46
C GLU C 851 7.77 -47.46 -2.97
N ILE C 852 8.76 -46.81 -3.58
CA ILE C 852 9.01 -46.97 -4.98
C ILE C 852 9.02 -48.44 -5.38
N TYR C 853 9.30 -49.35 -4.46
CA TYR C 853 9.23 -50.77 -4.78
C TYR C 853 7.78 -51.30 -4.76
N GLN C 854 6.88 -50.55 -4.15
CA GLN C 854 5.49 -50.98 -4.05
C GLN C 854 4.78 -50.55 -5.33
N HIS C 855 5.03 -49.33 -5.75
CA HIS C 855 4.21 -48.72 -6.79
C HIS C 855 4.94 -48.41 -8.10
N GLU C 856 6.26 -48.57 -8.10
CA GLU C 856 7.01 -48.61 -9.35
C GLU C 856 6.75 -47.43 -10.30
N MET C 857 6.55 -46.24 -9.73
CA MET C 857 6.49 -45.00 -10.51
C MET C 857 7.83 -44.65 -11.14
N PRO C 858 7.86 -44.38 -12.44
CA PRO C 858 9.13 -44.05 -13.08
C PRO C 858 9.78 -42.80 -12.54
N GLY C 859 11.10 -42.87 -12.38
CA GLY C 859 11.89 -41.74 -11.91
C GLY C 859 11.67 -40.48 -12.74
N GLY C 860 12.11 -40.53 -14.00
CA GLY C 860 11.98 -39.43 -14.98
C GLY C 860 10.57 -39.12 -15.52
N GLN C 861 9.56 -39.90 -15.11
CA GLN C 861 8.18 -39.42 -15.08
C GLN C 861 7.88 -38.66 -13.79
N TYR C 862 8.51 -39.06 -12.68
CA TYR C 862 8.02 -38.66 -11.36
C TYR C 862 7.76 -37.18 -11.33
N SER C 863 8.78 -36.41 -11.75
CA SER C 863 8.77 -34.95 -11.61
C SER C 863 7.98 -34.22 -12.69
N ASN C 864 7.96 -34.75 -13.91
CA ASN C 864 7.08 -34.19 -14.96
C ASN C 864 5.58 -34.37 -14.66
N LEU C 865 5.26 -35.39 -13.87
CA LEU C 865 3.89 -35.71 -13.44
C LEU C 865 3.63 -35.07 -12.09
N SER C 866 4.66 -34.45 -11.53
CA SER C 866 4.47 -33.51 -10.42
C SER C 866 3.96 -32.13 -10.89
N GLN C 867 4.42 -31.66 -12.05
CA GLN C 867 3.87 -30.43 -12.67
C GLN C 867 2.47 -30.66 -13.27
N GLN C 868 2.26 -31.88 -13.78
CA GLN C 868 0.93 -32.33 -14.23
C GLN C 868 -0.10 -32.40 -13.07
N ALA C 869 0.37 -32.80 -11.88
CA ALA C 869 -0.50 -32.92 -10.69
C ALA C 869 -1.00 -31.55 -10.23
N LYS C 870 -0.10 -30.57 -10.21
CA LYS C 870 -0.46 -29.22 -9.77
C LYS C 870 -1.25 -28.47 -10.84
N SER C 871 -0.99 -28.79 -12.10
CA SER C 871 -1.79 -28.30 -13.22
C SER C 871 -3.26 -28.72 -13.14
N LEU C 872 -3.54 -29.78 -12.39
CA LEU C 872 -4.89 -30.39 -12.34
C LEU C 872 -5.57 -30.39 -10.95
N GLY C 873 -5.06 -29.61 -10.01
CA GLY C 873 -5.62 -29.56 -8.66
C GLY C 873 -5.19 -30.67 -7.74
N LEU C 874 -4.15 -31.40 -8.13
CA LEU C 874 -3.64 -32.47 -7.28
C LEU C 874 -2.25 -32.15 -6.78
N GLY C 875 -2.07 -30.89 -6.39
CA GLY C 875 -0.92 -30.44 -5.64
C GLY C 875 -0.97 -30.96 -4.21
N GLU C 876 0.22 -31.34 -3.69
CA GLU C 876 0.33 -32.05 -2.41
C GLU C 876 -0.33 -33.44 -2.50
N ARG C 877 -1.61 -33.43 -2.87
CA ARG C 877 -2.42 -34.62 -3.20
C ARG C 877 -1.81 -35.60 -4.24
N PHE C 878 -0.49 -35.54 -4.43
CA PHE C 878 0.23 -36.41 -5.33
C PHE C 878 0.49 -37.82 -4.75
N ASP C 879 0.35 -37.96 -3.43
CA ASP C 879 0.55 -39.24 -2.73
C ASP C 879 -0.59 -40.23 -3.01
N GLU C 880 -1.78 -39.71 -3.23
CA GLU C 880 -2.93 -40.51 -3.63
C GLU C 880 -2.93 -40.89 -5.15
N VAL C 881 -2.19 -40.13 -5.97
CA VAL C 881 -1.86 -40.54 -7.37
C VAL C 881 -1.03 -41.86 -7.39
N LYS C 882 -1.32 -42.76 -6.43
CA LYS C 882 -0.70 -44.10 -6.36
C LYS C 882 -1.54 -45.06 -5.48
N ASP C 883 -2.63 -44.52 -4.93
CA ASP C 883 -3.66 -45.28 -4.20
C ASP C 883 -4.42 -46.34 -5.04
N MET C 884 -4.18 -46.36 -6.35
CA MET C 884 -4.72 -47.36 -7.27
C MET C 884 -3.65 -47.75 -8.31
N TYR C 885 -2.71 -46.84 -8.59
CA TYR C 885 -1.54 -47.12 -9.47
C TYR C 885 -1.00 -48.55 -9.24
N ARG C 886 -0.37 -48.78 -8.10
CA ARG C 886 0.11 -50.12 -7.76
C ARG C 886 -0.96 -51.20 -8.01
N ARG C 887 -2.24 -50.81 -7.91
CA ARG C 887 -3.37 -51.74 -8.09
C ARG C 887 -4.00 -51.70 -9.50
N VAL C 888 -3.79 -50.60 -10.23
CA VAL C 888 -3.99 -50.58 -11.68
C VAL C 888 -3.06 -51.62 -12.30
N ASN C 889 -1.77 -51.33 -12.26
CA ASN C 889 -0.77 -52.20 -12.85
C ASN C 889 -1.19 -53.67 -12.91
N PHE C 890 -1.65 -54.23 -11.80
CA PHE C 890 -1.88 -55.67 -11.69
C PHE C 890 -3.14 -56.10 -12.44
N LEU C 891 -4.13 -55.20 -12.46
CA LEU C 891 -5.39 -55.39 -13.20
C LEU C 891 -5.22 -55.18 -14.71
N PHE C 892 -4.23 -54.37 -15.07
CA PHE C 892 -3.77 -54.28 -16.46
C PHE C 892 -2.82 -55.40 -16.86
N GLY C 893 -2.69 -56.41 -16.00
CA GLY C 893 -1.94 -57.62 -16.33
C GLY C 893 -0.46 -57.51 -16.00
N ASP C 894 -0.11 -56.51 -15.21
CA ASP C 894 1.27 -56.32 -14.79
C ASP C 894 2.12 -55.87 -15.99
N ILE C 895 2.31 -54.58 -16.15
CA ILE C 895 2.95 -54.11 -17.36
C ILE C 895 4.25 -53.38 -17.04
N VAL C 896 5.13 -53.31 -18.03
CA VAL C 896 6.27 -52.43 -17.99
C VAL C 896 5.73 -51.02 -17.90
N LYS C 897 6.29 -50.18 -17.03
CA LYS C 897 5.86 -48.77 -16.94
C LYS C 897 7.00 -47.78 -17.18
N VAL C 898 7.34 -47.62 -18.45
CA VAL C 898 8.05 -46.44 -18.93
C VAL C 898 7.11 -45.54 -19.76
N THR C 899 7.71 -44.67 -20.57
CA THR C 899 6.94 -43.77 -21.45
C THR C 899 6.49 -44.54 -22.69
N PRO C 900 5.19 -44.47 -23.06
CA PRO C 900 4.13 -43.69 -22.43
C PRO C 900 3.15 -44.55 -21.62
N SER C 901 3.50 -45.81 -21.43
CA SER C 901 2.66 -46.71 -20.65
C SER C 901 2.47 -46.18 -19.25
N SER C 902 3.52 -45.61 -18.67
CA SER C 902 3.42 -44.98 -17.35
C SER C 902 2.47 -43.79 -17.47
N LYS C 903 2.70 -42.95 -18.46
CA LYS C 903 1.81 -41.83 -18.78
C LYS C 903 0.37 -42.28 -18.85
N VAL C 904 0.15 -43.46 -19.44
CA VAL C 904 -1.16 -44.11 -19.48
C VAL C 904 -1.64 -44.55 -18.09
N VAL C 905 -0.82 -45.28 -17.34
CA VAL C 905 -1.12 -45.52 -15.90
C VAL C 905 -1.22 -44.16 -15.20
N GLY C 906 -0.33 -43.25 -15.60
CA GLY C 906 -0.32 -41.86 -15.14
C GLY C 906 -1.51 -41.00 -15.58
N ASP C 907 -1.98 -41.18 -16.81
CA ASP C 907 -3.21 -40.50 -17.22
C ASP C 907 -4.42 -41.15 -16.58
N MET C 908 -4.33 -42.45 -16.31
CA MET C 908 -5.41 -43.22 -15.68
C MET C 908 -5.42 -43.06 -14.17
N ALA C 909 -4.28 -42.66 -13.64
CA ALA C 909 -4.12 -42.43 -12.22
C ALA C 909 -4.76 -41.10 -11.86
N LEU C 910 -4.33 -40.04 -12.53
CA LEU C 910 -4.82 -38.69 -12.29
C LEU C 910 -6.32 -38.55 -12.56
N TYR C 911 -6.87 -39.50 -13.35
CA TYR C 911 -8.23 -39.43 -13.90
C TYR C 911 -9.19 -40.25 -13.05
N MET C 912 -8.68 -41.35 -12.49
CA MET C 912 -9.44 -42.14 -11.53
C MET C 912 -9.33 -41.52 -10.14
N VAL C 913 -8.54 -40.46 -10.04
CA VAL C 913 -8.31 -39.71 -8.80
C VAL C 913 -9.26 -38.50 -8.60
N GLN C 914 -9.32 -37.58 -9.58
CA GLN C 914 -10.21 -36.40 -9.47
C GLN C 914 -11.69 -36.77 -9.65
N ASN C 915 -11.93 -37.92 -10.26
CA ASN C 915 -13.28 -38.47 -10.40
C ASN C 915 -13.55 -39.58 -9.37
N ASP C 916 -12.68 -39.69 -8.38
CA ASP C 916 -12.79 -40.73 -7.35
C ASP C 916 -13.17 -42.08 -7.95
N LEU C 917 -12.35 -42.52 -8.90
CA LEU C 917 -12.61 -43.76 -9.61
C LEU C 917 -11.67 -44.83 -9.10
N ASP C 918 -12.21 -46.02 -8.91
CA ASP C 918 -11.43 -47.11 -8.37
C ASP C 918 -11.63 -48.40 -9.18
N GLU C 919 -10.63 -49.28 -9.09
CA GLU C 919 -10.61 -50.61 -9.73
C GLU C 919 -11.89 -51.47 -9.58
N GLN C 920 -12.28 -51.74 -8.35
CA GLN C 920 -13.44 -52.59 -8.06
C GLN C 920 -14.68 -52.17 -8.86
N SER C 921 -14.71 -50.88 -9.25
CA SER C 921 -15.89 -50.27 -9.88
C SER C 921 -16.49 -51.15 -10.97
N VAL C 922 -15.66 -51.58 -11.92
CA VAL C 922 -16.14 -52.37 -13.05
C VAL C 922 -15.49 -53.75 -13.17
N ILE C 923 -15.99 -54.70 -12.39
CA ILE C 923 -15.84 -56.13 -12.68
C ILE C 923 -16.77 -56.54 -13.84
N THR C 924 -18.07 -56.55 -13.59
CA THR C 924 -19.05 -56.51 -14.68
C THR C 924 -19.72 -55.14 -14.82
N ASP C 925 -20.38 -54.69 -13.75
CA ASP C 925 -21.28 -53.55 -13.83
C ASP C 925 -20.54 -52.23 -14.02
N GLY C 926 -20.70 -51.67 -15.22
CA GLY C 926 -20.02 -50.43 -15.60
C GLY C 926 -19.58 -50.45 -17.06
N TYR C 927 -20.52 -50.78 -17.96
CA TYR C 927 -20.27 -50.64 -19.40
C TYR C 927 -20.47 -49.18 -19.79
N LYS C 928 -19.56 -48.33 -19.33
CA LYS C 928 -19.69 -46.87 -19.45
C LYS C 928 -18.70 -46.15 -18.52
N LEU C 929 -17.97 -45.18 -19.06
CA LEU C 929 -17.37 -44.10 -18.25
C LEU C 929 -16.65 -43.02 -19.08
N ASP C 930 -15.90 -43.45 -20.10
CA ASP C 930 -15.32 -42.54 -21.08
C ASP C 930 -14.10 -41.76 -20.60
N PHE C 931 -12.92 -42.23 -21.03
CA PHE C 931 -11.67 -41.92 -20.37
C PHE C 931 -10.84 -41.00 -21.26
N PRO C 932 -9.55 -40.82 -20.94
CA PRO C 932 -8.69 -39.94 -21.72
C PRO C 932 -8.25 -40.59 -23.03
N GLU C 933 -7.69 -39.77 -23.93
CA GLU C 933 -6.84 -40.29 -25.01
C GLU C 933 -5.59 -40.98 -24.43
N SER C 934 -5.79 -41.77 -23.37
CA SER C 934 -4.74 -42.66 -22.86
C SER C 934 -5.29 -44.05 -22.68
N VAL C 935 -6.10 -44.22 -21.64
CA VAL C 935 -6.62 -45.53 -21.33
C VAL C 935 -7.15 -46.21 -22.60
N VAL C 936 -7.73 -45.42 -23.51
CA VAL C 936 -8.38 -46.00 -24.67
C VAL C 936 -7.45 -46.17 -25.88
N SER C 937 -6.62 -45.17 -26.16
CA SER C 937 -5.56 -45.37 -27.15
C SER C 937 -4.74 -46.65 -26.84
N PHE C 938 -4.52 -46.92 -25.56
CA PHE C 938 -3.77 -48.11 -25.09
C PHE C 938 -4.49 -49.41 -25.46
N PHE C 939 -5.73 -49.55 -25.01
CA PHE C 939 -6.44 -50.79 -25.22
C PHE C 939 -6.82 -50.98 -26.69
N LYS C 940 -6.87 -49.86 -27.42
CA LYS C 940 -7.10 -49.87 -28.86
C LYS C 940 -5.77 -50.17 -29.58
N GLY C 941 -4.77 -50.49 -28.78
CA GLY C 941 -3.55 -51.15 -29.26
C GLY C 941 -2.46 -50.24 -29.82
N GLU C 942 -2.57 -48.94 -29.55
CA GLU C 942 -1.74 -47.95 -30.24
C GLU C 942 -0.37 -47.72 -29.62
N ILE C 943 -0.19 -48.15 -28.37
CA ILE C 943 1.12 -48.09 -27.73
C ILE C 943 1.87 -49.38 -28.06
N GLY C 944 1.11 -50.44 -28.29
CA GLY C 944 1.65 -51.75 -28.61
C GLY C 944 0.95 -52.84 -27.83
N GLN C 945 1.47 -54.06 -27.91
CA GLN C 945 0.90 -55.18 -27.23
C GLN C 945 1.72 -55.45 -26.00
N PRO C 946 1.09 -55.44 -24.81
CA PRO C 946 1.80 -55.94 -23.62
C PRO C 946 1.95 -57.48 -23.69
N VAL C 947 2.84 -58.01 -22.85
CA VAL C 947 3.31 -59.39 -22.97
C VAL C 947 2.17 -60.37 -22.74
N ASN C 948 1.58 -60.31 -21.56
CA ASN C 948 0.43 -61.13 -21.25
C ASN C 948 -0.71 -60.85 -22.22
N GLY C 949 -0.71 -59.63 -22.77
CA GLY C 949 -1.85 -59.12 -23.50
C GLY C 949 -2.96 -58.71 -22.54
N PHE C 950 -3.98 -58.05 -23.06
CA PHE C 950 -5.13 -57.66 -22.24
C PHE C 950 -6.04 -58.88 -22.02
N ASN C 951 -6.86 -58.82 -20.97
CA ASN C 951 -7.93 -59.80 -20.79
C ASN C 951 -9.24 -59.27 -21.37
N LYS C 952 -9.79 -60.00 -22.33
CA LYS C 952 -10.78 -59.37 -23.20
C LYS C 952 -11.83 -58.64 -22.36
N ASP C 953 -12.67 -59.39 -21.64
CA ASP C 953 -13.81 -58.79 -20.96
C ASP C 953 -13.41 -57.53 -20.17
N LEU C 954 -12.27 -57.57 -19.49
CA LEU C 954 -11.67 -56.34 -19.00
C LEU C 954 -11.71 -55.26 -20.09
N GLN C 955 -10.97 -55.50 -21.17
CA GLN C 955 -10.89 -54.58 -22.32
C GLN C 955 -12.26 -54.23 -22.88
N ALA C 956 -13.13 -55.24 -22.98
CA ALA C 956 -14.42 -55.09 -23.64
C ALA C 956 -15.12 -53.78 -23.30
N VAL C 957 -15.60 -53.68 -22.06
CA VAL C 957 -16.41 -52.54 -21.64
C VAL C 957 -15.69 -51.21 -21.80
N ILE C 958 -14.38 -51.26 -22.04
CA ILE C 958 -13.56 -50.05 -22.12
C ILE C 958 -13.72 -49.35 -23.47
N LEU C 959 -13.92 -50.14 -24.52
CA LEU C 959 -13.79 -49.63 -25.88
C LEU C 959 -14.93 -50.03 -26.81
N LYS C 960 -15.95 -50.70 -26.28
CA LYS C 960 -17.08 -51.14 -27.09
C LYS C 960 -17.35 -50.09 -28.18
N GLY C 961 -17.35 -50.52 -29.44
CA GLY C 961 -17.42 -49.58 -30.55
C GLY C 961 -16.45 -49.92 -31.68
N GLN C 962 -15.15 -49.81 -31.41
CA GLN C 962 -14.11 -50.28 -32.34
C GLN C 962 -13.40 -51.55 -31.84
N GLU C 963 -12.31 -51.90 -32.54
CA GLU C 963 -11.54 -53.09 -32.18
C GLU C 963 -10.13 -52.72 -31.74
N ALA C 964 -9.53 -53.63 -30.98
CA ALA C 964 -8.10 -53.55 -30.65
C ALA C 964 -7.31 -53.92 -31.89
N LEU C 965 -6.64 -52.94 -32.49
CA LEU C 965 -5.71 -53.25 -33.56
C LEU C 965 -4.60 -54.06 -32.93
N THR C 966 -4.31 -55.20 -33.54
CA THR C 966 -3.44 -56.20 -32.92
C THR C 966 -2.02 -56.12 -33.44
N ALA C 967 -1.83 -55.43 -34.56
CA ALA C 967 -0.52 -55.31 -35.19
C ALA C 967 0.14 -54.02 -34.72
N ARG C 968 1.47 -53.98 -34.68
CA ARG C 968 2.13 -52.69 -34.41
C ARG C 968 1.71 -51.66 -35.44
N PRO C 969 1.37 -50.47 -34.98
CA PRO C 969 0.68 -49.48 -35.80
C PRO C 969 1.18 -49.29 -37.24
N GLY C 970 2.50 -49.17 -37.43
CA GLY C 970 3.10 -48.99 -38.76
C GLY C 970 2.52 -49.84 -39.88
N GLU C 971 2.73 -51.15 -39.83
CA GLU C 971 2.24 -52.02 -40.90
C GLU C 971 0.73 -51.87 -41.18
N TYR C 972 0.25 -50.64 -41.11
CA TYR C 972 -1.02 -50.23 -41.73
C TYR C 972 -1.15 -48.71 -41.78
N LEU C 973 -0.29 -48.03 -41.03
CA LEU C 973 -0.29 -46.59 -40.99
C LEU C 973 0.38 -46.00 -42.21
N GLU C 974 -0.38 -45.31 -43.04
CA GLU C 974 0.12 -44.88 -44.34
C GLU C 974 1.19 -43.82 -44.15
N PRO C 975 2.26 -43.88 -44.96
CA PRO C 975 3.42 -43.00 -44.79
C PRO C 975 3.07 -41.51 -44.93
N VAL C 976 3.76 -40.66 -44.17
CA VAL C 976 3.60 -39.22 -44.29
C VAL C 976 4.27 -38.79 -45.57
N ASP C 977 3.58 -38.00 -46.36
CA ASP C 977 4.16 -37.46 -47.55
C ASP C 977 4.70 -36.10 -47.17
N PHE C 978 6.00 -35.90 -47.34
CA PHE C 978 6.65 -34.68 -46.89
C PHE C 978 6.45 -33.48 -47.82
N GLU C 979 6.01 -33.73 -49.06
CA GLU C 979 5.82 -32.65 -50.03
C GLU C 979 4.82 -31.62 -49.54
N LYS C 980 3.54 -31.99 -49.54
CA LYS C 980 2.48 -31.10 -49.05
C LYS C 980 2.86 -30.46 -47.73
N VAL C 981 3.68 -31.14 -46.91
CA VAL C 981 4.15 -30.55 -45.66
C VAL C 981 5.15 -29.44 -45.92
N ARG C 982 6.12 -29.73 -46.79
CA ARG C 982 7.11 -28.74 -47.16
C ARG C 982 6.41 -27.57 -47.85
N GLU C 983 5.53 -27.89 -48.80
CA GLU C 983 4.66 -26.89 -49.44
C GLU C 983 3.84 -26.12 -48.40
N LEU C 984 3.21 -26.84 -47.48
CA LEU C 984 2.43 -26.22 -46.40
C LEU C 984 3.19 -25.17 -45.62
N LEU C 985 4.45 -25.47 -45.30
CA LEU C 985 5.23 -24.63 -44.39
C LEU C 985 5.79 -23.39 -45.09
N GLU C 986 6.03 -23.52 -46.39
CA GLU C 986 6.41 -22.39 -47.24
C GLU C 986 5.18 -21.52 -47.55
N GLU C 987 3.98 -22.11 -47.45
CA GLU C 987 2.74 -21.39 -47.73
C GLU C 987 2.36 -20.41 -46.61
N GLU C 988 2.77 -20.74 -45.38
CA GLU C 988 2.31 -20.04 -44.19
C GLU C 988 3.45 -19.31 -43.50
N GLN C 989 4.66 -19.86 -43.62
CA GLN C 989 5.86 -19.04 -43.58
C GLN C 989 6.09 -18.64 -45.04
N GLN C 990 7.14 -17.85 -45.29
CA GLN C 990 7.44 -17.43 -46.67
C GLN C 990 8.95 -17.22 -46.94
N GLY C 991 9.79 -17.92 -46.19
CA GLY C 991 11.22 -17.83 -46.39
C GLY C 991 11.85 -19.16 -46.78
N PRO C 992 12.92 -19.53 -46.06
CA PRO C 992 13.70 -20.74 -46.31
C PRO C 992 13.47 -21.78 -45.18
N VAL C 993 13.34 -23.06 -45.55
CA VAL C 993 12.88 -24.09 -44.60
C VAL C 993 13.63 -25.43 -44.69
N THR C 994 13.97 -26.00 -43.54
CA THR C 994 14.87 -27.17 -43.50
C THR C 994 14.13 -28.48 -43.29
N GLU C 995 14.89 -29.58 -43.32
CA GLU C 995 14.33 -30.91 -42.98
C GLU C 995 14.01 -30.94 -41.50
N GLN C 996 14.80 -30.22 -40.71
CA GLN C 996 14.56 -30.13 -39.28
C GLN C 996 13.21 -29.52 -38.96
N ASP C 997 12.89 -28.41 -39.62
CA ASP C 997 11.55 -27.85 -39.52
C ASP C 997 10.51 -28.93 -39.78
N ILE C 998 10.74 -29.75 -40.80
CA ILE C 998 9.70 -30.62 -41.32
C ILE C 998 9.25 -31.73 -40.35
N ILE C 999 10.17 -32.57 -39.88
CA ILE C 999 9.77 -33.60 -38.90
C ILE C 999 9.45 -33.03 -37.55
N SER C 1000 10.04 -31.89 -37.20
CA SER C 1000 9.60 -31.15 -36.03
C SER C 1000 8.10 -30.89 -36.10
N TYR C 1001 7.61 -30.28 -37.18
CA TYR C 1001 6.16 -30.06 -37.35
C TYR C 1001 5.41 -31.35 -37.39
N VAL C 1002 5.98 -32.35 -38.03
CA VAL C 1002 5.24 -33.57 -38.25
C VAL C 1002 5.21 -34.35 -36.93
N LEU C 1003 6.20 -34.10 -36.10
CA LEU C 1003 6.22 -34.69 -34.78
C LEU C 1003 5.34 -33.91 -33.80
N TYR C 1004 5.28 -32.59 -33.95
CA TYR C 1004 4.63 -31.72 -32.99
C TYR C 1004 3.91 -30.52 -33.63
N PRO C 1005 2.82 -30.79 -34.36
CA PRO C 1005 2.23 -29.75 -35.20
C PRO C 1005 1.84 -28.51 -34.43
N LYS C 1006 0.96 -28.63 -33.44
CA LYS C 1006 0.58 -27.49 -32.62
C LYS C 1006 1.80 -26.90 -31.90
N VAL C 1007 2.58 -27.74 -31.24
CA VAL C 1007 3.66 -27.24 -30.40
C VAL C 1007 4.69 -26.57 -31.28
N TYR C 1008 4.89 -27.11 -32.48
CA TYR C 1008 5.88 -26.53 -33.37
C TYR C 1008 5.33 -25.24 -33.90
N GLU C 1009 4.07 -25.28 -34.36
CA GLU C 1009 3.37 -24.10 -34.87
C GLU C 1009 3.44 -22.91 -33.95
N GLN C 1010 3.40 -23.16 -32.64
CA GLN C 1010 3.35 -22.09 -31.65
C GLN C 1010 4.73 -21.57 -31.36
N TYR C 1011 5.74 -22.42 -31.56
CA TYR C 1011 7.13 -21.98 -31.59
C TYR C 1011 7.41 -20.94 -32.69
N ILE C 1012 7.01 -21.24 -33.92
CA ILE C 1012 7.02 -20.24 -34.99
C ILE C 1012 6.40 -18.92 -34.55
N GLN C 1013 5.18 -18.97 -34.02
CA GLN C 1013 4.44 -17.78 -33.60
C GLN C 1013 5.24 -17.01 -32.53
N THR C 1014 5.78 -17.73 -31.57
CA THR C 1014 6.59 -17.13 -30.52
C THR C 1014 7.89 -16.54 -31.09
N ARG C 1015 8.41 -17.12 -32.16
CA ARG C 1015 9.71 -16.69 -32.66
C ARG C 1015 9.62 -15.46 -33.56
N ASN C 1016 8.63 -15.42 -34.44
CA ASN C 1016 8.34 -14.19 -35.17
C ASN C 1016 8.16 -12.99 -34.26
N GLN C 1017 7.65 -13.25 -33.05
CA GLN C 1017 7.27 -12.16 -32.15
C GLN C 1017 8.38 -11.72 -31.20
N TYR C 1018 9.29 -12.62 -30.86
CA TYR C 1018 10.23 -12.35 -29.77
C TYR C 1018 11.64 -12.74 -30.15
N GLY C 1019 11.81 -13.35 -31.31
CA GLY C 1019 13.12 -13.71 -31.79
C GLY C 1019 13.70 -14.93 -31.11
N ASN C 1020 15.02 -14.98 -31.01
CA ASN C 1020 15.69 -16.15 -30.47
C ASN C 1020 15.91 -16.06 -28.95
N LEU C 1021 14.91 -16.46 -28.18
CA LEU C 1021 15.01 -16.41 -26.73
C LEU C 1021 16.14 -17.27 -26.11
N SER C 1022 16.65 -18.21 -26.86
CA SER C 1022 17.75 -19.02 -26.41
C SER C 1022 18.84 -18.23 -25.67
N LEU C 1023 19.12 -17.04 -26.15
CA LEU C 1023 20.33 -16.35 -25.79
C LEU C 1023 20.20 -15.56 -24.49
N LEU C 1024 18.99 -15.44 -23.97
CA LEU C 1024 18.83 -14.85 -22.66
C LEU C 1024 19.41 -15.74 -21.57
N ASP C 1025 19.93 -15.13 -20.51
CA ASP C 1025 20.26 -15.94 -19.34
C ASP C 1025 18.98 -16.47 -18.70
N THR C 1026 19.08 -17.50 -17.88
CA THR C 1026 17.90 -18.14 -17.37
C THR C 1026 17.09 -17.22 -16.45
N PRO C 1027 17.72 -16.64 -15.43
CA PRO C 1027 16.98 -15.67 -14.57
C PRO C 1027 16.27 -14.55 -15.35
N THR C 1028 16.87 -14.07 -16.43
CA THR C 1028 16.23 -13.04 -17.25
C THR C 1028 15.05 -13.59 -18.05
N PHE C 1029 15.30 -14.71 -18.74
CA PHE C 1029 14.25 -15.46 -19.38
C PHE C 1029 13.00 -15.64 -18.54
N PHE C 1030 13.14 -16.16 -17.32
CA PHE C 1030 11.97 -16.43 -16.46
C PHE C 1030 11.40 -15.23 -15.69
N PHE C 1031 12.23 -14.21 -15.46
CA PHE C 1031 11.88 -13.18 -14.50
C PHE C 1031 11.91 -11.77 -15.06
N GLY C 1032 12.71 -11.59 -16.10
CA GLY C 1032 12.84 -10.28 -16.73
C GLY C 1032 13.97 -9.46 -16.16
N MET C 1033 13.67 -8.21 -15.85
CA MET C 1033 14.69 -7.32 -15.38
C MET C 1033 14.17 -6.43 -14.28
N ARG C 1034 15.12 -5.87 -13.55
CA ARG C 1034 14.86 -5.17 -12.31
C ARG C 1034 15.31 -3.71 -12.54
N ASN C 1035 14.56 -2.74 -12.04
CA ASN C 1035 15.01 -1.33 -12.06
C ASN C 1035 16.51 -1.14 -11.72
N GLY C 1036 17.24 -0.49 -12.63
CA GLY C 1036 18.67 -0.21 -12.43
C GLY C 1036 19.59 -1.37 -12.71
N GLU C 1037 19.05 -2.41 -13.34
CA GLU C 1037 19.80 -3.60 -13.69
C GLU C 1037 20.35 -3.49 -15.10
N THR C 1038 21.60 -3.88 -15.27
CA THR C 1038 22.20 -4.04 -16.59
C THR C 1038 22.33 -5.52 -16.85
N VAL C 1039 21.98 -5.91 -18.08
CA VAL C 1039 22.05 -7.30 -18.47
C VAL C 1039 22.70 -7.32 -19.84
N GLU C 1040 23.58 -8.31 -20.08
CA GLU C 1040 24.28 -8.48 -21.35
C GLU C 1040 23.80 -9.74 -22.07
N ILE C 1041 23.52 -9.64 -23.35
CA ILE C 1041 23.17 -10.82 -24.11
C ILE C 1041 24.22 -11.09 -25.20
N GLU C 1042 24.87 -12.26 -25.12
CA GLU C 1042 25.82 -12.71 -26.13
C GLU C 1042 25.04 -13.09 -27.38
N ILE C 1043 25.05 -12.22 -28.38
CA ILE C 1043 24.40 -12.50 -29.66
C ILE C 1043 25.31 -13.24 -30.62
N ASP C 1044 26.58 -13.35 -30.24
CA ASP C 1044 27.65 -13.78 -31.11
C ASP C 1044 28.97 -13.43 -30.49
N LYS C 1045 30.03 -14.01 -31.03
CA LYS C 1045 31.40 -13.69 -30.62
C LYS C 1045 31.63 -12.19 -30.78
N GLY C 1046 31.79 -11.52 -29.65
CA GLY C 1046 32.12 -10.11 -29.68
C GLY C 1046 30.92 -9.23 -29.96
N LYS C 1047 29.77 -9.84 -30.27
CA LYS C 1047 28.52 -9.09 -30.46
C LYS C 1047 27.55 -9.37 -29.33
N ARG C 1048 27.41 -8.40 -28.43
CA ARG C 1048 26.44 -8.52 -27.36
C ARG C 1048 25.49 -7.31 -27.23
N LEU C 1049 24.29 -7.52 -26.69
CA LEU C 1049 23.43 -6.39 -26.34
C LEU C 1049 23.60 -6.05 -24.89
N ILE C 1050 23.71 -4.76 -24.58
CA ILE C 1050 23.82 -4.36 -23.21
C ILE C 1050 22.56 -3.55 -22.82
N ILE C 1051 21.69 -4.16 -22.02
CA ILE C 1051 20.38 -3.58 -21.73
C ILE C 1051 20.37 -3.06 -20.30
N LYS C 1052 19.92 -1.83 -20.12
CA LYS C 1052 19.65 -1.34 -18.79
C LYS C 1052 18.21 -0.86 -18.70
N LEU C 1053 17.56 -1.23 -17.60
CA LEU C 1053 16.20 -0.79 -17.34
C LEU C 1053 16.29 0.41 -16.44
N GLU C 1054 15.92 1.57 -16.93
CA GLU C 1054 15.96 2.75 -16.09
C GLU C 1054 14.71 2.84 -15.19
N THR C 1055 13.51 2.77 -15.77
CA THR C 1055 12.28 2.53 -14.99
C THR C 1055 11.12 2.07 -15.85
N ILE C 1056 9.97 1.93 -15.18
CA ILE C 1056 8.69 1.67 -15.79
C ILE C 1056 7.72 2.79 -15.39
N SER C 1057 6.62 2.95 -16.11
CA SER C 1057 5.64 3.97 -15.75
C SER C 1057 4.27 3.41 -15.42
N GLU C 1058 3.56 4.07 -14.51
CA GLU C 1058 2.13 3.82 -14.30
C GLU C 1058 1.39 3.66 -15.63
N PRO C 1059 0.49 2.64 -15.71
CA PRO C 1059 -0.34 2.50 -16.90
C PRO C 1059 -1.03 3.82 -17.24
N ASP C 1060 -1.24 4.08 -18.52
CA ASP C 1060 -1.97 5.27 -18.93
C ASP C 1060 -3.45 4.96 -19.13
N GLU C 1061 -4.14 5.85 -19.85
CA GLU C 1061 -5.51 5.62 -20.34
C GLU C 1061 -5.74 4.21 -20.91
N ASN C 1062 -4.82 3.74 -21.77
CA ASN C 1062 -4.98 2.47 -22.47
C ASN C 1062 -4.33 1.29 -21.73
N GLY C 1063 -4.01 1.49 -20.45
CA GLY C 1063 -3.36 0.44 -19.65
C GLY C 1063 -1.98 0.02 -20.16
N ASN C 1064 -1.30 0.95 -20.82
CA ASN C 1064 0.05 0.73 -21.30
C ASN C 1064 1.10 1.34 -20.38
N ARG C 1065 2.00 0.49 -19.89
CA ARG C 1065 3.17 0.95 -19.16
C ARG C 1065 4.31 1.29 -20.11
N THR C 1066 5.19 2.16 -19.65
CA THR C 1066 6.25 2.64 -20.50
C THR C 1066 7.61 2.33 -19.90
N ILE C 1067 8.33 1.41 -20.52
CA ILE C 1067 9.63 1.02 -19.97
C ILE C 1067 10.74 1.91 -20.49
N TYR C 1068 11.53 2.45 -19.58
CA TYR C 1068 12.69 3.22 -20.02
C TYR C 1068 13.91 2.35 -20.04
N TYR C 1069 14.39 2.05 -21.24
CA TYR C 1069 15.62 1.28 -21.45
C TYR C 1069 16.80 2.12 -21.97
N ALA C 1070 18.01 1.74 -21.56
CA ALA C 1070 19.22 2.06 -22.34
C ALA C 1070 19.73 0.81 -23.03
N MET C 1071 19.66 0.78 -24.35
CA MET C 1071 20.22 -0.35 -25.05
C MET C 1071 21.39 0.06 -25.91
N ASN C 1072 22.57 -0.42 -25.53
CA ASN C 1072 23.81 -0.19 -26.29
C ASN C 1072 24.08 1.25 -26.62
N GLY C 1073 23.96 2.14 -25.63
CA GLY C 1073 24.32 3.52 -25.84
C GLY C 1073 23.20 4.38 -26.38
N GLN C 1074 22.03 3.78 -26.61
CA GLN C 1074 20.88 4.58 -27.04
C GLN C 1074 19.78 4.49 -26.00
N ALA C 1075 18.98 5.54 -25.86
CA ALA C 1075 17.77 5.48 -25.07
C ALA C 1075 16.64 4.83 -25.86
N ARG C 1076 16.07 3.77 -25.30
CA ARG C 1076 14.87 3.20 -25.85
C ARG C 1076 13.68 3.25 -24.91
N ARG C 1077 12.52 3.45 -25.51
CA ARG C 1077 11.27 3.38 -24.80
C ARG C 1077 10.47 2.25 -25.40
N ILE C 1078 9.77 1.52 -24.55
CA ILE C 1078 8.96 0.39 -25.00
C ILE C 1078 7.64 0.46 -24.26
N TYR C 1079 6.58 0.31 -25.01
CA TYR C 1079 5.23 0.33 -24.46
C TYR C 1079 4.80 -1.12 -24.29
N ILE C 1080 4.17 -1.42 -23.16
CA ILE C 1080 3.75 -2.79 -22.83
C ILE C 1080 2.35 -2.75 -22.22
N LYS C 1081 1.45 -3.59 -22.73
CA LYS C 1081 0.07 -3.60 -22.25
C LYS C 1081 0.02 -4.40 -20.96
N ASP C 1082 -0.53 -3.79 -19.91
CA ASP C 1082 -0.62 -4.47 -18.63
C ASP C 1082 -1.86 -5.35 -18.55
N GLU C 1083 -1.68 -6.55 -18.04
CA GLU C 1083 -2.78 -7.47 -17.77
C GLU C 1083 -3.26 -7.38 -16.29
N ASN C 1084 -3.81 -6.23 -15.88
CA ASN C 1084 -4.15 -6.00 -14.45
C ASN C 1084 -5.10 -4.82 -14.19
N GLN D 26 -12.77 -41.73 53.64
CA GLN D 26 -11.80 -42.63 52.96
C GLN D 26 -11.84 -42.51 51.42
N ILE D 27 -12.50 -41.47 50.89
CA ILE D 27 -12.52 -41.26 49.46
C ILE D 27 -11.53 -40.16 49.12
N LYS D 28 -10.56 -40.48 48.26
CA LYS D 28 -9.56 -39.52 47.83
C LYS D 28 -9.93 -38.90 46.50
N LYS D 29 -10.51 -39.72 45.62
CA LYS D 29 -10.75 -39.31 44.22
C LYS D 29 -12.16 -39.73 43.78
N LEU D 30 -12.91 -38.81 43.19
CA LEU D 30 -14.30 -39.11 42.85
C LEU D 30 -14.64 -38.83 41.39
N LEU D 31 -15.28 -39.79 40.73
CA LEU D 31 -15.80 -39.58 39.36
C LEU D 31 -17.33 -39.41 39.35
N VAL D 32 -17.85 -38.63 38.41
CA VAL D 32 -19.30 -38.43 38.27
C VAL D 32 -19.77 -38.93 36.91
N ALA D 33 -20.60 -39.98 36.92
CA ALA D 33 -21.15 -40.52 35.67
C ALA D 33 -22.36 -39.69 35.27
N ASN D 34 -22.11 -38.49 34.76
CA ASN D 34 -23.15 -37.54 34.46
C ASN D 34 -22.62 -36.22 33.89
N ARG D 35 -23.53 -35.29 33.62
CA ARG D 35 -23.23 -34.07 32.88
C ARG D 35 -24.04 -32.96 33.49
N GLY D 36 -23.78 -31.74 33.02
CA GLY D 36 -24.56 -30.57 33.41
C GLY D 36 -24.55 -30.26 34.91
N GLU D 37 -25.63 -29.63 35.37
CA GLU D 37 -25.61 -28.93 36.66
C GLU D 37 -25.19 -29.82 37.82
N ILE D 38 -25.59 -31.09 37.74
CA ILE D 38 -25.43 -32.01 38.83
C ILE D 38 -24.01 -32.55 38.92
N ALA D 39 -23.35 -32.77 37.78
CA ALA D 39 -21.92 -33.03 37.83
C ALA D 39 -21.24 -31.84 38.52
N ILE D 40 -21.66 -30.63 38.16
CA ILE D 40 -21.06 -29.43 38.69
C ILE D 40 -21.39 -29.36 40.16
N ARG D 41 -22.62 -29.71 40.50
CA ARG D 41 -23.03 -29.63 41.89
C ARG D 41 -22.15 -30.56 42.70
N ILE D 42 -21.95 -31.78 42.20
CA ILE D 42 -21.15 -32.76 42.91
C ILE D 42 -19.69 -32.40 42.99
N PHE D 43 -19.17 -31.79 41.93
CA PHE D 43 -17.79 -31.40 41.94
C PHE D 43 -17.50 -30.38 43.04
N ARG D 44 -18.39 -29.39 43.17
CA ARG D 44 -18.31 -28.37 44.24
C ARG D 44 -18.42 -29.03 45.62
N ALA D 45 -19.29 -30.03 45.71
CA ALA D 45 -19.45 -30.75 46.95
C ALA D 45 -18.14 -31.47 47.26
N ALA D 46 -17.54 -32.11 46.25
CA ALA D 46 -16.33 -32.90 46.42
C ALA D 46 -15.16 -32.06 46.85
N ALA D 47 -15.11 -30.83 46.34
CA ALA D 47 -14.01 -29.94 46.62
C ALA D 47 -14.10 -29.55 48.09
N GLU D 48 -15.31 -29.22 48.51
CA GLU D 48 -15.55 -28.91 49.92
C GLU D 48 -14.90 -29.96 50.81
N LEU D 49 -14.82 -31.19 50.30
CA LEU D 49 -14.35 -32.34 51.08
C LEU D 49 -12.90 -32.74 50.79
N ASP D 50 -12.19 -31.87 50.07
CA ASP D 50 -10.80 -32.15 49.63
C ASP D 50 -10.64 -33.48 48.88
N ILE D 51 -11.56 -33.75 47.97
CA ILE D 51 -11.51 -34.96 47.16
C ILE D 51 -11.30 -34.56 45.72
N SER D 52 -10.35 -35.16 45.03
CA SER D 52 -10.10 -34.80 43.64
C SER D 52 -11.31 -35.21 42.81
N THR D 53 -11.49 -34.64 41.64
CA THR D 53 -12.65 -34.99 40.84
C THR D 53 -12.30 -35.33 39.40
N VAL D 54 -12.94 -36.39 38.91
CA VAL D 54 -12.90 -36.74 37.50
C VAL D 54 -14.28 -36.53 36.87
N ALA D 55 -14.31 -35.90 35.70
CA ALA D 55 -15.51 -35.76 34.90
C ALA D 55 -15.44 -36.63 33.68
N ILE D 56 -16.59 -36.84 33.05
CA ILE D 56 -16.64 -37.55 31.77
C ILE D 56 -17.60 -36.86 30.79
N TYR D 57 -17.24 -36.91 29.51
CA TYR D 57 -18.00 -36.23 28.47
C TYR D 57 -18.05 -37.03 27.21
N SER D 58 -19.15 -36.88 26.50
CA SER D 58 -19.30 -37.44 25.17
C SER D 58 -18.60 -36.51 24.22
N ASN D 59 -18.60 -36.83 22.94
CA ASN D 59 -18.15 -35.92 21.90
C ASN D 59 -18.87 -34.58 21.92
N GLU D 60 -20.19 -34.60 21.72
CA GLU D 60 -20.94 -33.35 21.67
C GLU D 60 -21.01 -32.64 23.02
N ASP D 61 -20.46 -33.26 24.06
CA ASP D 61 -20.22 -32.53 25.30
C ASP D 61 -18.81 -31.94 25.40
N LYS D 62 -18.10 -31.97 24.28
CA LYS D 62 -16.77 -31.34 24.15
C LYS D 62 -16.66 -30.07 24.98
N SER D 63 -17.58 -29.14 24.77
CA SER D 63 -17.50 -27.84 25.38
C SER D 63 -18.63 -27.63 26.38
N SER D 64 -18.91 -28.65 27.18
CA SER D 64 -19.84 -28.51 28.29
C SER D 64 -19.11 -27.86 29.44
N LEU D 65 -19.80 -26.96 30.14
CA LEU D 65 -19.27 -26.47 31.42
C LEU D 65 -18.68 -27.57 32.28
N HIS D 66 -19.47 -28.60 32.57
CA HIS D 66 -19.11 -29.54 33.61
C HIS D 66 -17.74 -30.22 33.41
N ARG D 67 -17.34 -30.33 32.15
CA ARG D 67 -16.16 -31.04 31.79
C ARG D 67 -14.98 -30.26 32.32
N TYR D 68 -15.17 -28.95 32.45
CA TYR D 68 -14.10 -27.99 32.81
C TYR D 68 -14.01 -27.75 34.31
N LYS D 69 -14.94 -28.29 35.08
CA LYS D 69 -15.11 -27.95 36.49
C LYS D 69 -14.47 -28.99 37.40
N ALA D 70 -13.96 -30.07 36.82
CA ALA D 70 -13.43 -31.17 37.57
C ALA D 70 -11.92 -31.09 37.48
N ASP D 71 -11.20 -31.59 38.48
CA ASP D 71 -9.73 -31.64 38.40
C ASP D 71 -9.24 -32.29 37.11
N GLU D 72 -9.98 -33.28 36.61
CA GLU D 72 -9.61 -34.15 35.49
C GLU D 72 -10.84 -34.47 34.60
N SER D 73 -10.60 -34.73 33.31
CA SER D 73 -11.71 -34.96 32.39
C SER D 73 -11.33 -35.91 31.27
N TYR D 74 -12.17 -36.90 30.99
CA TYR D 74 -11.87 -37.88 29.96
C TYR D 74 -13.04 -38.03 28.99
N LEU D 75 -12.71 -38.19 27.72
CA LEU D 75 -13.66 -38.58 26.73
C LEU D 75 -14.09 -40.00 27.05
N VAL D 76 -15.40 -40.24 27.01
CA VAL D 76 -15.91 -41.60 27.07
C VAL D 76 -15.97 -42.19 25.65
N GLY D 77 -14.90 -42.87 25.25
CA GLY D 77 -14.86 -43.53 23.94
C GLY D 77 -14.95 -42.63 22.69
N SER D 78 -14.13 -42.96 21.69
CA SER D 78 -14.10 -42.25 20.39
C SER D 78 -15.46 -42.21 19.67
N ASP D 79 -16.21 -43.33 19.73
CA ASP D 79 -17.20 -43.65 18.71
C ASP D 79 -18.66 -43.43 19.12
N LEU D 80 -18.90 -43.17 20.42
CA LEU D 80 -20.27 -43.10 20.95
C LEU D 80 -20.97 -41.77 20.62
N GLY D 81 -22.26 -41.84 20.27
CA GLY D 81 -23.06 -40.66 19.95
C GLY D 81 -23.92 -40.11 21.08
N PRO D 82 -25.26 -40.19 20.91
CA PRO D 82 -26.17 -39.37 21.70
C PRO D 82 -25.94 -39.49 23.20
N ALA D 83 -26.97 -39.99 23.90
CA ALA D 83 -26.85 -40.25 25.32
C ALA D 83 -26.08 -41.55 25.52
N GLU D 84 -26.16 -42.44 24.55
CA GLU D 84 -25.44 -43.71 24.62
C GLU D 84 -24.06 -43.62 25.29
N SER D 85 -23.51 -42.41 25.35
CA SER D 85 -22.14 -42.20 25.85
C SER D 85 -22.07 -42.15 27.36
N TYR D 86 -23.19 -41.80 27.99
CA TYR D 86 -23.28 -41.71 29.44
C TYR D 86 -23.92 -42.94 30.05
N LEU D 87 -24.35 -43.87 29.21
CA LEU D 87 -25.06 -45.05 29.66
C LEU D 87 -24.21 -46.30 29.53
N ASN D 88 -23.00 -46.14 29.01
CA ASN D 88 -22.11 -47.29 28.79
C ASN D 88 -21.38 -47.74 30.05
N ILE D 89 -22.04 -48.64 30.78
CA ILE D 89 -21.51 -49.12 32.05
C ILE D 89 -20.01 -49.36 32.01
N GLU D 90 -19.58 -50.24 31.11
CA GLU D 90 -18.22 -50.77 31.17
C GLU D 90 -17.14 -49.77 30.76
N ARG D 91 -17.46 -48.88 29.82
CA ARG D 91 -16.48 -47.90 29.37
C ARG D 91 -16.24 -46.79 30.41
N ILE D 92 -17.29 -46.48 31.17
CA ILE D 92 -17.21 -45.51 32.26
C ILE D 92 -16.33 -46.07 33.37
N ILE D 93 -16.55 -47.34 33.68
CA ILE D 93 -15.66 -48.06 34.55
C ILE D 93 -14.23 -48.08 34.02
N ASP D 94 -14.06 -48.32 32.71
CA ASP D 94 -12.76 -48.16 32.06
C ASP D 94 -12.10 -46.86 32.56
N VAL D 95 -12.68 -45.72 32.22
CA VAL D 95 -12.16 -44.42 32.67
C VAL D 95 -11.91 -44.41 34.18
N ALA D 96 -12.83 -45.01 34.94
CA ALA D 96 -12.78 -45.03 36.40
C ALA D 96 -11.54 -45.73 36.94
N LYS D 97 -11.26 -46.90 36.37
CA LYS D 97 -10.10 -47.69 36.74
C LYS D 97 -8.84 -46.96 36.33
N GLN D 98 -8.72 -46.65 35.04
CA GLN D 98 -7.58 -45.91 34.47
C GLN D 98 -7.15 -44.66 35.25
N ALA D 99 -8.05 -44.06 36.02
CA ALA D 99 -7.77 -42.81 36.73
C ALA D 99 -7.70 -42.92 38.25
N ASN D 100 -7.67 -44.15 38.77
CA ASN D 100 -7.48 -44.41 40.21
C ASN D 100 -8.63 -43.94 41.09
N VAL D 101 -9.85 -44.13 40.61
CA VAL D 101 -11.00 -43.56 41.29
C VAL D 101 -11.43 -44.45 42.43
N ASP D 102 -11.69 -43.85 43.59
CA ASP D 102 -12.22 -44.58 44.75
C ASP D 102 -13.76 -44.64 44.79
N ALA D 103 -14.45 -43.68 44.18
CA ALA D 103 -15.92 -43.72 44.18
C ALA D 103 -16.54 -43.10 42.92
N ILE D 104 -17.72 -43.60 42.55
CA ILE D 104 -18.51 -42.96 41.52
C ILE D 104 -19.82 -42.43 42.11
N HIS D 105 -20.17 -41.20 41.74
CA HIS D 105 -21.50 -40.68 41.98
C HIS D 105 -22.31 -40.70 40.70
N PRO D 106 -23.37 -41.52 40.67
CA PRO D 106 -24.10 -41.61 39.42
C PRO D 106 -24.89 -40.35 39.14
N GLY D 107 -25.12 -39.53 40.17
CA GLY D 107 -25.93 -38.31 40.03
C GLY D 107 -27.43 -38.56 40.02
N TYR D 108 -28.09 -38.11 38.96
CA TYR D 108 -29.42 -38.61 38.60
C TYR D 108 -29.59 -38.69 37.08
N GLY D 109 -30.32 -39.70 36.62
CA GLY D 109 -30.94 -39.63 35.30
C GLY D 109 -30.39 -40.58 34.22
N PHE D 110 -29.34 -41.32 34.55
CA PHE D 110 -28.67 -42.12 33.55
C PHE D 110 -28.58 -43.52 34.11
N LEU D 111 -27.48 -43.78 34.82
CA LEU D 111 -27.27 -45.04 35.48
C LEU D 111 -27.47 -44.90 36.98
N SER D 112 -28.02 -43.78 37.41
CA SER D 112 -28.22 -43.55 38.83
C SER D 112 -29.05 -44.67 39.41
N GLU D 113 -29.93 -45.20 38.58
CA GLU D 113 -30.89 -46.20 39.02
C GLU D 113 -30.65 -47.56 38.32
N ASN D 114 -29.40 -47.83 37.94
CA ASN D 114 -29.05 -49.05 37.21
C ASN D 114 -28.33 -50.03 38.15
N GLU D 115 -28.96 -51.20 38.36
CA GLU D 115 -28.39 -52.26 39.19
C GLU D 115 -27.05 -52.77 38.62
N GLN D 116 -27.00 -52.91 37.29
CA GLN D 116 -25.79 -53.40 36.63
C GLN D 116 -24.64 -52.51 37.05
N PHE D 117 -24.80 -51.22 36.82
CA PHE D 117 -23.75 -50.25 37.12
C PHE D 117 -23.34 -50.38 38.58
N ALA D 118 -24.34 -50.40 39.46
CA ALA D 118 -24.11 -50.47 40.89
C ALA D 118 -23.29 -51.70 41.23
N ARG D 119 -23.73 -52.85 40.71
CA ARG D 119 -23.10 -54.13 40.96
C ARG D 119 -21.64 -54.16 40.48
N ARG D 120 -21.43 -53.68 39.26
CA ARG D 120 -20.13 -53.73 38.62
C ARG D 120 -19.12 -52.81 39.30
N CYS D 121 -19.59 -51.62 39.71
CA CYS D 121 -18.79 -50.76 40.56
C CYS D 121 -18.19 -51.57 41.71
N ALA D 122 -19.06 -52.14 42.54
CA ALA D 122 -18.61 -53.02 43.64
C ALA D 122 -17.49 -54.00 43.22
N GLU D 123 -17.80 -54.94 42.35
CA GLU D 123 -16.85 -55.94 41.87
C GLU D 123 -15.46 -55.38 41.63
N GLU D 124 -15.39 -54.08 41.34
CA GLU D 124 -14.13 -53.48 40.93
C GLU D 124 -13.50 -52.58 42.00
N GLY D 125 -14.16 -52.51 43.15
CA GLY D 125 -13.58 -51.80 44.29
C GLY D 125 -13.83 -50.31 44.19
N ILE D 126 -14.77 -49.95 43.33
CA ILE D 126 -15.29 -48.60 43.22
C ILE D 126 -16.57 -48.51 44.01
N LYS D 127 -16.55 -47.63 45.00
CA LYS D 127 -17.72 -47.37 45.83
C LYS D 127 -18.79 -46.67 45.00
N PHE D 128 -19.96 -47.32 44.84
CA PHE D 128 -21.13 -46.68 44.24
C PHE D 128 -21.82 -45.79 45.25
N ILE D 129 -21.96 -44.51 44.94
CA ILE D 129 -22.61 -43.59 45.87
C ILE D 129 -24.12 -43.56 45.63
N GLY D 130 -24.87 -43.89 46.68
CA GLY D 130 -26.25 -44.35 46.56
C GLY D 130 -26.51 -45.55 47.47
N PRO D 131 -27.67 -46.21 47.29
CA PRO D 131 -28.00 -47.32 48.18
C PRO D 131 -27.37 -48.63 47.76
N HIS D 132 -27.65 -49.68 48.54
CA HIS D 132 -27.25 -51.05 48.19
C HIS D 132 -28.09 -51.62 47.03
N LEU D 133 -27.52 -52.58 46.32
CA LEU D 133 -28.13 -53.11 45.11
C LEU D 133 -29.48 -53.72 45.41
N GLU D 134 -29.68 -54.13 46.66
CA GLU D 134 -30.98 -54.66 47.09
C GLU D 134 -32.08 -53.59 47.05
N HIS D 135 -31.67 -52.33 47.02
CA HIS D 135 -32.61 -51.21 47.01
C HIS D 135 -33.01 -50.70 45.61
N LEU D 136 -32.06 -50.64 44.68
CA LEU D 136 -32.39 -50.31 43.29
C LEU D 136 -33.38 -51.33 42.72
N ASP D 137 -33.21 -52.59 43.13
CA ASP D 137 -34.11 -53.70 42.77
C ASP D 137 -35.51 -53.45 43.33
N MET D 138 -35.59 -53.18 44.64
CA MET D 138 -36.87 -53.04 45.35
C MET D 138 -37.75 -51.97 44.69
N PHE D 139 -37.34 -50.71 44.82
CA PHE D 139 -38.06 -49.58 44.25
C PHE D 139 -37.71 -49.42 42.78
N GLY D 140 -37.45 -50.53 42.12
CA GLY D 140 -37.13 -50.53 40.70
C GLY D 140 -38.35 -50.67 39.81
N ASP D 141 -39.48 -51.08 40.37
CA ASP D 141 -40.64 -51.46 39.56
C ASP D 141 -41.93 -51.50 40.38
N LYS D 142 -42.88 -50.64 40.01
CA LYS D 142 -44.12 -50.42 40.79
C LYS D 142 -44.91 -51.68 41.18
N VAL D 143 -44.33 -52.86 40.95
CA VAL D 143 -44.90 -54.08 41.51
C VAL D 143 -44.03 -54.56 42.68
N LYS D 144 -42.77 -54.87 42.38
CA LYS D 144 -41.77 -55.06 43.43
C LYS D 144 -41.78 -53.89 44.42
N ALA D 145 -42.15 -52.71 43.95
CA ALA D 145 -42.24 -51.54 44.83
C ALA D 145 -43.55 -51.53 45.60
N ARG D 146 -44.65 -51.85 44.92
CA ARG D 146 -45.96 -51.90 45.58
C ARG D 146 -45.90 -52.89 46.71
N THR D 147 -45.30 -54.04 46.45
CA THR D 147 -45.23 -55.12 47.42
C THR D 147 -44.44 -54.72 48.66
N THR D 148 -43.21 -54.20 48.47
CA THR D 148 -42.38 -53.85 49.62
C THR D 148 -43.08 -52.81 50.47
N ALA D 149 -43.71 -51.84 49.80
CA ALA D 149 -44.53 -50.85 50.47
C ALA D 149 -45.46 -51.53 51.47
N ILE D 150 -46.41 -52.29 50.94
CA ILE D 150 -47.41 -52.96 51.76
C ILE D 150 -46.75 -53.69 52.92
N LYS D 151 -45.82 -54.60 52.62
CA LYS D 151 -45.21 -55.43 53.65
C LYS D 151 -45.15 -54.71 54.99
N ALA D 152 -44.64 -53.49 54.98
CA ALA D 152 -44.42 -52.70 56.21
C ALA D 152 -45.52 -51.66 56.43
N ASP D 153 -46.77 -52.11 56.35
CA ASP D 153 -47.96 -51.30 56.65
C ASP D 153 -47.81 -49.80 56.32
N LEU D 154 -48.23 -49.41 55.11
CA LEU D 154 -48.16 -48.00 54.65
C LEU D 154 -49.19 -47.70 53.55
N PRO D 155 -49.85 -46.48 53.58
CA PRO D 155 -51.05 -46.30 52.76
C PRO D 155 -50.74 -46.31 51.26
N VAL D 156 -51.47 -47.13 50.51
CA VAL D 156 -51.27 -47.21 49.06
C VAL D 156 -52.58 -47.22 48.28
N ILE D 157 -52.47 -47.17 46.96
CA ILE D 157 -53.58 -46.87 46.08
C ILE D 157 -54.12 -48.13 45.43
N PRO D 158 -55.36 -48.52 45.79
CA PRO D 158 -56.03 -49.70 45.20
C PRO D 158 -55.80 -49.81 43.70
N ILE D 229 -57.56 -39.24 41.05
CA ILE D 229 -57.87 -39.10 42.47
C ILE D 229 -58.11 -37.65 42.89
N ASP D 230 -59.30 -37.40 43.45
CA ASP D 230 -59.83 -36.07 43.81
C ASP D 230 -58.82 -34.91 43.92
N ASN D 231 -58.27 -34.48 42.77
CA ASN D 231 -57.33 -33.34 42.70
C ASN D 231 -56.15 -33.42 43.67
N PRO D 232 -55.13 -34.23 43.32
CA PRO D 232 -54.04 -34.56 44.23
C PRO D 232 -52.96 -33.48 44.29
N LYS D 233 -52.50 -33.20 45.51
CA LYS D 233 -51.20 -32.57 45.70
C LYS D 233 -50.12 -33.64 45.58
N HIS D 234 -49.09 -33.38 44.78
CA HIS D 234 -47.98 -34.32 44.64
C HIS D 234 -46.86 -33.93 45.59
N ILE D 235 -46.57 -34.78 46.55
CA ILE D 235 -45.71 -34.42 47.67
C ILE D 235 -44.66 -35.47 47.91
N GLU D 236 -43.48 -35.05 48.37
CA GLU D 236 -42.29 -35.91 48.42
C GLU D 236 -41.47 -35.69 49.69
N VAL D 237 -41.02 -36.77 50.31
CA VAL D 237 -40.14 -36.65 51.47
C VAL D 237 -38.72 -37.03 51.16
N GLN D 238 -37.79 -36.15 51.51
CA GLN D 238 -36.38 -36.52 51.50
C GLN D 238 -36.07 -37.38 52.71
N VAL D 239 -35.38 -38.48 52.45
CA VAL D 239 -34.69 -39.20 53.51
C VAL D 239 -33.20 -39.34 53.22
N ILE D 240 -32.37 -39.21 54.25
CA ILE D 240 -31.00 -39.68 54.15
C ILE D 240 -30.64 -40.55 55.31
N GLY D 241 -30.09 -41.72 55.01
CA GLY D 241 -29.60 -42.66 56.03
C GLY D 241 -28.16 -43.04 55.79
N ASP D 242 -27.42 -43.28 56.86
CA ASP D 242 -26.07 -43.79 56.71
C ASP D 242 -26.06 -45.31 56.56
N GLU D 243 -24.88 -45.91 56.59
CA GLU D 243 -24.71 -47.35 56.51
C GLU D 243 -24.48 -47.87 57.93
N HIS D 244 -25.30 -47.37 58.85
CA HIS D 244 -25.17 -47.67 60.28
C HIS D 244 -26.54 -47.63 60.93
N GLY D 245 -27.58 -47.64 60.08
CA GLY D 245 -28.94 -47.84 60.56
C GLY D 245 -29.51 -46.57 61.17
N ASN D 246 -28.75 -45.50 61.07
CA ASN D 246 -29.27 -44.18 61.35
C ASN D 246 -29.97 -43.67 60.12
N ILE D 247 -31.22 -43.24 60.28
CA ILE D 247 -32.02 -42.71 59.17
C ILE D 247 -32.76 -41.46 59.64
N VAL D 248 -32.65 -40.36 58.89
CA VAL D 248 -33.42 -39.14 59.15
C VAL D 248 -34.20 -38.70 57.94
N HIS D 249 -35.13 -37.78 58.11
CA HIS D 249 -35.75 -37.12 56.98
C HIS D 249 -35.56 -35.60 57.08
N LEU D 250 -35.34 -34.94 55.95
CA LEU D 250 -35.31 -33.47 55.94
C LEU D 250 -36.58 -32.89 55.33
N PHE D 251 -37.72 -33.52 55.66
CA PHE D 251 -39.02 -32.93 55.37
C PHE D 251 -39.54 -33.10 53.95
N GLU D 252 -40.59 -32.35 53.61
CA GLU D 252 -41.26 -32.51 52.32
C GLU D 252 -40.94 -31.39 51.31
N ARG D 253 -41.11 -31.71 50.03
CA ARG D 253 -41.22 -30.69 49.00
C ARG D 253 -42.56 -30.87 48.34
N ASP D 254 -43.12 -29.79 47.83
CA ASP D 254 -44.37 -29.85 47.09
C ASP D 254 -44.07 -29.83 45.58
N CYS D 255 -44.50 -30.86 44.87
CA CYS D 255 -44.16 -30.99 43.46
C CYS D 255 -45.40 -30.93 42.58
N SER D 256 -46.42 -30.21 43.05
CA SER D 256 -47.74 -30.32 42.46
C SER D 256 -47.87 -29.46 41.21
N VAL D 257 -46.85 -28.65 40.94
CA VAL D 257 -46.85 -27.77 39.78
C VAL D 257 -46.17 -28.45 38.61
N GLN D 258 -46.87 -29.37 37.98
CA GLN D 258 -46.36 -30.07 36.79
C GLN D 258 -47.23 -29.76 35.59
N ARG D 259 -47.09 -30.54 34.53
CA ARG D 259 -48.11 -30.51 33.49
C ARG D 259 -48.47 -31.84 32.80
N ARG D 260 -47.45 -32.63 32.45
CA ARG D 260 -47.64 -33.86 31.72
C ARG D 260 -47.32 -34.99 32.67
N HIS D 261 -46.02 -35.18 32.87
CA HIS D 261 -45.49 -35.93 33.98
C HIS D 261 -44.50 -34.93 34.55
N GLN D 262 -44.38 -33.79 33.89
CA GLN D 262 -43.13 -33.01 33.90
C GLN D 262 -43.11 -31.94 34.99
N LYS D 263 -42.38 -32.20 36.07
CA LYS D 263 -42.28 -31.27 37.18
C LYS D 263 -41.72 -29.93 36.74
N VAL D 264 -42.50 -28.87 36.95
CA VAL D 264 -42.17 -27.53 36.49
C VAL D 264 -41.59 -26.66 37.60
N VAL D 265 -42.14 -26.77 38.80
CA VAL D 265 -41.70 -25.95 39.91
C VAL D 265 -42.00 -26.62 41.25
N GLU D 266 -41.05 -26.51 42.18
CA GLU D 266 -41.12 -27.20 43.47
C GLU D 266 -41.04 -26.24 44.65
N VAL D 267 -41.78 -26.55 45.71
CA VAL D 267 -41.80 -25.73 46.90
C VAL D 267 -41.38 -26.52 48.14
N ALA D 268 -40.55 -25.89 48.97
CA ALA D 268 -40.13 -26.47 50.25
C ALA D 268 -40.32 -25.54 51.46
N PRO D 269 -40.93 -26.05 52.53
CA PRO D 269 -41.75 -27.26 52.53
C PRO D 269 -43.09 -26.97 51.88
N SER D 270 -44.03 -27.88 52.04
CA SER D 270 -45.33 -27.68 51.44
C SER D 270 -46.00 -26.44 52.03
N VAL D 271 -47.12 -26.03 51.45
CA VAL D 271 -47.89 -24.92 52.01
C VAL D 271 -49.37 -25.32 52.18
N GLY D 272 -50.08 -24.64 53.07
CA GLY D 272 -51.52 -24.85 53.28
C GLY D 272 -51.85 -26.25 53.75
N LEU D 273 -51.29 -27.24 53.05
CA LEU D 273 -51.24 -28.61 53.52
C LEU D 273 -50.93 -28.63 55.02
N SER D 274 -51.76 -29.35 55.78
CA SER D 274 -51.80 -29.23 57.23
C SER D 274 -50.54 -29.76 57.94
N PRO D 275 -50.34 -29.35 59.22
CA PRO D 275 -49.12 -29.69 59.98
C PRO D 275 -49.13 -31.09 60.60
N THR D 276 -50.31 -31.60 60.95
CA THR D 276 -50.41 -33.02 61.29
C THR D 276 -50.22 -33.86 60.03
N LEU D 277 -50.90 -33.47 58.95
CA LEU D 277 -50.91 -34.27 57.74
C LEU D 277 -49.48 -34.49 57.29
N ARG D 278 -48.78 -33.38 57.07
CA ARG D 278 -47.37 -33.41 56.73
C ARG D 278 -46.51 -34.16 57.77
N GLN D 279 -47.01 -34.29 59.00
CA GLN D 279 -46.29 -35.04 60.04
C GLN D 279 -46.40 -36.52 59.77
N ARG D 280 -47.62 -36.98 59.50
CA ARG D 280 -47.88 -38.41 59.32
C ARG D 280 -47.26 -38.92 58.02
N ILE D 281 -47.08 -38.00 57.08
CA ILE D 281 -46.41 -38.32 55.82
C ILE D 281 -44.91 -38.50 56.00
N CYS D 282 -44.27 -37.57 56.72
CA CYS D 282 -42.87 -37.71 57.05
C CYS D 282 -42.59 -38.87 58.01
N ASP D 283 -43.53 -39.13 58.93
CA ASP D 283 -43.52 -40.36 59.73
C ASP D 283 -43.47 -41.57 58.81
N ALA D 284 -44.51 -41.70 57.99
CA ALA D 284 -44.63 -42.79 57.03
C ALA D 284 -43.36 -42.95 56.19
N ALA D 285 -42.70 -41.84 55.87
CA ALA D 285 -41.45 -41.92 55.09
C ALA D 285 -40.35 -42.68 55.83
N ILE D 286 -40.10 -42.28 57.08
CA ILE D 286 -39.13 -42.98 57.93
C ILE D 286 -39.55 -44.42 58.17
N GLN D 287 -40.85 -44.68 58.09
CA GLN D 287 -41.35 -46.04 58.31
C GLN D 287 -40.78 -46.94 57.21
N LEU D 288 -41.18 -46.65 55.97
CA LEU D 288 -40.81 -47.47 54.83
C LEU D 288 -39.30 -47.67 54.79
N MET D 289 -38.57 -46.57 54.97
CA MET D 289 -37.12 -46.56 54.87
C MET D 289 -36.44 -47.17 56.10
N GLU D 290 -37.00 -46.92 57.29
CA GLU D 290 -36.48 -47.59 58.48
C GLU D 290 -36.62 -49.09 58.26
N ASN D 291 -37.84 -49.52 57.94
CA ASN D 291 -38.15 -50.93 57.77
C ASN D 291 -37.20 -51.68 56.83
N ILE D 292 -36.84 -51.04 55.71
CA ILE D 292 -35.99 -51.70 54.72
C ILE D 292 -34.54 -51.20 54.73
N LYS D 293 -34.17 -50.55 55.83
CA LYS D 293 -32.78 -50.20 56.10
C LYS D 293 -32.15 -49.36 55.00
N TYR D 294 -32.82 -48.28 54.62
CA TYR D 294 -32.37 -47.45 53.51
C TYR D 294 -31.05 -46.76 53.83
N VAL D 295 -30.28 -46.51 52.78
CA VAL D 295 -28.92 -46.06 52.91
C VAL D 295 -28.66 -45.06 51.81
N ASN D 296 -28.22 -43.86 52.21
CA ASN D 296 -28.00 -42.74 51.31
C ASN D 296 -29.21 -41.81 51.11
N ALA D 297 -29.17 -40.99 50.08
CA ALA D 297 -30.26 -40.06 49.80
C ALA D 297 -31.38 -40.78 49.06
N GLY D 298 -32.62 -40.41 49.37
CA GLY D 298 -33.77 -41.15 48.86
C GLY D 298 -35.05 -40.37 49.01
N THR D 299 -35.81 -40.24 47.91
CA THR D 299 -37.09 -39.56 47.98
C THR D 299 -38.29 -40.50 48.04
N VAL D 300 -39.04 -40.38 49.12
CA VAL D 300 -40.32 -41.06 49.20
C VAL D 300 -41.44 -40.21 48.61
N GLU D 301 -42.07 -40.74 47.59
CA GLU D 301 -43.10 -40.04 46.88
C GLU D 301 -44.41 -40.29 47.60
N PHE D 302 -45.29 -39.29 47.66
CA PHE D 302 -46.66 -39.49 48.12
C PHE D 302 -47.68 -38.68 47.31
N LEU D 303 -48.96 -38.97 47.52
CA LEU D 303 -50.02 -38.26 46.82
C LEU D 303 -51.05 -37.83 47.83
N VAL D 304 -51.37 -36.55 47.84
CA VAL D 304 -52.23 -36.02 48.91
C VAL D 304 -53.64 -35.60 48.47
N SER D 305 -54.58 -36.39 48.91
CA SER D 305 -55.94 -36.09 48.73
C SER D 305 -56.62 -35.72 50.13
N GLY D 306 -56.52 -34.43 50.67
CA GLY D 306 -57.13 -33.84 51.92
C GLY D 306 -56.32 -34.13 53.24
N ASP D 307 -56.93 -34.91 54.16
CA ASP D 307 -56.19 -35.49 55.27
C ASP D 307 -55.87 -36.94 54.94
N GLU D 308 -55.45 -37.18 53.69
CA GLU D 308 -55.34 -38.52 53.14
C GLU D 308 -54.29 -38.57 52.03
N PHE D 309 -53.32 -39.49 52.18
CA PHE D 309 -52.26 -39.62 51.18
C PHE D 309 -52.09 -41.08 50.71
N PHE D 310 -51.30 -41.28 49.66
CA PHE D 310 -51.01 -42.60 49.12
C PHE D 310 -49.56 -42.67 48.63
N PHE D 311 -48.96 -43.84 48.71
CA PHE D 311 -47.62 -44.08 48.15
C PHE D 311 -47.66 -44.17 46.61
N ILE D 312 -46.60 -43.72 45.97
CA ILE D 312 -46.54 -43.61 44.51
C ILE D 312 -45.33 -44.40 44.01
N GLU D 313 -44.13 -43.90 44.36
CA GLU D 313 -42.89 -44.63 44.16
C GLU D 313 -41.77 -44.18 45.12
N VAL D 314 -40.53 -44.53 44.77
CA VAL D 314 -39.35 -44.08 45.52
C VAL D 314 -38.18 -43.90 44.55
N ASN D 315 -37.65 -42.68 44.50
CA ASN D 315 -36.42 -42.41 43.77
C ASN D 315 -35.19 -42.71 44.63
N PRO D 316 -34.42 -43.74 44.25
CA PRO D 316 -33.31 -44.11 45.14
C PRO D 316 -32.00 -43.37 44.81
N ARG D 317 -32.08 -42.07 44.62
CA ARG D 317 -30.88 -41.22 44.50
C ARG D 317 -31.25 -39.76 44.75
N VAL D 318 -30.30 -38.84 44.69
CA VAL D 318 -30.60 -37.42 44.80
C VAL D 318 -31.62 -37.00 43.77
N GLN D 319 -32.19 -35.82 43.96
CA GLN D 319 -33.08 -35.22 42.97
C GLN D 319 -32.61 -33.85 42.50
N VAL D 320 -33.12 -33.46 41.34
CA VAL D 320 -33.01 -32.11 40.82
C VAL D 320 -33.32 -31.10 41.91
N GLU D 321 -34.43 -31.30 42.60
CA GLU D 321 -34.93 -30.29 43.54
C GLU D 321 -34.42 -30.42 44.97
N HIS D 322 -33.21 -30.95 45.16
CA HIS D 322 -32.67 -31.10 46.49
C HIS D 322 -32.33 -29.73 47.10
N THR D 323 -31.83 -28.87 46.25
CA THR D 323 -31.69 -27.44 46.50
C THR D 323 -32.62 -26.98 47.60
N ILE D 324 -33.90 -26.94 47.24
CA ILE D 324 -35.03 -26.64 48.10
C ILE D 324 -34.79 -27.08 49.57
N THR D 325 -34.55 -28.37 49.77
CA THR D 325 -34.48 -28.95 51.10
C THR D 325 -33.19 -28.58 51.80
N GLU D 326 -32.17 -28.20 51.03
CA GLU D 326 -30.93 -27.74 51.63
C GLU D 326 -31.18 -26.39 52.24
N MET D 327 -31.87 -25.55 51.48
CA MET D 327 -32.13 -24.17 51.86
C MET D 327 -33.07 -23.98 53.07
N VAL D 328 -34.02 -24.90 53.28
CA VAL D 328 -34.88 -24.80 54.45
C VAL D 328 -34.42 -25.58 55.69
N THR D 329 -33.31 -26.32 55.58
CA THR D 329 -32.76 -27.05 56.72
C THR D 329 -31.26 -26.84 56.90
N GLY D 330 -30.59 -26.30 55.89
CA GLY D 330 -29.16 -26.03 55.99
C GLY D 330 -28.29 -27.27 55.93
N ILE D 331 -28.87 -28.39 55.47
CA ILE D 331 -28.08 -29.59 55.22
C ILE D 331 -27.70 -29.72 53.75
N ASP D 332 -26.39 -29.80 53.50
CA ASP D 332 -25.88 -30.20 52.21
C ASP D 332 -26.22 -31.68 52.09
N ILE D 333 -27.21 -31.98 51.27
CA ILE D 333 -27.51 -33.35 50.87
C ILE D 333 -26.37 -34.00 50.09
N VAL D 334 -25.85 -33.31 49.08
CA VAL D 334 -24.86 -33.98 48.23
C VAL D 334 -23.59 -34.28 48.98
N LYS D 335 -23.06 -33.31 49.73
CA LYS D 335 -21.83 -33.56 50.47
C LYS D 335 -22.08 -34.76 51.40
N THR D 336 -23.29 -34.86 51.93
CA THR D 336 -23.62 -35.94 52.85
C THR D 336 -23.57 -37.32 52.17
N GLN D 337 -24.23 -37.44 51.02
CA GLN D 337 -24.07 -38.61 50.15
C GLN D 337 -22.63 -39.15 50.07
N ILE D 338 -21.68 -38.23 49.84
CA ILE D 338 -20.27 -38.58 49.67
C ILE D 338 -19.64 -39.02 50.98
N LEU D 339 -20.19 -38.57 52.10
CA LEU D 339 -19.67 -39.00 53.38
C LEU D 339 -20.30 -40.32 53.85
N VAL D 340 -21.59 -40.49 53.58
CA VAL D 340 -22.25 -41.76 53.80
C VAL D 340 -21.47 -42.85 53.10
N ALA D 341 -21.31 -42.73 51.80
CA ALA D 341 -20.56 -43.71 51.00
C ALA D 341 -19.09 -43.89 51.41
N ALA D 342 -18.59 -43.02 52.29
CA ALA D 342 -17.24 -43.16 52.79
C ALA D 342 -17.24 -43.90 54.10
N GLY D 343 -18.42 -43.94 54.73
CA GLY D 343 -18.65 -44.70 55.96
C GLY D 343 -19.20 -43.86 57.10
N ALA D 344 -19.35 -42.57 56.85
CA ALA D 344 -19.65 -41.61 57.89
C ALA D 344 -20.87 -42.01 58.72
N ASP D 345 -20.71 -41.91 60.04
CA ASP D 345 -21.84 -41.79 60.92
C ASP D 345 -22.45 -40.44 60.62
N LEU D 346 -23.77 -40.40 60.45
CA LEU D 346 -24.43 -39.13 60.18
C LEU D 346 -24.57 -38.30 61.43
N PHE D 347 -24.17 -38.87 62.55
CA PHE D 347 -24.17 -38.13 63.80
C PHE D 347 -22.76 -38.02 64.39
N GLY D 348 -21.77 -38.51 63.63
CA GLY D 348 -20.38 -38.17 63.87
C GLY D 348 -20.05 -36.75 63.41
N GLU D 349 -18.78 -36.39 63.51
CA GLU D 349 -18.32 -34.99 63.38
C GLU D 349 -18.14 -34.53 61.94
N GLU D 350 -18.35 -35.47 61.00
CA GLU D 350 -18.14 -35.20 59.58
C GLU D 350 -19.41 -34.69 58.89
N ILE D 351 -20.57 -35.09 59.40
CA ILE D 351 -21.87 -34.71 58.81
C ILE D 351 -22.54 -33.66 59.66
N ASN D 352 -22.51 -33.88 60.99
CA ASN D 352 -23.13 -32.98 61.94
C ASN D 352 -24.66 -32.99 61.86
N MET D 353 -25.23 -34.10 61.43
CA MET D 353 -26.67 -34.25 61.42
C MET D 353 -27.21 -33.92 62.78
N PRO D 354 -28.01 -32.85 62.88
CA PRO D 354 -28.81 -32.66 64.09
C PRO D 354 -29.79 -33.84 64.22
N GLN D 355 -29.92 -34.40 65.43
CA GLN D 355 -30.83 -35.53 65.66
C GLN D 355 -32.22 -35.20 65.11
N GLN D 356 -32.98 -36.21 64.71
CA GLN D 356 -34.23 -35.97 63.98
C GLN D 356 -35.14 -34.95 64.68
N LYS D 357 -35.11 -34.94 66.01
CA LYS D 357 -36.00 -34.07 66.78
C LYS D 357 -35.69 -32.59 66.62
N ASP D 358 -34.45 -32.24 66.33
CA ASP D 358 -34.06 -30.83 66.19
C ASP D 358 -33.99 -30.28 64.76
N ILE D 359 -34.23 -31.15 63.78
CA ILE D 359 -34.15 -30.75 62.36
C ILE D 359 -35.38 -29.94 61.95
N THR D 360 -35.16 -28.71 61.49
CA THR D 360 -36.26 -27.78 61.28
C THR D 360 -36.25 -27.23 59.87
N THR D 361 -37.37 -26.64 59.46
CA THR D 361 -37.39 -25.76 58.32
C THR D 361 -37.46 -24.29 58.75
N LEU D 362 -36.62 -23.45 58.15
CA LEU D 362 -36.67 -22.02 58.38
C LEU D 362 -37.16 -21.33 57.12
N GLY D 363 -38.46 -21.08 57.02
CA GLY D 363 -39.02 -20.42 55.85
C GLY D 363 -39.28 -21.30 54.64
N TYR D 364 -39.51 -20.67 53.49
CA TYR D 364 -39.94 -21.36 52.27
C TYR D 364 -38.99 -21.07 51.08
N ALA D 365 -38.63 -22.11 50.33
CA ALA D 365 -37.78 -21.95 49.15
C ALA D 365 -38.46 -22.51 47.91
N ILE D 366 -38.18 -21.93 46.75
CA ILE D 366 -38.73 -22.38 45.47
C ILE D 366 -37.63 -22.60 44.43
N GLN D 367 -37.73 -23.70 43.67
CA GLN D 367 -36.85 -23.91 42.52
C GLN D 367 -37.57 -23.96 41.17
N CYS D 368 -36.92 -23.38 40.17
CA CYS D 368 -37.35 -23.54 38.80
C CYS D 368 -36.10 -23.61 37.94
N ARG D 369 -36.04 -24.63 37.08
CA ARG D 369 -34.94 -24.79 36.13
C ARG D 369 -35.19 -24.00 34.85
N ILE D 370 -34.36 -22.99 34.60
CA ILE D 370 -34.43 -22.25 33.36
C ILE D 370 -33.91 -23.11 32.20
N THR D 371 -34.79 -23.43 31.24
CA THR D 371 -34.41 -24.21 30.07
C THR D 371 -34.55 -23.45 28.75
N THR D 372 -34.18 -24.09 27.65
CA THR D 372 -34.34 -23.49 26.31
C THR D 372 -35.61 -23.95 25.62
N GLU D 373 -36.65 -24.24 26.40
CA GLU D 373 -37.93 -24.59 25.83
C GLU D 373 -38.76 -23.38 25.41
N ASP D 374 -38.93 -23.18 24.10
CA ASP D 374 -39.73 -22.06 23.57
C ASP D 374 -41.21 -22.29 23.87
N PRO D 375 -41.79 -21.49 24.80
CA PRO D 375 -43.20 -21.69 25.13
C PRO D 375 -44.10 -21.19 24.02
N LEU D 376 -43.50 -20.52 23.04
CA LEU D 376 -44.17 -20.11 21.79
C LEU D 376 -44.20 -21.24 20.76
N ASN D 377 -43.50 -22.33 21.06
CA ASN D 377 -43.48 -23.52 20.19
C ASN D 377 -43.62 -24.84 20.98
N ASP D 378 -44.62 -24.88 21.87
CA ASP D 378 -44.96 -26.09 22.62
C ASP D 378 -43.75 -26.71 23.29
N PHE D 379 -42.88 -25.86 23.84
CA PHE D 379 -41.72 -26.28 24.62
C PHE D 379 -40.78 -27.25 23.90
N MET D 380 -40.56 -26.99 22.61
CA MET D 380 -39.44 -27.56 21.85
C MET D 380 -38.12 -26.99 22.35
N PRO D 381 -37.25 -27.87 22.87
CA PRO D 381 -35.86 -27.47 23.14
C PRO D 381 -35.21 -26.75 21.95
N ASP D 382 -34.83 -25.48 22.11
CA ASP D 382 -34.04 -24.77 21.10
C ASP D 382 -32.54 -24.85 21.40
N THR D 383 -31.72 -24.75 20.36
CA THR D 383 -30.29 -25.01 20.50
C THR D 383 -29.46 -23.84 19.99
N GLY D 384 -28.15 -24.05 19.89
CA GLY D 384 -27.24 -23.08 19.28
C GLY D 384 -26.26 -22.49 20.26
N THR D 385 -25.60 -21.41 19.82
CA THR D 385 -24.71 -20.63 20.67
C THR D 385 -25.49 -19.76 21.64
N ILE D 386 -24.97 -19.61 22.87
CA ILE D 386 -25.39 -18.56 23.78
C ILE D 386 -24.40 -17.39 23.79
N ILE D 387 -24.88 -16.25 23.29
CA ILE D 387 -24.00 -15.14 22.92
C ILE D 387 -24.25 -13.92 23.82
N ALA D 388 -25.16 -14.09 24.78
CA ALA D 388 -25.35 -13.13 25.84
C ALA D 388 -25.94 -13.87 27.04
N TYR D 389 -25.34 -13.68 28.21
CA TYR D 389 -25.74 -14.42 29.41
C TYR D 389 -25.46 -13.62 30.68
N ARG D 390 -26.52 -13.24 31.38
CA ARG D 390 -26.38 -12.70 32.73
C ARG D 390 -27.30 -13.41 33.71
N SER D 391 -26.77 -13.97 34.79
CA SER D 391 -27.65 -14.51 35.81
C SER D 391 -28.06 -13.44 36.84
N SER D 392 -28.41 -13.87 38.06
CA SER D 392 -28.67 -12.92 39.12
C SER D 392 -27.77 -13.12 40.34
N GLY D 393 -28.36 -13.06 41.53
CA GLY D 393 -27.61 -13.08 42.77
C GLY D 393 -28.31 -12.21 43.78
N GLY D 394 -27.68 -12.04 44.95
CA GLY D 394 -28.29 -11.31 46.04
C GLY D 394 -29.06 -12.20 46.99
N ALA D 395 -30.05 -11.59 47.66
CA ALA D 395 -30.50 -12.04 48.98
C ALA D 395 -31.28 -13.34 48.89
N GLY D 396 -30.74 -14.40 49.52
CA GLY D 396 -31.33 -15.75 49.51
C GLY D 396 -31.76 -16.15 48.10
N VAL D 397 -30.83 -15.98 47.17
CA VAL D 397 -31.01 -16.41 45.81
C VAL D 397 -29.90 -17.43 45.60
N ARG D 398 -30.25 -18.67 45.30
CA ARG D 398 -29.23 -19.65 45.04
C ARG D 398 -29.18 -19.95 43.55
N LEU D 399 -27.96 -20.04 43.00
CA LEU D 399 -27.77 -20.33 41.58
C LEU D 399 -26.96 -21.60 41.42
N ASP D 400 -27.49 -22.54 40.66
CA ASP D 400 -26.69 -23.70 40.21
C ASP D 400 -26.63 -23.73 38.67
N ALA D 401 -25.52 -23.21 38.13
CA ALA D 401 -25.20 -23.25 36.70
C ALA D 401 -25.28 -24.67 36.10
N GLY D 402 -25.71 -24.77 34.85
CA GLY D 402 -25.75 -26.03 34.14
C GLY D 402 -24.98 -25.93 32.84
N ASP D 403 -25.71 -25.72 31.76
CA ASP D 403 -25.11 -25.72 30.44
C ASP D 403 -24.67 -24.31 30.09
N GLY D 404 -25.13 -23.32 30.87
CA GLY D 404 -25.12 -21.93 30.41
C GLY D 404 -23.90 -21.12 30.79
N PHE D 405 -23.25 -20.53 29.80
CA PHE D 405 -22.21 -19.57 30.05
C PHE D 405 -22.01 -18.62 28.88
N GLN D 406 -21.58 -17.39 29.20
CA GLN D 406 -21.37 -16.32 28.21
C GLN D 406 -20.68 -16.80 26.96
N GLY D 407 -20.10 -18.00 27.01
CA GLY D 407 -19.49 -18.61 25.84
C GLY D 407 -20.43 -19.43 24.96
N ALA D 408 -20.47 -20.74 25.20
CA ALA D 408 -20.75 -21.71 24.13
C ALA D 408 -22.13 -22.37 24.22
N GLU D 409 -22.27 -23.52 23.54
CA GLU D 409 -23.51 -23.89 22.86
C GLU D 409 -24.23 -25.12 23.41
N ILE D 410 -25.54 -25.16 23.25
CA ILE D 410 -26.33 -26.31 23.71
C ILE D 410 -26.92 -27.12 22.58
N SER D 411 -26.71 -28.43 22.65
CA SER D 411 -26.99 -29.36 21.56
C SER D 411 -28.28 -30.11 21.83
N PRO D 412 -28.97 -30.60 20.78
CA PRO D 412 -30.26 -31.28 20.91
C PRO D 412 -30.23 -32.60 21.70
N TYR D 413 -29.04 -33.12 21.97
CA TYR D 413 -28.89 -34.48 22.50
C TYR D 413 -29.40 -34.70 23.93
N TYR D 414 -29.47 -33.62 24.72
CA TYR D 414 -29.58 -33.72 26.19
C TYR D 414 -30.75 -32.95 26.78
N ASP D 415 -31.07 -33.25 28.04
CA ASP D 415 -31.94 -32.39 28.81
C ASP D 415 -31.41 -30.96 28.77
N SER D 416 -32.07 -30.10 28.00
CA SER D 416 -31.75 -28.68 28.08
C SER D 416 -32.01 -28.18 29.51
N LEU D 417 -30.97 -27.56 30.09
CA LEU D 417 -31.09 -26.85 31.36
C LEU D 417 -29.98 -25.83 31.51
N LEU D 418 -30.28 -24.57 31.27
CA LEU D 418 -29.29 -23.53 31.44
C LEU D 418 -28.89 -23.35 32.91
N VAL D 419 -29.89 -23.09 33.77
CA VAL D 419 -29.64 -22.78 35.18
C VAL D 419 -30.72 -23.33 36.03
N LYS D 420 -30.31 -23.93 37.15
CA LYS D 420 -31.18 -24.10 38.29
C LYS D 420 -31.21 -22.79 39.07
N LEU D 421 -32.38 -22.17 39.20
CA LEU D 421 -32.53 -20.96 40.00
C LEU D 421 -33.47 -21.18 41.20
N SER D 422 -33.04 -20.75 42.38
CA SER D 422 -33.77 -21.01 43.62
C SER D 422 -33.74 -19.87 44.65
N THR D 423 -34.86 -19.64 45.33
CA THR D 423 -35.01 -18.49 46.23
C THR D 423 -35.53 -18.84 47.63
N HIS D 424 -35.32 -17.94 48.60
CA HIS D 424 -35.55 -18.27 50.02
C HIS D 424 -35.91 -17.05 50.90
N ALA D 425 -36.92 -17.19 51.76
CA ALA D 425 -37.43 -16.05 52.57
C ALA D 425 -38.19 -16.56 53.80
N ILE D 426 -38.58 -15.70 54.72
CA ILE D 426 -39.37 -16.19 55.87
C ILE D 426 -40.79 -16.56 55.47
N SER D 427 -41.33 -15.86 54.48
CA SER D 427 -42.68 -16.16 54.03
C SER D 427 -42.68 -16.55 52.56
N PHE D 428 -43.48 -17.56 52.22
CA PHE D 428 -43.69 -17.95 50.84
C PHE D 428 -43.77 -16.75 49.90
N LYS D 429 -44.67 -15.83 50.20
CA LYS D 429 -44.93 -14.73 49.28
C LYS D 429 -43.69 -13.87 49.11
N GLN D 430 -42.88 -13.72 50.15
CA GLN D 430 -41.56 -13.09 49.99
C GLN D 430 -40.70 -13.84 48.99
N ALA D 431 -40.58 -15.15 49.16
CA ALA D 431 -39.81 -15.95 48.23
C ALA D 431 -40.32 -15.93 46.78
N GLU D 432 -41.64 -15.77 46.59
CA GLU D 432 -42.20 -15.71 45.24
C GLU D 432 -41.85 -14.43 44.49
N GLU D 433 -42.04 -13.29 45.15
CA GLU D 433 -41.54 -11.99 44.67
C GLU D 433 -40.08 -12.11 44.25
N LYS D 434 -39.29 -12.76 45.09
CA LYS D 434 -37.86 -12.65 45.01
C LYS D 434 -37.37 -13.57 43.93
N MET D 435 -38.15 -14.64 43.70
CA MET D 435 -37.93 -15.53 42.57
C MET D 435 -38.31 -14.88 41.23
N VAL D 436 -39.50 -14.28 41.18
CA VAL D 436 -39.85 -13.39 40.09
C VAL D 436 -38.70 -12.41 39.77
N ARG D 437 -38.12 -11.78 40.78
CA ARG D 437 -37.20 -10.66 40.54
C ARG D 437 -35.87 -11.08 39.93
N SER D 438 -35.49 -12.35 40.08
CA SER D 438 -34.30 -12.84 39.39
C SER D 438 -34.67 -13.23 37.98
N LEU D 439 -35.75 -13.99 37.83
CA LEU D 439 -36.20 -14.42 36.51
C LEU D 439 -36.13 -13.27 35.50
N ARG D 440 -36.36 -12.05 35.98
CA ARG D 440 -36.32 -10.87 35.11
C ARG D 440 -34.92 -10.32 34.90
N GLU D 441 -34.11 -10.30 35.95
CA GLU D 441 -32.72 -9.91 35.82
C GLU D 441 -31.97 -10.79 34.82
N MET D 442 -32.13 -12.09 34.93
CA MET D 442 -31.75 -13.01 33.86
C MET D 442 -31.71 -12.28 32.55
N ARG D 443 -30.69 -12.55 31.75
CA ARG D 443 -30.60 -11.97 30.43
C ARG D 443 -29.87 -12.94 29.55
N ILE D 444 -30.62 -13.84 28.93
CA ILE D 444 -30.06 -14.79 28.00
C ILE D 444 -30.39 -14.34 26.59
N ARG D 445 -29.40 -14.40 25.70
CA ARG D 445 -29.60 -14.11 24.26
C ARG D 445 -28.85 -15.08 23.35
N GLY D 446 -29.47 -15.38 22.21
CA GLY D 446 -28.94 -16.36 21.25
C GLY D 446 -29.81 -17.58 21.12
N VAL D 447 -30.28 -18.10 22.25
CA VAL D 447 -31.26 -19.18 22.28
C VAL D 447 -32.51 -18.77 23.08
N LYS D 448 -33.68 -19.00 22.51
CA LYS D 448 -34.92 -18.64 23.20
C LYS D 448 -35.00 -19.44 24.48
N THR D 449 -35.80 -19.00 25.44
CA THR D 449 -35.96 -19.80 26.65
C THR D 449 -37.35 -19.75 27.21
N ASN D 450 -37.49 -20.33 28.39
CA ASN D 450 -38.76 -20.55 29.02
C ASN D 450 -39.04 -19.60 30.18
N ILE D 451 -38.13 -18.66 30.41
CA ILE D 451 -38.30 -17.73 31.52
C ILE D 451 -39.70 -17.09 31.54
N PRO D 452 -40.12 -16.50 30.40
CA PRO D 452 -41.40 -15.80 30.22
C PRO D 452 -42.61 -16.57 30.76
N PHE D 453 -42.57 -17.90 30.62
CA PHE D 453 -43.59 -18.81 31.13
C PHE D 453 -43.47 -19.07 32.65
N LEU D 454 -42.23 -19.19 33.14
CA LEU D 454 -41.97 -19.29 34.59
C LEU D 454 -42.34 -18.02 35.37
N ILE D 455 -42.09 -16.85 34.78
CA ILE D 455 -42.59 -15.59 35.33
C ILE D 455 -44.10 -15.61 35.58
N ASN D 456 -44.86 -16.05 34.58
CA ASN D 456 -46.32 -16.10 34.71
C ASN D 456 -46.81 -17.14 35.72
N VAL D 457 -46.10 -18.25 35.80
CA VAL D 457 -46.30 -19.21 36.87
C VAL D 457 -45.97 -18.55 38.20
N MET D 458 -44.82 -17.90 38.28
CA MET D 458 -44.39 -17.27 39.52
C MET D 458 -45.38 -16.23 40.04
N LYS D 459 -46.09 -15.57 39.14
CA LYS D 459 -46.91 -14.40 39.49
C LYS D 459 -48.40 -14.68 39.38
N ASN D 460 -48.75 -15.97 39.44
CA ASN D 460 -50.14 -16.37 39.43
C ASN D 460 -50.75 -16.38 40.83
N LYS D 461 -51.94 -15.79 40.95
CA LYS D 461 -52.63 -15.73 42.24
C LYS D 461 -52.79 -17.11 42.83
N LYS D 462 -53.09 -18.09 41.97
CA LYS D 462 -53.34 -19.46 42.41
C LYS D 462 -52.06 -20.07 42.99
N PHE D 463 -50.92 -19.46 42.68
CA PHE D 463 -49.64 -19.92 43.21
C PHE D 463 -49.43 -19.57 44.68
N THR D 464 -49.44 -18.28 45.00
CA THR D 464 -49.21 -17.80 46.37
C THR D 464 -50.15 -18.42 47.41
N SER D 465 -51.44 -18.36 47.13
CA SER D 465 -52.46 -18.97 47.96
C SER D 465 -52.07 -20.39 48.38
N GLY D 466 -51.15 -20.99 47.62
CA GLY D 466 -50.47 -22.20 48.08
C GLY D 466 -51.31 -23.47 47.98
N ASP D 467 -52.61 -23.30 47.72
CA ASP D 467 -53.48 -24.44 47.46
C ASP D 467 -53.60 -24.73 45.95
N TYR D 468 -52.55 -25.31 45.39
CA TYR D 468 -52.50 -25.66 43.97
C TYR D 468 -52.50 -27.17 43.75
N THR D 469 -53.30 -27.61 42.78
CA THR D 469 -53.51 -29.02 42.50
C THR D 469 -52.50 -29.47 41.43
N THR D 470 -52.45 -30.75 41.10
CA THR D 470 -51.59 -31.20 40.00
C THR D 470 -52.11 -30.72 38.65
N LYS D 471 -53.40 -30.43 38.57
CA LYS D 471 -53.98 -29.88 37.37
C LYS D 471 -53.97 -28.34 37.37
N PHE D 472 -53.36 -27.75 38.38
CA PHE D 472 -52.98 -26.33 38.33
C PHE D 472 -52.85 -25.81 36.90
N ILE D 473 -52.02 -26.48 36.09
CA ILE D 473 -51.60 -25.90 34.82
C ILE D 473 -52.62 -26.03 33.68
N GLU D 474 -53.19 -27.21 33.50
CA GLU D 474 -54.13 -27.43 32.39
C GLU D 474 -55.37 -26.54 32.47
N GLU D 475 -55.88 -26.31 33.68
CA GLU D 475 -56.92 -25.31 33.89
C GLU D 475 -56.32 -23.97 34.25
N THR D 476 -55.43 -23.47 33.39
CA THR D 476 -55.06 -22.05 33.38
C THR D 476 -54.43 -21.68 32.03
N PRO D 477 -55.26 -21.48 30.99
CA PRO D 477 -54.74 -21.07 29.68
C PRO D 477 -53.99 -19.73 29.71
N GLU D 478 -54.35 -18.85 30.65
CA GLU D 478 -53.68 -17.56 30.81
C GLU D 478 -52.30 -17.71 31.46
N LEU D 479 -51.57 -18.73 31.04
CA LEU D 479 -50.15 -18.86 31.38
C LEU D 479 -49.28 -18.79 30.15
N PHE D 480 -49.79 -19.24 29.00
CA PHE D 480 -49.06 -19.15 27.73
C PHE D 480 -49.47 -17.90 26.95
N ASP D 481 -48.63 -16.86 26.98
CA ASP D 481 -49.13 -15.50 26.83
C ASP D 481 -48.28 -14.52 25.97
N ILE D 482 -48.98 -13.56 25.34
CA ILE D 482 -48.48 -12.79 24.18
C ILE D 482 -47.38 -11.74 24.49
N GLN D 483 -46.12 -12.12 24.32
CA GLN D 483 -45.04 -11.16 24.08
C GLN D 483 -43.71 -11.79 23.63
N PRO D 484 -43.41 -11.75 22.31
CA PRO D 484 -42.15 -12.26 21.77
C PRO D 484 -40.90 -11.49 22.22
N SER D 485 -41.07 -10.22 22.59
CA SER D 485 -39.95 -9.30 22.86
C SER D 485 -39.14 -8.92 21.62
N LEU D 486 -39.39 -7.72 21.10
CA LEU D 486 -38.46 -7.07 20.18
C LEU D 486 -37.08 -6.97 20.85
N ASP D 487 -36.03 -7.28 20.08
CA ASP D 487 -34.66 -7.17 20.59
C ASP D 487 -34.24 -5.70 20.53
N ARG D 488 -34.49 -5.00 21.63
CA ARG D 488 -34.58 -3.55 21.63
C ARG D 488 -33.20 -3.02 21.27
N GLY D 489 -32.24 -3.28 22.15
CA GLY D 489 -30.89 -2.78 21.97
C GLY D 489 -30.08 -3.65 21.04
N THR D 490 -30.62 -4.81 20.69
CA THR D 490 -29.97 -5.70 19.76
C THR D 490 -30.12 -5.15 18.34
N LYS D 491 -31.35 -4.85 17.96
CA LYS D 491 -31.62 -4.20 16.70
C LYS D 491 -30.82 -2.90 16.58
N THR D 492 -30.48 -2.29 17.71
CA THR D 492 -29.73 -1.03 17.70
C THR D 492 -28.25 -1.29 17.46
N LEU D 493 -27.68 -2.28 18.14
CA LEU D 493 -26.31 -2.62 17.89
C LEU D 493 -26.18 -3.03 16.44
N GLU D 494 -27.27 -3.49 15.86
CA GLU D 494 -27.23 -4.05 14.51
C GLU D 494 -27.22 -2.99 13.44
N TYR D 495 -28.07 -1.98 13.62
CA TYR D 495 -27.95 -0.78 12.85
C TYR D 495 -26.55 -0.22 12.99
N ILE D 496 -26.10 0.01 14.20
CA ILE D 496 -24.82 0.70 14.35
C ILE D 496 -23.71 -0.07 13.66
N GLY D 497 -23.73 -1.39 13.83
CA GLY D 497 -22.70 -2.24 13.29
C GLY D 497 -22.73 -2.28 11.78
N ASN D 498 -23.92 -2.13 11.21
CA ASN D 498 -24.04 -2.07 9.75
C ASN D 498 -23.43 -0.80 9.17
N VAL D 499 -23.96 0.35 9.57
CA VAL D 499 -23.36 1.61 9.18
C VAL D 499 -21.83 1.66 9.33
N THR D 500 -21.30 1.06 10.40
CA THR D 500 -19.89 1.23 10.74
C THR D 500 -18.99 0.50 9.78
N ILE D 501 -19.41 -0.71 9.41
CA ILE D 501 -18.68 -1.57 8.49
C ILE D 501 -19.01 -1.24 7.02
N ASN D 502 -20.29 -1.06 6.71
CA ASN D 502 -20.69 -0.90 5.31
C ASN D 502 -21.11 0.49 4.86
N GLY D 503 -20.84 1.50 5.70
CA GLY D 503 -21.16 2.88 5.39
C GLY D 503 -22.64 3.07 5.42
N PHE D 504 -23.07 4.31 5.26
CA PHE D 504 -24.48 4.67 5.24
C PHE D 504 -24.87 5.01 3.80
N PRO D 505 -25.68 4.28 2.99
CA PRO D 505 -25.87 4.67 1.49
C PRO D 505 -25.99 6.33 1.23
N ASN D 506 -25.03 7.37 0.78
CA ASN D 506 -25.41 8.93 0.61
C ASN D 506 -24.30 10.03 0.99
N VAL D 507 -23.36 9.47 1.70
CA VAL D 507 -22.49 10.02 2.73
C VAL D 507 -21.07 9.45 2.61
N GLU D 508 -20.15 10.35 2.25
CA GLU D 508 -18.74 10.04 2.08
C GLU D 508 -18.37 9.03 3.15
N LYS D 509 -18.30 7.76 2.74
CA LYS D 509 -17.92 6.65 3.63
C LYS D 509 -16.49 6.81 4.15
N ARG D 510 -16.32 7.73 5.10
CA ARG D 510 -15.06 7.87 5.84
C ARG D 510 -15.25 7.47 7.31
N PRO D 511 -14.21 7.64 8.15
CA PRO D 511 -14.46 7.37 9.57
C PRO D 511 -15.42 8.40 10.13
N LYS D 512 -15.85 8.21 11.38
CA LYS D 512 -16.72 9.18 12.02
C LYS D 512 -15.95 10.49 12.27
N PRO D 513 -16.30 11.56 11.53
CA PRO D 513 -15.63 12.85 11.71
C PRO D 513 -15.65 13.33 13.16
N ASP D 514 -14.65 14.13 13.52
CA ASP D 514 -14.66 14.85 14.79
C ASP D 514 -15.65 16.00 14.79
N TYR D 515 -16.30 16.24 15.92
CA TYR D 515 -17.37 17.24 15.93
C TYR D 515 -17.22 18.17 17.12
N GLU D 516 -17.39 19.46 16.88
CA GLU D 516 -17.30 20.43 17.94
C GLU D 516 -18.49 20.15 18.88
N LEU D 517 -18.23 19.98 20.18
CA LEU D 517 -19.28 19.71 21.18
C LEU D 517 -20.23 20.89 21.35
N ALA D 518 -21.51 20.69 21.01
CA ALA D 518 -22.50 21.77 21.09
C ALA D 518 -23.14 21.75 22.46
N SER D 519 -22.76 22.64 23.36
CA SER D 519 -23.53 22.80 24.59
C SER D 519 -24.97 23.12 24.18
N ILE D 520 -25.95 22.46 24.80
CA ILE D 520 -27.32 22.59 24.34
C ILE D 520 -28.15 23.33 25.35
N PRO D 521 -28.54 24.57 25.02
CA PRO D 521 -29.40 25.45 25.84
C PRO D 521 -30.77 24.83 26.16
N THR D 522 -31.39 25.26 27.25
CA THR D 522 -32.42 24.48 27.90
C THR D 522 -33.25 25.45 28.72
N VAL D 523 -34.57 25.38 28.58
CA VAL D 523 -35.48 26.17 29.40
C VAL D 523 -36.37 25.17 30.07
N SER D 524 -36.76 25.44 31.30
CA SER D 524 -37.45 24.43 32.08
C SER D 524 -38.92 24.29 31.61
N SER D 525 -39.47 23.09 31.77
CA SER D 525 -40.78 22.78 31.17
C SER D 525 -41.86 23.50 31.96
N SER D 526 -41.60 23.64 33.26
CA SER D 526 -42.43 24.44 34.14
C SER D 526 -42.60 25.86 33.57
N LYS D 527 -41.50 26.46 33.16
CA LYS D 527 -41.52 27.82 32.64
C LYS D 527 -42.28 27.85 31.32
N ILE D 528 -42.04 26.85 30.49
CA ILE D 528 -42.75 26.74 29.23
C ILE D 528 -44.26 26.47 29.42
N ALA D 529 -44.62 25.82 30.51
CA ALA D 529 -46.02 25.46 30.75
C ALA D 529 -46.81 26.72 31.07
N SER D 530 -46.08 27.77 31.43
CA SER D 530 -46.66 29.03 31.86
C SER D 530 -46.80 30.08 30.74
N PHE D 531 -46.18 29.84 29.59
CA PHE D 531 -46.22 30.83 28.51
C PHE D 531 -47.56 30.78 27.81
N SER D 532 -48.07 31.93 27.45
CA SER D 532 -49.20 31.98 26.55
C SER D 532 -48.74 32.72 25.32
N GLY D 533 -48.78 32.02 24.20
CA GLY D 533 -48.54 32.64 22.91
C GLY D 533 -49.62 32.36 21.90
N THR D 534 -49.26 32.34 20.63
CA THR D 534 -50.29 32.35 19.62
C THR D 534 -51.05 31.05 19.67
N LYS D 535 -50.44 30.00 20.21
CA LYS D 535 -51.10 28.71 20.39
C LYS D 535 -52.41 28.85 21.18
N GLN D 536 -52.32 29.35 22.42
CA GLN D 536 -53.48 29.37 23.32
C GLN D 536 -54.43 30.52 22.96
N LEU D 537 -53.92 31.45 22.18
CA LEU D 537 -54.75 32.44 21.51
C LEU D 537 -55.76 31.72 20.58
N LEU D 538 -55.29 31.03 19.57
CA LEU D 538 -56.15 30.12 18.83
C LEU D 538 -57.17 29.35 19.67
N ASP D 539 -56.75 28.84 20.82
CA ASP D 539 -57.71 28.15 21.69
C ASP D 539 -58.84 29.06 22.14
N GLU D 540 -58.53 30.31 22.49
CA GLU D 540 -59.52 31.19 23.11
C GLU D 540 -60.39 31.94 22.09
N VAL D 541 -59.80 32.31 20.94
CA VAL D 541 -60.49 33.22 20.02
C VAL D 541 -60.71 32.62 18.63
N GLY D 542 -60.17 31.45 18.37
CA GLY D 542 -60.35 30.80 17.07
C GLY D 542 -59.61 31.49 15.91
N PRO D 543 -59.62 30.87 14.72
CA PRO D 543 -58.84 31.36 13.59
C PRO D 543 -59.09 32.83 13.23
N LYS D 544 -60.37 33.22 13.13
CA LYS D 544 -60.70 34.59 12.70
C LYS D 544 -60.19 35.61 13.72
N GLY D 545 -60.09 35.16 14.98
CA GLY D 545 -59.64 35.97 16.10
C GLY D 545 -58.14 36.14 16.13
N VAL D 546 -57.40 35.11 15.73
CA VAL D 546 -55.95 35.23 15.54
C VAL D 546 -55.57 36.27 14.46
N ALA D 547 -56.18 36.17 13.28
CA ALA D 547 -55.96 37.11 12.20
C ALA D 547 -56.26 38.54 12.63
N GLU D 548 -57.47 38.77 13.13
CA GLU D 548 -57.84 40.04 13.76
C GLU D 548 -56.72 40.58 14.64
N TRP D 549 -56.05 39.69 15.35
CA TRP D 549 -55.11 40.11 16.39
C TRP D 549 -53.74 40.37 15.73
N VAL D 550 -53.47 39.68 14.64
CA VAL D 550 -52.32 40.01 13.85
C VAL D 550 -52.39 41.43 13.30
N LYS D 551 -53.57 41.77 12.81
CA LYS D 551 -53.80 43.07 12.21
C LYS D 551 -53.51 44.25 13.17
N LYS D 552 -53.70 44.05 14.49
CA LYS D 552 -53.53 45.15 15.46
C LYS D 552 -52.09 45.29 15.95
N GLN D 553 -51.20 44.40 15.54
CA GLN D 553 -49.85 44.49 16.04
C GLN D 553 -49.06 45.47 15.21
N ASP D 554 -48.34 46.34 15.92
CA ASP D 554 -47.43 47.33 15.34
C ASP D 554 -46.18 46.62 14.84
N ASP D 555 -45.60 45.82 15.71
CA ASP D 555 -44.39 45.09 15.42
C ASP D 555 -44.68 44.13 14.30
N VAL D 556 -43.70 43.94 13.42
CA VAL D 556 -43.60 42.77 12.58
C VAL D 556 -43.45 41.50 13.43
N LEU D 557 -44.35 40.54 13.17
CA LEU D 557 -44.33 39.24 13.81
C LEU D 557 -43.48 38.34 12.95
N LEU D 558 -42.84 37.34 13.53
CA LEU D 558 -42.03 36.51 12.70
C LEU D 558 -42.41 35.08 12.83
N THR D 559 -42.31 34.37 11.71
CA THR D 559 -42.43 32.92 11.64
C THR D 559 -41.05 32.33 11.35
N ASP D 560 -40.52 31.50 12.25
CA ASP D 560 -39.19 30.94 12.08
C ASP D 560 -39.29 29.72 11.16
N THR D 561 -38.25 29.44 10.36
CA THR D 561 -38.37 28.39 9.33
C THR D 561 -37.21 27.39 9.40
N THR D 562 -36.37 27.57 10.41
CA THR D 562 -35.33 26.61 10.76
C THR D 562 -35.72 25.13 10.66
N PHE D 563 -36.93 24.76 11.04
CA PHE D 563 -37.33 23.38 11.14
C PHE D 563 -37.91 22.86 9.83
N ARG D 564 -38.09 23.70 8.84
CA ARG D 564 -38.58 23.18 7.55
C ARG D 564 -37.81 23.76 6.37
N ASP D 565 -38.05 25.03 6.07
CA ASP D 565 -37.61 25.57 4.84
C ASP D 565 -36.14 25.93 4.87
N ALA D 566 -35.62 26.25 6.04
CA ALA D 566 -34.19 26.52 6.13
C ALA D 566 -33.32 25.35 5.67
N HIS D 567 -33.58 24.15 6.23
CA HIS D 567 -32.78 22.98 5.91
C HIS D 567 -33.30 22.27 4.68
N GLN D 568 -34.59 22.41 4.37
CA GLN D 568 -35.05 21.97 3.07
C GLN D 568 -34.21 22.60 1.94
N SER D 569 -33.83 23.86 2.12
CA SER D 569 -33.02 24.57 1.17
C SER D 569 -31.54 24.32 1.33
N LEU D 570 -31.02 24.31 2.56
CA LEU D 570 -29.58 24.17 2.74
C LEU D 570 -29.01 22.75 2.90
N LEU D 571 -29.83 21.79 3.34
CA LEU D 571 -29.34 20.51 3.81
C LEU D 571 -30.18 19.39 3.28
N ALA D 572 -30.69 19.57 2.06
CA ALA D 572 -31.57 18.60 1.41
C ALA D 572 -32.72 18.02 2.28
N THR D 573 -33.27 18.81 3.19
CA THR D 573 -34.28 18.32 4.18
C THR D 573 -33.80 17.25 5.14
N ARG D 574 -32.48 17.08 5.25
CA ARG D 574 -31.93 16.00 6.06
C ARG D 574 -31.97 16.18 7.58
N VAL D 575 -32.29 17.37 8.07
CA VAL D 575 -32.11 17.55 9.52
C VAL D 575 -33.01 16.58 10.24
N ARG D 576 -32.54 16.04 11.35
CA ARG D 576 -33.26 14.97 12.03
C ARG D 576 -34.02 15.47 13.25
N THR D 577 -35.22 14.92 13.48
CA THR D 577 -35.97 15.14 14.73
C THR D 577 -35.04 15.35 15.94
N LYS D 578 -34.04 14.49 16.10
CA LYS D 578 -33.25 14.50 17.31
C LYS D 578 -32.56 15.86 17.48
N ASP D 579 -32.13 16.45 16.37
CA ASP D 579 -31.46 17.74 16.42
C ASP D 579 -32.44 18.86 16.73
N MET D 580 -33.71 18.66 16.34
CA MET D 580 -34.76 19.61 16.66
C MET D 580 -35.27 19.47 18.08
N ILE D 581 -35.64 18.26 18.47
CA ILE D 581 -36.01 18.00 19.86
C ILE D 581 -35.05 18.64 20.85
N ASN D 582 -33.77 18.47 20.61
CA ASN D 582 -32.78 19.05 21.48
C ASN D 582 -32.90 20.56 21.79
N ILE D 583 -33.14 21.45 20.82
CA ILE D 583 -33.41 22.85 21.19
C ILE D 583 -34.86 23.25 21.27
N ALA D 584 -35.78 22.30 21.29
CA ALA D 584 -37.17 22.69 21.26
C ALA D 584 -37.54 23.56 22.46
N SER D 585 -37.13 23.17 23.67
CA SER D 585 -37.40 23.97 24.84
C SER D 585 -36.74 25.34 24.77
N LYS D 586 -35.57 25.44 24.16
CA LYS D 586 -35.01 26.79 23.96
C LYS D 586 -35.76 27.59 22.88
N THR D 587 -36.27 26.91 21.85
CA THR D 587 -37.08 27.55 20.83
C THR D 587 -38.43 28.04 21.37
N ALA D 588 -39.07 27.22 22.17
CA ALA D 588 -40.29 27.64 22.85
C ALA D 588 -40.08 28.95 23.62
N ASP D 589 -38.98 29.07 24.35
CA ASP D 589 -38.66 30.32 25.06
C ASP D 589 -38.29 31.39 24.07
N VAL D 590 -37.32 31.12 23.22
CA VAL D 590 -36.86 32.15 22.30
C VAL D 590 -37.95 32.69 21.40
N PHE D 591 -38.70 31.84 20.71
CA PHE D 591 -39.81 32.34 19.84
C PHE D 591 -41.16 32.58 20.56
N LYS D 592 -41.17 32.74 21.89
CA LYS D 592 -42.45 32.84 22.61
C LYS D 592 -43.45 33.83 21.96
N ASP D 593 -42.95 34.94 21.43
CA ASP D 593 -43.79 35.94 20.79
C ASP D 593 -43.82 35.78 19.27
N GLY D 594 -43.48 34.61 18.76
CA GLY D 594 -43.43 34.43 17.32
C GLY D 594 -44.84 34.32 16.83
N PHE D 595 -45.04 34.36 15.52
CA PHE D 595 -46.39 34.08 15.06
C PHE D 595 -46.61 32.57 14.94
N SER D 596 -45.67 31.88 14.32
CA SER D 596 -45.71 30.44 14.18
C SER D 596 -44.29 29.86 14.01
N LEU D 597 -44.15 28.55 14.26
CA LEU D 597 -42.99 27.75 13.79
C LEU D 597 -43.35 26.91 12.54
N GLU D 598 -42.75 27.23 11.40
CA GLU D 598 -43.00 26.43 10.23
C GLU D 598 -42.22 25.14 10.37
N MET D 599 -42.87 24.03 10.69
CA MET D 599 -42.07 22.89 11.07
C MET D 599 -42.53 21.55 10.46
N TRP D 600 -43.39 21.61 9.46
CA TRP D 600 -43.88 20.40 8.82
C TRP D 600 -44.27 20.66 7.36
N GLY D 601 -44.55 19.61 6.61
CA GLY D 601 -44.81 19.80 5.18
C GLY D 601 -43.59 19.98 4.30
N GLY D 602 -43.83 20.42 3.05
CA GLY D 602 -42.80 20.51 2.06
C GLY D 602 -42.23 19.12 1.87
N ALA D 603 -40.90 19.03 1.82
CA ALA D 603 -40.23 17.77 1.49
C ALA D 603 -40.07 16.93 2.74
N THR D 604 -40.47 17.47 3.89
CA THR D 604 -40.11 16.85 5.16
C THR D 604 -40.83 15.57 5.48
N PHE D 605 -42.01 15.37 4.93
CA PHE D 605 -42.81 14.14 5.20
C PHE D 605 -42.16 12.92 4.54
N ASP D 606 -41.91 13.07 3.24
CA ASP D 606 -41.35 12.04 2.39
C ASP D 606 -39.95 11.76 2.87
N VAL D 607 -39.15 12.80 2.97
CA VAL D 607 -37.75 12.61 3.28
C VAL D 607 -37.62 11.87 4.59
N ALA D 608 -38.18 12.39 5.66
CA ALA D 608 -38.19 11.70 6.96
C ALA D 608 -38.45 10.21 6.89
N TYR D 609 -39.56 9.81 6.26
CA TYR D 609 -39.87 8.39 6.06
C TYR D 609 -38.80 7.69 5.24
N ASN D 610 -38.47 8.30 4.10
CA ASN D 610 -37.58 7.70 3.13
C ASN D 610 -36.05 7.65 3.49
N PHE D 611 -35.40 8.80 3.73
CA PHE D 611 -33.97 8.82 3.94
C PHE D 611 -33.63 8.72 5.40
N LEU D 612 -34.36 9.45 6.24
CA LEU D 612 -34.05 9.46 7.67
C LEU D 612 -34.64 8.24 8.34
N LYS D 613 -35.48 7.52 7.58
CA LYS D 613 -36.18 6.37 8.11
C LYS D 613 -36.70 6.65 9.52
N GLU D 614 -37.39 7.78 9.68
CA GLU D 614 -38.06 8.09 10.92
C GLU D 614 -39.44 8.63 10.64
N ASN D 615 -40.28 8.64 11.65
CA ASN D 615 -41.67 8.91 11.46
C ASN D 615 -41.99 10.41 11.62
N PRO D 616 -42.46 11.07 10.56
CA PRO D 616 -42.70 12.51 10.64
C PRO D 616 -43.87 12.86 11.55
N TRP D 617 -44.75 11.89 11.83
CA TRP D 617 -45.74 12.08 12.87
C TRP D 617 -45.18 12.17 14.30
N GLU D 618 -44.16 11.38 14.62
CA GLU D 618 -43.45 11.45 15.91
C GLU D 618 -42.69 12.78 16.10
N ARG D 619 -42.05 13.28 15.04
CA ARG D 619 -41.55 14.67 15.00
C ARG D 619 -42.63 15.73 15.32
N LEU D 620 -43.76 15.67 14.63
CA LEU D 620 -44.86 16.57 14.93
C LEU D 620 -45.27 16.50 16.41
N GLU D 621 -45.48 15.29 16.93
CA GLU D 621 -46.05 15.16 18.26
C GLU D 621 -45.08 15.38 19.41
N ARG D 622 -43.81 15.05 19.20
CA ARG D 622 -42.82 15.27 20.21
C ARG D 622 -42.50 16.77 20.34
N LEU D 623 -42.43 17.45 19.20
CA LEU D 623 -42.28 18.91 19.21
C LEU D 623 -43.51 19.60 19.80
N ARG D 624 -44.71 19.13 19.43
CA ARG D 624 -45.94 19.72 19.93
C ARG D 624 -45.90 19.83 21.47
N LYS D 625 -45.52 18.74 22.12
CA LYS D 625 -45.43 18.65 23.57
C LYS D 625 -44.36 19.62 24.09
N ALA D 626 -43.25 19.78 23.39
CA ALA D 626 -42.14 20.59 23.87
C ALA D 626 -42.32 22.10 23.63
N ILE D 627 -43.03 22.43 22.57
CA ILE D 627 -43.33 23.82 22.23
C ILE D 627 -44.87 24.00 22.21
N PRO D 628 -45.47 24.02 23.39
CA PRO D 628 -46.91 24.14 23.61
C PRO D 628 -47.51 25.53 23.39
N ASN D 629 -46.67 26.52 23.08
CA ASN D 629 -47.03 27.92 23.26
C ASN D 629 -47.15 28.68 21.96
N VAL D 630 -46.52 28.20 20.91
CA VAL D 630 -46.46 28.93 19.65
C VAL D 630 -47.15 28.13 18.59
N LEU D 631 -47.76 28.79 17.60
CA LEU D 631 -48.56 28.07 16.62
C LEU D 631 -47.63 27.26 15.76
N PHE D 632 -48.08 26.07 15.39
CA PHE D 632 -47.39 25.26 14.41
C PHE D 632 -47.89 25.48 12.99
N GLN D 633 -46.97 25.74 12.07
CA GLN D 633 -47.30 25.90 10.64
C GLN D 633 -46.77 24.76 9.81
N MET D 634 -47.53 24.36 8.82
CA MET D 634 -46.98 23.44 7.80
C MET D 634 -47.32 24.02 6.46
N LEU D 635 -46.58 23.62 5.45
CA LEU D 635 -46.84 23.99 4.06
C LEU D 635 -47.61 22.88 3.38
N LEU D 636 -48.79 23.23 2.91
CA LEU D 636 -49.68 22.23 2.39
C LEU D 636 -49.99 22.49 0.92
N ARG D 637 -49.48 21.66 0.03
CA ARG D 637 -49.84 21.78 -1.39
C ARG D 637 -51.28 21.39 -1.66
N ALA D 638 -52.00 22.25 -2.36
CA ALA D 638 -53.45 22.05 -2.55
C ALA D 638 -53.84 20.66 -3.10
N SER D 639 -53.39 20.35 -4.33
CA SER D 639 -53.75 19.10 -5.00
C SER D 639 -53.50 17.85 -4.16
N ASN D 640 -52.30 17.73 -3.59
CA ASN D 640 -51.90 16.45 -3.02
C ASN D 640 -51.26 16.51 -1.61
N ALA D 641 -51.42 17.63 -0.94
CA ALA D 641 -50.95 17.76 0.44
C ALA D 641 -49.42 17.79 0.58
N VAL D 642 -48.80 16.64 0.45
CA VAL D 642 -47.49 16.42 1.01
C VAL D 642 -47.09 15.19 0.21
N GLY D 643 -48.06 14.67 -0.54
CA GLY D 643 -47.82 13.57 -1.46
C GLY D 643 -47.02 13.93 -2.70
N TYR D 644 -47.04 13.03 -3.70
CA TYR D 644 -46.14 13.09 -4.86
C TYR D 644 -46.92 12.88 -6.15
N LYS D 645 -48.11 12.28 -6.05
CA LYS D 645 -49.01 12.17 -7.18
C LYS D 645 -50.29 12.96 -6.89
N ASN D 646 -51.43 12.53 -7.45
CA ASN D 646 -52.73 13.13 -7.19
C ASN D 646 -53.55 12.21 -6.31
N TYR D 647 -54.33 12.79 -5.38
CA TYR D 647 -55.17 11.99 -4.49
C TYR D 647 -56.65 12.37 -4.58
N PRO D 648 -57.55 11.41 -4.38
CA PRO D 648 -58.99 11.76 -4.25
C PRO D 648 -59.22 12.68 -3.06
N ASP D 649 -60.37 13.34 -3.00
CA ASP D 649 -60.64 14.34 -1.95
C ASP D 649 -60.61 13.84 -0.51
N ASN D 650 -61.02 12.59 -0.30
CA ASN D 650 -61.09 12.08 1.05
C ASN D 650 -59.72 11.73 1.63
N VAL D 651 -58.68 11.75 0.79
CA VAL D 651 -57.31 11.68 1.23
C VAL D 651 -56.84 13.05 1.77
N ILE D 652 -57.14 14.13 1.04
CA ILE D 652 -56.82 15.47 1.53
C ILE D 652 -57.50 15.65 2.87
N HIS D 653 -58.80 15.40 2.94
CA HIS D 653 -59.52 15.57 4.20
C HIS D 653 -58.92 14.74 5.32
N LYS D 654 -58.66 13.47 5.06
CA LYS D 654 -58.06 12.64 6.09
C LYS D 654 -56.75 13.24 6.59
N PHE D 655 -55.90 13.68 5.66
CA PHE D 655 -54.60 14.17 6.03
C PHE D 655 -54.68 15.39 6.92
N VAL D 656 -55.58 16.29 6.60
CA VAL D 656 -55.72 17.53 7.34
C VAL D 656 -56.37 17.26 8.69
N GLN D 657 -57.29 16.31 8.75
CA GLN D 657 -57.95 15.94 10.01
C GLN D 657 -56.89 15.53 10.99
N GLU D 658 -55.98 14.68 10.53
CA GLU D 658 -55.03 14.01 11.37
C GLU D 658 -53.87 14.95 11.75
N SER D 659 -53.47 15.80 10.80
CA SER D 659 -52.44 16.81 11.01
C SER D 659 -52.85 17.86 12.04
N ALA D 660 -54.15 18.17 12.06
CA ALA D 660 -54.72 19.13 12.95
C ALA D 660 -54.81 18.54 14.37
N LYS D 661 -55.42 17.38 14.46
CA LYS D 661 -55.35 16.56 15.65
C LYS D 661 -53.92 16.48 16.23
N ALA D 662 -52.91 16.28 15.39
CA ALA D 662 -51.58 16.05 15.90
C ALA D 662 -50.86 17.34 16.30
N GLY D 663 -51.42 18.49 15.96
CA GLY D 663 -50.84 19.72 16.43
C GLY D 663 -50.60 20.85 15.44
N ILE D 664 -50.88 20.64 14.18
CA ILE D 664 -50.69 21.70 13.18
C ILE D 664 -51.83 22.73 13.29
N ASP D 665 -51.44 24.00 13.40
CA ASP D 665 -52.39 25.06 13.61
C ASP D 665 -52.59 25.93 12.37
N VAL D 666 -51.53 26.16 11.61
CA VAL D 666 -51.63 27.05 10.47
C VAL D 666 -51.21 26.30 9.22
N PHE D 667 -52.12 26.23 8.26
CA PHE D 667 -51.86 25.51 7.00
C PHE D 667 -51.68 26.50 5.88
N ARG D 668 -50.48 26.58 5.33
CA ARG D 668 -50.25 27.51 4.25
C ARG D 668 -50.57 26.83 2.92
N ILE D 669 -51.79 27.01 2.44
CA ILE D 669 -52.25 26.26 1.31
C ILE D 669 -51.75 26.98 0.07
N PHE D 670 -50.95 26.29 -0.75
CA PHE D 670 -50.48 26.90 -1.95
C PHE D 670 -50.72 26.00 -3.13
N ASP D 671 -50.69 26.60 -4.31
CA ASP D 671 -50.85 25.88 -5.54
C ASP D 671 -49.74 26.18 -6.54
N SER D 672 -49.26 25.13 -7.19
CA SER D 672 -48.16 25.26 -8.13
C SER D 672 -48.43 26.26 -9.25
N LEU D 673 -49.69 26.47 -9.57
CA LEU D 673 -50.04 27.32 -10.70
C LEU D 673 -51.00 28.49 -10.35
N ASN D 674 -51.23 28.73 -9.06
CA ASN D 674 -52.05 29.85 -8.58
C ASN D 674 -53.47 29.74 -9.09
N TRP D 675 -53.91 28.51 -9.27
CA TRP D 675 -55.24 28.16 -9.68
C TRP D 675 -56.12 27.93 -8.49
N VAL D 676 -57.10 28.80 -8.36
CA VAL D 676 -57.77 28.96 -7.08
C VAL D 676 -58.70 27.79 -6.90
N ASP D 677 -59.40 27.43 -7.97
CA ASP D 677 -60.24 26.25 -7.97
C ASP D 677 -59.54 25.06 -7.31
N GLN D 678 -58.25 24.89 -7.53
CA GLN D 678 -57.55 23.74 -6.95
C GLN D 678 -57.28 23.89 -5.45
N MET D 679 -57.58 25.03 -4.86
CA MET D 679 -57.22 25.31 -3.47
C MET D 679 -58.37 25.05 -2.50
N LYS D 680 -59.59 24.94 -3.04
CA LYS D 680 -60.81 24.88 -2.26
C LYS D 680 -60.88 23.67 -1.30
N VAL D 681 -60.66 22.47 -1.81
CA VAL D 681 -60.75 21.27 -1.00
C VAL D 681 -59.95 21.38 0.29
N ALA D 682 -58.65 21.71 0.20
CA ALA D 682 -57.83 21.89 1.41
C ALA D 682 -58.43 22.93 2.33
N ASN D 683 -58.87 24.04 1.74
CA ASN D 683 -59.45 25.12 2.55
C ASN D 683 -60.61 24.61 3.39
N GLU D 684 -61.46 23.83 2.76
CA GLU D 684 -62.58 23.26 3.49
C GLU D 684 -62.13 22.43 4.69
N ALA D 685 -61.16 21.58 4.44
CA ALA D 685 -60.61 20.70 5.44
C ALA D 685 -60.16 21.50 6.66
N VAL D 686 -59.26 22.45 6.42
CA VAL D 686 -58.74 23.28 7.48
C VAL D 686 -59.84 23.99 8.27
N GLN D 687 -60.75 24.66 7.55
CA GLN D 687 -61.91 25.25 8.23
C GLN D 687 -62.64 24.24 9.13
N GLU D 688 -62.85 23.02 8.66
CA GLU D 688 -63.54 22.01 9.46
C GLU D 688 -62.71 21.63 10.71
N ALA D 689 -61.39 21.57 10.54
CA ALA D 689 -60.49 21.18 11.61
C ALA D 689 -60.47 22.27 12.67
N GLY D 690 -61.14 23.40 12.36
CA GLY D 690 -61.08 24.64 13.14
C GLY D 690 -59.73 25.35 13.18
N LYS D 691 -58.83 25.06 12.25
CA LYS D 691 -57.49 25.65 12.31
C LYS D 691 -57.31 26.83 11.31
N ILE D 692 -56.11 27.37 11.17
CA ILE D 692 -55.93 28.57 10.35
C ILE D 692 -55.48 28.21 8.95
N SER D 693 -56.28 28.62 7.97
CA SER D 693 -55.84 28.52 6.58
C SER D 693 -55.27 29.86 6.04
N GLU D 694 -53.99 29.80 5.65
CA GLU D 694 -53.35 30.82 4.86
C GLU D 694 -53.51 30.48 3.39
N GLY D 695 -54.13 31.36 2.63
CA GLY D 695 -54.22 31.14 1.18
C GLY D 695 -53.02 31.78 0.51
N THR D 696 -52.28 31.03 -0.29
CA THR D 696 -51.00 31.50 -0.83
C THR D 696 -51.08 32.00 -2.27
N ILE D 697 -50.50 33.16 -2.55
CA ILE D 697 -50.14 33.53 -3.89
C ILE D 697 -48.64 33.36 -4.13
N CYS D 698 -48.27 32.71 -5.23
CA CYS D 698 -46.87 32.58 -5.60
C CYS D 698 -46.48 33.72 -6.52
N TYR D 699 -45.31 34.30 -6.26
CA TYR D 699 -44.84 35.45 -7.04
C TYR D 699 -43.98 35.00 -8.22
N THR D 700 -44.26 35.52 -9.41
CA THR D 700 -43.32 35.44 -10.55
C THR D 700 -43.36 36.73 -11.34
N GLY D 701 -42.56 36.78 -12.40
CA GLY D 701 -42.42 38.00 -13.17
C GLY D 701 -41.79 39.12 -12.35
N ASP D 702 -42.12 40.35 -12.71
CA ASP D 702 -41.59 41.58 -12.13
C ASP D 702 -42.60 42.69 -12.41
N ILE D 703 -43.28 43.13 -11.36
CA ILE D 703 -44.26 44.19 -11.53
C ILE D 703 -43.60 45.54 -11.84
N LEU D 704 -42.34 45.69 -11.45
CA LEU D 704 -41.60 46.89 -11.81
C LEU D 704 -41.39 47.06 -13.32
N ASN D 705 -41.65 46.02 -14.09
CA ASN D 705 -41.22 45.98 -15.46
C ASN D 705 -42.34 45.54 -16.40
N PRO D 706 -43.03 46.51 -17.03
CA PRO D 706 -44.09 46.23 -17.98
C PRO D 706 -43.74 45.16 -19.06
N GLU D 707 -42.46 45.03 -19.40
CA GLU D 707 -41.98 44.15 -20.48
C GLU D 707 -41.71 42.68 -20.02
N ARG D 708 -41.42 42.46 -18.75
CA ARG D 708 -41.50 41.11 -18.15
C ARG D 708 -42.76 40.33 -18.53
N SER D 709 -43.95 40.92 -18.35
CA SER D 709 -45.20 40.20 -18.58
C SER D 709 -46.47 41.06 -18.59
N ASN D 710 -47.34 40.75 -19.54
CA ASN D 710 -48.73 41.17 -19.52
C ASN D 710 -49.57 40.62 -18.35
N ILE D 711 -49.24 39.42 -17.89
CA ILE D 711 -50.19 38.62 -17.15
C ILE D 711 -49.93 38.82 -15.68
N TYR D 712 -48.65 38.68 -15.30
CA TYR D 712 -48.25 38.77 -13.90
C TYR D 712 -48.01 40.21 -13.43
N THR D 713 -49.02 41.04 -13.60
CA THR D 713 -48.97 42.47 -13.33
C THR D 713 -49.53 42.68 -11.95
N LEU D 714 -49.32 43.86 -11.38
CA LEU D 714 -49.86 44.19 -10.07
C LEU D 714 -51.38 43.98 -9.98
N GLU D 715 -52.13 44.26 -11.03
CA GLU D 715 -53.57 44.08 -10.94
C GLU D 715 -53.94 42.58 -10.85
N TYR D 716 -53.14 41.73 -11.48
CA TYR D 716 -53.31 40.31 -11.36
C TYR D 716 -53.18 39.80 -9.90
N TYR D 717 -52.21 40.29 -9.12
CA TYR D 717 -52.14 39.91 -7.71
C TYR D 717 -53.29 40.44 -6.89
N VAL D 718 -53.73 41.65 -7.20
CA VAL D 718 -54.85 42.23 -6.51
C VAL D 718 -56.10 41.38 -6.73
N LYS D 719 -56.40 41.08 -7.99
CA LYS D 719 -57.61 40.35 -8.32
C LYS D 719 -57.61 38.94 -7.71
N LEU D 720 -56.43 38.43 -7.42
CA LEU D 720 -56.28 37.08 -6.89
C LEU D 720 -56.25 37.10 -5.36
N ALA D 721 -55.72 38.16 -4.78
CA ALA D 721 -55.90 38.40 -3.37
C ALA D 721 -57.38 38.47 -3.10
N LYS D 722 -58.04 39.44 -3.74
CA LYS D 722 -59.47 39.65 -3.55
C LYS D 722 -60.26 38.37 -3.66
N GLU D 723 -59.78 37.44 -4.49
CA GLU D 723 -60.41 36.09 -4.65
C GLU D 723 -60.18 35.13 -3.46
N LEU D 724 -58.93 34.96 -3.05
CA LEU D 724 -58.65 34.08 -1.94
C LEU D 724 -59.41 34.56 -0.70
N GLU D 725 -59.63 35.87 -0.63
CA GLU D 725 -60.37 36.43 0.49
C GLU D 725 -61.87 36.06 0.45
N ARG D 726 -62.45 36.01 -0.73
CA ARG D 726 -63.84 35.60 -0.85
C ARG D 726 -63.99 34.09 -0.63
N GLU D 727 -62.86 33.36 -0.60
CA GLU D 727 -62.88 31.92 -0.40
C GLU D 727 -62.71 31.55 1.07
N GLY D 728 -62.57 32.57 1.91
CA GLY D 728 -62.61 32.38 3.36
C GLY D 728 -61.26 32.17 4.04
N PHE D 729 -60.18 32.12 3.28
CA PHE D 729 -58.86 32.11 3.89
C PHE D 729 -58.75 33.18 4.99
N HIS D 730 -58.20 32.79 6.15
CA HIS D 730 -57.95 33.71 7.25
C HIS D 730 -56.77 34.60 7.00
N ILE D 731 -55.67 34.05 6.48
CA ILE D 731 -54.47 34.81 6.25
C ILE D 731 -54.07 34.77 4.77
N LEU D 732 -53.53 35.88 4.25
CA LEU D 732 -52.92 35.87 2.91
C LEU D 732 -51.38 35.82 2.93
N ALA D 733 -50.80 34.89 2.18
CA ALA D 733 -49.35 34.70 2.12
C ALA D 733 -48.78 35.05 0.73
N ILE D 734 -47.74 35.86 0.67
CA ILE D 734 -47.05 35.99 -0.58
C ILE D 734 -45.85 35.04 -0.49
N LYS D 735 -45.90 33.97 -1.30
CA LYS D 735 -44.79 33.05 -1.48
C LYS D 735 -43.87 33.44 -2.65
N ASP D 736 -42.71 33.99 -2.30
CA ASP D 736 -41.72 34.31 -3.30
C ASP D 736 -40.62 33.25 -3.33
N MET D 737 -40.84 32.19 -4.12
CA MET D 737 -40.15 30.91 -3.91
C MET D 737 -38.79 30.85 -4.60
N ALA D 738 -38.69 31.63 -5.69
CA ALA D 738 -37.43 31.91 -6.37
C ALA D 738 -36.79 33.24 -5.93
N GLY D 739 -37.14 33.76 -4.75
CA GLY D 739 -36.59 35.05 -4.30
C GLY D 739 -36.56 36.18 -5.36
N LEU D 740 -37.64 36.27 -6.14
CA LEU D 740 -37.78 37.18 -7.30
C LEU D 740 -38.37 38.55 -6.95
N LEU D 741 -38.89 38.71 -5.73
CA LEU D 741 -39.60 39.94 -5.39
C LEU D 741 -38.63 41.04 -4.96
N LYS D 742 -38.31 41.87 -5.93
CA LYS D 742 -37.41 42.99 -5.79
C LYS D 742 -37.89 43.98 -4.74
N PRO D 743 -36.92 44.61 -4.04
CA PRO D 743 -37.24 45.51 -2.93
C PRO D 743 -38.40 46.48 -3.23
N LYS D 744 -38.36 47.19 -4.34
CA LYS D 744 -39.41 48.16 -4.61
C LYS D 744 -40.73 47.46 -4.89
N ALA D 745 -40.68 46.47 -5.76
CA ALA D 745 -41.84 45.65 -6.00
C ALA D 745 -42.52 45.18 -4.69
N ALA D 746 -41.73 44.88 -3.65
CA ALA D 746 -42.30 44.43 -2.39
C ALA D 746 -43.07 45.57 -1.75
N TYR D 747 -42.49 46.77 -1.77
CA TYR D 747 -43.22 47.98 -1.42
C TYR D 747 -44.55 48.09 -2.12
N GLU D 748 -44.51 48.15 -3.46
CA GLU D 748 -45.71 48.32 -4.28
C GLU D 748 -46.74 47.23 -4.04
N LEU D 749 -46.27 45.99 -4.05
CA LEU D 749 -47.17 44.86 -4.01
C LEU D 749 -47.98 44.86 -2.71
N ILE D 750 -47.27 44.88 -1.59
CA ILE D 750 -47.87 44.87 -0.27
C ILE D 750 -48.68 46.14 0.04
N GLY D 751 -48.22 47.32 -0.41
CA GLY D 751 -49.04 48.51 -0.31
C GLY D 751 -50.37 48.37 -1.01
N GLU D 752 -50.39 47.82 -2.22
CA GLU D 752 -51.64 47.61 -2.93
C GLU D 752 -52.51 46.53 -2.30
N LEU D 753 -51.90 45.42 -1.90
CA LEU D 753 -52.69 44.35 -1.31
C LEU D 753 -53.38 44.84 -0.01
N LYS D 754 -52.62 45.57 0.81
CA LYS D 754 -53.14 46.05 2.08
C LYS D 754 -54.36 46.97 1.96
N SER D 755 -54.50 47.67 0.86
CA SER D 755 -55.70 48.47 0.61
C SER D 755 -56.70 47.73 -0.25
N ALA D 756 -56.22 46.68 -0.92
CA ALA D 756 -57.06 45.84 -1.73
C ALA D 756 -57.82 44.87 -0.86
N VAL D 757 -57.28 44.43 0.35
CA VAL D 757 -57.97 43.37 1.18
C VAL D 757 -57.91 43.54 2.78
N ASP D 758 -58.75 42.87 3.57
CA ASP D 758 -58.66 43.05 5.07
C ASP D 758 -57.71 42.07 5.77
N LEU D 759 -57.36 41.02 5.05
CA LEU D 759 -56.45 39.97 5.49
C LEU D 759 -55.08 40.46 5.92
N PRO D 760 -54.60 39.96 7.06
CA PRO D 760 -53.19 40.10 7.42
C PRO D 760 -52.31 39.50 6.32
N ILE D 761 -51.22 40.17 5.97
CA ILE D 761 -50.36 39.65 4.91
C ILE D 761 -49.09 39.11 5.50
N HIS D 762 -48.62 37.99 4.97
CA HIS D 762 -47.59 37.15 5.58
C HIS D 762 -46.59 36.94 4.43
N LEU D 763 -45.41 37.53 4.54
CA LEU D 763 -44.45 37.51 3.45
C LEU D 763 -43.42 36.38 3.60
N HIS D 764 -43.20 35.63 2.53
CA HIS D 764 -42.23 34.57 2.51
C HIS D 764 -41.33 34.73 1.30
N THR D 765 -40.04 34.81 1.54
CA THR D 765 -39.13 34.88 0.41
C THR D 765 -37.83 34.15 0.66
N HIS D 766 -37.02 34.02 -0.38
CA HIS D 766 -35.70 33.37 -0.31
C HIS D 766 -34.61 34.40 -0.61
N ASP D 767 -33.39 34.18 -0.13
CA ASP D 767 -32.35 35.24 -0.16
C ASP D 767 -31.36 34.96 -1.29
N THR D 768 -31.79 34.16 -2.24
CA THR D 768 -30.88 33.66 -3.24
C THR D 768 -30.28 34.80 -4.12
N SER D 769 -30.93 35.95 -4.17
CA SER D 769 -30.36 37.05 -4.95
C SER D 769 -29.43 37.85 -4.08
N GLY D 770 -29.55 37.65 -2.76
CA GLY D 770 -28.90 38.49 -1.79
C GLY D 770 -29.71 39.70 -1.41
N ASN D 771 -30.92 39.82 -1.92
CA ASN D 771 -31.74 40.97 -1.64
C ASN D 771 -32.87 40.68 -0.64
N GLY D 772 -32.76 39.60 0.10
CA GLY D 772 -33.82 39.16 0.98
C GLY D 772 -34.16 40.17 2.05
N LEU D 773 -33.14 40.64 2.81
CA LEU D 773 -33.40 41.62 3.85
C LEU D 773 -34.07 42.89 3.34
N LEU D 774 -33.62 43.43 2.20
CA LEU D 774 -34.13 44.68 1.66
C LEU D 774 -35.61 44.55 1.26
N THR D 775 -35.93 43.38 0.71
CA THR D 775 -37.28 43.09 0.41
C THR D 775 -38.13 43.07 1.67
N TYR D 776 -37.60 42.46 2.72
CA TYR D 776 -38.29 42.38 3.99
C TYR D 776 -38.45 43.74 4.65
N LYS D 777 -37.41 44.55 4.55
CA LYS D 777 -37.50 45.92 5.02
C LYS D 777 -38.65 46.64 4.28
N GLN D 778 -38.66 46.56 2.96
CA GLN D 778 -39.59 47.34 2.17
C GLN D 778 -41.02 46.91 2.39
N ALA D 779 -41.22 45.61 2.59
CA ALA D 779 -42.55 45.10 2.83
C ALA D 779 -43.01 45.56 4.22
N ILE D 780 -42.03 45.71 5.12
CA ILE D 780 -42.30 46.23 6.45
C ILE D 780 -42.74 47.69 6.43
N ASP D 781 -42.06 48.52 5.63
CA ASP D 781 -42.42 49.95 5.49
C ASP D 781 -43.84 50.03 4.93
N ALA D 782 -44.22 49.00 4.18
CA ALA D 782 -45.43 49.02 3.40
C ALA D 782 -46.53 48.31 4.16
N GLY D 783 -46.21 47.75 5.33
CA GLY D 783 -47.22 47.36 6.28
C GLY D 783 -47.52 45.87 6.44
N VAL D 784 -46.60 45.03 5.96
CA VAL D 784 -46.77 43.56 6.00
C VAL D 784 -46.89 43.13 7.44
N ASP D 785 -47.60 42.04 7.71
CA ASP D 785 -47.90 41.65 9.08
C ASP D 785 -46.94 40.63 9.62
N ILE D 786 -46.71 39.56 8.87
CA ILE D 786 -45.80 38.53 9.34
C ILE D 786 -44.80 38.29 8.25
N ILE D 787 -43.55 38.06 8.64
CA ILE D 787 -42.51 37.57 7.75
C ILE D 787 -41.87 36.25 8.22
N ASP D 788 -41.35 35.50 7.27
CA ASP D 788 -40.62 34.26 7.53
C ASP D 788 -39.12 34.52 7.54
N THR D 789 -38.48 34.30 8.65
CA THR D 789 -37.05 34.41 8.70
C THR D 789 -36.45 33.06 9.13
N ALA D 790 -35.12 32.96 9.07
CA ALA D 790 -34.45 31.87 9.75
C ALA D 790 -33.36 32.35 10.75
N VAL D 791 -33.02 31.51 11.69
CA VAL D 791 -31.79 31.72 12.39
C VAL D 791 -30.58 31.95 11.44
N ALA D 792 -29.93 33.12 11.58
CA ALA D 792 -28.57 33.36 11.05
C ALA D 792 -27.80 32.14 10.54
N SER D 793 -27.35 31.29 11.44
CA SER D 793 -26.52 30.17 10.99
C SER D 793 -27.22 29.31 9.96
N MET D 794 -28.53 29.46 9.82
CA MET D 794 -29.29 28.55 8.97
C MET D 794 -29.94 29.36 7.92
N SER D 795 -29.39 30.53 7.61
CA SER D 795 -30.14 31.47 6.79
C SER D 795 -29.39 31.93 5.57
N GLY D 796 -30.06 32.64 4.67
CA GLY D 796 -29.34 33.31 3.60
C GLY D 796 -29.05 32.40 2.44
N LEU D 797 -28.54 32.98 1.34
CA LEU D 797 -28.61 32.39 -0.01
C LEU D 797 -29.93 31.71 -0.22
N THR D 798 -29.97 30.42 -0.54
CA THR D 798 -31.29 29.86 -0.90
C THR D 798 -32.24 29.69 0.27
N SER D 799 -31.80 30.07 1.50
CA SER D 799 -32.68 29.95 2.66
C SER D 799 -33.44 31.26 2.80
N GLN D 800 -34.05 31.54 3.97
CA GLN D 800 -34.70 32.83 4.11
C GLN D 800 -33.66 33.82 4.62
N PRO D 801 -33.97 35.12 4.53
CA PRO D 801 -33.05 36.08 5.10
C PRO D 801 -32.98 35.87 6.61
N SER D 802 -31.89 36.31 7.22
CA SER D 802 -31.64 36.08 8.63
C SER D 802 -32.48 36.99 9.56
N ALA D 803 -33.07 36.40 10.60
CA ALA D 803 -33.86 37.14 11.54
C ALA D 803 -32.96 37.96 12.45
N ASN D 804 -31.74 37.44 12.69
CA ASN D 804 -30.79 38.14 13.52
C ASN D 804 -30.37 39.44 12.85
N SER D 805 -30.26 39.46 11.54
CA SER D 805 -29.81 40.63 10.83
C SER D 805 -30.91 41.66 10.76
N LEU D 806 -32.09 41.22 10.32
CA LEU D 806 -33.25 42.10 10.16
C LEU D 806 -33.51 42.85 11.45
N TYR D 807 -33.56 42.14 12.55
CA TYR D 807 -33.70 42.78 13.87
C TYR D 807 -32.83 44.01 14.05
N TYR D 808 -31.56 43.89 13.70
CA TYR D 808 -30.67 45.06 13.71
C TYR D 808 -30.89 46.01 12.56
N ALA D 809 -31.30 45.50 11.42
CA ALA D 809 -31.43 46.32 10.23
C ALA D 809 -32.51 47.36 10.42
N LEU D 810 -33.52 47.02 11.22
CA LEU D 810 -34.62 47.95 11.47
C LEU D 810 -34.37 48.96 12.56
N ASN D 811 -33.21 48.94 13.21
CA ASN D 811 -32.91 49.98 14.20
C ASN D 811 -33.05 51.39 13.66
N GLY D 812 -33.93 52.16 14.29
CA GLY D 812 -34.12 53.57 13.99
C GLY D 812 -35.08 53.77 12.84
N PHE D 813 -35.75 52.69 12.43
CA PHE D 813 -36.91 52.83 11.54
C PHE D 813 -38.17 52.69 12.34
N PRO D 814 -39.33 52.86 11.69
CA PRO D 814 -40.61 52.96 12.40
C PRO D 814 -41.16 51.66 13.10
N ARG D 815 -40.89 50.47 12.58
CA ARG D 815 -41.47 49.24 13.17
C ARG D 815 -40.38 48.27 13.65
N HIS D 816 -40.62 47.55 14.69
CA HIS D 816 -39.58 46.75 15.31
C HIS D 816 -39.92 45.27 15.06
N LEU D 817 -38.91 44.43 14.91
CA LEU D 817 -39.13 42.99 14.80
C LEU D 817 -39.41 42.48 16.21
N ARG D 818 -40.46 41.67 16.37
CA ARG D 818 -40.85 41.22 17.70
C ARG D 818 -40.09 39.95 18.00
N THR D 819 -38.93 40.07 18.61
CA THR D 819 -38.21 38.88 18.98
C THR D 819 -37.19 39.10 20.06
N ASP D 820 -36.63 37.98 20.50
CA ASP D 820 -35.55 37.97 21.45
C ASP D 820 -34.21 37.73 20.73
N ILE D 821 -33.47 38.79 20.40
CA ILE D 821 -32.18 38.53 19.76
C ILE D 821 -31.16 37.77 20.60
N GLU D 822 -31.16 37.95 21.91
CA GLU D 822 -30.17 37.25 22.72
C GLU D 822 -30.38 35.74 22.60
N GLY D 823 -31.64 35.33 22.48
CA GLY D 823 -31.99 33.94 22.37
C GLY D 823 -31.71 33.48 20.97
N MET D 824 -31.94 34.37 20.03
CA MET D 824 -31.66 34.05 18.68
C MET D 824 -30.18 33.83 18.47
N GLU D 825 -29.32 34.62 19.12
CA GLU D 825 -27.87 34.48 18.89
C GLU D 825 -27.49 33.16 19.49
N SER D 826 -28.22 32.78 20.51
CA SER D 826 -27.91 31.57 21.18
C SER D 826 -28.42 30.37 20.37
N LEU D 827 -29.64 30.43 19.84
CA LEU D 827 -30.12 29.45 18.86
C LEU D 827 -29.22 29.31 17.65
N SER D 828 -28.69 30.42 17.15
CA SER D 828 -27.83 30.37 16.00
C SER D 828 -26.55 29.56 16.32
N HIS D 829 -26.00 29.74 17.51
CA HIS D 829 -24.78 29.04 17.86
C HIS D 829 -25.03 27.54 17.86
N TYR D 830 -26.24 27.15 18.28
CA TYR D 830 -26.56 25.73 18.36
C TYR D 830 -26.50 25.18 16.93
N TRP D 831 -27.18 25.86 16.01
CA TRP D 831 -27.35 25.32 14.69
C TRP D 831 -26.07 25.45 13.86
N SER D 832 -25.21 26.35 14.27
CA SER D 832 -23.86 26.37 13.74
C SER D 832 -23.21 25.03 13.89
N THR D 833 -23.27 24.46 15.08
CA THR D 833 -22.58 23.19 15.33
C THR D 833 -23.34 22.03 14.66
N VAL D 834 -24.68 22.05 14.74
CA VAL D 834 -25.47 20.94 14.27
C VAL D 834 -25.37 20.86 12.78
N ARG D 835 -25.38 22.01 12.12
CA ARG D 835 -25.25 22.09 10.67
C ARG D 835 -24.04 21.33 10.20
N THR D 836 -23.00 21.38 10.99
CA THR D 836 -21.78 20.57 10.80
C THR D 836 -22.05 19.08 10.64
N TYR D 837 -23.02 18.54 11.36
CA TYR D 837 -23.37 17.14 11.23
C TYR D 837 -23.83 16.81 9.82
N TYR D 838 -24.28 17.83 9.09
CA TYR D 838 -24.95 17.62 7.82
C TYR D 838 -24.14 18.03 6.59
N SER D 839 -22.84 18.16 6.74
CA SER D 839 -22.04 18.76 5.69
C SER D 839 -22.01 17.95 4.40
N ASP D 840 -22.29 16.66 4.45
CA ASP D 840 -22.34 15.88 3.20
C ASP D 840 -23.55 16.27 2.35
N PHE D 841 -24.53 16.88 2.99
CA PHE D 841 -25.67 17.41 2.29
C PHE D 841 -25.63 18.92 1.97
N GLU D 842 -24.51 19.67 2.17
CA GLU D 842 -24.43 21.12 1.74
C GLU D 842 -24.50 21.24 0.20
N SER D 843 -24.91 22.37 -0.33
CA SER D 843 -24.90 22.60 -1.78
C SER D 843 -23.60 23.34 -2.15
N ASP D 844 -23.21 23.23 -3.43
CA ASP D 844 -22.21 24.09 -4.05
C ASP D 844 -22.40 25.63 -3.84
N ILE D 845 -23.63 26.13 -4.04
CA ILE D 845 -24.04 27.54 -3.86
C ILE D 845 -23.35 28.18 -2.68
N LYS D 846 -22.47 29.15 -2.93
CA LYS D 846 -21.82 29.88 -1.83
C LYS D 846 -21.86 31.39 -2.03
N SER D 847 -22.68 31.81 -2.97
CA SER D 847 -22.86 33.21 -3.19
C SER D 847 -24.23 33.51 -3.73
N PRO D 848 -24.71 34.73 -3.48
CA PRO D 848 -25.96 35.12 -4.12
C PRO D 848 -25.89 34.97 -5.67
N ASN D 849 -27.04 34.86 -6.31
CA ASN D 849 -27.08 34.77 -7.74
C ASN D 849 -28.21 35.62 -8.30
N THR D 850 -27.85 36.56 -9.16
CA THR D 850 -28.79 37.52 -9.67
C THR D 850 -29.27 37.09 -11.04
N GLU D 851 -28.75 35.96 -11.50
CA GLU D 851 -29.25 35.31 -12.74
C GLU D 851 -30.65 34.75 -12.57
N ILE D 852 -31.07 34.52 -11.33
CA ILE D 852 -32.41 34.04 -11.05
C ILE D 852 -33.46 34.95 -11.64
N TYR D 853 -33.15 36.24 -11.73
CA TYR D 853 -34.08 37.18 -12.33
C TYR D 853 -34.34 36.84 -13.79
N GLN D 854 -33.43 36.11 -14.43
CA GLN D 854 -33.67 35.72 -15.82
C GLN D 854 -34.33 34.34 -16.02
N HIS D 855 -33.89 33.32 -15.27
CA HIS D 855 -34.45 31.98 -15.40
C HIS D 855 -35.59 31.63 -14.48
N GLU D 856 -35.58 32.18 -13.26
CA GLU D 856 -36.64 31.98 -12.27
C GLU D 856 -36.66 30.61 -11.65
N MET D 857 -35.50 30.01 -11.43
CA MET D 857 -35.41 28.65 -10.90
C MET D 857 -35.73 28.63 -9.39
N PRO D 858 -36.92 28.16 -9.01
CA PRO D 858 -37.23 28.19 -7.57
C PRO D 858 -36.26 27.40 -6.73
N GLY D 859 -35.98 27.89 -5.52
CA GLY D 859 -35.27 27.14 -4.48
C GLY D 859 -33.96 26.47 -4.87
N GLY D 860 -33.88 25.17 -4.54
CA GLY D 860 -32.69 24.40 -4.72
C GLY D 860 -32.42 24.14 -6.18
N GLN D 861 -33.47 23.72 -6.90
CA GLN D 861 -33.41 23.45 -8.34
C GLN D 861 -32.08 23.77 -9.04
N TYR D 862 -31.68 25.03 -9.06
CA TYR D 862 -30.44 25.38 -9.70
C TYR D 862 -29.33 24.37 -9.38
N SER D 863 -29.30 23.84 -8.16
CA SER D 863 -28.30 22.84 -7.86
C SER D 863 -28.84 21.44 -8.10
N ASN D 864 -30.08 21.19 -7.69
CA ASN D 864 -30.71 19.90 -7.99
C ASN D 864 -30.68 19.57 -9.47
N LEU D 865 -30.35 20.54 -10.31
CA LEU D 865 -30.57 20.42 -11.75
C LEU D 865 -29.26 20.55 -12.51
N SER D 866 -28.17 20.52 -11.76
CA SER D 866 -26.85 20.50 -12.35
C SER D 866 -26.14 19.21 -11.98
N GLN D 867 -26.39 18.77 -10.74
CA GLN D 867 -26.13 17.39 -10.26
C GLN D 867 -26.85 16.38 -11.14
N GLN D 868 -27.70 16.88 -12.03
CA GLN D 868 -28.50 16.07 -12.94
C GLN D 868 -28.06 16.29 -14.39
N ALA D 869 -27.68 17.51 -14.73
CA ALA D 869 -27.15 17.78 -16.07
C ALA D 869 -25.75 17.17 -16.31
N LYS D 870 -25.13 16.69 -15.24
CA LYS D 870 -23.81 16.09 -15.31
C LYS D 870 -23.98 14.58 -15.53
N SER D 871 -25.05 14.03 -14.92
CA SER D 871 -25.39 12.60 -15.01
C SER D 871 -25.93 12.24 -16.38
N LEU D 872 -25.66 13.11 -17.34
CA LEU D 872 -26.21 13.01 -18.69
C LEU D 872 -25.23 13.72 -19.60
N GLY D 873 -24.02 13.93 -19.10
CA GLY D 873 -22.96 14.46 -19.96
C GLY D 873 -23.39 15.77 -20.54
N LEU D 874 -23.91 16.63 -19.69
CA LEU D 874 -24.32 17.96 -20.10
C LEU D 874 -23.71 19.01 -19.16
N GLY D 875 -23.25 18.55 -17.99
CA GLY D 875 -22.39 19.34 -17.10
C GLY D 875 -21.58 20.45 -17.76
N GLU D 876 -21.07 20.20 -18.97
CA GLU D 876 -20.21 21.15 -19.71
C GLU D 876 -20.96 22.26 -20.46
N ARG D 877 -22.28 22.30 -20.32
CA ARG D 877 -23.11 23.24 -21.05
C ARG D 877 -24.44 23.45 -20.31
N PHE D 878 -24.38 23.36 -18.98
CA PHE D 878 -25.43 23.91 -18.11
C PHE D 878 -25.76 25.36 -18.43
N ASP D 879 -24.79 26.08 -18.96
CA ASP D 879 -25.10 27.31 -19.65
C ASP D 879 -26.36 27.12 -20.48
N GLU D 880 -26.23 26.54 -21.67
CA GLU D 880 -27.36 26.39 -22.60
C GLU D 880 -28.62 25.83 -21.93
N VAL D 881 -28.46 25.22 -20.75
CA VAL D 881 -29.56 24.61 -20.03
C VAL D 881 -30.32 25.68 -19.24
N LYS D 882 -29.54 26.56 -18.60
CA LYS D 882 -30.06 27.73 -17.93
C LYS D 882 -30.86 28.49 -18.95
N ASP D 883 -30.32 28.55 -20.17
CA ASP D 883 -30.91 29.37 -21.20
C ASP D 883 -32.20 28.76 -21.72
N MET D 884 -32.32 27.44 -21.64
CA MET D 884 -33.46 26.77 -22.25
C MET D 884 -34.61 26.80 -21.26
N TYR D 885 -34.26 26.71 -19.98
CA TYR D 885 -35.23 26.81 -18.90
C TYR D 885 -36.11 28.07 -19.09
N ARG D 886 -35.45 29.23 -19.14
CA ARG D 886 -36.13 30.47 -19.46
C ARG D 886 -37.03 30.37 -20.69
N ARG D 887 -36.46 29.98 -21.83
CA ARG D 887 -37.23 29.84 -23.07
C ARG D 887 -38.41 28.87 -22.96
N VAL D 888 -38.16 27.70 -22.39
CA VAL D 888 -39.21 26.71 -22.12
C VAL D 888 -40.37 27.34 -21.35
N ASN D 889 -40.06 28.28 -20.47
CA ASN D 889 -41.09 28.89 -19.61
C ASN D 889 -42.06 29.70 -20.46
N PHE D 890 -41.52 30.31 -21.52
CA PHE D 890 -42.35 31.10 -22.40
C PHE D 890 -43.05 30.20 -23.41
N LEU D 891 -42.43 29.05 -23.62
CA LEU D 891 -42.98 28.03 -24.51
C LEU D 891 -44.24 27.41 -23.90
N PHE D 892 -44.15 27.08 -22.61
CA PHE D 892 -45.28 26.57 -21.85
C PHE D 892 -46.12 27.73 -21.38
N GLY D 893 -45.87 28.91 -21.96
CA GLY D 893 -46.86 29.98 -21.94
C GLY D 893 -46.80 30.84 -20.71
N ASP D 894 -45.65 30.81 -20.04
CA ASP D 894 -45.31 31.68 -18.90
C ASP D 894 -45.97 31.25 -17.59
N ILE D 895 -45.34 30.32 -16.87
CA ILE D 895 -46.01 29.68 -15.77
C ILE D 895 -45.36 29.91 -14.41
N VAL D 896 -46.11 29.70 -13.35
CA VAL D 896 -45.61 29.77 -11.97
C VAL D 896 -44.78 28.52 -11.71
N LYS D 897 -43.55 28.67 -11.22
CA LYS D 897 -42.60 27.56 -11.17
C LYS D 897 -42.23 27.20 -9.76
N VAL D 898 -43.15 26.52 -9.09
CA VAL D 898 -42.85 25.84 -7.83
C VAL D 898 -43.00 24.36 -8.09
N THR D 899 -42.58 23.52 -7.15
CA THR D 899 -42.87 22.10 -7.27
C THR D 899 -44.40 21.99 -7.36
N PRO D 900 -44.91 21.20 -8.32
CA PRO D 900 -43.98 20.51 -9.18
C PRO D 900 -43.86 21.11 -10.59
N SER D 901 -44.34 22.32 -10.80
CA SER D 901 -44.22 22.90 -12.14
C SER D 901 -42.76 23.17 -12.54
N SER D 902 -41.91 23.38 -11.55
CA SER D 902 -40.49 23.62 -11.81
C SER D 902 -39.86 22.35 -12.30
N LYS D 903 -40.31 21.20 -11.82
CA LYS D 903 -39.82 19.94 -12.36
C LYS D 903 -40.23 19.73 -13.84
N VAL D 904 -41.44 20.14 -14.22
CA VAL D 904 -41.88 20.08 -15.61
C VAL D 904 -40.95 20.89 -16.48
N VAL D 905 -40.74 22.15 -16.10
CA VAL D 905 -39.90 23.04 -16.90
C VAL D 905 -38.45 22.57 -16.95
N GLY D 906 -37.93 22.09 -15.81
CA GLY D 906 -36.55 21.53 -15.78
C GLY D 906 -36.35 20.33 -16.68
N ASP D 907 -37.13 19.28 -16.44
CA ASP D 907 -37.12 18.11 -17.32
C ASP D 907 -37.21 18.45 -18.80
N MET D 908 -37.97 19.48 -19.16
CA MET D 908 -38.06 19.89 -20.55
C MET D 908 -36.83 20.57 -21.02
N ALA D 909 -36.15 21.28 -20.12
CA ALA D 909 -34.95 21.93 -20.58
C ALA D 909 -33.85 20.90 -20.85
N LEU D 910 -33.61 19.98 -19.90
CA LEU D 910 -32.65 18.89 -20.11
C LEU D 910 -32.85 18.23 -21.46
N TYR D 911 -34.07 17.74 -21.66
CA TYR D 911 -34.48 16.97 -22.84
C TYR D 911 -34.20 17.74 -24.11
N MET D 912 -34.43 19.04 -24.03
CA MET D 912 -34.44 19.84 -25.23
C MET D 912 -33.03 20.23 -25.62
N VAL D 913 -32.17 20.37 -24.61
CA VAL D 913 -30.75 20.60 -24.85
C VAL D 913 -30.14 19.32 -25.40
N GLN D 914 -30.42 18.20 -24.75
CA GLN D 914 -29.89 16.88 -25.14
C GLN D 914 -30.28 16.35 -26.56
N ASN D 915 -31.46 16.73 -27.03
CA ASN D 915 -31.94 16.34 -28.36
C ASN D 915 -31.79 17.45 -29.38
N ASP D 916 -31.09 18.52 -28.99
CA ASP D 916 -30.89 19.67 -29.87
C ASP D 916 -32.19 20.23 -30.43
N LEU D 917 -33.08 20.63 -29.53
CA LEU D 917 -34.46 20.98 -29.88
C LEU D 917 -34.74 22.49 -29.85
N ASP D 918 -35.86 22.87 -30.42
CA ASP D 918 -36.12 24.24 -30.78
C ASP D 918 -37.59 24.51 -30.44
N GLU D 919 -37.92 25.75 -30.07
CA GLU D 919 -39.30 26.23 -30.05
C GLU D 919 -40.11 25.68 -31.23
N GLN D 920 -39.49 25.61 -32.42
CA GLN D 920 -40.16 25.13 -33.64
C GLN D 920 -40.01 23.62 -33.85
N SER D 921 -38.82 23.09 -33.56
CA SER D 921 -38.56 21.63 -33.63
C SER D 921 -39.49 20.82 -32.73
N VAL D 922 -39.98 21.43 -31.66
CA VAL D 922 -40.81 20.68 -30.73
C VAL D 922 -42.18 20.40 -31.32
N ILE D 923 -42.63 21.25 -32.23
CA ILE D 923 -43.85 20.99 -33.01
C ILE D 923 -43.57 20.13 -34.25
N THR D 924 -42.63 20.59 -35.07
CA THR D 924 -42.31 19.92 -36.33
C THR D 924 -42.01 18.44 -36.14
N ASP D 925 -41.26 18.11 -35.10
CA ASP D 925 -40.65 16.79 -34.97
C ASP D 925 -41.33 16.09 -33.79
N GLY D 926 -42.37 16.71 -33.23
CA GLY D 926 -43.00 16.22 -32.02
C GLY D 926 -43.65 14.86 -32.17
N TYR D 927 -44.17 14.54 -33.35
CA TYR D 927 -44.85 13.26 -33.56
C TYR D 927 -43.98 12.04 -33.21
N LYS D 928 -42.68 12.12 -33.51
CA LYS D 928 -41.76 11.02 -33.16
C LYS D 928 -41.00 11.24 -31.84
N LEU D 929 -41.38 12.24 -31.05
CA LEU D 929 -40.49 12.74 -29.99
C LEU D 929 -40.37 12.05 -28.61
N ASP D 930 -41.47 11.65 -27.99
CA ASP D 930 -41.30 10.95 -26.72
C ASP D 930 -40.90 11.84 -25.53
N PHE D 931 -41.79 12.73 -25.11
CA PHE D 931 -41.42 13.76 -24.17
C PHE D 931 -41.40 13.22 -22.75
N PRO D 932 -40.65 13.86 -21.86
CA PRO D 932 -40.52 13.25 -20.55
C PRO D 932 -41.91 13.14 -19.97
N GLU D 933 -42.18 12.06 -19.22
CA GLU D 933 -43.45 11.94 -18.50
C GLU D 933 -43.89 13.27 -17.90
N SER D 934 -43.12 13.86 -17.00
CA SER D 934 -43.65 15.02 -16.27
C SER D 934 -44.19 16.11 -17.18
N VAL D 935 -43.62 16.28 -18.37
CA VAL D 935 -44.32 17.13 -19.34
C VAL D 935 -45.64 16.61 -19.93
N VAL D 936 -45.68 15.37 -20.42
CA VAL D 936 -46.95 14.89 -20.92
C VAL D 936 -47.98 15.16 -19.83
N SER D 937 -47.60 14.94 -18.59
CA SER D 937 -48.55 14.98 -17.49
C SER D 937 -49.06 16.41 -17.19
N PHE D 938 -48.19 17.40 -17.44
CA PHE D 938 -48.57 18.80 -17.32
C PHE D 938 -49.56 19.17 -18.42
N PHE D 939 -49.31 18.74 -19.67
CA PHE D 939 -50.20 19.07 -20.76
C PHE D 939 -51.51 18.28 -20.71
N LYS D 940 -51.53 17.26 -19.85
CA LYS D 940 -52.66 16.40 -19.66
C LYS D 940 -53.56 16.95 -18.56
N GLY D 941 -53.05 17.93 -17.84
CA GLY D 941 -53.86 18.65 -16.85
C GLY D 941 -53.64 18.14 -15.45
N GLU D 942 -52.63 17.32 -15.26
CA GLU D 942 -52.55 16.49 -14.07
C GLU D 942 -51.96 17.25 -12.93
N ILE D 943 -51.58 18.48 -13.19
CA ILE D 943 -50.92 19.32 -12.21
C ILE D 943 -51.79 20.58 -12.13
N GLY D 944 -52.94 20.51 -12.78
CA GLY D 944 -53.82 21.67 -12.83
C GLY D 944 -53.66 22.48 -14.09
N GLN D 945 -54.42 23.58 -14.14
CA GLN D 945 -54.49 24.46 -15.31
C GLN D 945 -53.60 25.68 -15.08
N PRO D 946 -52.60 25.89 -15.96
CA PRO D 946 -51.85 27.13 -15.99
C PRO D 946 -52.77 28.35 -16.15
N VAL D 947 -52.21 29.54 -15.90
CA VAL D 947 -52.96 30.76 -15.90
C VAL D 947 -53.31 31.07 -17.34
N ASN D 948 -52.38 30.82 -18.26
CA ASN D 948 -52.60 31.20 -19.64
C ASN D 948 -52.99 30.08 -20.60
N GLY D 949 -53.54 29.00 -20.06
CA GLY D 949 -53.89 27.84 -20.88
C GLY D 949 -52.67 27.12 -21.48
N PHE D 950 -52.97 26.24 -22.42
CA PHE D 950 -51.97 25.48 -23.14
C PHE D 950 -52.03 25.96 -24.57
N ASN D 951 -50.86 26.18 -25.17
CA ASN D 951 -50.78 26.20 -26.60
C ASN D 951 -51.34 24.86 -27.09
N LYS D 952 -52.41 24.90 -27.89
CA LYS D 952 -53.10 23.69 -28.30
C LYS D 952 -52.23 22.82 -29.21
N ASP D 953 -51.37 23.45 -29.97
CA ASP D 953 -50.51 22.66 -30.86
C ASP D 953 -49.32 22.06 -30.16
N LEU D 954 -48.74 22.84 -29.26
CA LEU D 954 -47.69 22.35 -28.41
C LEU D 954 -48.24 21.11 -27.74
N GLN D 955 -49.51 21.20 -27.29
CA GLN D 955 -50.17 20.18 -26.47
C GLN D 955 -50.53 18.90 -27.22
N ALA D 956 -50.93 19.06 -28.47
CA ALA D 956 -51.28 17.93 -29.30
C ALA D 956 -50.04 17.05 -29.46
N VAL D 957 -48.95 17.70 -29.83
CA VAL D 957 -47.71 17.01 -30.17
C VAL D 957 -47.10 16.27 -28.98
N ILE D 958 -47.31 16.78 -27.77
CA ILE D 958 -46.92 16.10 -26.54
C ILE D 958 -47.85 14.96 -26.05
N LEU D 959 -49.16 15.18 -26.05
CA LEU D 959 -50.10 14.09 -25.73
C LEU D 959 -50.18 12.93 -26.76
N LYS D 960 -50.00 13.22 -28.05
CA LYS D 960 -50.04 12.15 -29.02
C LYS D 960 -51.34 11.37 -28.87
N GLY D 961 -52.41 12.09 -28.56
CA GLY D 961 -53.74 11.50 -28.68
C GLY D 961 -54.54 11.50 -27.39
N GLN D 962 -53.86 11.21 -26.29
CA GLN D 962 -54.56 11.03 -25.03
C GLN D 962 -55.35 12.29 -24.73
N GLU D 963 -56.42 12.15 -23.94
CA GLU D 963 -57.25 13.28 -23.56
C GLU D 963 -56.75 14.05 -22.36
N ALA D 964 -56.84 15.39 -22.41
CA ALA D 964 -56.55 16.26 -21.26
C ALA D 964 -57.74 16.27 -20.31
N LEU D 965 -57.50 16.57 -19.05
CA LEU D 965 -58.57 16.75 -18.09
C LEU D 965 -59.15 18.13 -18.23
N THR D 966 -60.45 18.22 -17.98
CA THR D 966 -61.15 19.49 -17.90
C THR D 966 -61.14 20.03 -16.48
N ALA D 967 -61.82 19.31 -15.60
CA ALA D 967 -61.75 19.56 -14.17
C ALA D 967 -60.36 19.44 -13.52
N ARG D 968 -60.29 19.78 -12.24
CA ARG D 968 -59.07 19.61 -11.48
C ARG D 968 -58.83 18.13 -11.32
N PRO D 969 -57.57 17.71 -11.26
CA PRO D 969 -57.23 16.29 -11.28
C PRO D 969 -58.04 15.46 -10.27
N GLY D 970 -57.99 15.84 -8.99
CA GLY D 970 -58.64 15.08 -7.92
C GLY D 970 -60.06 14.69 -8.22
N GLU D 971 -60.80 15.57 -8.89
CA GLU D 971 -62.19 15.26 -9.29
C GLU D 971 -62.31 13.87 -9.91
N TYR D 972 -61.32 13.47 -10.72
CA TYR D 972 -61.49 12.31 -11.59
C TYR D 972 -61.17 11.03 -10.83
N LEU D 973 -60.89 11.16 -9.54
CA LEU D 973 -60.32 10.05 -8.81
C LEU D 973 -61.35 9.37 -7.95
N GLU D 974 -61.43 8.06 -8.06
CA GLU D 974 -62.16 7.26 -7.08
C GLU D 974 -61.68 7.64 -5.69
N PRO D 975 -62.61 7.93 -4.77
CA PRO D 975 -62.24 8.03 -3.35
C PRO D 975 -61.48 6.79 -2.90
N VAL D 976 -60.52 6.99 -2.01
CA VAL D 976 -59.80 5.84 -1.47
C VAL D 976 -60.65 5.18 -0.41
N ASP D 977 -60.59 3.86 -0.34
CA ASP D 977 -61.24 3.09 0.72
C ASP D 977 -60.31 2.71 1.89
N PHE D 978 -60.20 3.57 2.90
CA PHE D 978 -59.32 3.30 4.07
C PHE D 978 -59.61 2.00 4.80
N GLU D 979 -60.77 1.39 4.56
CA GLU D 979 -61.05 0.07 5.08
C GLU D 979 -60.00 -0.92 4.56
N LYS D 980 -59.96 -1.10 3.23
CA LYS D 980 -59.03 -2.00 2.62
C LYS D 980 -57.58 -1.74 3.03
N VAL D 981 -57.20 -0.48 3.15
CA VAL D 981 -55.86 -0.17 3.60
C VAL D 981 -55.57 -0.67 5.01
N ARG D 982 -56.52 -0.51 5.93
CA ARG D 982 -56.29 -0.91 7.32
C ARG D 982 -56.07 -2.40 7.40
N GLU D 983 -56.93 -3.16 6.74
CA GLU D 983 -56.83 -4.60 6.83
C GLU D 983 -55.60 -5.12 6.13
N LEU D 984 -54.97 -4.28 5.30
CA LEU D 984 -53.76 -4.68 4.57
C LEU D 984 -52.51 -4.43 5.41
N LEU D 985 -52.40 -3.24 5.99
CA LEU D 985 -51.45 -3.00 7.06
C LEU D 985 -51.54 -3.93 8.28
N GLU D 986 -52.73 -4.18 8.83
CA GLU D 986 -52.85 -5.07 10.02
C GLU D 986 -52.37 -6.50 9.70
N GLU D 987 -52.70 -6.96 8.50
CA GLU D 987 -52.28 -8.27 8.05
C GLU D 987 -50.79 -8.31 7.82
N GLU D 988 -50.20 -7.20 7.42
CA GLU D 988 -48.76 -7.14 7.22
C GLU D 988 -48.00 -6.95 8.51
N GLN D 989 -48.38 -5.96 9.29
CA GLN D 989 -47.75 -5.77 10.58
C GLN D 989 -48.37 -6.75 11.58
N GLN D 990 -47.95 -6.65 12.85
CA GLN D 990 -48.39 -7.65 13.87
C GLN D 990 -49.93 -7.69 14.01
N GLY D 991 -50.52 -6.49 14.10
CA GLY D 991 -51.95 -6.27 14.18
C GLY D 991 -52.15 -4.75 14.23
N PRO D 992 -52.43 -4.20 15.44
CA PRO D 992 -52.88 -2.80 15.73
C PRO D 992 -52.14 -1.61 15.03
N VAL D 993 -52.90 -0.90 14.21
CA VAL D 993 -52.38 0.07 13.26
C VAL D 993 -53.23 1.34 13.38
N THR D 994 -52.62 2.50 13.17
CA THR D 994 -53.29 3.75 13.50
C THR D 994 -53.78 4.57 12.30
N GLU D 995 -54.44 5.70 12.58
CA GLU D 995 -54.93 6.58 11.55
C GLU D 995 -53.81 7.23 10.73
N GLN D 996 -52.77 7.66 11.43
CA GLN D 996 -51.56 8.18 10.81
C GLN D 996 -50.84 7.19 9.90
N ASP D 997 -50.68 5.95 10.37
CA ASP D 997 -50.15 4.88 9.54
C ASP D 997 -50.92 4.78 8.24
N ILE D 998 -52.25 4.83 8.33
CA ILE D 998 -53.10 4.50 7.21
C ILE D 998 -52.99 5.61 6.19
N ILE D 999 -52.95 6.85 6.67
CA ILE D 999 -52.90 7.97 5.77
C ILE D 999 -51.49 8.14 5.19
N SER D 1000 -50.46 7.86 6.00
CA SER D 1000 -49.10 7.75 5.51
C SER D 1000 -48.94 6.79 4.34
N TYR D 1001 -49.48 5.57 4.46
CA TYR D 1001 -49.38 4.58 3.41
C TYR D 1001 -50.08 5.02 2.14
N VAL D 1002 -51.30 5.52 2.26
CA VAL D 1002 -51.98 6.10 1.10
C VAL D 1002 -51.13 7.20 0.40
N LEU D 1003 -50.50 8.10 1.15
CA LEU D 1003 -49.58 9.03 0.51
C LEU D 1003 -48.34 8.40 -0.14
N TYR D 1004 -47.64 7.56 0.60
CA TYR D 1004 -46.38 7.00 0.14
C TYR D 1004 -46.37 5.46 0.30
N PRO D 1005 -47.10 4.73 -0.55
CA PRO D 1005 -47.14 3.28 -0.40
C PRO D 1005 -45.76 2.64 -0.33
N LYS D 1006 -44.98 2.67 -1.40
CA LYS D 1006 -43.63 2.10 -1.37
C LYS D 1006 -42.87 2.58 -0.15
N VAL D 1007 -42.80 3.89 0.06
CA VAL D 1007 -41.89 4.45 1.03
C VAL D 1007 -42.33 4.10 2.43
N TYR D 1008 -43.63 4.08 2.67
CA TYR D 1008 -44.12 3.59 3.95
C TYR D 1008 -43.70 2.12 4.21
N GLU D 1009 -43.80 1.25 3.21
CA GLU D 1009 -43.53 -0.16 3.51
C GLU D 1009 -42.07 -0.33 3.88
N GLN D 1010 -41.21 0.44 3.20
CA GLN D 1010 -39.77 0.42 3.41
C GLN D 1010 -39.43 0.93 4.81
N TYR D 1011 -40.25 1.80 5.36
CA TYR D 1011 -40.09 2.23 6.73
C TYR D 1011 -40.42 1.13 7.73
N ILE D 1012 -41.47 0.35 7.48
CA ILE D 1012 -41.81 -0.70 8.40
C ILE D 1012 -40.75 -1.78 8.44
N GLN D 1013 -40.33 -2.23 7.27
CA GLN D 1013 -39.26 -3.22 7.17
C GLN D 1013 -38.02 -2.74 7.96
N THR D 1014 -37.64 -1.48 7.76
CA THR D 1014 -36.46 -0.90 8.42
C THR D 1014 -36.67 -0.90 9.91
N ARG D 1015 -37.90 -0.58 10.31
CA ARG D 1015 -38.27 -0.51 11.72
C ARG D 1015 -38.33 -1.88 12.39
N ASN D 1016 -38.76 -2.90 11.65
CA ASN D 1016 -38.64 -4.24 12.15
C ASN D 1016 -37.18 -4.58 12.31
N GLN D 1017 -36.36 -4.35 11.30
CA GLN D 1017 -34.98 -4.76 11.46
C GLN D 1017 -34.25 -4.03 12.59
N TYR D 1018 -34.49 -2.73 12.78
CA TYR D 1018 -33.55 -1.87 13.50
C TYR D 1018 -34.19 -1.00 14.58
N GLY D 1019 -35.52 -0.90 14.55
CA GLY D 1019 -36.26 -0.17 15.57
C GLY D 1019 -36.42 1.34 15.35
N ASN D 1020 -36.52 2.08 16.45
CA ASN D 1020 -36.71 3.53 16.37
C ASN D 1020 -35.36 4.25 16.34
N LEU D 1021 -34.91 4.55 15.12
CA LEU D 1021 -33.59 5.11 14.86
C LEU D 1021 -33.53 6.63 15.09
N SER D 1022 -34.67 7.27 15.14
CA SER D 1022 -34.67 8.70 15.36
C SER D 1022 -34.14 9.03 16.75
N LEU D 1023 -33.88 8.01 17.57
CA LEU D 1023 -33.34 8.24 18.90
C LEU D 1023 -31.80 8.33 18.92
N LEU D 1024 -31.12 7.75 17.94
CA LEU D 1024 -29.68 7.95 17.85
C LEU D 1024 -29.32 9.41 17.51
N ASP D 1025 -28.15 9.86 17.91
CA ASP D 1025 -27.71 11.17 17.50
C ASP D 1025 -27.11 11.11 16.10
N THR D 1026 -26.98 12.26 15.48
CA THR D 1026 -26.84 12.29 14.05
C THR D 1026 -25.46 11.75 13.64
N PRO D 1027 -24.41 12.08 14.39
CA PRO D 1027 -23.17 11.50 13.95
C PRO D 1027 -23.17 9.96 14.08
N THR D 1028 -24.00 9.41 14.95
CA THR D 1028 -24.10 7.96 15.04
C THR D 1028 -24.98 7.36 13.93
N PHE D 1029 -26.08 8.03 13.63
CA PHE D 1029 -26.98 7.62 12.58
C PHE D 1029 -26.36 7.59 11.18
N PHE D 1030 -25.31 8.36 10.92
CA PHE D 1030 -24.72 8.45 9.57
C PHE D 1030 -23.40 7.74 9.48
N PHE D 1031 -22.69 7.61 10.60
CA PHE D 1031 -21.28 7.18 10.57
C PHE D 1031 -20.99 5.99 11.44
N GLY D 1032 -21.96 5.65 12.31
CA GLY D 1032 -21.82 4.51 13.20
C GLY D 1032 -21.03 4.87 14.42
N MET D 1033 -20.02 4.06 14.77
CA MET D 1033 -19.11 4.37 15.88
C MET D 1033 -17.68 4.02 15.52
N ARG D 1034 -16.72 4.46 16.32
CA ARG D 1034 -15.30 4.10 16.12
C ARG D 1034 -14.76 3.34 17.32
N ASN D 1035 -13.68 2.60 17.15
CA ASN D 1035 -13.14 1.84 18.28
C ASN D 1035 -12.79 2.70 19.48
N GLY D 1036 -13.04 2.19 20.69
CA GLY D 1036 -13.01 3.01 21.90
C GLY D 1036 -14.21 3.94 22.13
N GLU D 1037 -15.07 4.10 21.14
CA GLU D 1037 -16.16 5.05 21.31
C GLU D 1037 -17.23 4.49 22.23
N THR D 1038 -17.76 5.36 23.09
CA THR D 1038 -18.91 5.03 23.92
C THR D 1038 -19.99 6.00 23.52
N VAL D 1039 -21.21 5.53 23.35
CA VAL D 1039 -22.30 6.40 22.95
C VAL D 1039 -23.56 6.17 23.78
N GLU D 1040 -24.19 7.25 24.22
CA GLU D 1040 -25.45 7.17 24.96
C GLU D 1040 -26.66 7.45 24.09
N ILE D 1041 -27.63 6.55 24.09
CA ILE D 1041 -28.89 6.85 23.42
C ILE D 1041 -29.98 7.11 24.45
N GLU D 1042 -30.48 8.34 24.49
CA GLU D 1042 -31.56 8.66 25.42
C GLU D 1042 -32.87 7.94 25.01
N ILE D 1043 -33.41 7.12 25.92
CA ILE D 1043 -34.72 6.52 25.67
C ILE D 1043 -35.82 7.28 26.39
N ASP D 1044 -36.06 7.00 27.65
CA ASP D 1044 -36.89 7.90 28.48
C ASP D 1044 -35.99 8.95 29.14
N LYS D 1045 -36.61 9.84 29.91
CA LYS D 1045 -35.96 10.57 31.01
C LYS D 1045 -35.20 9.64 31.95
N GLY D 1046 -33.89 9.88 32.08
CA GLY D 1046 -33.02 9.13 32.98
C GLY D 1046 -32.66 7.69 32.58
N LYS D 1047 -33.09 7.25 31.40
CA LYS D 1047 -32.81 5.89 31.02
C LYS D 1047 -32.31 5.75 29.60
N ARG D 1048 -31.01 5.52 29.50
CA ARG D 1048 -30.35 5.50 28.23
C ARG D 1048 -29.56 4.22 28.00
N LEU D 1049 -29.51 3.80 26.74
CA LEU D 1049 -28.67 2.73 26.23
C LEU D 1049 -27.20 3.16 26.12
N ILE D 1050 -26.33 2.63 26.97
CA ILE D 1050 -24.90 2.95 26.94
C ILE D 1050 -24.18 1.93 26.04
N ILE D 1051 -23.70 2.38 24.89
CA ILE D 1051 -23.04 1.46 23.98
C ILE D 1051 -21.61 1.84 23.77
N LYS D 1052 -20.69 0.90 23.99
CA LYS D 1052 -19.28 1.16 23.77
C LYS D 1052 -18.64 0.04 22.92
N LEU D 1053 -17.79 0.43 21.96
CA LEU D 1053 -17.25 -0.51 20.98
C LEU D 1053 -15.86 -0.95 21.36
N GLU D 1054 -15.75 -2.22 21.72
CA GLU D 1054 -14.48 -2.78 22.13
C GLU D 1054 -13.61 -2.98 20.88
N THR D 1055 -14.02 -3.88 19.99
CA THR D 1055 -13.35 -4.03 18.70
C THR D 1055 -14.24 -4.62 17.61
N ILE D 1056 -13.72 -4.57 16.38
CA ILE D 1056 -14.31 -5.19 15.21
C ILE D 1056 -13.38 -6.28 14.70
N SER D 1057 -13.92 -7.45 14.43
CA SER D 1057 -13.07 -8.59 14.10
C SER D 1057 -12.68 -8.60 12.62
N GLU D 1058 -12.00 -9.66 12.22
CA GLU D 1058 -11.76 -9.96 10.82
C GLU D 1058 -12.91 -10.82 10.32
N PRO D 1059 -13.06 -10.96 9.00
CA PRO D 1059 -14.25 -11.66 8.52
C PRO D 1059 -14.13 -13.19 8.56
N ASP D 1060 -15.16 -13.86 9.06
CA ASP D 1060 -15.20 -15.31 9.02
C ASP D 1060 -15.28 -15.85 7.59
N GLU D 1061 -15.71 -17.11 7.45
CA GLU D 1061 -15.78 -17.78 6.15
C GLU D 1061 -16.89 -17.26 5.23
N ASN D 1062 -18.11 -17.19 5.74
CA ASN D 1062 -19.21 -16.60 5.00
C ASN D 1062 -19.23 -15.09 5.10
N GLY D 1063 -18.07 -14.53 5.44
CA GLY D 1063 -17.83 -13.08 5.34
C GLY D 1063 -18.41 -12.22 6.46
N ASN D 1064 -18.77 -12.86 7.58
CA ASN D 1064 -19.35 -12.12 8.70
C ASN D 1064 -18.25 -11.62 9.64
N ARG D 1065 -18.16 -10.29 9.82
CA ARG D 1065 -17.34 -9.69 10.90
C ARG D 1065 -18.14 -9.73 12.20
N THR D 1066 -17.46 -10.00 13.32
CA THR D 1066 -18.11 -9.99 14.63
C THR D 1066 -17.81 -8.68 15.37
N ILE D 1067 -18.86 -7.98 15.78
CA ILE D 1067 -18.67 -6.79 16.62
C ILE D 1067 -18.72 -7.10 18.10
N TYR D 1068 -17.71 -6.59 18.82
CA TYR D 1068 -17.59 -6.81 20.24
C TYR D 1068 -17.97 -5.54 20.96
N TYR D 1069 -19.23 -5.46 21.39
CA TYR D 1069 -19.72 -4.37 22.25
C TYR D 1069 -19.65 -4.69 23.74
N ALA D 1070 -19.71 -3.62 24.54
CA ALA D 1070 -20.14 -3.68 25.93
C ALA D 1070 -21.35 -2.76 26.08
N MET D 1071 -22.55 -3.29 25.84
CA MET D 1071 -23.76 -2.53 26.01
C MET D 1071 -24.24 -2.55 27.46
N ASN D 1072 -24.51 -1.39 28.03
CA ASN D 1072 -24.85 -1.29 29.44
C ASN D 1072 -23.94 -2.14 30.30
N GLY D 1073 -22.63 -2.01 30.12
CA GLY D 1073 -21.67 -2.83 30.89
C GLY D 1073 -21.56 -4.27 30.39
N GLN D 1074 -22.71 -4.91 30.18
CA GLN D 1074 -22.77 -6.28 29.63
C GLN D 1074 -22.04 -6.53 28.29
N ALA D 1075 -21.10 -7.47 28.30
CA ALA D 1075 -20.40 -7.85 27.06
C ALA D 1075 -21.38 -8.47 26.06
N ARG D 1076 -21.23 -8.14 24.78
CA ARG D 1076 -22.25 -8.46 23.79
C ARG D 1076 -21.66 -8.59 22.38
N ARG D 1077 -22.26 -9.41 21.52
CA ARG D 1077 -21.63 -9.80 20.26
C ARG D 1077 -22.58 -9.92 19.07
N ILE D 1078 -22.28 -9.17 18.02
CA ILE D 1078 -23.18 -9.02 16.89
C ILE D 1078 -22.52 -9.45 15.59
N TYR D 1079 -23.33 -9.86 14.61
CA TYR D 1079 -22.76 -10.39 13.38
C TYR D 1079 -23.25 -9.61 12.17
N ILE D 1080 -22.31 -9.00 11.45
CA ILE D 1080 -22.65 -8.19 10.28
C ILE D 1080 -21.98 -8.76 9.04
N LYS D 1081 -22.76 -8.92 7.97
CA LYS D 1081 -22.20 -9.32 6.68
C LYS D 1081 -21.43 -8.15 6.07
N ASP D 1082 -20.14 -8.32 5.85
CA ASP D 1082 -19.38 -7.28 5.15
C ASP D 1082 -19.78 -7.29 3.68
N GLU D 1083 -20.00 -6.10 3.13
CA GLU D 1083 -20.46 -6.01 1.75
C GLU D 1083 -19.31 -5.86 0.75
N ASN D 1084 -18.23 -6.65 0.96
CA ASN D 1084 -17.16 -6.79 -0.05
C ASN D 1084 -15.94 -7.67 0.34
PB ADP E . 53.62 18.83 -27.92
O1B ADP E . 52.55 19.02 -28.99
O2B ADP E . 53.03 18.58 -26.54
O3B ADP E . 54.75 17.89 -28.35
PA ADP E . 55.00 21.11 -29.04
O1A ADP E . 54.63 20.47 -30.37
O2A ADP E . 56.47 21.45 -28.80
O3A ADP E . 54.39 20.27 -27.78
O5' ADP E . 54.11 22.45 -28.85
C5' ADP E . 53.48 22.74 -27.61
C4' ADP E . 53.11 24.22 -27.64
O4' ADP E . 54.08 24.99 -26.93
C3' ADP E . 53.09 24.69 -29.07
O3' ADP E . 51.75 25.03 -29.41
C2' ADP E . 53.92 25.96 -29.10
O2' ADP E . 53.07 27.09 -29.31
C1' ADP E . 54.56 26.07 -27.74
N9 ADP E . 56.05 26.01 -27.94
C8 ADP E . 56.80 24.89 -27.97
N7 ADP E . 58.10 25.17 -28.19
C5 ADP E . 58.21 26.51 -28.29
C6 ADP E . 59.32 27.46 -28.50
N6 ADP E . 60.59 27.03 -28.66
N1 ADP E . 59.01 28.77 -28.55
C2 ADP E . 57.74 29.22 -28.41
N3 ADP E . 56.69 28.40 -28.23
C4 ADP E . 56.86 27.06 -28.15
MN MN F . -11.85 46.61 4.25
C11 BTI G . 7.63 22.14 0.40
O11 BTI G . 6.83 22.14 1.34
C10 BTI G . 7.18 22.60 -0.97
C9 BTI G . 8.33 23.30 -1.71
C8 BTI G . 7.85 24.50 -2.49
C7 BTI G . 7.92 25.75 -1.63
C2 BTI G . 6.97 26.81 -2.16
S1 BTI G . 7.86 28.13 -2.92
C6 BTI G . 6.53 29.28 -2.72
C5 BTI G . 5.53 28.77 -1.68
N3 BTI G . 5.64 29.65 -0.52
C3 BTI G . 6.43 29.13 0.40
O3 BTI G . 6.83 29.78 1.50
N2 BTI G . 6.77 27.87 0.07
C4 BTI G . 6.03 27.43 -1.12
C11 BTI H . 10.05 -12.42 19.85
O11 BTI H . 10.63 -11.43 20.25
C10 BTI H . 8.85 -12.96 20.61
C9 BTI H . 9.30 -13.66 21.89
C8 BTI H . 9.35 -15.19 21.75
C7 BTI H . 9.98 -15.76 23.03
C2 BTI H . 10.46 -17.20 22.83
S1 BTI H . 10.55 -18.10 24.36
C6 BTI H . 11.73 -19.25 23.68
C5 BTI H . 12.61 -18.47 22.71
N3 BTI H . 13.63 -17.79 23.51
C3 BTI H . 13.62 -16.47 23.30
O3 BTI H . 14.58 -15.61 23.64
N2 BTI H . 12.55 -16.12 22.59
C4 BTI H . 11.81 -17.29 22.14
MN MN I . 27.47 -38.27 14.53
MN MN J . 15.85 -42.67 -17.02
PG ATP K . 9.23 19.89 -59.65
O1G ATP K . 9.87 20.83 -60.65
O2G ATP K . 9.68 20.09 -58.20
O3G ATP K . 9.28 18.43 -60.08
PB ATP K . 6.67 20.07 -60.95
O1B ATP K . 5.78 21.30 -61.12
O2B ATP K . 6.03 18.70 -60.94
O3B ATP K . 7.65 20.30 -59.65
PA ATP K . 7.54 19.60 -63.53
O1A ATP K . 6.16 20.11 -63.89
O2A ATP K . 8.75 19.99 -64.38
O3A ATP K . 7.84 20.13 -62.06
O5' ATP K . 7.48 18.01 -63.30
C5' ATP K . 8.68 17.37 -62.91
C4' ATP K . 8.76 16.01 -63.56
O4' ATP K . 7.56 15.70 -64.29
C3' ATP K . 9.89 15.87 -64.56
O3' ATP K . 11.09 15.49 -63.91
C2' ATP K . 9.42 14.74 -65.45
O2' ATP K . 9.73 13.46 -64.87
C1' ATP K . 7.90 14.98 -65.48
N9 ATP K . 7.72 15.87 -66.67
C8 ATP K . 7.38 17.17 -66.65
N7 ATP K . 7.35 17.70 -67.90
C5 ATP K . 7.69 16.71 -68.76
C6 ATP K . 7.86 16.58 -70.22
N6 ATP K . 7.66 17.62 -71.04
N1 ATP K . 8.23 15.37 -70.71
C2 ATP K . 8.47 14.33 -69.90
N3 ATP K . 8.33 14.37 -68.56
C4 ATP K . 7.95 15.51 -67.94
C11 BTI L . -25.68 -0.11 4.69
O11 BTI L . -25.34 0.79 3.94
C10 BTI L . -25.84 0.14 6.17
C9 BTI L . -27.32 0.15 6.57
C8 BTI L . -27.98 1.43 6.07
C7 BTI L . -29.39 1.63 6.58
C2 BTI L . -29.66 3.14 6.72
S1 BTI L . -31.22 3.49 7.47
C6 BTI L . -31.21 5.13 6.83
C5 BTI L . -30.51 5.14 5.48
N3 BTI L . -31.54 4.92 4.47
C3 BTI L . -31.46 3.70 3.94
O3 BTI L . -32.31 3.20 3.04
N2 BTI L . -30.41 3.03 4.42
C4 BTI L . -29.66 3.85 5.38
MN MN M . -40.23 28.29 0.36
#